data_7YD0
#
_entry.id   7YD0
#
loop_
_entity.id
_entity.type
_entity.pdbx_description
1 polymer 'Spike glycoprotein'
2 polymer XG005-VH
3 polymer XG005-VL
#
loop_
_entity_poly.entity_id
_entity_poly.type
_entity_poly.pdbx_seq_one_letter_code
_entity_poly.pdbx_strand_id
1 'polypeptide(L)'
;MFVFLVLLPLVSSQCVNLTTRTQLPPAYTNSFTRGVYYPDKVFRSSVLHSTQDLFLPFFSNVTWFHVISGTNGTKRFDNP
VLPFNDGVYFASIEKSNIIRGWIFGTTLDSKTQSLLIVNNATNVVIKVCEFQFCNDPFLDHKNNKSWMESEFRVYSSANN
CTFEYVSQPFLMDLEGKQGNFKNLREFVFKNIDGYFKIYSKHTPIIVREPEDLPQGFSALEPLVDLPIGINITRFQTLLA
LHRSYLTPGDSSSGWTAGAAAYYVGYLQPRTFLLKYNENGTITDAVDCALDPLSETKCTLKSFTVEKGIYQTSNFRVQPT
ESIVRFPNITNLCPFDEVFNATRFASVYAWNRKRISNCVADYSVLYNLAPFFTFKCYGVSPTKLNDLCFTNVYADSFVIR
GDEVRQIAPGQTGNIADYNYKLPDDFTGCVIAWNSNKLDSKVSGNYNYLYRLFRKSNLKPFERDISTEIYQAGNKPCNGV
AGFNCYFPLRSYSFRPTYGVGHQPYRVVVLSFELLHAPATVCGPKKSTNLVKNKCVNFNFNGLKGTGVLTESNKKFLPFQ
QFGRDIADTTDAVRDPQTLEILDITPCSFGGVSVITPGTNTSNQVAVLYQGVNCTEVPVAIHADQLTPTWRVYSTGSNVF
QTRAGCLIGAEYVNNSYECDIPIGAGICASYQTQTKSHGSASSVASQSIIAYTMSLGAENSVAYSNNSIAIPTNFTISVT
TEILPVSMTKTSVDCTMYICGDSTECSNLLLQYGSFCTQLKRALTGIAVEQDKNTQEVFAQVKQIYKTPPIKYFGGFNFS
QILPDPSKPSKRSPIEDLLFNKVTLADAGFIKQYGDCLGDIAARDLICAQKFKGLTVLPPLLTDEMIAQYTSALLAGTIT
SGWTFGAGPALQIPFPMQMAYRFNGIGVTQNVLYENQKLIANQFNSAIGKIQDSLSSTPSALGKLQDVVNHNAQALNTLV
KQLSSKFGAISSVLNDIFSRLDPPEAEVQIDRLITGRLQSLQTYVTQQLIRAAEIRASANLAATKMSECVLGQSKRVDFC
GKGYHLMSFPQSAPHGVVFLHVTYVPAQEKNFTTAPAICHDGKAHFPREGVFVSNGTHWFVTQRNFYEPQIITTDNTFVS
GNCDVVIGIVNNTVYDPLQPELDSFKEELDKYFKNHTSPDVDLGDISGINASVVNIQKEIDRLNEVAKNLNESLIDLQEL
GKYEQGSGYIPEAPRDGQAYVRKDGEWVFLSTFLSGLEVLFQGPGGWSHPQFEKGGGSGGGSGGSAWSHPQFEKGGSHHH
HHHHH
;
A,B,C
2 'polypeptide(L)'
;QVTLRESGPTLVKPKQTLTLTCTFSGFSLSTPGGGVGWIRQPPGKALEWLALIYWDDDKRYSPSLKSSLTITKDTSKNQV
VLTMTNMDPVDTATYYCARLTAADTIFDCWGQGTLVTVSSASTKGPSVFPLAPSSKSTSGGTAALGCLVKDYFPEPVTVS
WNSGALTSGVHTFPAVLQSSGLYSLSSVVTVPSSSLGTQTYICNVNHKPSNTKVDKRVEPKSC
;
D,F
3 'polypeptide(L)'
;QSALTQPASVSGSPGLSITISCTATSSDVGAYNYVSWYQQHPGQAPKLMIYDVSKRPSGVSNRFSGSKSANTASLTISGL
QAEDEADYYCSSYTTTSVVFGGGTKLTVLGQPKAAPSVTLFPPSSEELQANKATLVCLISDFYPGAVTVAWKADSSPVKA
GVETTTPSKQSNNKYAASSYLSLTPEQWKSHRSYSCQVTHEGSTV
;
E,G
#
# COMPACT_ATOMS: atom_id res chain seq x y z
N PRO A 26 -52.03 17.06 -6.86
CA PRO A 26 -50.71 17.23 -6.27
C PRO A 26 -50.49 18.63 -5.83
N ALA A 27 -49.31 18.95 -5.32
CA ALA A 27 -49.07 20.26 -4.79
C ALA A 27 -47.67 20.41 -4.46
N TYR A 28 -47.40 21.38 -3.60
CA TYR A 28 -46.05 21.63 -3.16
C TYR A 28 -46.00 22.18 -1.72
N THR A 29 -46.85 21.70 -0.81
CA THR A 29 -46.76 22.16 0.59
C THR A 29 -45.36 21.93 1.14
N ASN A 30 -44.83 22.89 1.86
CA ASN A 30 -43.44 22.80 2.28
C ASN A 30 -43.29 22.06 3.61
N SER A 31 -42.50 20.98 3.61
CA SER A 31 -42.18 20.25 4.83
C SER A 31 -41.09 21.03 5.56
N PHE A 32 -41.50 21.82 6.55
CA PHE A 32 -40.60 22.76 7.22
C PHE A 32 -39.45 22.06 7.94
N THR A 33 -39.76 21.32 9.01
CA THR A 33 -38.73 20.67 9.82
C THR A 33 -39.12 19.27 10.27
N ARG A 34 -40.25 18.74 9.80
CA ARG A 34 -40.71 17.42 10.22
C ARG A 34 -39.99 16.34 9.41
N GLY A 35 -39.78 15.18 10.02
CA GLY A 35 -39.11 14.08 9.35
C GLY A 35 -37.79 13.70 9.98
N VAL A 36 -37.67 13.89 11.29
CA VAL A 36 -36.44 13.59 12.03
C VAL A 36 -36.72 12.44 12.97
N TYR A 37 -36.00 11.34 12.81
CA TYR A 37 -36.15 10.16 13.65
C TYR A 37 -34.85 9.88 14.40
N TYR A 38 -34.92 8.94 15.33
CA TYR A 38 -33.75 8.51 16.08
C TYR A 38 -32.92 7.52 15.26
N PRO A 39 -31.71 7.87 14.83
CA PRO A 39 -30.93 6.95 13.99
C PRO A 39 -30.56 5.65 14.71
N ASP A 40 -29.93 5.78 15.88
CA ASP A 40 -29.49 4.63 16.64
C ASP A 40 -30.32 4.52 17.92
N LYS A 41 -30.00 3.56 18.77
CA LYS A 41 -30.73 3.37 20.03
C LYS A 41 -29.83 3.65 21.23
N VAL A 42 -28.98 4.67 21.11
CA VAL A 42 -28.04 5.04 22.16
C VAL A 42 -28.55 6.32 22.83
N PHE A 43 -28.67 6.28 24.15
CA PHE A 43 -29.13 7.44 24.92
C PHE A 43 -28.00 8.46 25.02
N ARG A 44 -28.28 9.69 24.57
CA ARG A 44 -27.33 10.78 24.63
C ARG A 44 -28.00 12.01 25.21
N SER A 45 -27.25 12.78 25.98
CA SER A 45 -27.78 13.94 26.68
C SER A 45 -26.87 15.15 26.47
N SER A 46 -27.46 16.23 25.97
CA SER A 46 -26.76 17.50 25.75
C SER A 46 -25.53 17.31 24.86
N VAL A 47 -25.73 16.61 23.75
CA VAL A 47 -24.65 16.39 22.79
C VAL A 47 -25.06 16.96 21.43
N LEU A 48 -24.10 17.01 20.49
CA LEU A 48 -24.34 17.45 19.13
C LEU A 48 -23.66 16.43 18.21
N HIS A 49 -24.41 15.38 17.85
CA HIS A 49 -23.87 14.30 17.04
C HIS A 49 -24.27 14.49 15.58
N SER A 50 -23.27 14.49 14.69
CA SER A 50 -23.50 14.64 13.26
C SER A 50 -23.78 13.27 12.66
N THR A 51 -25.05 12.98 12.42
CA THR A 51 -25.46 11.70 11.87
C THR A 51 -25.40 11.72 10.34
N GLN A 52 -25.19 10.53 9.75
CA GLN A 52 -25.13 10.36 8.31
C GLN A 52 -26.07 9.21 7.94
N ASP A 53 -27.35 9.54 7.74
CA ASP A 53 -28.38 8.57 7.44
C ASP A 53 -29.37 9.15 6.44
N LEU A 54 -30.50 8.46 6.27
CA LEU A 54 -31.54 8.86 5.33
C LEU A 54 -32.64 9.59 6.09
N PHE A 55 -32.78 10.89 5.81
CA PHE A 55 -33.79 11.72 6.46
C PHE A 55 -34.60 12.44 5.40
N LEU A 56 -35.63 13.15 5.84
CA LEU A 56 -36.41 13.99 4.94
C LEU A 56 -35.77 15.37 4.86
N PRO A 57 -35.33 15.82 3.68
CA PRO A 57 -34.69 17.13 3.57
C PRO A 57 -35.61 18.27 3.98
N PHE A 58 -35.12 19.16 4.85
CA PHE A 58 -35.92 20.29 5.30
C PHE A 58 -36.26 21.20 4.13
N PHE A 59 -37.43 21.83 4.21
CA PHE A 59 -37.92 22.72 3.17
C PHE A 59 -37.99 22.01 1.83
N SER A 60 -38.80 20.96 1.74
CA SER A 60 -38.94 20.19 0.52
C SER A 60 -40.42 20.21 0.09
N ASN A 61 -40.74 19.47 -0.95
CA ASN A 61 -42.09 19.40 -1.48
C ASN A 61 -42.82 18.18 -0.93
N VAL A 62 -44.12 18.33 -0.74
CA VAL A 62 -44.99 17.26 -0.24
C VAL A 62 -46.20 17.18 -1.14
N THR A 63 -46.47 15.98 -1.68
CA THR A 63 -47.59 15.76 -2.59
C THR A 63 -48.89 15.61 -1.79
N TRP A 64 -49.49 16.76 -1.48
CA TRP A 64 -50.74 16.80 -0.74
C TRP A 64 -51.90 16.32 -1.60
N PHE A 65 -52.47 15.15 -1.26
CA PHE A 65 -53.64 14.63 -1.95
C PHE A 65 -54.81 14.68 -0.98
N HIS A 66 -55.59 15.76 -1.06
CA HIS A 66 -56.75 15.93 -0.18
C HIS A 66 -57.83 14.90 -0.51
N VAL A 67 -58.07 13.98 0.42
CA VAL A 67 -59.02 12.90 0.16
C VAL A 67 -60.43 13.30 0.57
N ILE A 68 -60.62 13.65 1.84
CA ILE A 68 -61.93 13.98 2.40
C ILE A 68 -62.93 12.86 2.17
N PHE A 77 -62.10 10.86 -2.38
CA PHE A 77 -61.51 9.54 -2.54
C PHE A 77 -60.29 9.62 -3.45
N ASP A 78 -59.32 10.44 -3.05
CA ASP A 78 -58.09 10.63 -3.82
C ASP A 78 -57.01 9.72 -3.26
N ASN A 79 -56.83 8.55 -3.89
CA ASN A 79 -55.81 7.57 -3.48
C ASN A 79 -54.98 7.20 -4.71
N PRO A 80 -54.04 8.06 -5.10
CA PRO A 80 -53.17 7.72 -6.23
C PRO A 80 -51.94 6.95 -5.79
N VAL A 81 -51.63 5.86 -6.51
CA VAL A 81 -50.49 5.02 -6.19
C VAL A 81 -49.20 5.79 -6.46
N LEU A 82 -48.48 6.15 -5.40
CA LEU A 82 -47.25 6.92 -5.54
C LEU A 82 -46.05 6.00 -5.48
N PRO A 83 -44.99 6.28 -6.24
CA PRO A 83 -43.81 5.40 -6.22
C PRO A 83 -43.04 5.48 -4.92
N PHE A 84 -42.96 4.35 -4.21
CA PHE A 84 -42.22 4.26 -2.95
C PHE A 84 -40.74 4.11 -3.27
N ASN A 85 -40.07 5.26 -3.38
CA ASN A 85 -38.65 5.31 -3.73
C ASN A 85 -37.87 5.89 -2.57
N ASP A 86 -36.90 5.12 -2.05
CA ASP A 86 -36.01 5.54 -0.97
C ASP A 86 -36.81 6.00 0.25
N GLY A 87 -37.76 5.16 0.65
CA GLY A 87 -38.62 5.49 1.77
C GLY A 87 -39.57 6.63 1.47
N VAL A 88 -40.35 6.98 2.50
CA VAL A 88 -41.33 8.06 2.38
C VAL A 88 -41.68 8.53 3.78
N TYR A 89 -42.16 9.76 3.88
CA TYR A 89 -42.60 10.34 5.15
C TYR A 89 -44.11 10.53 5.07
N PHE A 90 -44.84 9.51 5.52
CA PHE A 90 -46.30 9.56 5.48
C PHE A 90 -46.83 10.43 6.60
N ALA A 91 -47.87 11.21 6.28
CA ALA A 91 -48.53 12.06 7.27
C ALA A 91 -50.01 12.09 6.94
N SER A 92 -50.83 12.14 7.99
CA SER A 92 -52.28 12.08 7.81
C SER A 92 -52.94 12.76 9.00
N ILE A 93 -53.57 13.91 8.75
CA ILE A 93 -54.37 14.59 9.77
C ILE A 93 -55.79 14.06 9.61
N GLU A 94 -56.04 12.91 10.23
CA GLU A 94 -57.32 12.21 10.12
C GLU A 94 -58.30 12.76 11.16
N LYS A 95 -59.56 12.91 10.76
CA LYS A 95 -60.56 13.42 11.69
C LYS A 95 -60.76 12.46 12.85
N SER A 96 -61.35 11.28 12.58
CA SER A 96 -61.49 10.25 13.60
C SER A 96 -60.85 8.92 13.17
N ASN A 97 -61.25 8.35 12.05
CA ASN A 97 -60.87 6.98 11.71
C ASN A 97 -60.55 6.80 10.24
N ILE A 98 -60.80 7.85 9.43
CA ILE A 98 -60.88 7.76 7.97
C ILE A 98 -59.79 6.91 7.36
N ILE A 99 -58.53 7.17 7.72
CA ILE A 99 -57.42 6.40 7.16
C ILE A 99 -57.13 5.21 8.07
N ARG A 100 -57.22 4.01 7.51
CA ARG A 100 -57.09 2.76 8.27
C ARG A 100 -56.20 1.75 7.58
N GLY A 101 -55.03 2.18 7.12
CA GLY A 101 -54.07 1.25 6.57
C GLY A 101 -53.24 1.90 5.47
N TRP A 102 -52.11 1.26 5.18
CA TRP A 102 -51.19 1.69 4.12
C TRP A 102 -50.73 0.45 3.37
N ILE A 103 -50.98 0.41 2.07
CA ILE A 103 -50.58 -0.73 1.25
C ILE A 103 -49.33 -0.37 0.45
N PHE A 104 -48.50 -1.37 0.18
CA PHE A 104 -47.29 -1.19 -0.61
C PHE A 104 -47.33 -2.22 -1.74
N GLY A 105 -46.23 -2.33 -2.46
CA GLY A 105 -46.10 -3.28 -3.54
C GLY A 105 -45.22 -2.75 -4.66
N THR A 106 -44.89 -3.63 -5.59
CA THR A 106 -44.07 -3.27 -6.75
C THR A 106 -44.87 -3.31 -8.06
N THR A 107 -45.61 -4.39 -8.29
CA THR A 107 -46.43 -4.54 -9.48
C THR A 107 -47.81 -5.07 -9.10
N LEU A 108 -48.79 -4.80 -9.96
CA LEU A 108 -50.17 -5.22 -9.72
C LEU A 108 -50.36 -6.63 -10.28
N ASP A 109 -50.08 -7.62 -9.46
CA ASP A 109 -50.24 -9.01 -9.84
C ASP A 109 -50.95 -9.80 -8.74
N SER A 110 -51.04 -11.12 -8.91
CA SER A 110 -51.68 -11.97 -7.92
C SER A 110 -50.70 -12.78 -7.08
N LYS A 111 -49.40 -12.73 -7.38
CA LYS A 111 -48.42 -13.50 -6.62
C LYS A 111 -47.22 -12.68 -6.20
N THR A 112 -47.21 -11.38 -6.44
CA THR A 112 -46.12 -10.53 -6.01
C THR A 112 -46.27 -10.16 -4.54
N GLN A 113 -45.14 -9.99 -3.86
CA GLN A 113 -45.14 -9.71 -2.44
C GLN A 113 -45.57 -8.28 -2.16
N SER A 114 -46.18 -8.07 -0.99
CA SER A 114 -46.68 -6.76 -0.61
C SER A 114 -46.42 -6.46 0.86
N LEU A 115 -47.02 -5.39 1.37
CA LEU A 115 -46.83 -4.99 2.76
C LEU A 115 -48.16 -4.63 3.41
N LEU A 116 -49.15 -5.52 3.30
CA LEU A 116 -50.47 -5.29 3.88
C LEU A 116 -50.37 -4.92 5.35
N ILE A 117 -50.93 -3.77 5.70
CA ILE A 117 -50.92 -3.26 7.07
C ILE A 117 -52.36 -2.90 7.41
N VAL A 118 -52.97 -3.67 8.30
CA VAL A 118 -54.33 -3.42 8.76
C VAL A 118 -54.26 -3.02 10.22
N ASN A 119 -54.28 -1.72 10.50
CA ASN A 119 -54.23 -1.19 11.86
C ASN A 119 -55.62 -0.91 12.41
N ASN A 120 -56.42 -1.98 12.55
CA ASN A 120 -57.79 -1.84 13.03
C ASN A 120 -57.83 -1.51 14.52
N ALA A 121 -59.05 -1.44 15.08
CA ALA A 121 -59.20 -1.06 16.48
C ALA A 121 -58.62 -2.10 17.43
N THR A 122 -58.79 -3.38 17.12
CA THR A 122 -58.29 -4.45 17.98
C THR A 122 -56.76 -4.41 18.04
N ASN A 123 -56.11 -4.61 16.90
CA ASN A 123 -54.66 -4.55 16.84
C ASN A 123 -54.19 -4.26 15.41
N VAL A 124 -52.90 -4.40 15.16
CA VAL A 124 -52.32 -4.18 13.84
C VAL A 124 -52.04 -5.55 13.23
N VAL A 125 -52.28 -5.69 11.93
CA VAL A 125 -52.13 -6.96 11.23
C VAL A 125 -51.04 -6.80 10.18
N ILE A 126 -50.01 -6.01 10.49
CA ILE A 126 -48.89 -5.78 9.59
C ILE A 126 -48.33 -7.11 9.11
N LYS A 127 -48.36 -7.32 7.79
CA LYS A 127 -47.95 -8.58 7.19
C LYS A 127 -47.28 -8.32 5.85
N VAL A 128 -46.43 -9.26 5.44
CA VAL A 128 -45.78 -9.23 4.14
C VAL A 128 -46.43 -10.20 3.16
N CYS A 129 -47.54 -10.82 3.55
CA CYS A 129 -48.19 -11.88 2.78
C CYS A 129 -48.55 -11.40 1.37
N GLU A 130 -48.15 -12.19 0.37
CA GLU A 130 -48.53 -11.89 -1.00
C GLU A 130 -50.02 -12.13 -1.21
N PHE A 131 -50.62 -11.32 -2.08
CA PHE A 131 -52.05 -11.40 -2.33
C PHE A 131 -52.36 -10.76 -3.68
N GLN A 132 -53.60 -10.93 -4.12
CA GLN A 132 -54.08 -10.27 -5.33
C GLN A 132 -54.22 -8.78 -5.04
N PHE A 133 -53.42 -7.96 -5.72
CA PHE A 133 -53.47 -6.52 -5.53
C PHE A 133 -54.84 -5.97 -5.85
N CYS A 134 -55.54 -5.48 -4.84
CA CYS A 134 -56.90 -5.00 -5.02
C CYS A 134 -56.91 -3.57 -5.54
N ASN A 135 -57.70 -3.32 -6.58
CA ASN A 135 -57.86 -1.99 -7.16
C ASN A 135 -58.89 -1.16 -6.40
N ASP A 136 -59.40 -1.66 -5.28
CA ASP A 136 -60.38 -0.94 -4.47
C ASP A 136 -59.78 -0.62 -3.11
N PRO A 137 -59.12 0.52 -2.95
CA PRO A 137 -58.46 0.83 -1.67
C PRO A 137 -59.42 1.36 -0.62
N PHE A 138 -60.52 0.66 -0.38
CA PHE A 138 -61.47 1.02 0.66
C PHE A 138 -62.00 -0.23 1.33
N LEU A 139 -62.37 -0.09 2.59
CA LEU A 139 -62.94 -1.21 3.36
C LEU A 139 -64.44 -1.34 3.12
N GLU A 151 -65.97 -2.84 7.01
CA GLU A 151 -65.95 -3.98 6.08
C GLU A 151 -64.54 -4.50 5.89
N PHE A 152 -64.37 -5.39 4.91
CA PHE A 152 -63.07 -5.99 4.65
C PHE A 152 -62.93 -6.30 3.16
N ARG A 153 -62.28 -5.39 2.41
CA ARG A 153 -62.12 -5.55 0.98
C ARG A 153 -60.67 -5.60 0.52
N VAL A 154 -59.71 -5.28 1.39
CA VAL A 154 -58.32 -5.30 0.98
C VAL A 154 -57.76 -6.72 1.00
N TYR A 155 -58.24 -7.55 1.92
CA TYR A 155 -57.81 -8.95 1.98
C TYR A 155 -58.46 -9.73 0.85
N SER A 156 -57.68 -10.06 -0.17
CA SER A 156 -58.24 -10.72 -1.35
C SER A 156 -57.72 -12.14 -1.52
N SER A 157 -56.40 -12.31 -1.59
CA SER A 157 -55.82 -13.61 -1.90
C SER A 157 -54.52 -13.81 -1.10
N ALA A 158 -54.55 -13.48 0.18
CA ALA A 158 -53.39 -13.71 1.03
C ALA A 158 -53.27 -15.19 1.37
N ASN A 159 -52.43 -15.92 0.61
CA ASN A 159 -52.31 -17.36 0.79
C ASN A 159 -50.92 -17.66 1.30
N ASN A 160 -49.86 -17.25 0.59
CA ASN A 160 -48.49 -17.56 1.01
C ASN A 160 -47.91 -16.41 1.83
N CYS A 161 -47.91 -16.57 3.15
CA CYS A 161 -47.42 -15.52 4.05
C CYS A 161 -46.03 -15.87 4.56
N THR A 162 -45.33 -14.83 5.02
CA THR A 162 -44.00 -15.03 5.58
C THR A 162 -43.84 -14.36 6.94
N PHE A 163 -44.67 -13.40 7.30
CA PHE A 163 -44.58 -12.73 8.59
C PHE A 163 -45.92 -12.15 9.00
N GLU A 164 -46.34 -12.42 10.23
CA GLU A 164 -47.62 -11.91 10.73
C GLU A 164 -47.50 -11.50 12.19
N TYR A 165 -47.29 -10.21 12.43
CA TYR A 165 -47.14 -9.70 13.79
C TYR A 165 -48.48 -9.27 14.36
N VAL A 166 -48.63 -9.43 15.66
CA VAL A 166 -49.82 -8.98 16.36
C VAL A 166 -49.65 -7.59 16.99
N SER A 167 -48.63 -7.40 17.82
CA SER A 167 -48.32 -6.09 18.40
C SER A 167 -49.53 -5.48 19.09
N GLN A 168 -49.99 -6.11 20.18
CA GLN A 168 -51.17 -5.65 20.93
C GLN A 168 -51.26 -4.13 21.10
N PRO A 169 -50.18 -3.39 21.41
CA PRO A 169 -50.27 -1.93 21.36
C PRO A 169 -50.41 -1.44 19.92
N PHE A 170 -51.62 -1.01 19.54
CA PHE A 170 -51.88 -0.60 18.17
C PHE A 170 -51.21 0.73 17.86
N LEU A 171 -50.84 0.92 16.59
CA LEU A 171 -50.17 2.15 16.18
C LEU A 171 -51.13 3.34 16.24
N MET A 172 -52.36 3.14 15.80
CA MET A 172 -53.36 4.20 15.81
C MET A 172 -54.32 4.04 16.99
N GLN A 178 -58.58 17.86 22.44
CA GLN A 178 -59.90 18.36 22.82
C GLN A 178 -60.97 17.33 22.48
N GLY A 179 -62.09 17.80 21.93
CA GLY A 179 -63.17 16.92 21.54
C GLY A 179 -63.58 17.09 20.09
N ASN A 180 -63.20 18.23 19.50
CA ASN A 180 -63.54 18.54 18.11
C ASN A 180 -62.30 18.81 17.27
N PHE A 181 -61.20 18.14 17.58
CA PHE A 181 -59.94 18.30 16.86
C PHE A 181 -59.54 16.98 16.20
N LYS A 182 -58.74 17.10 15.14
CA LYS A 182 -58.25 15.94 14.43
C LYS A 182 -57.05 15.33 15.15
N ASN A 183 -56.36 14.39 14.50
CA ASN A 183 -55.20 13.75 15.11
C ASN A 183 -54.10 13.65 14.07
N LEU A 184 -52.97 14.31 14.36
CA LEU A 184 -51.81 14.24 13.48
C LEU A 184 -50.96 13.04 13.84
N ARG A 185 -50.73 12.15 12.87
CA ARG A 185 -50.02 10.89 13.10
C ARG A 185 -48.87 10.80 12.10
N GLU A 186 -47.64 10.95 12.60
CA GLU A 186 -46.46 10.82 11.76
C GLU A 186 -46.10 9.36 11.56
N PHE A 187 -45.70 9.02 10.34
CA PHE A 187 -45.32 7.65 10.01
C PHE A 187 -44.26 7.60 8.92
N VAL A 188 -42.98 7.46 9.30
CA VAL A 188 -41.94 7.32 8.30
C VAL A 188 -41.64 5.82 8.10
N PHE A 189 -41.29 5.47 6.86
CA PHE A 189 -41.05 4.09 6.48
C PHE A 189 -39.69 4.00 5.80
N LYS A 190 -38.88 3.04 6.22
CA LYS A 190 -37.54 2.86 5.67
C LYS A 190 -37.18 1.39 5.67
N ASN A 191 -36.55 0.93 4.57
CA ASN A 191 -36.06 -0.44 4.44
C ASN A 191 -34.67 -0.34 3.82
N ILE A 192 -33.64 -0.44 4.66
CA ILE A 192 -32.27 -0.24 4.20
C ILE A 192 -31.59 -1.58 3.98
N ASP A 193 -31.45 -2.37 5.07
CA ASP A 193 -30.79 -3.66 4.96
C ASP A 193 -31.78 -4.81 5.10
N GLY A 194 -33.02 -4.48 5.45
CA GLY A 194 -34.04 -5.50 5.64
C GLY A 194 -34.94 -5.21 6.82
N TYR A 195 -34.41 -4.49 7.81
CA TYR A 195 -35.20 -4.09 8.96
C TYR A 195 -36.18 -2.98 8.56
N PHE A 196 -37.43 -3.33 8.31
CA PHE A 196 -38.44 -2.36 7.91
C PHE A 196 -38.83 -1.56 9.15
N LYS A 197 -38.02 -0.55 9.44
CA LYS A 197 -38.24 0.28 10.63
C LYS A 197 -39.44 1.19 10.42
N ILE A 198 -40.25 1.31 11.47
CA ILE A 198 -41.45 2.14 11.45
C ILE A 198 -41.41 3.06 12.66
N TYR A 199 -41.27 4.36 12.41
CA TYR A 199 -41.25 5.38 13.45
C TYR A 199 -42.59 6.12 13.43
N SER A 200 -43.02 6.57 14.60
CA SER A 200 -44.31 7.24 14.73
C SER A 200 -44.30 8.08 15.99
N LYS A 201 -45.07 9.17 15.96
CA LYS A 201 -45.26 10.04 17.11
C LYS A 201 -46.60 10.75 17.02
N HIS A 202 -47.60 10.25 17.73
CA HIS A 202 -48.93 10.86 17.70
C HIS A 202 -48.93 12.20 18.40
N THR A 203 -49.63 13.16 17.82
CA THR A 203 -49.72 14.51 18.35
C THR A 203 -51.05 15.12 17.93
N PRO A 204 -51.68 15.91 18.81
CA PRO A 204 -52.95 16.53 18.46
C PRO A 204 -52.79 17.65 17.44
N ILE A 205 -53.92 18.22 16.99
CA ILE A 205 -53.91 19.28 16.00
C ILE A 205 -54.91 20.35 16.41
N ILE A 206 -54.54 21.61 16.14
CA ILE A 206 -55.38 22.76 16.47
C ILE A 206 -55.54 23.64 15.25
N VAL A 207 -55.45 23.06 14.07
CA VAL A 207 -55.49 23.82 12.82
C VAL A 207 -56.91 24.28 12.53
N ARG A 208 -57.03 25.52 12.05
CA ARG A 208 -58.30 26.06 11.60
C ARG A 208 -58.13 26.67 10.23
N GLU A 209 -56.88 26.95 9.86
CA GLU A 209 -56.51 27.47 8.55
C GLU A 209 -56.64 26.35 7.51
N PRO A 210 -56.46 26.68 6.21
CA PRO A 210 -56.40 25.62 5.19
C PRO A 210 -55.46 24.49 5.57
N GLU A 211 -55.99 23.26 5.60
CA GLU A 211 -55.29 22.10 6.12
C GLU A 211 -53.98 21.84 5.38
N ASP A 212 -52.88 21.82 6.13
CA ASP A 212 -51.56 21.54 5.59
C ASP A 212 -50.69 20.93 6.68
N LEU A 213 -49.45 20.63 6.32
CA LEU A 213 -48.50 20.07 7.27
C LEU A 213 -48.15 21.11 8.33
N PRO A 214 -48.46 20.86 9.59
CA PRO A 214 -48.21 21.86 10.64
C PRO A 214 -46.72 22.05 10.88
N GLN A 215 -46.39 23.09 11.62
CA GLN A 215 -45.01 23.41 11.98
C GLN A 215 -44.73 22.95 13.41
N GLY A 216 -43.49 22.54 13.64
CA GLY A 216 -43.06 22.05 14.94
C GLY A 216 -42.14 20.87 14.77
N PHE A 217 -41.17 20.75 15.68
CA PHE A 217 -40.19 19.67 15.65
C PHE A 217 -40.69 18.52 16.51
N SER A 218 -40.88 17.35 15.88
CA SER A 218 -41.35 16.16 16.58
C SER A 218 -40.43 15.00 16.20
N ALA A 219 -39.57 14.62 17.14
CA ALA A 219 -38.65 13.51 16.91
C ALA A 219 -39.42 12.20 16.76
N LEU A 220 -39.20 11.52 15.65
CA LEU A 220 -39.91 10.28 15.35
C LEU A 220 -39.25 9.13 16.12
N GLU A 221 -39.99 8.57 17.09
CA GLU A 221 -39.49 7.46 17.88
C GLU A 221 -39.93 6.13 17.30
N PRO A 222 -39.06 5.11 17.33
CA PRO A 222 -39.41 3.81 16.74
C PRO A 222 -40.41 3.06 17.60
N LEU A 223 -41.45 2.52 16.95
CA LEU A 223 -42.42 1.69 17.63
C LEU A 223 -42.14 0.21 17.43
N VAL A 224 -41.87 -0.20 16.19
CA VAL A 224 -41.55 -1.59 15.89
C VAL A 224 -40.30 -1.64 15.02
N ASP A 225 -39.62 -2.78 15.01
CA ASP A 225 -38.44 -2.97 14.18
C ASP A 225 -38.39 -4.32 13.50
N LEU A 226 -39.51 -4.85 13.01
CA LEU A 226 -39.57 -6.19 12.43
C LEU A 226 -38.71 -6.30 11.18
N PRO A 227 -37.85 -7.31 11.08
CA PRO A 227 -37.10 -7.53 9.85
C PRO A 227 -37.97 -8.17 8.79
N ILE A 228 -37.69 -7.83 7.53
CA ILE A 228 -38.47 -8.35 6.41
C ILE A 228 -37.63 -8.33 5.14
N GLY A 229 -38.04 -9.11 4.14
CA GLY A 229 -37.39 -9.08 2.84
C GLY A 229 -38.38 -8.80 1.73
N ILE A 230 -38.24 -7.64 1.09
CA ILE A 230 -39.19 -7.19 0.08
C ILE A 230 -38.54 -6.08 -0.74
N ASN A 231 -38.98 -5.95 -2.00
CA ASN A 231 -38.52 -4.89 -2.90
C ASN A 231 -39.77 -4.18 -3.44
N ILE A 232 -40.24 -3.19 -2.70
CA ILE A 232 -41.45 -2.45 -3.08
C ILE A 232 -41.05 -1.19 -3.83
N THR A 233 -41.88 -0.79 -4.81
CA THR A 233 -41.63 0.41 -5.57
C THR A 233 -42.86 1.33 -5.65
N ARG A 234 -43.94 0.99 -4.95
CA ARG A 234 -45.16 1.79 -4.97
C ARG A 234 -45.72 1.89 -3.56
N PHE A 235 -46.69 2.79 -3.39
CA PHE A 235 -47.30 3.01 -2.08
C PHE A 235 -48.69 3.60 -2.28
N GLN A 236 -49.66 3.11 -1.51
CA GLN A 236 -51.03 3.61 -1.57
C GLN A 236 -51.73 3.24 -0.27
N THR A 237 -52.18 4.25 0.47
CA THR A 237 -52.88 3.99 1.72
C THR A 237 -54.32 3.57 1.44
N LEU A 238 -54.81 2.60 2.23
CA LEU A 238 -56.17 2.11 2.09
C LEU A 238 -57.04 2.75 3.16
N LEU A 239 -58.06 3.52 2.73
CA LEU A 239 -58.93 4.21 3.66
C LEU A 239 -60.22 3.42 3.89
N ALA A 240 -61.18 4.03 4.57
CA ALA A 240 -62.47 3.38 4.83
C ALA A 240 -63.54 3.92 3.89
N ALA A 259 -62.97 14.19 5.60
CA ALA A 259 -62.09 15.11 6.33
C ALA A 259 -60.74 14.48 6.61
N ALA A 260 -59.98 14.25 5.53
CA ALA A 260 -58.66 13.63 5.65
C ALA A 260 -57.71 14.31 4.69
N ALA A 261 -56.40 14.21 5.00
CA ALA A 261 -55.36 14.83 4.17
C ALA A 261 -54.18 13.85 4.11
N TYR A 262 -53.98 13.28 2.93
CA TYR A 262 -52.93 12.29 2.71
C TYR A 262 -51.68 12.98 2.19
N TYR A 263 -50.61 12.95 2.99
CA TYR A 263 -49.33 13.57 2.62
C TYR A 263 -48.29 12.50 2.32
N VAL A 264 -47.22 12.91 1.64
CA VAL A 264 -46.13 12.01 1.28
C VAL A 264 -44.89 12.86 1.03
N GLY A 265 -43.75 12.38 1.53
CA GLY A 265 -42.48 13.04 1.31
C GLY A 265 -41.33 12.06 1.23
N TYR A 266 -40.56 12.12 0.16
CA TYR A 266 -39.51 11.12 -0.07
C TYR A 266 -38.24 11.49 0.68
N LEU A 267 -37.57 10.48 1.22
CA LEU A 267 -36.31 10.66 1.94
C LEU A 267 -35.14 10.70 0.97
N GLN A 268 -34.08 11.39 1.38
CA GLN A 268 -32.89 11.53 0.56
C GLN A 268 -31.65 11.44 1.45
N PRO A 269 -30.57 10.85 0.95
CA PRO A 269 -29.33 10.78 1.73
C PRO A 269 -28.77 12.17 2.01
N ARG A 270 -28.55 12.46 3.29
CA ARG A 270 -28.09 13.78 3.68
C ARG A 270 -27.35 13.67 5.01
N THR A 271 -27.04 14.81 5.62
CA THR A 271 -26.33 14.85 6.90
C THR A 271 -27.10 15.77 7.84
N PHE A 272 -27.21 15.37 9.11
CA PHE A 272 -27.96 16.14 10.08
C PHE A 272 -27.17 16.18 11.39
N LEU A 273 -27.32 17.30 12.10
CA LEU A 273 -26.70 17.50 13.41
C LEU A 273 -27.82 17.52 14.45
N LEU A 274 -28.15 16.33 14.96
CA LEU A 274 -29.26 16.17 15.90
C LEU A 274 -28.83 16.60 17.29
N LYS A 275 -29.60 17.50 17.90
CA LYS A 275 -29.31 18.00 19.24
C LYS A 275 -30.19 17.26 20.24
N TYR A 276 -29.58 16.42 21.06
CA TYR A 276 -30.32 15.71 22.10
C TYR A 276 -30.46 16.58 23.34
N ASN A 277 -31.65 16.53 23.93
CA ASN A 277 -31.97 17.32 25.11
C ASN A 277 -31.49 16.58 26.36
N GLU A 278 -31.66 17.22 27.53
CA GLU A 278 -31.24 16.60 28.78
C GLU A 278 -32.09 15.37 29.09
N ASN A 279 -33.31 15.32 28.57
CA ASN A 279 -34.17 14.16 28.72
C ASN A 279 -33.90 13.10 27.64
N GLY A 280 -32.99 13.36 26.71
CA GLY A 280 -32.71 12.40 25.65
C GLY A 280 -33.69 12.43 24.51
N THR A 281 -34.15 13.62 24.12
CA THR A 281 -35.11 13.78 23.02
C THR A 281 -34.56 14.82 22.05
N ILE A 282 -34.76 14.58 20.75
CA ILE A 282 -34.27 15.50 19.74
C ILE A 282 -35.22 16.69 19.66
N THR A 283 -34.67 17.90 19.76
CA THR A 283 -35.47 19.12 19.73
C THR A 283 -35.25 19.96 18.48
N ASP A 284 -34.09 19.84 17.83
CA ASP A 284 -33.80 20.60 16.62
C ASP A 284 -32.79 19.84 15.78
N ALA A 285 -32.54 20.35 14.58
CA ALA A 285 -31.62 19.69 13.66
C ALA A 285 -31.18 20.70 12.60
N VAL A 286 -30.04 20.40 11.98
CA VAL A 286 -29.49 21.20 10.90
C VAL A 286 -29.43 20.34 9.64
N ASP A 287 -29.91 20.89 8.53
CA ASP A 287 -30.01 20.13 7.29
C ASP A 287 -28.67 19.89 6.62
N CYS A 288 -27.68 20.76 6.84
CA CYS A 288 -26.33 20.61 6.30
C CYS A 288 -26.30 20.65 4.78
N ALA A 289 -27.45 20.92 4.16
CA ALA A 289 -27.55 21.02 2.70
C ALA A 289 -28.48 22.17 2.28
N LEU A 290 -28.97 22.94 3.23
CA LEU A 290 -29.81 24.09 2.98
C LEU A 290 -28.90 25.31 2.75
N ASP A 291 -29.39 26.55 2.80
CA ASP A 291 -28.61 27.77 2.64
C ASP A 291 -27.29 27.69 3.42
N PRO A 292 -26.23 28.36 2.94
CA PRO A 292 -24.89 28.14 3.52
C PRO A 292 -24.80 28.36 5.02
N LEU A 293 -25.81 28.96 5.66
CA LEU A 293 -25.80 29.05 7.11
C LEU A 293 -25.87 27.66 7.74
N SER A 294 -26.66 26.76 7.17
CA SER A 294 -26.72 25.39 7.67
C SER A 294 -25.39 24.66 7.46
N GLU A 295 -24.74 24.88 6.31
CA GLU A 295 -23.44 24.25 6.07
C GLU A 295 -22.37 24.81 7.02
N THR A 296 -22.49 26.09 7.39
CA THR A 296 -21.59 26.68 8.37
C THR A 296 -21.81 26.13 9.78
N LYS A 297 -23.06 26.05 10.22
CA LYS A 297 -23.38 25.43 11.51
C LYS A 297 -23.19 23.92 11.52
N CYS A 298 -22.98 23.31 10.36
CA CYS A 298 -22.81 21.87 10.28
C CYS A 298 -21.39 21.42 10.62
N THR A 299 -20.39 22.27 10.40
CA THR A 299 -18.99 21.92 10.62
C THR A 299 -18.42 22.49 11.90
N LEU A 300 -19.01 23.56 12.44
CA LEU A 300 -18.53 24.16 13.67
C LEU A 300 -19.04 23.45 14.92
N LYS A 301 -19.88 22.43 14.76
CA LYS A 301 -20.42 21.66 15.89
C LYS A 301 -21.16 22.57 16.87
N SER A 302 -22.03 23.40 16.31
CA SER A 302 -22.80 24.34 17.10
C SER A 302 -24.09 24.68 16.37
N PHE A 303 -25.07 25.18 17.13
CA PHE A 303 -26.37 25.55 16.59
C PHE A 303 -26.52 27.06 16.43
N THR A 304 -25.60 27.85 16.98
CA THR A 304 -25.65 29.31 16.86
C THR A 304 -24.24 29.79 16.51
N VAL A 305 -24.04 30.17 15.25
CA VAL A 305 -22.75 30.62 14.78
C VAL A 305 -22.60 32.11 15.07
N GLU A 306 -21.35 32.55 15.21
CA GLU A 306 -21.02 33.94 15.49
C GLU A 306 -20.69 34.66 14.19
N LYS A 307 -20.31 35.94 14.32
CA LYS A 307 -19.97 36.74 13.15
C LYS A 307 -18.55 36.46 12.71
N GLY A 308 -18.38 36.22 11.41
CA GLY A 308 -17.06 35.95 10.86
C GLY A 308 -17.17 35.06 9.63
N ILE A 309 -16.05 34.97 8.92
CA ILE A 309 -15.95 34.16 7.72
C ILE A 309 -15.42 32.79 8.14
N TYR A 310 -16.23 31.75 7.93
CA TYR A 310 -15.88 30.39 8.31
C TYR A 310 -15.74 29.54 7.06
N GLN A 311 -14.70 28.70 7.04
CA GLN A 311 -14.47 27.82 5.91
C GLN A 311 -15.51 26.70 5.86
N THR A 312 -15.75 26.18 4.67
CA THR A 312 -16.70 25.10 4.46
C THR A 312 -16.14 24.08 3.47
N SER A 313 -17.01 23.26 2.88
CA SER A 313 -16.58 22.28 1.89
C SER A 313 -16.00 22.97 0.67
N ASN A 314 -15.28 22.22 -0.17
CA ASN A 314 -14.58 22.78 -1.31
C ASN A 314 -15.38 22.53 -2.57
N PHE A 315 -15.68 23.61 -3.31
CA PHE A 315 -16.37 23.47 -4.58
C PHE A 315 -15.50 22.76 -5.59
N ARG A 316 -16.08 21.77 -6.26
CA ARG A 316 -15.34 20.99 -7.26
C ARG A 316 -16.27 20.44 -8.32
N VAL A 317 -16.10 20.91 -9.56
CA VAL A 317 -16.94 20.44 -10.66
C VAL A 317 -16.59 18.99 -10.98
N GLN A 318 -17.61 18.18 -11.20
CA GLN A 318 -17.46 16.78 -11.56
C GLN A 318 -17.35 16.61 -13.07
N PRO A 319 -16.64 15.58 -13.53
CA PRO A 319 -16.52 15.36 -14.98
C PRO A 319 -17.87 15.00 -15.59
N THR A 320 -18.10 15.47 -16.81
CA THR A 320 -19.37 15.25 -17.50
C THR A 320 -19.38 13.93 -18.27
N GLU A 321 -18.38 13.71 -19.12
CA GLU A 321 -18.34 12.52 -19.95
C GLU A 321 -17.01 11.79 -19.79
N SER A 322 -16.79 10.75 -20.60
CA SER A 322 -15.55 9.99 -20.57
C SER A 322 -15.08 9.79 -21.99
N ILE A 323 -13.84 10.18 -22.27
CA ILE A 323 -13.28 10.13 -23.63
C ILE A 323 -12.03 9.28 -23.60
N VAL A 324 -12.00 8.23 -24.43
CA VAL A 324 -10.83 7.40 -24.60
C VAL A 324 -10.32 7.55 -26.03
N ARG A 325 -9.01 7.54 -26.20
CA ARG A 325 -8.46 7.77 -27.52
C ARG A 325 -7.25 6.92 -27.89
N PHE A 326 -7.18 5.70 -27.37
CA PHE A 326 -6.10 4.81 -27.73
C PHE A 326 -5.84 4.84 -29.23
N PRO A 327 -4.58 4.94 -29.69
CA PRO A 327 -4.20 5.07 -31.11
C PRO A 327 -4.80 4.23 -32.21
N ASN A 328 -4.50 4.65 -33.44
CA ASN A 328 -5.00 4.05 -34.69
C ASN A 328 -4.72 2.58 -34.78
N ILE A 329 -5.56 1.84 -35.49
CA ILE A 329 -5.31 0.42 -35.69
C ILE A 329 -4.64 0.09 -37.02
N THR A 330 -3.38 0.46 -37.18
CA THR A 330 -2.66 0.24 -38.44
C THR A 330 -2.22 -1.22 -38.58
N ASN A 331 -1.46 -1.71 -37.59
CA ASN A 331 -0.90 -3.06 -37.66
C ASN A 331 -1.93 -4.07 -37.15
N LEU A 332 -2.93 -4.31 -38.01
CA LEU A 332 -3.95 -5.30 -37.70
C LEU A 332 -3.42 -6.70 -37.95
N CYS A 333 -3.82 -7.66 -37.11
CA CYS A 333 -3.36 -9.03 -37.31
C CYS A 333 -3.97 -9.59 -38.59
N PRO A 334 -3.18 -10.22 -39.45
CA PRO A 334 -3.71 -10.73 -40.72
C PRO A 334 -4.54 -11.99 -40.56
N PHE A 335 -5.76 -11.86 -40.05
CA PHE A 335 -6.64 -13.01 -39.92
C PHE A 335 -7.16 -13.51 -41.26
N ASP A 336 -7.04 -12.71 -42.33
CA ASP A 336 -7.48 -13.12 -43.65
C ASP A 336 -6.61 -14.20 -44.25
N GLU A 337 -5.44 -14.47 -43.68
CA GLU A 337 -4.55 -15.53 -44.16
C GLU A 337 -4.91 -16.90 -43.61
N VAL A 338 -5.68 -16.96 -42.52
CA VAL A 338 -6.12 -18.23 -41.95
C VAL A 338 -7.63 -18.43 -42.01
N PHE A 339 -8.40 -17.38 -42.33
CA PHE A 339 -9.83 -17.49 -42.45
C PHE A 339 -10.33 -17.36 -43.89
N ASN A 340 -9.53 -16.80 -44.80
CA ASN A 340 -9.93 -16.62 -46.19
C ASN A 340 -8.78 -17.00 -47.11
N ALA A 341 -8.14 -18.13 -46.83
CA ALA A 341 -7.02 -18.63 -47.61
C ALA A 341 -7.51 -19.60 -48.67
N THR A 342 -6.79 -19.65 -49.80
CA THR A 342 -7.14 -20.58 -50.87
C THR A 342 -7.02 -22.02 -50.41
N ARG A 343 -5.80 -22.43 -50.04
CA ARG A 343 -5.56 -23.75 -49.46
C ARG A 343 -5.56 -23.61 -47.95
N PHE A 344 -6.51 -24.27 -47.28
CA PHE A 344 -6.71 -24.03 -45.86
C PHE A 344 -5.70 -24.81 -45.02
N ALA A 345 -5.77 -26.14 -45.06
CA ALA A 345 -4.89 -26.99 -44.26
C ALA A 345 -5.12 -28.47 -44.55
N SER A 346 -4.35 -29.33 -43.88
CA SER A 346 -4.53 -30.78 -43.91
C SER A 346 -4.72 -31.30 -42.50
N VAL A 347 -5.06 -32.59 -42.40
CA VAL A 347 -5.30 -33.20 -41.11
C VAL A 347 -3.98 -33.46 -40.39
N TYR A 348 -3.13 -34.29 -40.99
CA TYR A 348 -1.84 -34.63 -40.39
C TYR A 348 -0.79 -33.55 -40.63
N ALA A 349 -1.06 -32.58 -41.50
CA ALA A 349 -0.12 -31.50 -41.78
C ALA A 349 -0.74 -30.16 -41.44
N TRP A 350 -1.38 -30.08 -40.28
CA TRP A 350 -2.02 -28.85 -39.84
C TRP A 350 -1.00 -27.71 -39.74
N ASN A 351 -1.31 -26.60 -40.38
CA ASN A 351 -0.39 -25.47 -40.43
C ASN A 351 -0.39 -24.72 -39.10
N ARG A 352 0.60 -23.85 -38.95
CA ARG A 352 0.74 -23.03 -37.74
C ARG A 352 1.41 -21.73 -38.13
N LYS A 353 0.61 -20.66 -38.24
CA LYS A 353 1.11 -19.33 -38.59
C LYS A 353 0.93 -18.45 -37.35
N ARG A 354 1.96 -18.38 -36.52
CA ARG A 354 1.91 -17.60 -35.30
C ARG A 354 1.96 -16.11 -35.60
N ILE A 355 1.05 -15.35 -35.02
CA ILE A 355 1.00 -13.90 -35.19
C ILE A 355 1.42 -13.24 -33.89
N SER A 356 2.13 -12.12 -33.99
CA SER A 356 2.61 -11.41 -32.82
C SER A 356 2.82 -9.95 -33.19
N ASN A 357 2.70 -9.09 -32.17
CA ASN A 357 2.87 -7.64 -32.32
C ASN A 357 1.92 -7.08 -33.38
N CYS A 358 0.63 -7.30 -33.14
CA CYS A 358 -0.41 -6.81 -34.04
C CYS A 358 -1.69 -6.63 -33.25
N VAL A 359 -2.62 -5.88 -33.84
CA VAL A 359 -3.92 -5.62 -33.24
C VAL A 359 -4.89 -6.70 -33.72
N ALA A 360 -5.55 -7.37 -32.77
CA ALA A 360 -6.45 -8.48 -33.06
C ALA A 360 -7.87 -8.07 -32.66
N ASP A 361 -8.70 -7.77 -33.65
CA ASP A 361 -10.10 -7.43 -33.44
C ASP A 361 -10.93 -8.65 -33.81
N TYR A 362 -11.39 -9.39 -32.80
CA TYR A 362 -12.16 -10.60 -33.05
C TYR A 362 -13.59 -10.30 -33.51
N SER A 363 -14.03 -9.04 -33.47
CA SER A 363 -15.36 -8.69 -33.93
C SER A 363 -15.51 -8.82 -35.44
N VAL A 364 -14.39 -8.84 -36.18
CA VAL A 364 -14.48 -8.98 -37.63
C VAL A 364 -14.97 -10.37 -38.00
N LEU A 365 -14.69 -11.38 -37.17
CA LEU A 365 -15.10 -12.74 -37.46
C LEU A 365 -16.62 -12.93 -37.36
N TYR A 366 -17.33 -11.99 -36.74
CA TYR A 366 -18.76 -12.16 -36.56
C TYR A 366 -19.54 -11.80 -37.83
N ASN A 367 -19.02 -10.86 -38.63
CA ASN A 367 -19.65 -10.48 -39.88
C ASN A 367 -19.27 -11.39 -41.05
N LEU A 368 -18.53 -12.47 -40.77
CA LEU A 368 -18.15 -13.41 -41.81
C LEU A 368 -19.19 -14.51 -41.97
N ALA A 369 -18.81 -15.61 -42.59
CA ALA A 369 -19.68 -16.78 -42.75
C ALA A 369 -20.17 -17.26 -41.38
N PRO A 370 -21.35 -17.88 -41.29
CA PRO A 370 -21.86 -18.33 -40.00
C PRO A 370 -20.93 -19.29 -39.28
N PHE A 371 -20.40 -18.88 -38.14
CA PHE A 371 -19.51 -19.71 -37.32
C PHE A 371 -20.25 -20.29 -36.13
N PHE A 372 -21.05 -21.33 -36.36
CA PHE A 372 -21.81 -21.96 -35.30
C PHE A 372 -20.98 -23.01 -34.58
N THR A 373 -19.73 -22.67 -34.24
CA THR A 373 -18.86 -23.54 -33.47
C THR A 373 -18.05 -22.75 -32.44
N PHE A 374 -18.43 -21.50 -32.16
CA PHE A 374 -17.64 -20.60 -31.32
C PHE A 374 -17.80 -21.00 -29.85
N LYS A 375 -17.13 -22.08 -29.49
CA LYS A 375 -17.10 -22.58 -28.11
C LYS A 375 -15.76 -22.20 -27.50
N CYS A 376 -15.70 -21.00 -26.91
CA CYS A 376 -14.48 -20.48 -26.33
C CYS A 376 -14.21 -21.19 -25.00
N TYR A 377 -13.41 -22.26 -25.05
CA TYR A 377 -12.96 -22.93 -23.83
C TYR A 377 -11.85 -22.08 -23.22
N GLY A 378 -12.27 -21.01 -22.53
CA GLY A 378 -11.31 -20.08 -21.96
C GLY A 378 -11.93 -19.14 -20.94
N VAL A 379 -11.50 -17.88 -20.97
CA VAL A 379 -11.95 -16.91 -19.98
C VAL A 379 -13.35 -16.40 -20.31
N SER A 380 -13.51 -15.77 -21.47
CA SER A 380 -14.81 -15.21 -21.85
C SER A 380 -14.88 -14.98 -23.35
N PRO A 381 -15.89 -15.51 -24.03
CA PRO A 381 -16.03 -15.25 -25.48
C PRO A 381 -16.49 -13.83 -25.75
N THR A 382 -17.37 -13.31 -24.89
CA THR A 382 -17.87 -11.94 -25.08
C THR A 382 -16.79 -10.92 -24.76
N LYS A 383 -16.28 -10.93 -23.52
CA LYS A 383 -15.24 -10.00 -23.11
C LYS A 383 -13.88 -10.51 -23.59
N LEU A 384 -13.68 -10.38 -24.90
CA LEU A 384 -12.45 -10.84 -25.54
C LEU A 384 -11.64 -9.73 -26.19
N ASN A 385 -12.27 -8.67 -26.71
CA ASN A 385 -11.52 -7.61 -27.35
C ASN A 385 -10.69 -6.81 -26.35
N ASP A 386 -11.19 -6.68 -25.11
CA ASP A 386 -10.48 -5.95 -24.07
C ASP A 386 -9.62 -6.93 -23.25
N LEU A 387 -8.73 -7.61 -23.97
CA LEU A 387 -7.85 -8.60 -23.34
C LEU A 387 -6.64 -8.78 -24.26
N CYS A 388 -5.46 -8.40 -23.78
CA CYS A 388 -4.25 -8.54 -24.56
C CYS A 388 -3.65 -9.93 -24.39
N PHE A 389 -2.97 -10.39 -25.43
CA PHE A 389 -2.33 -11.70 -25.43
C PHE A 389 -0.84 -11.55 -25.73
N THR A 390 -0.07 -12.53 -25.28
CA THR A 390 1.39 -12.53 -25.47
C THR A 390 1.80 -13.34 -26.69
N ASN A 391 1.41 -14.61 -26.74
CA ASN A 391 1.75 -15.50 -27.86
C ASN A 391 0.48 -16.23 -28.28
N VAL A 392 -0.05 -15.86 -29.45
CA VAL A 392 -1.24 -16.48 -30.01
C VAL A 392 -0.81 -17.34 -31.18
N TYR A 393 -1.14 -18.64 -31.13
CA TYR A 393 -0.77 -19.59 -32.16
C TYR A 393 -2.04 -20.05 -32.87
N ALA A 394 -2.16 -19.69 -34.15
CA ALA A 394 -3.34 -20.01 -34.94
C ALA A 394 -3.07 -21.27 -35.75
N ASP A 395 -3.79 -22.35 -35.42
CA ASP A 395 -3.72 -23.60 -36.15
C ASP A 395 -4.95 -23.74 -37.04
N SER A 396 -4.86 -24.68 -37.98
CA SER A 396 -5.93 -24.89 -38.95
C SER A 396 -5.91 -26.33 -39.42
N PHE A 397 -7.09 -26.89 -39.68
CA PHE A 397 -7.25 -28.23 -40.20
C PHE A 397 -8.70 -28.41 -40.62
N VAL A 398 -8.93 -29.39 -41.50
CA VAL A 398 -10.25 -29.67 -42.05
C VAL A 398 -10.63 -31.08 -41.64
N ILE A 399 -11.80 -31.21 -41.01
CA ILE A 399 -12.33 -32.50 -40.57
C ILE A 399 -13.79 -32.61 -41.02
N ARG A 400 -14.43 -33.71 -40.64
CA ARG A 400 -15.81 -33.95 -40.98
C ARG A 400 -16.72 -33.19 -40.01
N GLY A 401 -18.02 -33.48 -40.06
CA GLY A 401 -18.98 -32.80 -39.21
C GLY A 401 -19.12 -33.42 -37.83
N ASP A 402 -19.24 -34.75 -37.78
CA ASP A 402 -19.40 -35.43 -36.50
C ASP A 402 -18.10 -35.54 -35.71
N GLU A 403 -17.01 -34.95 -36.21
CA GLU A 403 -15.72 -35.01 -35.53
C GLU A 403 -15.29 -33.66 -34.96
N VAL A 404 -16.13 -32.63 -35.06
CA VAL A 404 -15.77 -31.32 -34.54
C VAL A 404 -15.82 -31.31 -33.01
N ARG A 405 -16.64 -32.17 -32.42
CA ARG A 405 -16.77 -32.24 -30.98
C ARG A 405 -15.54 -32.83 -30.29
N GLN A 406 -14.55 -33.31 -31.05
CA GLN A 406 -13.34 -33.88 -30.48
C GLN A 406 -12.20 -32.87 -30.40
N ILE A 407 -12.45 -31.61 -30.74
CA ILE A 407 -11.42 -30.57 -30.71
C ILE A 407 -11.39 -29.93 -29.33
N ALA A 408 -12.42 -30.21 -28.54
CA ALA A 408 -12.48 -29.69 -27.18
C ALA A 408 -11.34 -30.28 -26.34
N PRO A 409 -10.91 -29.57 -25.30
CA PRO A 409 -9.79 -30.09 -24.47
C PRO A 409 -10.19 -31.34 -23.71
N GLY A 410 -9.77 -32.50 -24.21
CA GLY A 410 -10.10 -33.76 -23.59
C GLY A 410 -11.23 -34.49 -24.29
N GLN A 411 -10.89 -35.47 -25.13
CA GLN A 411 -11.87 -36.22 -25.90
C GLN A 411 -11.21 -37.46 -26.46
N THR A 412 -12.03 -38.48 -26.73
CA THR A 412 -11.56 -39.70 -27.37
C THR A 412 -11.86 -39.62 -28.87
N GLY A 413 -11.61 -40.72 -29.58
CA GLY A 413 -11.88 -40.76 -31.01
C GLY A 413 -10.69 -41.20 -31.83
N ASN A 414 -10.54 -40.65 -33.03
CA ASN A 414 -9.44 -41.02 -33.92
C ASN A 414 -8.57 -39.82 -34.25
N ILE A 415 -9.19 -38.65 -34.43
CA ILE A 415 -8.45 -37.43 -34.73
C ILE A 415 -7.99 -36.71 -33.48
N ALA A 416 -8.58 -37.00 -32.32
CA ALA A 416 -8.18 -36.39 -31.05
C ALA A 416 -7.18 -37.24 -30.29
N ASP A 417 -6.72 -38.35 -30.87
CA ASP A 417 -5.74 -39.21 -30.22
C ASP A 417 -4.54 -39.54 -31.09
N TYR A 418 -4.63 -39.43 -32.41
CA TYR A 418 -3.52 -39.75 -33.29
C TYR A 418 -3.28 -38.71 -34.38
N ASN A 419 -4.16 -37.72 -34.54
CA ASN A 419 -4.01 -36.69 -35.56
C ASN A 419 -3.73 -35.32 -34.96
N TYR A 420 -4.58 -34.86 -34.04
CA TYR A 420 -4.38 -33.55 -33.42
C TYR A 420 -5.06 -33.57 -32.06
N LYS A 421 -4.26 -33.59 -30.99
CA LYS A 421 -4.77 -33.66 -29.63
C LYS A 421 -4.41 -32.38 -28.89
N LEU A 422 -5.37 -31.83 -28.16
CA LEU A 422 -5.20 -30.61 -27.38
C LEU A 422 -5.05 -30.95 -25.90
N PRO A 423 -4.18 -30.24 -25.18
CA PRO A 423 -4.02 -30.50 -23.75
C PRO A 423 -5.24 -30.02 -22.97
N ASP A 424 -5.32 -30.47 -21.73
CA ASP A 424 -6.39 -30.01 -20.83
C ASP A 424 -5.97 -28.74 -20.10
N ASP A 425 -5.41 -27.80 -20.86
CA ASP A 425 -5.09 -26.47 -20.34
C ASP A 425 -5.38 -25.38 -21.37
N PHE A 426 -5.96 -25.73 -22.52
CA PHE A 426 -6.17 -24.79 -23.61
C PHE A 426 -7.15 -23.69 -23.24
N THR A 427 -6.64 -22.48 -23.02
CA THR A 427 -7.49 -21.32 -22.70
C THR A 427 -7.63 -20.45 -23.94
N GLY A 428 -8.56 -20.84 -24.81
CA GLY A 428 -8.78 -20.13 -26.05
C GLY A 428 -10.15 -20.34 -26.65
N CYS A 429 -10.22 -20.32 -27.99
CA CYS A 429 -11.48 -20.48 -28.70
C CYS A 429 -11.27 -21.41 -29.89
N VAL A 430 -12.34 -22.10 -30.29
CA VAL A 430 -12.33 -22.96 -31.47
C VAL A 430 -13.36 -22.40 -32.45
N ILE A 431 -12.97 -22.30 -33.72
CA ILE A 431 -13.81 -21.73 -34.76
C ILE A 431 -13.91 -22.73 -35.90
N ALA A 432 -15.12 -23.12 -36.26
CA ALA A 432 -15.37 -24.03 -37.37
C ALA A 432 -16.65 -23.63 -38.09
N TRP A 433 -16.72 -23.96 -39.37
CA TRP A 433 -17.87 -23.64 -40.19
C TRP A 433 -17.99 -24.63 -41.33
N ASN A 434 -19.19 -24.77 -41.88
CA ASN A 434 -19.42 -25.67 -42.99
C ASN A 434 -18.69 -25.17 -44.23
N SER A 435 -17.80 -25.99 -44.77
CA SER A 435 -17.01 -25.65 -45.94
C SER A 435 -17.34 -26.57 -47.10
N ASN A 436 -18.54 -27.16 -47.07
CA ASN A 436 -18.99 -28.06 -48.14
C ASN A 436 -19.27 -27.32 -49.44
N LYS A 437 -19.29 -25.99 -49.42
CA LYS A 437 -19.56 -25.22 -50.64
C LYS A 437 -18.35 -25.18 -51.56
N LEU A 438 -17.14 -25.30 -51.03
CA LEU A 438 -15.93 -25.22 -51.83
C LEU A 438 -14.93 -26.33 -51.55
N ASP A 439 -15.20 -27.22 -50.59
CA ASP A 439 -14.32 -28.32 -50.26
C ASP A 439 -15.02 -29.66 -50.44
N SER A 440 -15.95 -29.73 -51.40
CA SER A 440 -16.67 -30.96 -51.68
C SER A 440 -16.94 -31.02 -53.17
N LYS A 441 -16.35 -32.01 -53.85
CA LYS A 441 -16.46 -32.15 -55.29
C LYS A 441 -17.09 -33.48 -55.65
N VAL A 442 -17.36 -33.67 -56.93
CA VAL A 442 -17.96 -34.91 -57.42
C VAL A 442 -16.94 -36.03 -57.30
N SER A 443 -17.43 -37.24 -57.01
CA SER A 443 -16.64 -38.46 -56.89
C SER A 443 -15.66 -38.43 -55.73
N GLY A 444 -15.80 -37.46 -54.82
CA GLY A 444 -14.96 -37.41 -53.64
C GLY A 444 -13.78 -36.47 -53.77
N ASN A 445 -13.54 -35.67 -52.74
CA ASN A 445 -12.40 -34.76 -52.69
C ASN A 445 -11.28 -35.48 -51.92
N TYR A 446 -10.30 -36.00 -52.67
CA TYR A 446 -9.20 -36.75 -52.08
C TYR A 446 -8.00 -35.87 -51.74
N ASN A 447 -8.22 -34.57 -51.49
CA ASN A 447 -7.17 -33.64 -51.16
C ASN A 447 -6.97 -33.47 -49.66
N TYR A 448 -7.62 -34.31 -48.85
CA TYR A 448 -7.48 -34.27 -47.40
C TYR A 448 -7.20 -35.68 -46.90
N LEU A 449 -6.01 -35.89 -46.35
CA LEU A 449 -5.60 -37.18 -45.84
C LEU A 449 -5.50 -37.11 -44.31
N TYR A 450 -6.04 -38.12 -43.65
CA TYR A 450 -6.04 -38.19 -42.20
C TYR A 450 -5.41 -39.51 -41.75
N ARG A 451 -4.61 -39.43 -40.68
CA ARG A 451 -3.93 -40.61 -40.17
C ARG A 451 -4.91 -41.51 -39.44
N LEU A 452 -4.81 -42.81 -39.68
CA LEU A 452 -5.71 -43.79 -39.08
C LEU A 452 -5.00 -44.78 -38.17
N PHE A 453 -3.80 -45.22 -38.53
CA PHE A 453 -3.06 -46.22 -37.77
C PHE A 453 -1.83 -45.55 -37.16
N ARG A 454 -1.79 -45.47 -35.84
CA ARG A 454 -0.67 -44.90 -35.11
C ARG A 454 -0.43 -45.73 -33.86
N LYS A 455 0.83 -46.03 -33.57
CA LYS A 455 1.16 -46.93 -32.48
C LYS A 455 0.70 -46.37 -31.13
N SER A 456 1.26 -45.23 -30.73
CA SER A 456 0.96 -44.62 -29.44
C SER A 456 0.06 -43.40 -29.62
N ASN A 457 -0.51 -42.95 -28.52
CA ASN A 457 -1.37 -41.77 -28.55
C ASN A 457 -0.53 -40.52 -28.81
N LEU A 458 -1.10 -39.59 -29.57
CA LEU A 458 -0.40 -38.36 -29.90
C LEU A 458 -0.24 -37.50 -28.65
N LYS A 459 0.96 -36.96 -28.47
CA LYS A 459 1.24 -36.10 -27.33
C LYS A 459 0.74 -34.69 -27.60
N PRO A 460 0.51 -33.91 -26.55
CA PRO A 460 0.08 -32.51 -26.73
C PRO A 460 0.97 -31.75 -27.71
N PHE A 461 0.34 -31.16 -28.72
CA PHE A 461 1.01 -30.29 -29.70
C PHE A 461 2.15 -31.02 -30.42
N GLU A 462 1.76 -32.05 -31.18
CA GLU A 462 2.70 -32.80 -32.01
C GLU A 462 2.12 -32.92 -33.42
N ARG A 463 2.98 -32.67 -34.41
CA ARG A 463 2.61 -32.76 -35.81
C ARG A 463 3.40 -33.88 -36.47
N ASP A 464 2.71 -34.97 -36.83
CA ASP A 464 3.34 -36.14 -37.43
C ASP A 464 3.34 -35.96 -38.94
N ILE A 465 4.41 -35.33 -39.44
CA ILE A 465 4.55 -35.11 -40.88
C ILE A 465 5.09 -36.33 -41.62
N SER A 466 5.72 -37.26 -40.91
CA SER A 466 6.26 -38.44 -41.54
C SER A 466 5.15 -39.46 -41.82
N THR A 467 5.37 -40.29 -42.83
CA THR A 467 4.39 -41.30 -43.26
C THR A 467 5.13 -42.63 -43.45
N GLU A 468 5.18 -43.42 -42.39
CA GLU A 468 5.79 -44.74 -42.41
C GLU A 468 4.71 -45.81 -42.25
N ILE A 469 4.88 -46.91 -42.98
CA ILE A 469 3.91 -48.00 -42.93
C ILE A 469 3.87 -48.58 -41.52
N TYR A 470 2.67 -48.94 -41.06
CA TYR A 470 2.48 -49.47 -39.73
C TYR A 470 3.20 -50.82 -39.60
N GLN A 471 3.39 -51.26 -38.36
CA GLN A 471 4.15 -52.47 -38.09
C GLN A 471 3.23 -53.63 -37.72
N ALA A 472 3.79 -54.82 -37.50
CA ALA A 472 3.01 -56.01 -37.22
C ALA A 472 3.77 -56.96 -36.32
N GLY A 473 3.38 -58.23 -36.29
CA GLY A 473 3.98 -59.19 -35.39
C GLY A 473 5.29 -59.75 -35.89
N ASN A 474 5.45 -61.07 -35.85
CA ASN A 474 6.72 -61.70 -36.19
C ASN A 474 6.97 -61.68 -37.69
N LYS A 475 7.14 -60.48 -38.26
CA LYS A 475 7.43 -60.32 -39.67
C LYS A 475 7.87 -58.88 -39.95
N PRO A 476 8.97 -58.67 -40.69
CA PRO A 476 9.41 -57.31 -40.99
C PRO A 476 8.80 -56.76 -42.27
N CYS A 477 7.54 -56.31 -42.21
CA CYS A 477 6.88 -55.74 -43.37
C CYS A 477 7.49 -54.40 -43.75
N ASN A 478 8.08 -54.31 -44.95
CA ASN A 478 8.61 -53.04 -45.42
C ASN A 478 7.49 -52.07 -45.78
N GLY A 479 6.41 -52.58 -46.35
CA GLY A 479 5.23 -51.75 -46.60
C GLY A 479 4.87 -51.57 -48.05
N VAL A 480 5.11 -52.58 -48.88
CA VAL A 480 4.79 -52.48 -50.31
C VAL A 480 3.31 -52.77 -50.54
N ALA A 481 2.89 -54.01 -50.30
CA ALA A 481 1.51 -54.41 -50.54
C ALA A 481 0.98 -55.31 -49.43
N GLY A 482 1.73 -55.43 -48.34
CA GLY A 482 1.39 -56.30 -47.25
C GLY A 482 0.00 -56.08 -46.67
N PHE A 483 -0.73 -57.17 -46.45
CA PHE A 483 -2.06 -57.11 -45.87
C PHE A 483 -2.00 -56.90 -44.36
N ASN A 484 -1.06 -57.59 -43.71
CA ASN A 484 -0.86 -57.50 -42.26
C ASN A 484 -0.55 -56.06 -41.86
N CYS A 485 0.18 -55.34 -42.70
CA CYS A 485 0.51 -53.94 -42.48
C CYS A 485 -0.46 -53.07 -43.28
N TYR A 486 -0.45 -51.77 -42.99
CA TYR A 486 -1.36 -50.85 -43.65
C TYR A 486 -0.76 -49.45 -43.65
N PHE A 487 -1.24 -48.62 -44.57
CA PHE A 487 -0.78 -47.25 -44.69
C PHE A 487 -1.31 -46.42 -43.52
N PRO A 488 -0.49 -45.56 -42.91
CA PRO A 488 -0.97 -44.79 -41.75
C PRO A 488 -2.05 -43.78 -42.11
N LEU A 489 -1.90 -43.13 -43.27
CA LEU A 489 -2.84 -42.11 -43.69
C LEU A 489 -3.99 -42.74 -44.49
N ARG A 490 -5.15 -42.10 -44.42
CA ARG A 490 -6.33 -42.51 -45.16
C ARG A 490 -6.74 -41.37 -46.09
N SER A 491 -7.90 -41.53 -46.74
CA SER A 491 -8.38 -40.55 -47.71
C SER A 491 -9.84 -40.22 -47.41
N TYR A 492 -10.11 -38.97 -47.09
CA TYR A 492 -11.48 -38.53 -46.86
C TYR A 492 -12.24 -38.46 -48.18
N SER A 493 -13.53 -38.81 -48.12
CA SER A 493 -14.42 -38.75 -49.28
C SER A 493 -15.45 -37.67 -49.02
N PHE A 494 -15.11 -36.44 -49.39
CA PHE A 494 -15.98 -35.29 -49.17
C PHE A 494 -16.86 -35.11 -50.41
N ARG A 495 -18.03 -35.74 -50.39
CA ARG A 495 -18.99 -35.61 -51.47
C ARG A 495 -20.20 -34.81 -51.02
N PRO A 496 -20.78 -34.00 -51.92
CA PRO A 496 -22.01 -33.27 -51.58
C PRO A 496 -23.23 -34.15 -51.37
N THR A 497 -23.09 -35.47 -51.49
CA THR A 497 -24.19 -36.40 -51.30
C THR A 497 -24.38 -36.78 -49.83
N TYR A 498 -23.64 -36.13 -48.93
CA TYR A 498 -23.69 -36.44 -47.51
C TYR A 498 -24.35 -35.28 -46.75
N GLY A 499 -25.14 -35.63 -45.75
CA GLY A 499 -25.79 -34.63 -44.92
C GLY A 499 -24.84 -34.05 -43.88
N VAL A 500 -25.45 -33.38 -42.89
CA VAL A 500 -24.70 -32.76 -41.81
C VAL A 500 -24.02 -33.84 -40.98
N GLY A 501 -22.68 -33.85 -40.98
CA GLY A 501 -21.93 -34.82 -40.23
C GLY A 501 -20.76 -35.40 -41.00
N HIS A 502 -20.92 -35.54 -42.31
CA HIS A 502 -19.87 -36.05 -43.18
C HIS A 502 -19.33 -35.00 -44.12
N GLN A 503 -19.76 -33.74 -43.97
CA GLN A 503 -19.30 -32.62 -44.78
C GLN A 503 -18.02 -32.01 -44.20
N PRO A 504 -17.19 -31.39 -45.03
CA PRO A 504 -15.96 -30.80 -44.51
C PRO A 504 -16.24 -29.56 -43.67
N TYR A 505 -15.46 -29.41 -42.59
CA TYR A 505 -15.57 -28.27 -41.70
C TYR A 505 -14.17 -27.75 -41.40
N ARG A 506 -13.86 -26.55 -41.92
CA ARG A 506 -12.56 -25.94 -41.68
C ARG A 506 -12.50 -25.44 -40.24
N VAL A 507 -11.68 -26.09 -39.42
CA VAL A 507 -11.55 -25.74 -38.01
C VAL A 507 -10.26 -24.95 -37.82
N VAL A 508 -10.35 -23.84 -37.08
CA VAL A 508 -9.21 -22.98 -36.80
C VAL A 508 -9.26 -22.62 -35.32
N VAL A 509 -8.18 -22.91 -34.60
CA VAL A 509 -8.09 -22.63 -33.18
C VAL A 509 -7.01 -21.57 -32.95
N LEU A 510 -7.07 -20.92 -31.79
CA LEU A 510 -6.12 -19.89 -31.41
C LEU A 510 -5.56 -20.25 -30.05
N SER A 511 -4.27 -20.58 -29.99
CA SER A 511 -3.61 -21.01 -28.76
C SER A 511 -3.15 -19.78 -28.01
N PHE A 512 -3.95 -19.33 -27.05
CA PHE A 512 -3.61 -18.19 -26.21
C PHE A 512 -2.77 -18.68 -25.04
N GLU A 513 -1.49 -18.31 -25.02
CA GLU A 513 -0.60 -18.75 -23.95
C GLU A 513 -0.94 -18.03 -22.64
N LEU A 514 -1.09 -16.70 -22.69
CA LEU A 514 -1.43 -15.89 -21.52
C LEU A 514 -0.41 -16.04 -20.40
N LEU A 515 0.85 -16.28 -20.76
CA LEU A 515 1.91 -16.39 -19.76
C LEU A 515 2.34 -15.01 -19.29
N HIS A 516 2.88 -14.94 -18.08
CA HIS A 516 3.30 -13.68 -17.49
C HIS A 516 4.56 -13.20 -18.21
N ALA A 517 4.39 -12.24 -19.11
CA ALA A 517 5.48 -11.70 -19.93
C ALA A 517 5.00 -10.43 -20.63
N PRO A 518 5.91 -9.58 -21.12
CA PRO A 518 5.48 -8.41 -21.89
C PRO A 518 4.63 -8.78 -23.09
N ALA A 519 3.37 -8.35 -23.08
CA ALA A 519 2.44 -8.72 -24.14
C ALA A 519 2.76 -7.97 -25.43
N THR A 520 2.41 -8.59 -26.55
CA THR A 520 2.62 -8.01 -27.87
C THR A 520 1.34 -7.83 -28.67
N VAL A 521 0.34 -8.68 -28.47
CA VAL A 521 -0.93 -8.61 -29.19
C VAL A 521 -1.97 -8.04 -28.23
N CYS A 522 -2.30 -6.76 -28.40
CA CYS A 522 -3.31 -6.10 -27.61
C CYS A 522 -4.54 -5.84 -28.46
N GLY A 523 -5.72 -6.06 -27.88
CA GLY A 523 -6.96 -5.81 -28.57
C GLY A 523 -7.21 -4.33 -28.76
N PRO A 524 -7.99 -3.98 -29.78
CA PRO A 524 -8.27 -2.56 -30.05
C PRO A 524 -9.27 -2.00 -29.06
N LYS A 525 -9.23 -0.67 -28.92
CA LYS A 525 -10.16 0.07 -28.07
C LYS A 525 -10.78 1.18 -28.90
N LYS A 526 -12.02 1.54 -28.56
CA LYS A 526 -12.71 2.60 -29.28
C LYS A 526 -12.02 3.94 -29.05
N SER A 527 -12.31 4.90 -29.93
CA SER A 527 -11.73 6.24 -29.86
C SER A 527 -12.87 7.24 -30.03
N THR A 528 -13.44 7.68 -28.91
CA THR A 528 -14.54 8.64 -28.96
C THR A 528 -14.03 10.00 -29.42
N ASN A 529 -14.96 10.84 -29.87
CA ASN A 529 -14.60 12.17 -30.34
C ASN A 529 -14.07 13.02 -29.19
N LEU A 530 -13.10 13.88 -29.51
CA LEU A 530 -12.51 14.74 -28.49
C LEU A 530 -13.47 15.86 -28.11
N VAL A 531 -13.58 16.11 -26.81
CA VAL A 531 -14.42 17.17 -26.28
C VAL A 531 -13.49 18.24 -25.71
N LYS A 532 -13.23 19.27 -26.49
CA LYS A 532 -12.31 20.32 -26.10
C LYS A 532 -13.03 21.40 -25.29
N ASN A 533 -12.29 22.00 -24.36
CA ASN A 533 -12.79 23.09 -23.51
C ASN A 533 -14.01 22.64 -22.71
N LYS A 534 -13.91 21.45 -22.10
CA LYS A 534 -14.98 20.94 -21.24
C LYS A 534 -14.37 19.87 -20.35
N CYS A 535 -14.41 20.11 -19.04
CA CYS A 535 -13.81 19.21 -18.06
C CYS A 535 -14.44 17.82 -18.11
N VAL A 536 -13.64 16.83 -18.52
CA VAL A 536 -14.08 15.44 -18.64
C VAL A 536 -12.93 14.54 -18.23
N ASN A 537 -13.19 13.23 -18.28
CA ASN A 537 -12.19 12.21 -18.01
C ASN A 537 -11.49 11.81 -19.30
N PHE A 538 -10.20 11.53 -19.21
CA PHE A 538 -9.39 11.13 -20.35
C PHE A 538 -8.58 9.89 -20.00
N ASN A 539 -8.36 9.04 -21.00
CA ASN A 539 -7.58 7.82 -20.83
C ASN A 539 -6.63 7.64 -22.00
N PHE A 540 -5.87 8.69 -22.33
CA PHE A 540 -4.97 8.67 -23.48
C PHE A 540 -3.79 7.76 -23.19
N ASN A 541 -3.80 6.56 -23.78
CA ASN A 541 -2.73 5.58 -23.64
C ASN A 541 -2.45 5.26 -22.17
N GLY A 542 -3.49 4.83 -21.48
CA GLY A 542 -3.37 4.43 -20.09
C GLY A 542 -3.38 5.54 -19.07
N LEU A 543 -2.86 6.71 -19.45
CA LEU A 543 -2.82 7.86 -18.55
C LEU A 543 -4.24 8.33 -18.24
N LYS A 544 -4.66 8.15 -16.99
CA LYS A 544 -6.00 8.52 -16.56
C LYS A 544 -5.98 9.85 -15.82
N GLY A 545 -7.17 10.39 -15.59
CA GLY A 545 -7.30 11.65 -14.89
C GLY A 545 -8.46 12.44 -15.45
N THR A 546 -8.68 13.61 -14.85
CA THR A 546 -9.75 14.51 -15.27
C THR A 546 -9.18 15.91 -15.44
N GLY A 547 -9.84 16.70 -16.28
CA GLY A 547 -9.41 18.06 -16.53
C GLY A 547 -10.05 18.59 -17.78
N VAL A 548 -9.66 19.83 -18.12
CA VAL A 548 -10.18 20.55 -19.27
C VAL A 548 -9.16 20.39 -20.39
N LEU A 549 -9.47 19.56 -21.38
CA LEU A 549 -8.58 19.37 -22.51
C LEU A 549 -8.70 20.55 -23.47
N THR A 550 -7.56 21.20 -23.74
CA THR A 550 -7.55 22.35 -24.64
C THR A 550 -6.45 22.20 -25.68
N GLU A 551 -6.21 23.25 -26.46
CA GLU A 551 -5.18 23.27 -27.50
C GLU A 551 -3.96 24.01 -26.96
N SER A 552 -2.81 23.35 -26.97
CA SER A 552 -1.57 23.92 -26.48
C SER A 552 -0.76 24.53 -27.62
N ASN A 553 0.31 25.22 -27.25
CA ASN A 553 1.19 25.87 -28.22
C ASN A 553 2.62 25.39 -28.14
N LYS A 554 2.94 24.47 -27.23
CA LYS A 554 4.29 23.95 -27.12
C LYS A 554 4.57 22.90 -28.18
N LYS A 555 5.85 22.69 -28.47
CA LYS A 555 6.29 21.79 -29.53
C LYS A 555 6.97 20.58 -28.88
N PHE A 556 6.34 19.42 -29.01
CA PHE A 556 6.94 18.19 -28.50
C PHE A 556 7.94 17.62 -29.50
N LEU A 557 8.75 16.69 -29.01
CA LEU A 557 9.64 15.95 -29.88
C LEU A 557 8.90 14.77 -30.52
N PRO A 558 9.36 14.31 -31.70
CA PRO A 558 8.63 13.25 -32.41
C PRO A 558 8.42 11.99 -31.60
N PHE A 559 9.30 11.72 -30.63
CA PHE A 559 9.17 10.52 -29.81
C PHE A 559 8.50 10.79 -28.47
N GLN A 560 8.50 12.04 -28.00
CA GLN A 560 7.89 12.36 -26.72
C GLN A 560 6.37 12.31 -26.83
N GLN A 561 5.75 11.43 -26.05
CA GLN A 561 4.30 11.25 -26.08
C GLN A 561 3.60 12.08 -25.01
N PHE A 562 3.96 11.86 -23.74
CA PHE A 562 3.29 12.52 -22.62
C PHE A 562 4.00 13.82 -22.30
N GLY A 563 3.63 14.45 -21.19
CA GLY A 563 4.26 15.67 -20.74
C GLY A 563 4.07 15.85 -19.26
N ARG A 564 4.95 16.65 -18.66
CA ARG A 564 4.94 16.86 -17.22
C ARG A 564 5.37 18.28 -16.92
N ASP A 565 5.29 18.66 -15.65
CA ASP A 565 5.64 20.00 -15.21
C ASP A 565 6.67 19.97 -14.10
N ILE A 566 6.90 21.12 -13.46
CA ILE A 566 7.87 21.21 -12.38
C ILE A 566 7.37 20.59 -11.08
N ALA A 567 6.12 20.13 -11.04
CA ALA A 567 5.54 19.56 -9.82
C ALA A 567 5.07 18.13 -10.08
N ASP A 568 5.59 17.50 -11.12
CA ASP A 568 5.29 16.12 -11.47
C ASP A 568 3.79 15.91 -11.66
N THR A 569 3.26 16.61 -12.67
CA THR A 569 1.83 16.54 -12.99
C THR A 569 1.68 16.59 -14.51
N THR A 570 0.88 15.67 -15.04
CA THR A 570 0.62 15.63 -16.47
C THR A 570 -0.09 16.90 -16.92
N ASP A 571 0.61 17.71 -17.72
CA ASP A 571 0.08 18.98 -18.19
C ASP A 571 -0.25 19.00 -19.67
N ALA A 572 0.37 18.13 -20.47
CA ALA A 572 0.15 18.15 -21.91
C ALA A 572 0.45 16.77 -22.49
N VAL A 573 -0.47 16.28 -23.31
CA VAL A 573 -0.30 15.01 -24.01
C VAL A 573 -0.80 15.18 -25.44
N ARG A 574 -0.18 14.45 -26.37
CA ARG A 574 -0.60 14.52 -27.76
C ARG A 574 -1.71 13.53 -28.04
N ASP A 575 -2.63 13.90 -28.93
CA ASP A 575 -3.72 13.02 -29.29
C ASP A 575 -3.20 11.84 -30.09
N PRO A 576 -3.51 10.60 -29.69
CA PRO A 576 -2.96 9.45 -30.42
C PRO A 576 -3.45 9.35 -31.86
N GLN A 577 -4.69 9.77 -32.12
CA GLN A 577 -5.24 9.68 -33.47
C GLN A 577 -4.64 10.73 -34.38
N THR A 578 -4.82 12.00 -34.02
CA THR A 578 -4.24 13.10 -34.79
C THR A 578 -3.09 13.73 -34.04
N LEU A 579 -1.94 13.88 -34.70
CA LEU A 579 -0.76 14.41 -34.03
C LEU A 579 -0.92 15.91 -33.75
N GLU A 580 -1.38 16.23 -32.55
CA GLU A 580 -1.59 17.61 -32.13
C GLU A 580 -1.31 17.73 -30.64
N ILE A 581 -0.68 18.83 -30.25
CA ILE A 581 -0.31 19.02 -28.84
C ILE A 581 -1.49 19.62 -28.10
N LEU A 582 -1.97 18.91 -27.08
CA LEU A 582 -3.07 19.38 -26.24
C LEU A 582 -2.52 19.92 -24.93
N ASP A 583 -3.42 20.43 -24.10
CA ASP A 583 -3.05 20.97 -22.80
C ASP A 583 -4.05 20.47 -21.76
N ILE A 584 -3.55 19.95 -20.66
CA ILE A 584 -4.38 19.38 -19.60
C ILE A 584 -4.34 20.32 -18.41
N THR A 585 -5.46 21.00 -18.17
CA THR A 585 -5.66 21.79 -16.94
C THR A 585 -6.78 21.14 -16.15
N PRO A 586 -6.59 20.92 -14.84
CA PRO A 586 -7.60 20.18 -14.07
C PRO A 586 -8.94 20.91 -14.02
N CYS A 587 -9.97 20.18 -13.61
CA CYS A 587 -11.30 20.75 -13.47
C CYS A 587 -11.27 21.92 -12.48
N SER A 588 -12.21 22.85 -12.66
CA SER A 588 -12.23 24.06 -11.85
C SER A 588 -12.69 23.73 -10.43
N PHE A 589 -11.76 23.74 -9.48
CA PHE A 589 -12.07 23.54 -8.08
C PHE A 589 -11.74 24.82 -7.29
N GLY A 590 -11.87 24.74 -5.98
CA GLY A 590 -11.60 25.87 -5.11
C GLY A 590 -12.36 25.73 -3.80
N GLY A 591 -11.92 26.51 -2.80
CA GLY A 591 -12.53 26.48 -1.49
C GLY A 591 -13.68 27.46 -1.36
N VAL A 592 -14.61 27.14 -0.48
CA VAL A 592 -15.79 27.95 -0.22
C VAL A 592 -15.73 28.46 1.21
N SER A 593 -16.03 29.75 1.38
CA SER A 593 -16.03 30.39 2.69
C SER A 593 -17.32 31.19 2.83
N VAL A 594 -18.11 30.87 3.84
CA VAL A 594 -19.41 31.50 4.05
C VAL A 594 -19.23 32.70 4.98
N ILE A 595 -19.79 33.84 4.59
CA ILE A 595 -19.72 35.06 5.39
C ILE A 595 -21.05 35.20 6.13
N THR A 596 -21.01 35.01 7.45
CA THR A 596 -22.22 35.10 8.25
C THR A 596 -22.09 36.22 9.28
N PRO A 597 -23.04 37.15 9.31
CA PRO A 597 -23.00 38.23 10.30
C PRO A 597 -23.48 37.86 11.70
N GLY A 598 -23.69 36.58 11.97
CA GLY A 598 -24.13 36.14 13.28
C GLY A 598 -25.58 35.67 13.25
N THR A 599 -25.85 34.57 13.95
CA THR A 599 -27.20 34.04 14.00
C THR A 599 -28.12 34.92 14.84
N ASN A 600 -27.61 35.52 15.92
CA ASN A 600 -28.43 36.38 16.76
C ASN A 600 -28.85 37.66 16.05
N THR A 601 -28.20 38.01 14.94
CA THR A 601 -28.54 39.22 14.20
C THR A 601 -29.48 38.96 13.02
N SER A 602 -29.19 37.98 12.18
CA SER A 602 -30.01 37.67 11.01
C SER A 602 -29.63 36.28 10.52
N ASN A 603 -30.16 35.89 9.37
CA ASN A 603 -29.85 34.59 8.80
C ASN A 603 -29.32 34.64 7.38
N GLN A 604 -29.25 35.81 6.75
CA GLN A 604 -28.69 35.91 5.41
C GLN A 604 -27.18 35.75 5.45
N VAL A 605 -26.66 35.04 4.46
CA VAL A 605 -25.23 34.72 4.41
C VAL A 605 -24.70 35.02 3.02
N ALA A 606 -23.41 35.36 2.96
CA ALA A 606 -22.71 35.59 1.70
C ALA A 606 -21.75 34.43 1.44
N VAL A 607 -21.56 34.12 0.16
CA VAL A 607 -20.75 32.99 -0.26
C VAL A 607 -19.55 33.53 -1.04
N LEU A 608 -18.35 33.11 -0.65
CA LEU A 608 -17.12 33.49 -1.33
C LEU A 608 -16.48 32.23 -1.91
N TYR A 609 -16.37 32.18 -3.24
CA TYR A 609 -15.74 31.05 -3.94
C TYR A 609 -14.29 31.41 -4.22
N GLN A 610 -13.42 31.04 -3.28
CA GLN A 610 -12.00 31.34 -3.40
C GLN A 610 -11.38 30.57 -4.56
N GLY A 611 -10.78 31.31 -5.50
CA GLY A 611 -10.12 30.69 -6.63
C GLY A 611 -11.02 30.46 -7.82
N VAL A 612 -11.79 31.49 -8.21
CA VAL A 612 -12.67 31.42 -9.36
C VAL A 612 -12.86 32.82 -9.91
N ASN A 613 -13.26 32.90 -11.18
CA ASN A 613 -13.46 34.16 -11.88
C ASN A 613 -14.92 34.47 -12.14
N CYS A 614 -15.81 34.09 -11.21
CA CYS A 614 -17.25 34.32 -11.34
C CYS A 614 -17.82 33.70 -12.60
N THR A 615 -17.15 32.67 -13.13
CA THR A 615 -17.60 32.03 -14.36
C THR A 615 -17.77 30.53 -14.16
N GLU A 616 -16.89 29.91 -13.37
CA GLU A 616 -16.96 28.48 -13.08
C GLU A 616 -17.76 28.22 -11.81
N VAL A 617 -18.99 28.73 -11.76
CA VAL A 617 -19.85 28.55 -10.60
C VAL A 617 -21.08 27.73 -10.96
N ASN A 638 -26.29 39.44 -5.88
CA ASN A 638 -25.30 40.22 -6.62
C ASN A 638 -24.01 39.44 -6.79
N VAL A 639 -23.28 39.74 -7.85
CA VAL A 639 -22.01 39.08 -8.16
C VAL A 639 -20.92 40.13 -8.26
N PHE A 640 -19.82 39.90 -7.55
CA PHE A 640 -18.70 40.84 -7.55
C PHE A 640 -17.40 40.03 -7.51
N GLN A 641 -16.53 40.28 -8.46
CA GLN A 641 -15.26 39.56 -8.58
C GLN A 641 -14.19 40.30 -7.79
N THR A 642 -13.56 39.62 -6.84
CA THR A 642 -12.45 40.16 -6.06
C THR A 642 -11.16 39.45 -6.45
N ARG A 643 -10.07 39.89 -5.81
CA ARG A 643 -8.78 39.23 -6.04
C ARG A 643 -8.70 37.88 -5.35
N ALA A 644 -9.55 37.64 -4.35
CA ALA A 644 -9.56 36.34 -3.68
C ALA A 644 -10.49 35.37 -4.38
N GLY A 645 -11.70 35.81 -4.73
CA GLY A 645 -12.64 34.95 -5.41
C GLY A 645 -13.90 35.70 -5.77
N CYS A 646 -14.97 34.95 -6.00
CA CYS A 646 -16.27 35.52 -6.36
C CYS A 646 -17.14 35.60 -5.12
N LEU A 647 -17.57 36.82 -4.79
CA LEU A 647 -18.41 37.04 -3.60
C LEU A 647 -19.86 37.11 -4.03
N ILE A 648 -20.48 35.93 -4.08
CA ILE A 648 -21.89 35.80 -4.50
C ILE A 648 -22.73 35.89 -3.23
N GLY A 649 -23.44 37.00 -3.08
CA GLY A 649 -24.30 37.20 -1.93
C GLY A 649 -24.17 38.56 -1.30
N ALA A 650 -23.35 39.42 -1.90
CA ALA A 650 -23.13 40.77 -1.37
C ALA A 650 -22.98 41.74 -2.53
N GLU A 651 -23.33 43.00 -2.26
CA GLU A 651 -23.21 44.08 -3.24
C GLU A 651 -22.09 45.03 -2.82
N TYR A 652 -21.29 45.44 -3.80
CA TYR A 652 -20.13 46.30 -3.55
C TYR A 652 -20.58 47.75 -3.52
N VAL A 653 -20.61 48.33 -2.32
CA VAL A 653 -20.91 49.74 -2.17
C VAL A 653 -19.63 50.56 -2.37
N ASN A 654 -19.79 51.75 -2.93
CA ASN A 654 -18.64 52.63 -3.24
C ASN A 654 -18.24 53.50 -2.05
N ASN A 655 -18.62 53.12 -0.84
CA ASN A 655 -18.26 53.85 0.36
C ASN A 655 -17.00 53.23 0.96
N SER A 656 -16.63 53.70 2.16
CA SER A 656 -15.42 53.21 2.84
C SER A 656 -15.68 53.25 4.34
N TYR A 657 -15.92 52.08 4.93
CA TYR A 657 -16.12 51.93 6.36
C TYR A 657 -14.99 51.11 6.95
N GLU A 658 -15.03 50.96 8.27
CA GLU A 658 -14.06 50.11 8.95
C GLU A 658 -14.36 48.63 8.65
N CYS A 659 -13.31 47.82 8.71
CA CYS A 659 -13.43 46.41 8.37
C CYS A 659 -14.06 45.64 9.53
N ASP A 660 -15.08 44.85 9.21
CA ASP A 660 -15.74 44.00 10.19
C ASP A 660 -15.45 42.53 9.95
N ILE A 661 -15.68 42.03 8.74
CA ILE A 661 -15.39 40.65 8.37
C ILE A 661 -14.33 40.69 7.27
N PRO A 662 -13.09 40.27 7.55
CA PRO A 662 -12.05 40.31 6.51
C PRO A 662 -12.31 39.30 5.39
N ILE A 663 -12.58 39.81 4.19
CA ILE A 663 -12.86 38.96 3.05
C ILE A 663 -11.56 38.61 2.34
N GLY A 664 -10.84 39.63 1.88
CA GLY A 664 -9.57 39.42 1.21
C GLY A 664 -9.21 40.54 0.25
N ALA A 665 -7.93 40.89 0.22
CA ALA A 665 -7.40 41.91 -0.68
C ALA A 665 -8.10 43.26 -0.48
N GLY A 666 -8.27 43.64 0.77
CA GLY A 666 -8.87 44.93 1.10
C GLY A 666 -10.38 44.90 1.19
N ILE A 667 -11.00 43.91 0.55
CA ILE A 667 -12.46 43.80 0.56
C ILE A 667 -12.91 43.40 1.96
N CYS A 668 -13.90 44.11 2.49
CA CYS A 668 -14.47 43.83 3.79
C CYS A 668 -16.00 43.85 3.69
N ALA A 669 -16.65 43.10 4.57
CA ALA A 669 -18.10 42.97 4.57
C ALA A 669 -18.65 43.31 5.94
N SER A 670 -19.90 43.76 5.95
CA SER A 670 -20.60 44.11 7.18
C SER A 670 -22.09 43.93 6.95
N TYR A 671 -22.87 44.24 7.98
CA TYR A 671 -24.33 44.11 7.93
C TYR A 671 -24.93 45.47 8.26
N GLN A 672 -25.31 46.22 7.22
CA GLN A 672 -25.85 47.56 7.36
C GLN A 672 -27.34 47.52 7.02
N THR A 673 -28.09 48.44 7.62
CA THR A 673 -29.53 48.53 7.38
C THR A 673 -29.82 49.15 6.02
N SER A 686 -33.79 47.87 5.35
CA SER A 686 -33.29 46.99 4.30
C SER A 686 -31.94 46.38 4.69
N GLN A 687 -31.97 45.44 5.63
CA GLN A 687 -30.74 44.79 6.08
C GLN A 687 -30.22 43.83 5.01
N SER A 688 -28.95 43.97 4.66
CA SER A 688 -28.33 43.14 3.64
C SER A 688 -26.82 43.20 3.77
N ILE A 689 -26.16 42.10 3.44
CA ILE A 689 -24.70 42.06 3.46
C ILE A 689 -24.14 42.90 2.32
N ILE A 690 -23.26 43.84 2.64
CA ILE A 690 -22.66 44.73 1.67
C ILE A 690 -21.14 44.59 1.75
N ALA A 691 -20.49 44.67 0.59
CA ALA A 691 -19.03 44.63 0.50
C ALA A 691 -18.49 46.02 0.24
N TYR A 692 -17.28 46.27 0.75
CA TYR A 692 -16.67 47.58 0.64
C TYR A 692 -15.17 47.45 0.83
N THR A 693 -14.46 48.52 0.51
CA THR A 693 -13.01 48.59 0.70
C THR A 693 -12.69 48.98 2.13
N MET A 694 -11.62 48.39 2.66
CA MET A 694 -11.23 48.62 4.05
C MET A 694 -10.66 50.02 4.20
N SER A 695 -11.32 50.84 5.02
CA SER A 695 -10.82 52.18 5.29
C SER A 695 -9.58 52.11 6.17
N LEU A 696 -8.50 52.75 5.73
CA LEU A 696 -7.25 52.78 6.48
C LEU A 696 -7.22 53.88 7.52
N GLY A 697 -8.34 54.57 7.75
CA GLY A 697 -8.44 55.64 8.70
C GLY A 697 -8.95 56.90 8.03
N ALA A 698 -8.80 58.03 8.74
CA ALA A 698 -9.23 59.32 8.21
C ALA A 698 -8.21 59.85 7.21
N GLU A 699 -8.40 61.08 6.75
CA GLU A 699 -7.49 61.69 5.77
C GLU A 699 -7.10 63.06 6.31
N ASN A 700 -6.03 63.10 7.10
CA ASN A 700 -5.51 64.32 7.68
C ASN A 700 -4.27 64.78 6.91
N SER A 701 -4.07 66.10 6.89
CA SER A 701 -2.93 66.69 6.18
C SER A 701 -2.35 67.80 7.07
N VAL A 702 -1.26 67.47 7.77
CA VAL A 702 -0.60 68.45 8.62
C VAL A 702 0.05 69.52 7.75
N ALA A 703 -0.30 70.78 8.01
CA ALA A 703 0.22 71.90 7.23
C ALA A 703 1.65 72.17 7.65
N TYR A 704 2.60 71.54 6.95
CA TYR A 704 4.01 71.75 7.25
C TYR A 704 4.45 73.13 6.76
N SER A 705 5.17 73.85 7.61
CA SER A 705 5.70 75.16 7.28
C SER A 705 7.01 75.38 8.03
N ASN A 706 7.77 76.36 7.55
CA ASN A 706 9.06 76.69 8.15
C ASN A 706 8.92 77.48 9.45
N ASN A 707 7.74 78.04 9.73
CA ASN A 707 7.52 78.84 10.92
C ASN A 707 6.18 78.47 11.55
N SER A 708 5.91 77.17 11.65
CA SER A 708 4.67 76.68 12.22
C SER A 708 4.98 75.66 13.30
N ILE A 709 4.37 75.82 14.46
CA ILE A 709 4.55 74.92 15.60
C ILE A 709 3.20 74.71 16.27
N ALA A 710 2.95 73.48 16.72
CA ALA A 710 1.73 73.13 17.42
C ALA A 710 2.08 72.68 18.84
N ILE A 711 1.77 73.52 19.82
CA ILE A 711 2.07 73.24 21.22
C ILE A 711 0.76 72.95 21.93
N PRO A 712 0.66 71.83 22.66
CA PRO A 712 -0.59 71.51 23.36
C PRO A 712 -0.88 72.49 24.48
N THR A 713 -2.17 72.65 24.77
CA THR A 713 -2.63 73.53 25.84
C THR A 713 -3.38 72.81 26.95
N ASN A 714 -3.88 71.59 26.70
CA ASN A 714 -4.61 70.85 27.70
C ASN A 714 -4.26 69.37 27.58
N PHE A 715 -4.36 68.66 28.70
CA PHE A 715 -4.02 67.26 28.79
C PHE A 715 -5.29 66.41 28.95
N THR A 716 -5.16 65.12 28.59
CA THR A 716 -6.26 64.16 28.71
C THR A 716 -5.66 62.86 29.23
N ILE A 717 -5.72 62.69 30.55
CA ILE A 717 -5.22 61.47 31.18
C ILE A 717 -6.16 60.32 30.82
N SER A 718 -5.62 59.30 30.16
CA SER A 718 -6.40 58.15 29.72
C SER A 718 -5.79 56.88 30.28
N VAL A 719 -6.65 55.93 30.64
CA VAL A 719 -6.24 54.64 31.18
C VAL A 719 -6.62 53.57 30.18
N THR A 720 -5.62 53.00 29.51
CA THR A 720 -5.83 51.92 28.55
C THR A 720 -5.49 50.59 29.21
N THR A 721 -6.09 49.52 28.68
CA THR A 721 -5.95 48.19 29.23
C THR A 721 -5.37 47.25 28.18
N GLU A 722 -4.61 46.26 28.64
CA GLU A 722 -4.04 45.24 27.79
C GLU A 722 -4.09 43.91 28.52
N ILE A 723 -4.43 42.84 27.80
CA ILE A 723 -4.56 41.52 28.39
C ILE A 723 -3.52 40.58 27.81
N LEU A 724 -2.51 40.24 28.61
CA LEU A 724 -1.45 39.35 28.16
C LEU A 724 -1.51 38.03 28.91
N PRO A 725 -1.60 36.91 28.21
CA PRO A 725 -1.59 35.61 28.91
C PRO A 725 -0.26 35.36 29.60
N VAL A 726 -0.33 34.77 30.78
CA VAL A 726 0.85 34.51 31.59
C VAL A 726 1.01 33.00 31.79
N SER A 727 -0.07 32.34 32.17
CA SER A 727 -0.01 30.91 32.47
C SER A 727 -0.89 30.12 31.50
N MET A 728 -0.99 28.81 31.74
CA MET A 728 -1.78 27.93 30.89
C MET A 728 -2.23 26.74 31.72
N THR A 729 -3.28 26.07 31.24
CA THR A 729 -3.82 24.91 31.95
C THR A 729 -2.77 23.80 32.01
N LYS A 730 -2.37 23.44 33.23
CA LYS A 730 -1.35 22.41 33.45
C LYS A 730 -1.96 21.06 33.13
N THR A 731 -1.72 20.57 31.92
CA THR A 731 -2.25 19.28 31.49
C THR A 731 -1.32 18.15 31.90
N SER A 732 -1.89 16.95 32.00
CA SER A 732 -1.14 15.76 32.35
C SER A 732 -1.94 14.54 31.92
N VAL A 733 -1.33 13.67 31.12
CA VAL A 733 -1.99 12.51 30.54
C VAL A 733 -1.32 11.25 31.08
N ASP A 734 -2.08 10.15 31.08
CA ASP A 734 -1.57 8.84 31.46
C ASP A 734 -1.45 8.01 30.19
N CYS A 735 -0.35 7.26 30.07
CA CYS A 735 -0.11 6.47 28.87
C CYS A 735 -1.15 5.37 28.72
N THR A 736 -1.26 4.50 29.72
CA THR A 736 -2.20 3.38 29.65
C THR A 736 -3.60 3.75 30.11
N MET A 737 -4.13 4.88 29.63
CA MET A 737 -5.55 5.20 29.77
C MET A 737 -6.08 5.73 28.45
N TYR A 738 -5.17 6.26 27.63
CA TYR A 738 -5.53 6.74 26.30
C TYR A 738 -5.19 5.72 25.24
N ILE A 739 -3.97 5.18 25.30
CA ILE A 739 -3.58 4.14 24.35
C ILE A 739 -4.30 2.83 24.68
N CYS A 740 -4.33 2.47 25.95
CA CYS A 740 -5.00 1.25 26.41
C CYS A 740 -6.08 1.64 27.41
N GLY A 741 -7.34 1.50 27.01
CA GLY A 741 -8.44 1.83 27.89
C GLY A 741 -9.04 0.63 28.59
N ASP A 742 -8.66 0.43 29.86
CA ASP A 742 -9.19 -0.65 30.69
C ASP A 742 -9.01 -2.01 30.01
N SER A 743 -7.81 -2.25 29.48
CA SER A 743 -7.49 -3.50 28.79
C SER A 743 -6.10 -3.94 29.23
N THR A 744 -6.02 -5.04 29.99
CA THR A 744 -4.74 -5.51 30.49
C THR A 744 -3.88 -6.09 29.37
N GLU A 745 -4.51 -6.70 28.36
CA GLU A 745 -3.74 -7.28 27.26
C GLU A 745 -3.04 -6.20 26.45
N CYS A 746 -3.66 -5.03 26.32
CA CYS A 746 -3.05 -3.94 25.58
C CYS A 746 -1.81 -3.41 26.28
N SER A 747 -1.79 -3.46 27.62
CA SER A 747 -0.64 -2.95 28.37
C SER A 747 0.61 -3.77 28.08
N ASN A 748 0.43 -5.06 27.78
CA ASN A 748 1.58 -5.92 27.48
C ASN A 748 2.19 -5.56 26.14
N LEU A 749 1.34 -5.28 25.13
CA LEU A 749 1.85 -4.93 23.82
C LEU A 749 2.49 -3.55 23.81
N LEU A 750 2.03 -2.66 24.69
CA LEU A 750 2.59 -1.31 24.75
C LEU A 750 4.01 -1.31 25.31
N LEU A 751 4.37 -2.30 26.12
CA LEU A 751 5.72 -2.36 26.66
C LEU A 751 6.75 -2.67 25.59
N GLN A 752 6.33 -3.32 24.50
CA GLN A 752 7.26 -3.62 23.41
C GLN A 752 7.72 -2.35 22.70
N TYR A 753 6.91 -1.29 22.76
CA TYR A 753 7.30 -0.02 22.14
C TYR A 753 8.41 0.64 22.94
N GLY A 754 8.91 1.76 22.42
CA GLY A 754 10.02 2.46 23.02
C GLY A 754 9.64 3.29 24.23
N SER A 755 10.29 4.44 24.38
CA SER A 755 10.06 5.35 25.51
C SER A 755 8.95 6.34 25.24
N PHE A 756 8.00 6.01 24.37
CA PHE A 756 6.94 6.94 24.02
C PHE A 756 6.09 7.32 25.22
N CYS A 757 5.93 6.38 26.16
CA CYS A 757 5.15 6.67 27.37
C CYS A 757 5.83 7.67 28.28
N THR A 758 7.17 7.65 28.37
CA THR A 758 7.88 8.55 29.27
C THR A 758 8.47 9.77 28.59
N GLN A 759 8.61 9.76 27.27
CA GLN A 759 9.09 10.95 26.58
C GLN A 759 8.00 12.00 26.42
N LEU A 760 6.74 11.57 26.40
CA LEU A 760 5.64 12.52 26.36
C LEU A 760 5.24 12.95 27.77
N LYS A 761 5.44 12.07 28.76
CA LYS A 761 5.11 12.42 30.13
C LYS A 761 6.08 13.45 30.69
N ARG A 762 7.38 13.27 30.41
CA ARG A 762 8.37 14.26 30.84
C ARG A 762 8.23 15.56 30.05
N ALA A 763 7.71 15.46 28.82
CA ALA A 763 7.49 16.67 28.03
C ALA A 763 6.37 17.52 28.61
N LEU A 764 5.24 16.89 28.95
CA LEU A 764 4.15 17.64 29.57
C LEU A 764 4.50 18.06 30.99
N THR A 765 5.35 17.31 31.67
CA THR A 765 5.81 17.71 33.00
C THR A 765 6.66 18.97 32.93
N GLY A 766 7.51 19.08 31.91
CA GLY A 766 8.28 20.31 31.74
C GLY A 766 7.39 21.51 31.45
N ILE A 767 6.27 21.29 30.77
CA ILE A 767 5.31 22.35 30.53
C ILE A 767 4.65 22.76 31.84
N ALA A 768 4.32 21.78 32.68
CA ALA A 768 3.67 22.07 33.96
C ALA A 768 4.58 22.91 34.84
N VAL A 769 5.87 22.58 34.88
CA VAL A 769 6.82 23.38 35.66
C VAL A 769 7.00 24.75 35.01
N GLU A 770 6.90 24.81 33.68
CA GLU A 770 7.02 26.09 32.99
C GLU A 770 5.90 27.04 33.36
N GLN A 771 4.66 26.54 33.38
CA GLN A 771 3.51 27.37 33.71
C GLN A 771 3.51 27.84 35.15
N ASP A 772 4.19 27.13 36.06
CA ASP A 772 4.36 27.59 37.42
C ASP A 772 5.50 28.58 37.57
N LYS A 773 6.48 28.56 36.66
CA LYS A 773 7.57 29.53 36.68
C LYS A 773 7.18 30.85 36.03
N ASN A 774 6.25 30.82 35.06
CA ASN A 774 5.79 32.05 34.44
C ASN A 774 5.06 32.94 35.44
N THR A 775 4.35 32.33 36.38
CA THR A 775 3.68 33.11 37.42
C THR A 775 4.64 33.63 38.47
N GLN A 776 5.82 33.03 38.60
CA GLN A 776 6.83 33.49 39.54
C GLN A 776 7.69 34.62 39.00
N GLU A 777 7.78 34.76 37.67
CA GLU A 777 8.57 35.82 37.06
C GLU A 777 7.75 37.06 36.74
N VAL A 778 6.42 36.98 36.79
CA VAL A 778 5.56 38.11 36.48
C VAL A 778 5.01 38.70 37.77
N PHE A 779 4.29 37.89 38.54
CA PHE A 779 3.66 38.38 39.76
C PHE A 779 4.62 38.38 40.94
N ALA A 780 5.48 37.38 41.05
CA ALA A 780 6.39 37.25 42.20
C ALA A 780 7.73 37.91 41.88
N GLN A 781 7.67 39.23 41.69
CA GLN A 781 8.86 40.03 41.46
C GLN A 781 9.34 40.77 42.70
N VAL A 782 8.47 40.98 43.68
CA VAL A 782 8.84 41.64 44.94
C VAL A 782 8.83 40.59 46.04
N LYS A 783 9.80 40.67 46.94
CA LYS A 783 9.90 39.70 48.02
C LYS A 783 8.92 40.04 49.13
N GLN A 784 9.06 41.23 49.73
CA GLN A 784 8.20 41.63 50.84
C GLN A 784 6.81 41.97 50.33
N ILE A 785 5.79 41.39 50.96
CA ILE A 785 4.40 41.66 50.61
C ILE A 785 3.96 42.91 51.37
N TYR A 786 3.69 43.99 50.64
CA TYR A 786 3.31 45.25 51.24
C TYR A 786 1.80 45.31 51.45
N LYS A 787 1.39 46.18 52.37
CA LYS A 787 -0.02 46.37 52.70
C LYS A 787 -0.39 47.83 52.54
N THR A 788 -1.59 48.08 52.07
CA THR A 788 -2.08 49.44 51.89
C THR A 788 -2.48 50.03 53.25
N PRO A 789 -2.26 51.32 53.48
CA PRO A 789 -2.66 51.93 54.76
C PRO A 789 -4.17 51.91 54.92
N PRO A 790 -4.67 51.97 56.16
CA PRO A 790 -6.13 51.96 56.36
C PRO A 790 -6.81 53.18 55.77
N ILE A 791 -6.30 54.38 56.08
CA ILE A 791 -6.86 55.61 55.51
C ILE A 791 -6.47 55.70 54.05
N LYS A 792 -7.41 55.45 53.16
CA LYS A 792 -7.16 55.43 51.72
C LYS A 792 -7.33 56.82 51.10
N TYR A 793 -6.66 57.81 51.67
CA TYR A 793 -6.68 59.18 51.15
C TYR A 793 -5.36 59.42 50.43
N PHE A 794 -5.30 59.06 49.16
CA PHE A 794 -4.09 59.19 48.36
C PHE A 794 -4.11 60.52 47.61
N GLY A 795 -4.33 61.59 48.38
CA GLY A 795 -4.35 62.93 47.85
C GLY A 795 -5.67 63.32 47.21
N GLY A 796 -5.92 62.83 46.00
CA GLY A 796 -7.19 63.09 45.34
C GLY A 796 -7.63 61.97 44.42
N PHE A 797 -6.89 60.86 44.41
CA PHE A 797 -7.14 59.75 43.51
C PHE A 797 -7.82 58.62 44.27
N ASN A 798 -8.93 58.12 43.72
CA ASN A 798 -9.67 57.03 44.36
C ASN A 798 -9.29 55.72 43.69
N PHE A 799 -8.58 54.87 44.44
CA PHE A 799 -8.15 53.57 43.95
C PHE A 799 -9.00 52.43 44.50
N SER A 800 -10.24 52.72 44.92
CA SER A 800 -11.08 51.69 45.53
C SER A 800 -11.43 50.60 44.51
N GLN A 801 -11.34 50.91 43.22
CA GLN A 801 -11.70 49.93 42.20
C GLN A 801 -10.57 48.94 41.94
N ILE A 802 -9.32 49.29 42.25
CA ILE A 802 -8.20 48.40 42.04
C ILE A 802 -7.64 47.83 43.35
N LEU A 803 -7.79 48.54 44.47
CA LEU A 803 -7.34 48.01 45.74
C LEU A 803 -8.24 46.86 46.20
N PRO A 804 -7.70 45.94 46.99
CA PRO A 804 -8.51 44.80 47.44
C PRO A 804 -9.67 45.24 48.30
N ASP A 805 -10.83 44.62 48.07
CA ASP A 805 -12.05 44.96 48.80
C ASP A 805 -12.16 44.06 50.02
N PRO A 806 -12.08 44.57 51.24
CA PRO A 806 -12.14 43.69 52.42
C PRO A 806 -13.54 43.19 52.73
N SER A 807 -14.56 43.68 52.03
CA SER A 807 -15.93 43.25 52.30
C SER A 807 -16.13 41.80 51.93
N LYS A 808 -15.91 41.47 50.65
CA LYS A 808 -16.08 40.11 50.19
C LYS A 808 -14.90 39.25 50.66
N PRO A 809 -15.13 37.96 50.87
CA PRO A 809 -14.04 37.05 51.29
C PRO A 809 -13.04 36.69 50.21
N SER A 810 -13.26 37.12 48.97
CA SER A 810 -12.33 36.82 47.89
C SER A 810 -11.10 37.71 47.91
N LYS A 811 -11.15 38.86 48.57
CA LYS A 811 -10.01 39.77 48.71
C LYS A 811 -9.51 40.25 47.34
N ARG A 812 -10.43 40.31 46.38
CA ARG A 812 -10.12 40.79 45.04
C ARG A 812 -10.56 42.25 44.94
N SER A 813 -10.55 42.89 43.76
CA SER A 813 -10.95 44.28 43.63
C SER A 813 -12.17 44.34 42.74
N PRO A 814 -12.97 45.42 42.81
CA PRO A 814 -14.15 45.50 41.92
C PRO A 814 -13.84 45.34 40.44
N ILE A 815 -12.70 45.84 39.98
CA ILE A 815 -12.31 45.65 38.60
C ILE A 815 -11.95 44.19 38.34
N GLU A 816 -11.25 43.56 39.29
CA GLU A 816 -10.91 42.16 39.14
C GLU A 816 -12.13 41.27 39.30
N ASP A 817 -13.20 41.77 39.93
CA ASP A 817 -14.41 40.97 40.06
C ASP A 817 -15.05 40.72 38.71
N LEU A 818 -15.04 41.71 37.82
CA LEU A 818 -15.60 41.51 36.49
C LEU A 818 -14.70 40.60 35.65
N LEU A 819 -13.41 40.54 35.98
CA LEU A 819 -12.50 39.68 35.23
C LEU A 819 -12.76 38.21 35.51
N PHE A 820 -13.04 37.85 36.76
CA PHE A 820 -13.31 36.47 37.13
C PHE A 820 -14.75 36.05 36.88
N ASN A 821 -15.59 36.95 36.37
CA ASN A 821 -16.98 36.65 36.07
C ASN A 821 -17.25 36.76 34.57
N LYS A 822 -16.18 36.79 33.78
CA LYS A 822 -16.30 36.86 32.33
C LYS A 822 -15.43 35.87 31.58
N VAL A 823 -14.46 35.21 32.23
CA VAL A 823 -13.60 34.23 31.59
C VAL A 823 -13.93 32.87 32.17
N THR A 824 -14.34 31.94 31.31
CA THR A 824 -14.69 30.59 31.74
C THR A 824 -13.44 29.78 32.10
N ARG A 844 -22.22 14.08 34.93
CA ARG A 844 -20.95 13.87 34.24
C ARG A 844 -20.77 14.89 33.13
N ASP A 845 -20.10 16.00 33.44
CA ASP A 845 -19.86 17.06 32.48
C ASP A 845 -18.67 16.71 31.59
N LEU A 846 -18.21 17.70 30.81
CA LEU A 846 -17.09 17.47 29.91
C LEU A 846 -15.79 17.29 30.69
N ILE A 847 -15.65 17.99 31.82
CA ILE A 847 -14.43 17.86 32.63
C ILE A 847 -14.34 16.47 33.23
N CYS A 848 -15.47 15.91 33.66
CA CYS A 848 -15.45 14.56 34.22
C CYS A 848 -15.23 13.50 33.15
N ALA A 849 -15.64 13.79 31.91
CA ALA A 849 -15.44 12.83 30.82
C ALA A 849 -13.97 12.76 30.42
N GLN A 850 -13.27 13.90 30.46
CA GLN A 850 -11.86 13.91 30.08
C GLN A 850 -11.01 13.17 31.10
N LYS A 851 -11.44 13.16 32.37
CA LYS A 851 -10.68 12.48 33.41
C LYS A 851 -10.69 10.97 33.21
N PHE A 852 -11.86 10.42 32.83
CA PHE A 852 -11.98 8.97 32.67
C PHE A 852 -11.18 8.45 31.49
N LYS A 853 -10.73 9.33 30.59
CA LYS A 853 -9.94 8.92 29.43
C LYS A 853 -8.45 9.09 29.64
N GLY A 854 -8.03 9.88 30.63
CA GLY A 854 -6.63 10.08 30.89
C GLY A 854 -6.26 11.56 31.03
N LEU A 855 -7.02 12.42 30.36
CA LEU A 855 -6.76 13.85 30.41
C LEU A 855 -7.08 14.40 31.79
N THR A 856 -6.03 14.82 32.50
CA THR A 856 -6.17 15.35 33.85
C THR A 856 -5.56 16.75 33.91
N VAL A 857 -6.25 17.67 34.55
CA VAL A 857 -5.79 19.05 34.69
C VAL A 857 -5.23 19.21 36.11
N LEU A 858 -3.94 19.55 36.18
CA LEU A 858 -3.31 19.74 37.49
C LEU A 858 -3.52 21.17 37.98
N PRO A 859 -3.73 21.34 39.28
CA PRO A 859 -3.98 22.69 39.82
C PRO A 859 -2.69 23.50 39.85
N PRO A 860 -2.77 24.80 39.62
CA PRO A 860 -1.57 25.64 39.67
C PRO A 860 -1.02 25.73 41.08
N LEU A 861 0.26 26.09 41.17
CA LEU A 861 0.92 26.24 42.46
C LEU A 861 0.36 27.46 43.20
N LEU A 862 0.43 28.62 42.58
CA LEU A 862 -0.10 29.84 43.18
C LEU A 862 -1.61 29.89 42.99
N THR A 863 -2.34 29.88 44.10
CA THR A 863 -3.80 29.95 44.04
C THR A 863 -4.24 31.36 43.65
N ASP A 864 -5.54 31.50 43.39
CA ASP A 864 -6.10 32.80 43.04
C ASP A 864 -5.97 33.79 44.19
N GLU A 865 -6.02 33.29 45.43
CA GLU A 865 -5.85 34.16 46.58
C GLU A 865 -4.41 34.65 46.72
N MET A 866 -3.45 33.77 46.44
CA MET A 866 -2.04 34.16 46.53
C MET A 866 -1.64 35.11 45.42
N ILE A 867 -2.16 34.90 44.21
CA ILE A 867 -1.88 35.82 43.12
C ILE A 867 -2.50 37.19 43.42
N ALA A 868 -3.66 37.20 44.07
CA ALA A 868 -4.28 38.48 44.45
C ALA A 868 -3.43 39.21 45.50
N GLN A 869 -2.72 38.48 46.35
CA GLN A 869 -1.83 39.12 47.31
C GLN A 869 -0.56 39.63 46.65
N TYR A 870 -0.10 38.98 45.59
CA TYR A 870 1.04 39.50 44.83
C TYR A 870 0.66 40.80 44.12
N THR A 871 -0.54 40.85 43.53
CA THR A 871 -0.98 42.09 42.89
C THR A 871 -1.28 43.17 43.91
N SER A 872 -1.77 42.80 45.09
CA SER A 872 -2.02 43.79 46.14
C SER A 872 -0.71 44.40 46.65
N ALA A 873 0.35 43.59 46.69
CA ALA A 873 1.65 44.12 47.12
C ALA A 873 2.23 45.06 46.07
N LEU A 874 2.02 44.75 44.80
CA LEU A 874 2.52 45.62 43.73
C LEU A 874 1.74 46.94 43.70
N LEU A 875 0.43 46.88 43.93
CA LEU A 875 -0.36 48.10 43.98
C LEU A 875 -0.02 48.94 45.21
N ALA A 876 0.24 48.29 46.35
CA ALA A 876 0.64 49.00 47.55
C ALA A 876 2.04 49.58 47.44
N GLY A 877 2.88 49.03 46.56
CA GLY A 877 4.21 49.55 46.36
C GLY A 877 4.24 50.67 45.34
N THR A 878 3.28 50.66 44.41
CA THR A 878 3.20 51.73 43.42
C THR A 878 2.51 52.97 43.98
N ILE A 879 1.53 52.78 44.87
CA ILE A 879 0.84 53.92 45.45
C ILE A 879 1.70 54.60 46.52
N THR A 880 2.10 53.84 47.55
CA THR A 880 2.93 54.36 48.63
C THR A 880 4.33 54.74 48.19
N SER A 881 5.08 53.80 47.62
CA SER A 881 6.41 54.10 47.09
C SER A 881 6.31 54.47 45.62
N GLY A 882 7.46 54.57 44.95
CA GLY A 882 7.49 54.87 43.53
C GLY A 882 8.21 53.79 42.75
N TRP A 883 9.28 54.17 42.04
CA TRP A 883 10.11 53.23 41.33
C TRP A 883 11.24 52.68 42.20
N THR A 884 11.09 52.73 43.52
CA THR A 884 12.14 52.29 44.44
C THR A 884 11.85 50.94 45.09
N PHE A 885 10.61 50.46 45.04
CA PHE A 885 10.26 49.19 45.66
C PHE A 885 10.65 47.98 44.83
N GLY A 886 11.26 48.20 43.67
CA GLY A 886 11.70 47.11 42.82
C GLY A 886 13.20 47.10 42.61
N ALA A 887 13.82 48.27 42.74
CA ALA A 887 15.27 48.35 42.56
C ALA A 887 15.99 48.08 43.88
N GLY A 888 15.28 48.18 45.00
CA GLY A 888 15.87 47.96 46.30
C GLY A 888 14.87 48.10 47.42
N PRO A 889 15.26 48.79 48.49
CA PRO A 889 14.35 48.98 49.62
C PRO A 889 13.19 49.90 49.26
N ALA A 890 11.99 49.53 49.68
CA ALA A 890 10.80 50.32 49.38
C ALA A 890 10.78 51.56 50.25
N LEU A 891 10.86 52.73 49.63
CA LEU A 891 10.81 54.00 50.34
C LEU A 891 9.37 54.47 50.48
N GLN A 892 9.19 55.69 50.97
CA GLN A 892 7.88 56.31 51.11
C GLN A 892 7.91 57.69 50.47
N ILE A 893 6.85 58.01 49.74
CA ILE A 893 6.75 59.29 49.03
C ILE A 893 5.27 59.62 48.83
N PRO A 894 4.84 60.85 49.09
CA PRO A 894 3.44 61.21 48.87
C PRO A 894 3.05 61.03 47.41
N PHE A 895 1.82 60.53 47.21
CA PHE A 895 1.35 60.29 45.84
C PHE A 895 1.23 61.57 45.01
N PRO A 896 0.77 62.72 45.54
CA PRO A 896 0.86 63.95 44.76
C PRO A 896 2.27 64.29 44.32
N MET A 897 3.28 63.92 45.10
CA MET A 897 4.66 64.09 44.69
C MET A 897 5.20 62.89 43.91
N GLN A 898 4.52 61.75 43.97
CA GLN A 898 4.98 60.57 43.24
C GLN A 898 4.74 60.71 41.74
N MET A 899 3.58 61.25 41.35
CA MET A 899 3.31 61.49 39.94
C MET A 899 3.99 62.74 39.42
N ALA A 900 4.38 63.67 40.31
CA ALA A 900 5.10 64.86 39.87
C ALA A 900 6.47 64.51 39.30
N TYR A 901 7.09 63.45 39.81
CA TYR A 901 8.34 62.97 39.24
C TYR A 901 8.12 62.10 38.02
N ARG A 902 6.94 61.46 37.90
CA ARG A 902 6.57 60.75 36.70
C ARG A 902 6.17 61.69 35.57
N PHE A 903 5.69 62.89 35.88
CA PHE A 903 5.46 63.90 34.86
C PHE A 903 6.77 64.42 34.29
N ASN A 904 7.81 64.52 35.13
CA ASN A 904 9.13 64.98 34.68
C ASN A 904 9.93 63.80 34.11
N GLY A 905 9.30 63.11 33.16
CA GLY A 905 9.95 62.03 32.45
C GLY A 905 9.50 62.02 31.00
N ILE A 906 8.64 62.96 30.66
CA ILE A 906 8.11 63.11 29.30
C ILE A 906 8.24 64.54 28.81
N GLY A 907 9.04 65.36 29.47
CA GLY A 907 9.23 66.74 29.06
C GLY A 907 8.42 67.72 29.89
N VAL A 908 7.22 67.32 30.30
CA VAL A 908 6.34 68.16 31.09
C VAL A 908 6.96 68.42 32.46
N THR A 909 7.03 69.69 32.86
CA THR A 909 7.57 70.02 34.16
C THR A 909 6.57 69.67 35.27
N GLN A 910 7.05 69.76 36.51
CA GLN A 910 6.22 69.40 37.66
C GLN A 910 5.29 70.51 38.10
N ASN A 911 5.39 71.70 37.50
CA ASN A 911 4.51 72.81 37.84
C ASN A 911 3.13 72.69 37.21
N VAL A 912 2.81 71.54 36.60
CA VAL A 912 1.51 71.32 36.01
C VAL A 912 0.62 70.44 36.89
N LEU A 913 1.17 69.43 37.57
CA LEU A 913 0.38 68.59 38.44
C LEU A 913 -0.02 69.33 39.72
N TYR A 914 0.93 70.06 40.31
CA TYR A 914 0.64 70.78 41.55
C TYR A 914 -0.36 71.91 41.33
N GLU A 915 -0.41 72.49 40.13
CA GLU A 915 -1.36 73.55 39.82
C GLU A 915 -2.67 73.04 39.26
N ASN A 916 -2.75 71.77 38.89
CA ASN A 916 -3.97 71.16 38.37
C ASN A 916 -4.21 69.81 39.04
N GLN A 917 -3.97 69.74 40.34
CA GLN A 917 -4.12 68.46 41.06
C GLN A 917 -5.57 68.02 41.11
N LYS A 918 -6.49 68.95 41.37
CA LYS A 918 -7.90 68.60 41.46
C LYS A 918 -8.46 68.20 40.10
N LEU A 919 -7.97 68.82 39.03
CA LEU A 919 -8.47 68.51 37.69
C LEU A 919 -7.99 67.14 37.24
N ILE A 920 -6.69 66.85 37.44
CA ILE A 920 -6.16 65.56 37.04
C ILE A 920 -6.77 64.44 37.87
N ALA A 921 -7.05 64.72 39.15
CA ALA A 921 -7.68 63.72 40.01
C ALA A 921 -9.07 63.36 39.51
N ASN A 922 -9.83 64.36 39.05
CA ASN A 922 -11.17 64.08 38.53
C ASN A 922 -11.11 63.32 37.22
N GLN A 923 -10.10 63.62 36.38
CA GLN A 923 -9.95 62.89 35.12
C GLN A 923 -9.54 61.45 35.36
N PHE A 924 -8.66 61.23 36.34
CA PHE A 924 -8.22 59.87 36.63
C PHE A 924 -9.35 59.04 37.23
N ASN A 925 -10.11 59.61 38.16
CA ASN A 925 -11.22 58.89 38.77
C ASN A 925 -12.29 58.56 37.73
N SER A 926 -12.52 59.47 36.79
CA SER A 926 -13.49 59.20 35.74
C SER A 926 -12.96 58.16 34.75
N ALA A 927 -11.63 58.13 34.56
CA ALA A 927 -11.06 57.16 33.64
C ALA A 927 -11.12 55.74 34.21
N ILE A 928 -10.84 55.60 35.51
CA ILE A 928 -10.90 54.29 36.14
C ILE A 928 -12.34 53.79 36.20
N GLY A 929 -13.29 54.70 36.42
CA GLY A 929 -14.69 54.31 36.49
C GLY A 929 -15.20 53.76 35.18
N LYS A 930 -14.75 54.33 34.06
CA LYS A 930 -15.18 53.85 32.75
C LYS A 930 -14.54 52.52 32.39
N ILE A 931 -13.46 52.12 33.07
CA ILE A 931 -12.83 50.83 32.77
C ILE A 931 -13.73 49.69 33.20
N GLN A 932 -14.32 49.79 34.39
CA GLN A 932 -15.23 48.75 34.86
C GLN A 932 -16.48 48.69 33.99
N ASP A 933 -16.97 49.85 33.55
CA ASP A 933 -18.13 49.88 32.66
C ASP A 933 -17.77 49.36 31.29
N SER A 934 -16.52 49.54 30.86
CA SER A 934 -16.09 49.04 29.57
C SER A 934 -16.06 47.52 29.55
N LEU A 935 -15.49 46.91 30.58
CA LEU A 935 -15.43 45.45 30.68
C LEU A 935 -16.63 44.89 31.42
N SER A 936 -17.83 45.30 30.99
CA SER A 936 -19.07 44.82 31.61
C SER A 936 -20.11 44.51 30.55
N SER A 937 -19.98 45.13 29.38
CA SER A 937 -20.97 44.98 28.32
C SER A 937 -20.42 44.28 27.09
N THR A 938 -19.12 44.38 26.84
CA THR A 938 -18.51 43.75 25.66
C THR A 938 -17.72 42.52 26.08
N PRO A 939 -18.23 41.30 25.84
CA PRO A 939 -17.48 40.10 26.19
C PRO A 939 -16.23 39.87 25.33
N SER A 940 -16.07 40.62 24.24
CA SER A 940 -14.93 40.46 23.35
C SER A 940 -13.68 41.16 23.88
N ALA A 941 -13.78 41.91 24.97
CA ALA A 941 -12.61 42.57 25.53
C ALA A 941 -11.66 41.56 26.14
N LEU A 942 -12.20 40.63 26.93
CA LEU A 942 -11.39 39.55 27.54
C LEU A 942 -11.32 38.35 26.59
N GLY A 943 -10.88 38.63 25.36
CA GLY A 943 -10.80 37.61 24.34
C GLY A 943 -9.44 36.96 24.25
N LYS A 944 -8.38 37.74 24.55
CA LYS A 944 -7.03 37.18 24.52
C LYS A 944 -6.82 36.17 25.64
N LEU A 945 -7.49 36.35 26.77
CA LEU A 945 -7.42 35.42 27.88
C LEU A 945 -8.45 34.30 27.78
N GLN A 946 -9.46 34.45 26.92
CA GLN A 946 -10.42 33.40 26.64
C GLN A 946 -10.00 32.50 25.48
N ASP A 947 -9.15 32.99 24.58
CA ASP A 947 -8.70 32.17 23.46
C ASP A 947 -7.71 31.10 23.94
N VAL A 948 -6.89 31.41 24.95
CA VAL A 948 -5.97 30.42 25.47
C VAL A 948 -6.72 29.32 26.22
N VAL A 949 -7.89 29.66 26.78
CA VAL A 949 -8.71 28.65 27.43
C VAL A 949 -9.41 27.79 26.38
N ASN A 950 -9.87 28.41 25.29
CA ASN A 950 -10.51 27.66 24.22
C ASN A 950 -9.50 26.80 23.46
N HIS A 951 -8.27 27.29 23.30
CA HIS A 951 -7.24 26.49 22.64
C HIS A 951 -6.89 25.26 23.48
N ASN A 952 -6.81 25.43 24.80
CA ASN A 952 -6.58 24.30 25.70
C ASN A 952 -7.82 23.44 25.89
N ALA A 953 -8.98 23.90 25.42
CA ALA A 953 -10.21 23.11 25.44
C ALA A 953 -10.49 22.41 24.12
N GLN A 954 -10.22 23.05 22.99
CA GLN A 954 -10.40 22.38 21.71
C GLN A 954 -9.31 21.35 21.43
N ALA A 955 -8.16 21.46 22.09
CA ALA A 955 -7.11 20.47 21.95
C ALA A 955 -7.40 19.20 22.74
N LEU A 956 -8.16 19.29 23.83
CA LEU A 956 -8.57 18.13 24.60
C LEU A 956 -9.83 17.48 24.05
N ASN A 957 -10.67 18.24 23.34
CA ASN A 957 -11.84 17.66 22.69
C ASN A 957 -11.51 16.92 21.40
N THR A 958 -10.33 17.15 20.83
CA THR A 958 -9.88 16.37 19.68
C THR A 958 -9.27 15.04 20.06
N LEU A 959 -8.71 14.93 21.27
CA LEU A 959 -8.19 13.65 21.73
C LEU A 959 -9.31 12.69 22.13
N VAL A 960 -10.43 13.20 22.65
CA VAL A 960 -11.56 12.34 22.98
C VAL A 960 -12.37 11.95 21.76
N LYS A 961 -12.23 12.67 20.65
CA LYS A 961 -12.86 12.28 19.39
C LYS A 961 -11.99 11.33 18.58
N GLN A 962 -10.67 11.49 18.60
CA GLN A 962 -9.77 10.56 17.96
C GLN A 962 -9.67 9.23 18.70
N LEU A 963 -10.18 9.16 19.93
CA LEU A 963 -10.21 7.92 20.68
C LEU A 963 -11.25 6.94 20.15
N SER A 964 -12.28 7.41 19.46
CA SER A 964 -13.32 6.58 18.88
C SER A 964 -13.27 6.66 17.35
N SER A 965 -12.06 6.77 16.80
CA SER A 965 -11.87 6.83 15.35
C SER A 965 -10.84 5.79 14.98
N LYS A 966 -11.26 4.78 14.21
CA LYS A 966 -10.36 3.70 13.82
C LYS A 966 -9.29 4.23 12.87
N PHE A 967 -8.03 3.88 13.15
CA PHE A 967 -6.91 4.26 12.31
C PHE A 967 -6.50 3.13 11.38
N GLY A 968 -7.45 2.33 10.93
CA GLY A 968 -7.15 1.21 10.07
C GLY A 968 -7.40 -0.13 10.73
N ALA A 969 -8.37 -0.19 11.62
CA ALA A 969 -8.73 -1.40 12.33
C ALA A 969 -10.20 -1.73 12.05
N ILE A 970 -10.66 -2.85 12.62
CA ILE A 970 -12.04 -3.28 12.42
C ILE A 970 -13.03 -2.55 13.32
N SER A 971 -12.56 -1.93 14.40
CA SER A 971 -13.43 -1.20 15.31
C SER A 971 -12.59 -0.19 16.07
N SER A 972 -13.25 0.54 16.97
CA SER A 972 -12.59 1.54 17.80
C SER A 972 -12.50 1.16 19.26
N VAL A 973 -13.21 0.11 19.70
CA VAL A 973 -13.16 -0.34 21.09
C VAL A 973 -12.13 -1.46 21.17
N LEU A 974 -11.16 -1.30 22.08
CA LEU A 974 -10.11 -2.31 22.21
C LEU A 974 -10.62 -3.59 22.82
N ASN A 975 -11.72 -3.53 23.57
CA ASN A 975 -12.29 -4.71 24.20
C ASN A 975 -13.15 -5.54 23.26
N ASP A 976 -13.32 -5.12 22.02
CA ASP A 976 -14.08 -5.88 21.03
C ASP A 976 -13.16 -6.52 20.01
N ILE A 977 -12.02 -5.87 19.75
CA ILE A 977 -11.04 -6.43 18.82
C ILE A 977 -10.43 -7.71 19.41
N PHE A 978 -10.10 -7.69 20.69
CA PHE A 978 -9.59 -8.88 21.36
C PHE A 978 -10.69 -9.89 21.66
N SER A 979 -11.94 -9.61 21.32
CA SER A 979 -13.06 -10.48 21.63
C SER A 979 -13.53 -11.27 20.40
N ARG A 980 -13.06 -10.90 19.21
CA ARG A 980 -13.45 -11.61 18.00
C ARG A 980 -12.28 -11.78 17.05
N LEU A 981 -11.06 -11.90 17.57
CA LEU A 981 -9.88 -12.13 16.76
C LEU A 981 -8.95 -13.07 17.50
N ASP A 982 -7.91 -13.54 16.81
CA ASP A 982 -6.91 -14.41 17.38
C ASP A 982 -5.60 -13.65 17.56
N PRO A 983 -4.85 -13.91 18.63
CA PRO A 983 -3.64 -13.14 18.91
C PRO A 983 -2.64 -13.17 17.76
N PRO A 984 -2.57 -14.27 16.96
CA PRO A 984 -1.83 -14.20 15.70
C PRO A 984 -2.20 -12.99 14.86
N GLU A 985 -3.51 -12.71 14.73
CA GLU A 985 -3.95 -11.59 13.91
C GLU A 985 -4.44 -10.41 14.73
N ALA A 986 -4.82 -10.61 15.99
CA ALA A 986 -5.30 -9.50 16.81
C ALA A 986 -4.23 -8.44 17.02
N GLU A 987 -2.96 -8.85 17.10
CA GLU A 987 -1.88 -7.89 17.27
C GLU A 987 -1.59 -7.10 15.99
N VAL A 988 -2.22 -7.44 14.87
CA VAL A 988 -2.05 -6.67 13.64
C VAL A 988 -2.94 -5.45 13.62
N GLN A 989 -4.23 -5.63 13.93
CA GLN A 989 -5.15 -4.49 13.97
C GLN A 989 -4.96 -3.66 15.24
N ILE A 990 -4.40 -4.27 16.29
CA ILE A 990 -4.18 -3.52 17.52
C ILE A 990 -2.95 -2.62 17.44
N ASP A 991 -1.96 -2.98 16.62
CA ASP A 991 -0.80 -2.14 16.38
C ASP A 991 -1.09 -0.99 15.44
N ARG A 992 -2.25 -1.01 14.78
CA ARG A 992 -2.67 0.10 13.94
C ARG A 992 -3.54 1.11 14.68
N LEU A 993 -4.04 0.76 15.87
CA LEU A 993 -4.71 1.69 16.75
C LEU A 993 -3.78 2.24 17.83
N ILE A 994 -2.88 1.41 18.35
CA ILE A 994 -1.90 1.88 19.32
C ILE A 994 -0.99 2.93 18.67
N THR A 995 -0.49 2.63 17.47
CA THR A 995 0.33 3.60 16.74
C THR A 995 -0.49 4.83 16.36
N GLY A 996 -1.75 4.63 15.97
CA GLY A 996 -2.59 5.75 15.61
C GLY A 996 -2.88 6.66 16.78
N ARG A 997 -3.19 6.09 17.94
CA ARG A 997 -3.42 6.90 19.13
C ARG A 997 -2.11 7.48 19.68
N LEU A 998 -0.99 6.81 19.44
CA LEU A 998 0.29 7.35 19.88
C LEU A 998 0.69 8.56 19.06
N GLN A 999 0.53 8.50 17.74
CA GLN A 999 0.75 9.67 16.91
C GLN A 999 -0.28 10.76 17.20
N SER A 1000 -1.48 10.37 17.60
CA SER A 1000 -2.47 11.35 18.03
C SER A 1000 -2.07 12.01 19.34
N LEU A 1001 -1.40 11.28 20.22
CA LEU A 1001 -0.92 11.85 21.48
C LEU A 1001 0.34 12.68 21.29
N GLN A 1002 1.22 12.26 20.38
CA GLN A 1002 2.40 13.07 20.08
C GLN A 1002 2.03 14.37 19.38
N THR A 1003 0.96 14.35 18.58
CA THR A 1003 0.49 15.58 17.94
C THR A 1003 0.02 16.58 18.98
N TYR A 1004 -0.62 16.11 20.06
CA TYR A 1004 -1.04 17.00 21.12
C TYR A 1004 0.17 17.58 21.86
N VAL A 1005 1.14 16.73 22.20
CA VAL A 1005 2.33 17.19 22.90
C VAL A 1005 3.12 18.17 22.04
N THR A 1006 3.22 17.88 20.74
CA THR A 1006 3.91 18.78 19.83
C THR A 1006 3.22 20.13 19.75
N GLN A 1007 1.88 20.12 19.67
CA GLN A 1007 1.14 21.37 19.65
C GLN A 1007 1.24 22.12 20.97
N GLN A 1008 1.32 21.39 22.09
CA GLN A 1008 1.46 22.04 23.39
C GLN A 1008 2.84 22.67 23.57
N LEU A 1009 3.90 22.09 23.00
CA LEU A 1009 5.22 22.71 23.10
C LEU A 1009 5.27 24.00 22.30
N ILE A 1010 4.67 24.02 21.11
CA ILE A 1010 4.63 25.24 20.32
C ILE A 1010 3.69 26.27 20.96
N ARG A 1011 2.59 25.80 21.57
CA ARG A 1011 1.67 26.72 22.23
C ARG A 1011 2.25 27.26 23.52
N ALA A 1012 3.09 26.48 24.21
CA ALA A 1012 3.75 26.98 25.41
C ALA A 1012 4.81 28.03 25.07
N ALA A 1013 5.40 27.94 23.88
CA ALA A 1013 6.35 28.97 23.46
C ALA A 1013 5.66 30.31 23.26
N GLU A 1014 4.43 30.30 22.74
CA GLU A 1014 3.67 31.53 22.61
C GLU A 1014 3.29 32.07 23.99
N ILE A 1015 2.97 31.18 24.93
CA ILE A 1015 2.69 31.61 26.30
C ILE A 1015 3.96 32.10 26.97
N ARG A 1016 5.09 31.41 26.76
CA ARG A 1016 6.34 31.85 27.35
C ARG A 1016 6.77 33.20 26.79
N ALA A 1017 6.59 33.42 25.48
CA ALA A 1017 6.90 34.71 24.90
C ALA A 1017 5.97 35.79 25.46
N SER A 1018 4.70 35.45 25.68
CA SER A 1018 3.78 36.39 26.31
C SER A 1018 4.07 36.57 27.79
N ALA A 1019 4.58 35.53 28.45
CA ALA A 1019 4.94 35.66 29.86
C ALA A 1019 6.20 36.48 30.05
N ASN A 1020 7.20 36.33 29.18
CA ASN A 1020 8.38 37.16 29.24
C ASN A 1020 8.08 38.61 28.86
N LEU A 1021 7.12 38.81 27.96
CA LEU A 1021 6.69 40.17 27.63
C LEU A 1021 5.89 40.78 28.77
N ALA A 1022 5.07 39.97 29.46
CA ALA A 1022 4.35 40.47 30.62
C ALA A 1022 5.29 40.75 31.78
N ALA A 1023 6.28 39.89 31.98
CA ALA A 1023 7.28 40.14 33.01
C ALA A 1023 8.11 41.38 32.69
N THR A 1024 8.35 41.64 31.41
CA THR A 1024 9.06 42.85 31.01
C THR A 1024 8.22 44.09 31.27
N LYS A 1025 6.93 44.05 30.93
CA LYS A 1025 6.05 45.18 31.21
C LYS A 1025 5.79 45.35 32.70
N MET A 1026 5.81 44.25 33.45
CA MET A 1026 5.60 44.33 34.89
C MET A 1026 6.73 45.08 35.60
N SER A 1027 7.96 44.99 35.09
CA SER A 1027 9.10 45.64 35.72
C SER A 1027 9.39 47.02 35.14
N GLU A 1028 8.97 47.28 33.91
CA GLU A 1028 9.24 48.56 33.25
C GLU A 1028 8.09 49.54 33.33
N CYS A 1029 6.84 49.06 33.39
CA CYS A 1029 5.68 49.93 33.47
C CYS A 1029 5.18 50.13 34.90
N VAL A 1030 5.20 49.08 35.72
CA VAL A 1030 4.67 49.20 37.08
C VAL A 1030 5.70 49.83 38.01
N LEU A 1031 6.85 49.18 38.19
CA LEU A 1031 7.93 49.71 39.02
C LEU A 1031 8.90 50.55 38.20
N GLY A 1032 8.39 51.56 37.51
CA GLY A 1032 9.24 52.42 36.71
C GLY A 1032 8.40 53.16 35.69
N GLN A 1033 9.09 54.01 34.93
CA GLN A 1033 8.47 54.81 33.87
C GLN A 1033 9.29 54.60 32.59
N SER A 1034 8.90 53.60 31.81
CA SER A 1034 9.63 53.29 30.59
C SER A 1034 9.36 54.36 29.52
N LYS A 1035 10.42 54.85 28.89
CA LYS A 1035 10.33 55.84 27.84
C LYS A 1035 10.17 55.19 26.46
N ARG A 1036 9.79 53.92 26.41
CA ARG A 1036 9.56 53.21 25.17
C ARG A 1036 8.14 53.51 24.69
N VAL A 1037 8.03 54.10 23.49
CA VAL A 1037 6.72 54.48 22.98
C VAL A 1037 5.92 53.23 22.65
N ASP A 1038 4.62 53.28 22.97
CA ASP A 1038 3.64 52.24 22.66
C ASP A 1038 3.84 51.00 23.53
N PHE A 1039 4.92 50.97 24.32
CA PHE A 1039 5.19 49.82 25.18
C PHE A 1039 4.26 49.80 26.37
N CYS A 1040 4.31 50.82 27.21
CA CYS A 1040 3.42 50.93 28.36
C CYS A 1040 2.22 51.80 28.01
N GLY A 1041 1.42 51.31 27.07
CA GLY A 1041 0.24 52.01 26.65
C GLY A 1041 0.52 52.94 25.47
N LYS A 1042 -0.56 53.36 24.81
CA LYS A 1042 -0.47 54.22 23.64
C LYS A 1042 -0.43 55.67 24.11
N GLY A 1043 0.76 56.23 24.19
CA GLY A 1043 0.93 57.61 24.60
C GLY A 1043 2.14 57.74 25.51
N TYR A 1044 2.27 58.93 26.10
CA TYR A 1044 3.34 59.20 27.05
C TYR A 1044 3.06 58.44 28.35
N HIS A 1045 3.86 57.41 28.61
CA HIS A 1045 3.64 56.57 29.78
C HIS A 1045 3.82 57.35 31.08
N LEU A 1046 2.88 57.19 32.00
CA LEU A 1046 2.94 57.82 33.31
C LEU A 1046 3.03 56.82 34.44
N MET A 1047 2.12 55.85 34.48
CA MET A 1047 2.05 54.91 35.60
C MET A 1047 1.17 53.74 35.17
N SER A 1048 1.43 52.58 35.77
CA SER A 1048 0.69 51.36 35.45
C SER A 1048 0.27 50.67 36.74
N PHE A 1049 -0.82 49.91 36.65
CA PHE A 1049 -1.36 49.18 37.79
C PHE A 1049 -1.66 47.75 37.35
N PRO A 1050 -0.97 46.75 37.90
CA PRO A 1050 -1.26 45.36 37.52
C PRO A 1050 -2.51 44.81 38.20
N GLN A 1051 -3.29 44.02 37.46
CA GLN A 1051 -4.50 43.41 37.98
C GLN A 1051 -4.50 41.93 37.64
N SER A 1052 -4.81 41.09 38.63
CA SER A 1052 -4.84 39.65 38.42
C SER A 1052 -6.02 39.28 37.51
N ALA A 1053 -5.83 38.21 36.74
CA ALA A 1053 -6.84 37.74 35.81
C ALA A 1053 -6.64 36.24 35.62
N PRO A 1054 -7.71 35.51 35.29
CA PRO A 1054 -7.57 34.07 35.08
C PRO A 1054 -6.68 33.77 33.88
N HIS A 1055 -5.53 33.16 34.16
CA HIS A 1055 -4.54 32.80 33.15
C HIS A 1055 -4.11 34.03 32.34
N GLY A 1056 -3.54 34.99 33.04
CA GLY A 1056 -3.07 36.21 32.43
C GLY A 1056 -3.01 37.33 33.45
N VAL A 1057 -2.78 38.54 32.94
CA VAL A 1057 -2.68 39.73 33.78
C VAL A 1057 -3.21 40.92 32.98
N VAL A 1058 -3.81 41.87 33.68
CA VAL A 1058 -4.39 43.07 33.09
C VAL A 1058 -3.60 44.27 33.57
N PHE A 1059 -3.05 45.04 32.64
CA PHE A 1059 -2.26 46.23 32.94
C PHE A 1059 -3.11 47.46 32.64
N LEU A 1060 -3.38 48.27 33.67
CA LEU A 1060 -4.05 49.55 33.49
C LEU A 1060 -2.99 50.62 33.29
N HIS A 1061 -2.72 50.95 32.03
CA HIS A 1061 -1.66 51.89 31.67
C HIS A 1061 -2.23 53.31 31.65
N VAL A 1062 -1.74 54.15 32.55
CA VAL A 1062 -2.11 55.56 32.56
C VAL A 1062 -1.17 56.32 31.63
N THR A 1063 -1.72 56.96 30.60
CA THR A 1063 -0.93 57.62 29.58
C THR A 1063 -1.26 59.10 29.53
N TYR A 1064 -0.29 59.90 29.12
CA TYR A 1064 -0.46 61.34 28.96
C TYR A 1064 -0.75 61.65 27.50
N VAL A 1065 -2.00 62.01 27.21
CA VAL A 1065 -2.45 62.29 25.86
C VAL A 1065 -2.77 63.78 25.76
N PRO A 1066 -1.99 64.56 25.02
CA PRO A 1066 -2.30 65.98 24.87
C PRO A 1066 -3.56 66.20 24.05
N ALA A 1067 -4.18 67.36 24.23
CA ALA A 1067 -5.39 67.72 23.50
C ALA A 1067 -5.47 69.24 23.40
N GLN A 1068 -6.47 69.70 22.65
CA GLN A 1068 -6.72 71.12 22.42
C GLN A 1068 -5.48 71.83 21.89
N GLU A 1069 -5.05 71.43 20.70
CA GLU A 1069 -3.84 71.99 20.10
C GLU A 1069 -4.11 73.40 19.57
N LYS A 1070 -3.03 74.17 19.45
CA LYS A 1070 -3.10 75.53 18.92
C LYS A 1070 -1.83 75.82 18.14
N ASN A 1071 -1.98 76.50 17.00
CA ASN A 1071 -0.86 76.78 16.13
C ASN A 1071 -0.17 78.07 16.55
N PHE A 1072 1.15 78.11 16.42
CA PHE A 1072 1.96 79.28 16.74
C PHE A 1072 3.07 79.42 15.70
N THR A 1073 3.81 80.52 15.80
CA THR A 1073 4.96 80.77 14.95
C THR A 1073 6.25 80.42 15.69
N THR A 1074 7.11 79.66 15.02
CA THR A 1074 8.33 79.15 15.63
C THR A 1074 9.55 79.74 14.93
N ALA A 1075 10.71 79.49 15.53
CA ALA A 1075 12.00 79.93 15.00
C ALA A 1075 13.11 79.10 15.61
N PRO A 1076 14.15 78.78 14.85
CA PRO A 1076 15.26 77.98 15.41
C PRO A 1076 15.94 78.65 16.59
N ALA A 1077 16.26 79.94 16.44
CA ALA A 1077 16.89 80.69 17.51
C ALA A 1077 16.60 82.17 17.31
N ILE A 1078 16.90 82.95 18.34
CA ILE A 1078 16.72 84.40 18.31
C ILE A 1078 18.10 85.05 18.46
N CYS A 1079 18.27 86.20 17.82
CA CYS A 1079 19.54 86.91 17.87
C CYS A 1079 19.42 88.15 18.77
N HIS A 1080 20.50 88.44 19.48
CA HIS A 1080 20.55 89.60 20.36
C HIS A 1080 21.99 89.95 20.70
N ASP A 1081 22.36 91.23 20.54
CA ASP A 1081 23.71 91.72 20.83
C ASP A 1081 24.77 90.95 20.02
N GLY A 1082 24.41 90.53 18.80
CA GLY A 1082 25.32 89.87 17.90
C GLY A 1082 25.37 88.36 18.03
N LYS A 1083 25.15 87.83 19.23
CA LYS A 1083 25.20 86.40 19.46
C LYS A 1083 23.80 85.79 19.38
N ALA A 1084 23.75 84.53 18.93
CA ALA A 1084 22.50 83.81 18.80
C ALA A 1084 22.20 83.05 20.08
N HIS A 1085 20.96 83.15 20.56
CA HIS A 1085 20.53 82.51 21.78
C HIS A 1085 19.69 81.29 21.46
N PHE A 1086 20.12 80.12 21.93
CA PHE A 1086 19.41 78.88 21.74
C PHE A 1086 18.73 78.44 23.03
N PRO A 1087 17.53 77.87 22.95
CA PRO A 1087 16.83 77.44 24.15
C PRO A 1087 17.51 76.23 24.79
N ARG A 1088 17.46 76.18 26.13
CA ARG A 1088 17.96 75.04 26.89
C ARG A 1088 16.99 73.87 26.88
N GLU A 1089 15.72 74.12 27.26
CA GLU A 1089 14.69 73.09 27.26
C GLU A 1089 13.36 73.78 26.92
N GLY A 1090 13.00 73.76 25.65
CA GLY A 1090 11.79 74.41 25.21
C GLY A 1090 11.85 74.73 23.73
N VAL A 1091 10.85 75.50 23.29
CA VAL A 1091 10.73 75.89 21.89
C VAL A 1091 10.27 77.35 21.84
N PHE A 1092 10.94 78.14 21.00
CA PHE A 1092 10.56 79.54 20.82
C PHE A 1092 9.24 79.62 20.05
N VAL A 1093 8.23 80.21 20.67
CA VAL A 1093 6.93 80.39 20.06
C VAL A 1093 6.62 81.88 19.99
N SER A 1094 5.61 82.23 19.18
CA SER A 1094 5.21 83.60 18.99
C SER A 1094 3.70 83.67 18.75
N ASN A 1095 3.06 84.67 19.33
CA ASN A 1095 1.63 84.90 19.15
C ASN A 1095 1.33 86.01 18.14
N GLY A 1096 2.33 86.38 17.33
CA GLY A 1096 2.13 87.41 16.32
C GLY A 1096 2.92 88.66 16.59
N THR A 1097 2.99 89.08 17.86
CA THR A 1097 3.70 90.30 18.23
C THR A 1097 4.86 89.98 19.18
N HIS A 1098 4.63 89.22 20.24
CA HIS A 1098 5.67 88.90 21.19
C HIS A 1098 6.17 87.46 20.98
N TRP A 1099 7.36 87.19 21.51
CA TRP A 1099 7.98 85.88 21.44
C TRP A 1099 8.14 85.31 22.85
N PHE A 1100 7.86 84.01 23.00
CA PHE A 1100 7.96 83.34 24.27
C PHE A 1100 8.58 81.96 24.06
N VAL A 1101 9.08 81.39 25.15
CA VAL A 1101 9.64 80.04 25.17
C VAL A 1101 8.75 79.18 26.04
N THR A 1102 8.17 78.14 25.44
CA THR A 1102 7.24 77.25 26.13
C THR A 1102 7.80 75.83 26.13
N GLN A 1103 7.15 74.98 26.92
CA GLN A 1103 7.54 73.57 26.97
C GLN A 1103 7.19 72.87 25.67
N ARG A 1104 7.84 71.74 25.43
CA ARG A 1104 7.64 70.98 24.20
C ARG A 1104 6.37 70.12 24.24
N ASN A 1105 5.69 70.04 25.38
CA ASN A 1105 4.47 69.25 25.49
C ASN A 1105 3.35 70.00 26.20
N PHE A 1106 3.53 71.28 26.52
CA PHE A 1106 2.51 72.06 27.20
C PHE A 1106 2.80 73.53 26.98
N TYR A 1107 1.74 74.32 26.80
CA TYR A 1107 1.87 75.74 26.49
C TYR A 1107 1.95 76.52 27.79
N GLU A 1108 3.16 76.99 28.13
CA GLU A 1108 3.39 77.83 29.29
C GLU A 1108 4.25 79.01 28.85
N PRO A 1109 3.62 80.14 28.51
CA PRO A 1109 4.39 81.28 28.01
C PRO A 1109 5.28 81.87 29.09
N GLN A 1110 6.57 81.95 28.81
CA GLN A 1110 7.55 82.52 29.72
C GLN A 1110 8.45 83.47 28.96
N ILE A 1111 8.88 84.54 29.64
CA ILE A 1111 9.75 85.53 29.02
C ILE A 1111 11.11 84.89 28.76
N ILE A 1112 11.73 85.28 27.65
CA ILE A 1112 13.03 84.74 27.25
C ILE A 1112 14.10 85.52 27.99
N THR A 1113 14.76 84.86 28.96
CA THR A 1113 15.82 85.47 29.74
C THR A 1113 17.15 84.77 29.42
N THR A 1114 18.23 85.29 30.03
CA THR A 1114 19.54 84.71 29.85
C THR A 1114 19.77 83.46 30.70
N ASP A 1115 18.85 83.14 31.59
CA ASP A 1115 18.97 81.97 32.44
C ASP A 1115 18.37 80.72 31.81
N ASN A 1116 17.51 80.86 30.81
CA ASN A 1116 16.89 79.73 30.12
C ASN A 1116 17.37 79.58 28.69
N THR A 1117 18.30 80.43 28.25
CA THR A 1117 18.85 80.36 26.89
C THR A 1117 20.35 80.53 26.95
N PHE A 1118 21.06 79.77 26.12
CA PHE A 1118 22.51 79.84 26.03
C PHE A 1118 22.92 80.38 24.66
N VAL A 1119 24.11 80.97 24.62
CA VAL A 1119 24.63 81.59 23.40
C VAL A 1119 25.62 80.65 22.74
N SER A 1120 25.64 80.68 21.41
CA SER A 1120 26.56 79.86 20.63
C SER A 1120 26.74 80.43 19.23
N GLY A 1121 27.94 80.93 18.93
CA GLY A 1121 28.24 81.43 17.61
C GLY A 1121 27.60 82.77 17.31
N ASN A 1122 27.71 83.17 16.05
CA ASN A 1122 27.17 84.43 15.57
C ASN A 1122 25.78 84.20 14.98
N CYS A 1123 25.22 85.24 14.35
CA CYS A 1123 23.87 85.19 13.79
C CYS A 1123 23.88 85.18 12.27
N ASP A 1124 24.88 84.56 11.65
CA ASP A 1124 24.97 84.46 10.20
C ASP A 1124 25.41 83.06 9.78
N VAL A 1125 25.08 82.06 10.60
CA VAL A 1125 25.45 80.68 10.29
C VAL A 1125 24.20 79.81 10.37
N VAL A 1126 23.16 80.31 11.02
CA VAL A 1126 21.92 79.57 11.19
C VAL A 1126 20.88 80.12 10.22
N ILE A 1127 20.24 79.22 9.47
CA ILE A 1127 19.23 79.60 8.49
C ILE A 1127 17.89 79.63 9.21
N GLY A 1128 17.32 80.83 9.33
CA GLY A 1128 16.05 80.99 10.01
C GLY A 1128 16.15 81.83 11.27
N ILE A 1129 17.29 82.50 11.44
CA ILE A 1129 17.51 83.30 12.65
C ILE A 1129 16.60 84.51 12.62
N VAL A 1130 15.94 84.78 13.75
CA VAL A 1130 15.06 85.92 13.87
C VAL A 1130 15.66 86.88 14.89
N ASN A 1131 15.12 88.10 14.93
CA ASN A 1131 15.60 89.14 15.83
C ASN A 1131 14.61 89.35 16.97
N ASN A 1132 15.14 89.50 18.17
CA ASN A 1132 14.32 89.70 19.36
C ASN A 1132 15.14 90.37 20.45
N THR A 1133 14.57 90.51 21.65
CA THR A 1133 15.24 91.15 22.77
C THR A 1133 15.28 90.18 23.94
N VAL A 1134 16.48 89.78 24.34
CA VAL A 1134 16.65 88.86 25.47
C VAL A 1134 16.75 89.69 26.75
N TYR A 1135 15.73 89.59 27.59
CA TYR A 1135 15.65 90.36 28.83
C TYR A 1135 16.46 89.65 29.92
N ASP A 1136 17.61 90.22 30.28
CA ASP A 1136 18.42 89.64 31.34
C ASP A 1136 17.95 90.17 32.70
N PRO A 1137 18.00 89.33 33.73
CA PRO A 1137 17.52 89.76 35.05
C PRO A 1137 18.54 90.55 35.84
N LEU A 1138 19.76 90.64 35.32
CA LEU A 1138 20.84 91.31 36.05
C LEU A 1138 20.70 92.83 35.96
N GLN A 1139 20.35 93.34 34.79
CA GLN A 1139 20.26 94.78 34.60
C GLN A 1139 19.18 95.46 35.44
N PRO A 1140 17.94 94.97 35.53
CA PRO A 1140 16.93 95.70 36.32
C PRO A 1140 17.23 95.75 37.80
N GLU A 1141 17.71 94.65 38.38
CA GLU A 1141 18.03 94.61 39.80
C GLU A 1141 19.29 95.40 40.15
N LEU A 1142 20.13 95.70 39.16
CA LEU A 1142 21.34 96.48 39.38
C LEU A 1142 21.12 97.98 39.20
N ASP A 1143 20.14 98.55 39.90
CA ASP A 1143 19.85 99.98 39.79
C ASP A 1143 20.57 100.73 40.91
N SER A 1144 21.89 100.69 40.86
CA SER A 1144 22.72 101.36 41.85
C SER A 1144 22.92 102.83 41.50
N LEU B 24 7.17 -28.10 64.71
CA LEU B 24 7.27 -26.88 65.49
C LEU B 24 6.73 -25.72 64.66
N PRO B 25 6.36 -24.60 65.30
CA PRO B 25 5.95 -23.44 64.49
C PRO B 25 7.11 -22.88 63.69
N PRO B 26 6.92 -22.64 62.38
CA PRO B 26 8.02 -22.16 61.54
C PRO B 26 8.53 -20.77 61.89
N ALA B 27 9.79 -20.66 62.22
CA ALA B 27 10.37 -19.39 62.56
C ALA B 27 10.52 -18.50 61.35
N TYR B 28 10.88 -17.22 61.53
CA TYR B 28 10.94 -16.32 60.40
C TYR B 28 12.07 -15.35 60.50
N THR B 29 12.49 -14.80 59.38
CA THR B 29 13.57 -13.84 59.36
C THR B 29 13.50 -12.92 58.16
N ASN B 30 14.22 -11.81 58.20
CA ASN B 30 14.10 -10.80 57.16
C ASN B 30 15.32 -10.85 56.26
N SER B 31 15.10 -11.24 55.00
CA SER B 31 16.16 -11.20 53.99
C SER B 31 16.35 -9.78 53.50
N PHE B 32 17.43 -9.13 53.93
CA PHE B 32 17.62 -7.70 53.66
C PHE B 32 17.74 -7.41 52.17
N THR B 33 18.79 -7.91 51.53
CA THR B 33 18.98 -7.69 50.09
C THR B 33 19.84 -8.84 49.54
N ARG B 34 19.18 -9.81 48.92
CA ARG B 34 19.86 -10.93 48.28
C ARG B 34 18.87 -11.67 47.40
N GLY B 35 19.41 -12.52 46.52
CA GLY B 35 18.62 -13.24 45.56
C GLY B 35 18.61 -12.66 44.17
N VAL B 36 19.64 -11.88 43.80
CA VAL B 36 19.69 -11.22 42.50
C VAL B 36 20.60 -12.07 41.61
N TYR B 37 19.98 -12.91 40.79
CA TYR B 37 20.73 -13.72 39.85
C TYR B 37 20.78 -13.05 38.48
N TYR B 38 21.68 -13.56 37.64
CA TYR B 38 21.81 -13.05 36.27
C TYR B 38 20.69 -13.61 35.41
N PRO B 39 19.80 -12.76 34.89
CA PRO B 39 18.69 -13.26 34.07
C PRO B 39 19.16 -13.84 32.75
N ASP B 40 20.07 -13.14 32.09
CA ASP B 40 20.64 -13.57 30.81
C ASP B 40 22.16 -13.51 30.88
N LYS B 41 22.80 -14.34 30.06
CA LYS B 41 24.27 -14.40 30.00
C LYS B 41 24.80 -13.41 28.97
N VAL B 42 24.49 -12.13 29.19
CA VAL B 42 24.90 -11.05 28.31
C VAL B 42 25.82 -10.15 29.13
N PHE B 43 27.07 -10.03 28.71
CA PHE B 43 28.02 -9.15 29.40
C PHE B 43 27.60 -7.70 29.25
N ARG B 44 27.56 -7.00 30.38
CA ARG B 44 27.16 -5.59 30.40
C ARG B 44 28.03 -4.86 31.42
N SER B 45 28.60 -3.74 31.00
CA SER B 45 29.52 -2.97 31.84
C SER B 45 28.99 -1.55 32.03
N SER B 46 28.89 -1.14 33.30
CA SER B 46 28.49 0.21 33.70
C SER B 46 27.10 0.59 33.21
N VAL B 47 26.22 -0.38 32.99
CA VAL B 47 24.85 -0.07 32.56
C VAL B 47 23.91 -0.24 33.74
N LEU B 48 22.67 0.25 33.59
CA LEU B 48 21.65 0.15 34.62
C LEU B 48 20.40 -0.49 34.02
N HIS B 49 20.60 -1.61 33.33
CA HIS B 49 19.50 -2.29 32.66
C HIS B 49 18.50 -2.84 33.67
N SER B 50 17.22 -2.55 33.46
CA SER B 50 16.13 -3.07 34.28
C SER B 50 15.46 -4.23 33.58
N THR B 51 15.13 -5.27 34.34
CA THR B 51 14.54 -6.47 33.80
C THR B 51 13.31 -6.87 34.59
N GLN B 52 12.49 -7.72 33.98
CA GLN B 52 11.27 -8.24 34.59
C GLN B 52 11.37 -9.76 34.62
N ASP B 53 11.69 -10.32 35.79
CA ASP B 53 11.84 -11.75 35.93
C ASP B 53 11.47 -12.15 37.36
N LEU B 54 11.36 -13.45 37.57
CA LEU B 54 10.95 -14.00 38.87
C LEU B 54 12.15 -13.91 39.82
N PHE B 55 12.14 -12.87 40.65
CA PHE B 55 13.17 -12.65 41.65
C PHE B 55 12.57 -12.77 43.05
N LEU B 56 13.43 -12.63 44.05
CA LEU B 56 12.99 -12.65 45.44
C LEU B 56 12.78 -11.23 45.93
N PRO B 57 11.59 -10.86 46.38
CA PRO B 57 11.37 -9.50 46.88
C PRO B 57 12.20 -9.23 48.12
N PHE B 58 12.87 -8.07 48.13
CA PHE B 58 13.69 -7.69 49.26
C PHE B 58 12.82 -7.43 50.49
N PHE B 59 13.42 -7.66 51.67
CA PHE B 59 12.77 -7.44 52.95
C PHE B 59 11.46 -8.21 53.05
N SER B 60 11.54 -9.51 52.74
CA SER B 60 10.40 -10.40 52.79
C SER B 60 10.61 -11.44 53.89
N ASN B 61 9.62 -12.30 54.07
CA ASN B 61 9.67 -13.35 55.09
C ASN B 61 10.45 -14.55 54.56
N VAL B 62 11.16 -15.21 55.47
CA VAL B 62 11.97 -16.38 55.16
C VAL B 62 11.58 -17.50 56.10
N THR B 63 11.23 -18.66 55.53
CA THR B 63 10.81 -19.82 56.32
C THR B 63 12.04 -20.45 56.98
N TRP B 64 12.41 -19.88 58.12
CA TRP B 64 13.57 -20.35 58.87
C TRP B 64 13.30 -21.73 59.46
N PHE B 65 14.21 -22.66 59.21
CA PHE B 65 14.09 -24.03 59.71
C PHE B 65 15.45 -24.50 60.20
N HIS B 66 15.46 -25.24 61.30
CA HIS B 66 16.68 -25.77 61.89
C HIS B 66 16.77 -27.28 61.69
N VAL B 67 17.98 -27.81 61.84
CA VAL B 67 18.26 -29.24 61.71
C VAL B 67 19.34 -29.59 62.72
N ILE B 68 19.04 -30.53 63.61
CA ILE B 68 20.00 -30.96 64.62
C ILE B 68 19.68 -32.39 65.06
N PHE B 77 16.31 -31.88 63.92
CA PHE B 77 16.23 -32.68 62.70
C PHE B 77 14.81 -32.71 62.15
N ASP B 78 14.57 -31.95 61.08
CA ASP B 78 13.26 -31.89 60.45
C ASP B 78 13.42 -31.38 59.04
N ASN B 79 12.64 -31.94 58.12
CA ASN B 79 12.66 -31.54 56.72
C ASN B 79 11.31 -31.84 56.08
N PRO B 80 10.29 -31.01 56.31
CA PRO B 80 8.95 -31.30 55.75
C PRO B 80 8.88 -31.02 54.25
N VAL B 81 7.70 -31.20 53.67
CA VAL B 81 7.48 -30.97 52.25
C VAL B 81 7.04 -29.54 52.02
N LEU B 82 8.01 -28.64 51.82
CA LEU B 82 7.69 -27.25 51.58
C LEU B 82 7.31 -27.03 50.13
N PRO B 83 6.41 -26.09 49.84
CA PRO B 83 5.96 -25.88 48.46
C PRO B 83 7.04 -25.31 47.56
N PHE B 84 6.84 -25.46 46.23
CA PHE B 84 7.78 -24.99 45.21
C PHE B 84 6.96 -24.27 44.14
N ASN B 85 6.14 -23.32 44.59
CA ASN B 85 5.20 -22.63 43.71
C ASN B 85 5.85 -22.13 42.42
N ASP B 86 6.87 -21.28 42.54
CA ASP B 86 7.53 -20.75 41.35
C ASP B 86 9.06 -20.75 41.52
N GLY B 87 9.53 -20.89 42.74
CA GLY B 87 10.95 -20.89 43.01
C GLY B 87 11.23 -20.72 44.48
N VAL B 88 12.51 -20.92 44.83
CA VAL B 88 12.98 -20.85 46.20
C VAL B 88 14.33 -20.15 46.23
N TYR B 89 14.73 -19.72 47.42
CA TYR B 89 16.05 -19.14 47.64
C TYR B 89 16.80 -19.98 48.68
N PHE B 90 16.86 -21.29 48.44
CA PHE B 90 17.47 -22.21 49.40
C PHE B 90 18.90 -21.81 49.71
N ALA B 91 19.16 -21.49 50.97
CA ALA B 91 20.49 -21.22 51.49
C ALA B 91 20.75 -22.13 52.69
N SER B 92 22.02 -22.25 53.07
CA SER B 92 22.38 -23.12 54.19
C SER B 92 23.65 -22.56 54.83
N ILE B 93 23.48 -21.92 55.99
CA ILE B 93 24.60 -21.42 56.78
C ILE B 93 25.11 -22.55 57.66
N GLU B 94 26.13 -23.27 57.19
CA GLU B 94 26.65 -24.43 57.89
C GLU B 94 28.16 -24.50 57.74
N LYS B 95 28.82 -25.16 58.69
CA LYS B 95 30.27 -25.32 58.64
C LYS B 95 30.69 -26.57 57.90
N SER B 96 29.80 -27.57 57.78
CA SER B 96 30.14 -28.82 57.14
C SER B 96 29.17 -29.14 56.01
N ASN B 97 29.23 -30.37 55.48
CA ASN B 97 28.42 -30.78 54.34
C ASN B 97 27.21 -31.59 54.76
N ILE B 98 26.58 -31.25 55.89
CA ILE B 98 25.41 -31.96 56.40
C ILE B 98 24.29 -31.91 55.37
N ILE B 99 24.00 -30.71 54.85
CA ILE B 99 22.91 -30.53 53.90
C ILE B 99 23.45 -30.78 52.50
N ARG B 100 23.13 -31.94 51.92
CA ARG B 100 23.53 -32.32 50.57
C ARG B 100 22.35 -33.01 49.89
N GLY B 101 21.55 -32.23 49.17
CA GLY B 101 20.42 -32.78 48.45
C GLY B 101 19.20 -31.87 48.44
N TRP B 102 18.54 -31.78 47.27
CA TRP B 102 17.34 -30.95 47.10
C TRP B 102 16.33 -31.74 46.26
N ILE B 103 15.37 -32.38 46.93
CA ILE B 103 14.37 -33.16 46.23
C ILE B 103 13.25 -32.25 45.75
N PHE B 104 12.76 -32.51 44.53
CA PHE B 104 11.65 -31.78 43.95
C PHE B 104 10.68 -32.75 43.31
N GLY B 105 9.43 -32.33 43.19
CA GLY B 105 8.39 -33.13 42.61
C GLY B 105 7.04 -32.75 43.16
N THR B 106 6.03 -33.56 42.83
CA THR B 106 4.66 -33.29 43.27
C THR B 106 4.19 -34.36 44.25
N THR B 107 4.51 -35.63 43.98
CA THR B 107 4.09 -36.71 44.86
C THR B 107 5.23 -37.33 45.63
N LEU B 108 6.37 -37.56 44.98
CA LEU B 108 7.56 -38.15 45.60
C LEU B 108 7.26 -39.53 46.17
N ASP B 109 6.34 -40.23 45.50
CA ASP B 109 5.91 -41.55 45.94
C ASP B 109 6.04 -42.58 44.82
N SER B 110 7.05 -42.41 43.97
CA SER B 110 7.32 -43.32 42.86
C SER B 110 6.18 -43.40 41.86
N LYS B 111 5.23 -42.47 41.95
CA LYS B 111 4.10 -42.45 41.02
C LYS B 111 4.32 -41.43 39.92
N THR B 112 4.83 -40.25 40.27
CA THR B 112 5.09 -39.19 39.31
C THR B 112 6.59 -38.94 39.21
N GLN B 113 7.01 -38.30 38.13
CA GLN B 113 8.42 -38.01 37.93
C GLN B 113 8.91 -36.99 38.95
N SER B 114 10.14 -37.18 39.42
CA SER B 114 10.72 -36.30 40.43
C SER B 114 12.08 -35.80 40.00
N LEU B 115 12.78 -35.09 40.89
CA LEU B 115 14.09 -34.55 40.58
C LEU B 115 15.06 -34.74 41.73
N LEU B 116 15.91 -35.76 41.64
CA LEU B 116 16.88 -36.02 42.68
C LEU B 116 18.22 -35.39 42.35
N ILE B 117 18.66 -34.47 43.20
CA ILE B 117 19.93 -33.78 43.02
C ILE B 117 20.76 -33.90 44.30
N VAL B 118 21.67 -34.87 44.32
CA VAL B 118 22.48 -35.10 45.52
C VAL B 118 23.96 -34.89 45.19
N ASN B 119 24.76 -34.74 46.24
CA ASN B 119 26.20 -34.56 46.13
C ASN B 119 26.88 -35.49 47.13
N ASN B 120 27.54 -36.53 46.62
CA ASN B 120 28.15 -37.53 47.49
C ASN B 120 29.67 -37.53 47.38
N ALA B 121 30.19 -37.68 46.17
CA ALA B 121 31.63 -37.80 45.96
C ALA B 121 32.04 -36.90 44.79
N THR B 122 32.46 -35.67 45.11
CA THR B 122 32.94 -34.65 44.18
C THR B 122 32.20 -34.63 42.85
N ASN B 123 30.87 -34.68 42.90
CA ASN B 123 30.03 -34.60 41.71
C ASN B 123 28.62 -34.24 42.14
N VAL B 124 27.76 -33.98 41.16
CA VAL B 124 26.35 -33.69 41.42
C VAL B 124 25.49 -34.68 40.65
N VAL B 125 24.88 -35.62 41.37
CA VAL B 125 24.10 -36.68 40.76
C VAL B 125 22.68 -36.20 40.50
N ILE B 126 22.42 -35.74 39.28
CA ILE B 126 21.07 -35.34 38.89
C ILE B 126 20.41 -36.48 38.13
N LYS B 127 19.25 -36.91 38.61
CA LYS B 127 18.55 -38.04 38.01
C LYS B 127 17.04 -37.77 38.12
N VAL B 128 16.40 -37.56 36.98
CA VAL B 128 14.96 -37.30 36.93
C VAL B 128 14.23 -38.63 36.88
N CYS B 129 13.91 -39.17 38.05
CA CYS B 129 13.25 -40.47 38.12
C CYS B 129 12.12 -40.47 39.15
N GLU B 130 11.58 -41.65 39.46
CA GLU B 130 10.47 -41.79 40.39
C GLU B 130 10.83 -42.83 41.44
N PHE B 131 10.70 -42.45 42.72
CA PHE B 131 10.99 -43.36 43.81
C PHE B 131 10.39 -42.84 45.11
N GLN B 132 9.75 -43.73 45.85
CA GLN B 132 9.31 -43.48 47.21
C GLN B 132 10.37 -43.91 48.23
N PHE B 133 11.03 -42.96 48.90
CA PHE B 133 12.25 -43.28 49.63
C PHE B 133 12.01 -44.27 50.76
N CYS B 134 11.44 -43.81 51.87
CA CYS B 134 10.65 -44.69 52.73
C CYS B 134 9.30 -44.03 52.99
N ASN B 135 9.36 -42.86 53.62
CA ASN B 135 8.26 -41.91 53.72
C ASN B 135 8.84 -40.50 53.62
N ASP B 136 10.17 -40.41 53.78
CA ASP B 136 10.92 -39.17 53.86
C ASP B 136 12.39 -39.44 53.59
N PRO B 137 13.05 -38.64 52.76
CA PRO B 137 14.44 -38.95 52.38
C PRO B 137 15.47 -38.41 53.36
N PHE B 138 16.46 -39.24 53.68
CA PHE B 138 17.58 -38.86 54.53
C PHE B 138 18.74 -39.81 54.29
N LEU B 139 19.95 -39.33 54.56
CA LEU B 139 21.15 -40.14 54.38
C LEU B 139 22.10 -39.98 55.56
N GLU B 151 25.72 -43.79 46.95
CA GLU B 151 24.88 -44.72 47.70
C GLU B 151 23.41 -44.56 47.34
N PHE B 152 22.61 -45.55 47.70
CA PHE B 152 21.17 -45.53 47.46
C PHE B 152 20.37 -45.59 48.76
N ARG B 153 20.91 -45.04 49.84
CA ARG B 153 20.17 -45.02 51.10
C ARG B 153 19.06 -43.97 51.07
N VAL B 154 19.26 -42.92 50.27
CA VAL B 154 18.26 -41.85 50.19
C VAL B 154 16.97 -42.39 49.58
N TYR B 155 17.04 -42.88 48.34
CA TYR B 155 15.85 -43.41 47.68
C TYR B 155 15.72 -44.91 47.91
N SER B 156 14.72 -45.53 47.29
CA SER B 156 14.48 -46.95 47.48
C SER B 156 14.70 -47.74 46.19
N SER B 157 14.02 -47.36 45.12
CA SER B 157 14.07 -48.07 43.86
C SER B 157 14.35 -47.09 42.71
N ALA B 158 14.27 -47.59 41.47
CA ALA B 158 14.52 -46.78 40.30
C ALA B 158 13.46 -47.09 39.25
N ASN B 159 13.41 -46.25 38.22
CA ASN B 159 12.45 -46.40 37.13
C ASN B 159 13.04 -45.89 35.83
N ASN B 160 12.21 -45.64 34.83
CA ASN B 160 12.67 -45.08 33.56
C ASN B 160 13.01 -43.61 33.78
N CYS B 161 14.28 -43.32 34.05
CA CYS B 161 14.73 -41.96 34.33
C CYS B 161 14.96 -41.25 32.99
N THR B 162 14.34 -40.07 32.87
CA THR B 162 14.48 -39.27 31.65
C THR B 162 15.89 -38.74 31.48
N PHE B 163 16.40 -38.07 32.52
CA PHE B 163 17.73 -37.47 32.49
C PHE B 163 18.59 -38.09 33.57
N GLU B 164 19.89 -38.23 33.29
CA GLU B 164 20.83 -38.83 34.24
C GLU B 164 22.11 -38.01 34.29
N TYR B 165 21.98 -36.68 34.37
CA TYR B 165 23.14 -35.79 34.38
C TYR B 165 24.04 -36.09 35.57
N VAL B 166 25.27 -36.51 35.31
CA VAL B 166 26.21 -36.89 36.35
C VAL B 166 27.47 -36.04 36.22
N SER B 167 27.31 -34.78 35.84
CA SER B 167 28.41 -33.85 35.60
C SER B 167 29.44 -33.87 36.72
N GLN B 168 30.72 -33.83 36.35
CA GLN B 168 31.80 -33.92 37.33
C GLN B 168 31.87 -32.74 38.29
N PRO B 169 31.80 -31.48 37.86
CA PRO B 169 31.91 -30.36 38.81
C PRO B 169 30.76 -30.38 39.81
N PHE B 170 31.09 -30.58 41.08
CA PHE B 170 30.08 -30.64 42.13
C PHE B 170 29.58 -29.25 42.46
N LEU B 171 28.33 -29.17 42.92
CA LEU B 171 27.70 -27.91 43.29
C LEU B 171 27.88 -27.61 44.78
N MET B 172 29.13 -27.65 45.24
CA MET B 172 29.46 -27.37 46.63
C MET B 172 30.69 -26.48 46.74
N GLN B 178 38.95 -19.19 59.64
CA GLN B 178 38.87 -19.63 61.02
C GLN B 178 37.61 -20.46 61.27
N GLY B 179 37.33 -20.76 62.54
CA GLY B 179 36.16 -21.54 62.88
C GLY B 179 34.84 -20.81 62.70
N ASN B 180 34.87 -19.49 62.61
CA ASN B 180 33.67 -18.67 62.44
C ASN B 180 33.33 -18.43 60.97
N PHE B 181 33.97 -19.15 60.06
CA PHE B 181 33.70 -18.99 58.64
C PHE B 181 32.76 -20.09 58.14
N LYS B 182 31.46 -19.93 58.40
CA LYS B 182 30.50 -20.92 57.95
C LYS B 182 30.32 -20.83 56.44
N ASN B 183 30.19 -21.99 55.80
CA ASN B 183 30.00 -22.04 54.35
C ASN B 183 28.60 -21.56 53.99
N LEU B 184 28.51 -20.34 53.46
CA LEU B 184 27.24 -19.73 53.07
C LEU B 184 27.03 -20.00 51.58
N ARG B 185 26.31 -21.07 51.29
CA ARG B 185 25.96 -21.41 49.92
C ARG B 185 24.46 -21.25 49.69
N GLU B 186 24.11 -20.71 48.53
CA GLU B 186 22.72 -20.47 48.18
C GLU B 186 22.51 -20.81 46.71
N PHE B 187 21.37 -21.41 46.39
CA PHE B 187 21.05 -21.86 45.05
C PHE B 187 19.60 -21.48 44.74
N VAL B 188 19.43 -20.57 43.79
CA VAL B 188 18.10 -20.14 43.38
C VAL B 188 17.54 -21.14 42.37
N PHE B 189 16.61 -21.99 42.81
CA PHE B 189 15.96 -22.94 41.93
C PHE B 189 14.67 -22.35 41.39
N LYS B 190 14.45 -22.51 40.08
CA LYS B 190 13.23 -22.02 39.45
C LYS B 190 12.55 -23.14 38.67
N ASN B 191 11.41 -22.84 38.06
CA ASN B 191 10.65 -23.85 37.33
C ASN B 191 10.24 -23.32 35.97
N ILE B 192 11.18 -22.72 35.24
CA ILE B 192 10.92 -22.20 33.90
C ILE B 192 10.63 -23.38 32.98
N ASP B 193 9.82 -23.15 31.94
CA ASP B 193 9.46 -24.20 30.99
C ASP B 193 10.68 -24.79 30.31
N GLY B 194 11.62 -23.93 29.93
CA GLY B 194 12.82 -24.38 29.25
C GLY B 194 13.77 -25.17 30.14
N TYR B 195 14.36 -24.51 31.12
CA TYR B 195 15.32 -25.15 32.00
C TYR B 195 14.86 -25.04 33.45
N PHE B 196 15.66 -25.64 34.35
CA PHE B 196 15.41 -25.55 35.78
C PHE B 196 16.11 -24.37 36.44
N LYS B 197 17.10 -23.77 35.75
CA LYS B 197 17.77 -22.57 36.23
C LYS B 197 18.39 -22.77 37.61
N ILE B 198 19.37 -23.66 37.71
CA ILE B 198 20.06 -23.92 38.97
C ILE B 198 21.24 -22.96 39.07
N TYR B 199 21.08 -21.89 39.85
CA TYR B 199 22.14 -20.95 40.09
C TYR B 199 22.96 -21.38 41.31
N SER B 200 24.11 -20.74 41.51
CA SER B 200 24.99 -21.11 42.61
C SER B 200 25.79 -19.90 43.03
N LYS B 201 26.16 -19.88 44.32
CA LYS B 201 26.99 -18.83 44.90
C LYS B 201 27.50 -19.26 46.26
N HIS B 202 28.76 -18.95 46.57
CA HIS B 202 29.36 -19.37 47.83
C HIS B 202 30.34 -18.31 48.29
N THR B 203 30.26 -17.95 49.57
CA THR B 203 31.15 -16.97 50.18
C THR B 203 31.18 -17.20 51.68
N PRO B 204 32.36 -17.31 52.29
CA PRO B 204 32.45 -17.53 53.74
C PRO B 204 32.07 -16.27 54.51
N ILE B 205 31.32 -16.46 55.60
CA ILE B 205 30.91 -15.31 56.41
C ILE B 205 32.11 -14.79 57.19
N ILE B 206 31.94 -13.59 57.75
CA ILE B 206 33.03 -12.90 58.45
C ILE B 206 33.05 -13.33 59.91
N VAL B 207 31.96 -13.08 60.63
CA VAL B 207 31.88 -13.34 62.07
C VAL B 207 30.72 -14.29 62.34
N ARG B 208 30.89 -15.16 63.33
CA ARG B 208 29.84 -16.10 63.72
C ARG B 208 28.80 -15.40 64.58
N GLU B 209 27.89 -14.69 63.95
CA GLU B 209 26.80 -14.00 64.61
C GLU B 209 25.59 -14.91 64.74
N PRO B 210 24.61 -14.55 65.59
CA PRO B 210 23.36 -15.34 65.65
C PRO B 210 22.75 -15.59 64.28
N GLU B 211 22.23 -16.80 64.07
CA GLU B 211 21.80 -17.24 62.75
C GLU B 211 20.80 -16.27 62.12
N ASP B 212 21.23 -15.63 61.02
CA ASP B 212 20.40 -14.68 60.30
C ASP B 212 21.11 -14.36 58.99
N LEU B 213 20.34 -14.17 57.92
CA LEU B 213 20.92 -13.85 56.63
C LEU B 213 21.70 -12.54 56.72
N PRO B 214 22.97 -12.52 56.32
CA PRO B 214 23.77 -11.30 56.46
C PRO B 214 23.27 -10.19 55.55
N GLN B 215 23.40 -8.96 56.03
CA GLN B 215 22.96 -7.77 55.29
C GLN B 215 24.05 -7.40 54.30
N GLY B 216 24.02 -8.04 53.14
CA GLY B 216 25.01 -7.77 52.11
C GLY B 216 24.53 -8.28 50.78
N PHE B 217 25.05 -7.67 49.72
CA PHE B 217 24.67 -7.98 48.35
C PHE B 217 25.68 -8.93 47.73
N SER B 218 25.18 -9.97 47.05
CA SER B 218 26.05 -10.94 46.39
C SER B 218 25.26 -11.61 45.28
N ALA B 219 25.65 -11.35 44.03
CA ALA B 219 24.97 -11.93 42.90
C ALA B 219 25.29 -13.43 42.79
N LEU B 220 24.35 -14.16 42.18
CA LEU B 220 24.48 -15.60 42.00
C LEU B 220 24.78 -15.90 40.54
N GLU B 221 25.89 -16.58 40.28
CA GLU B 221 26.26 -16.91 38.91
C GLU B 221 25.59 -18.21 38.48
N PRO B 222 25.09 -18.28 37.25
CA PRO B 222 24.52 -19.54 36.76
C PRO B 222 25.57 -20.64 36.70
N LEU B 223 25.16 -21.84 37.11
CA LEU B 223 26.09 -22.96 37.17
C LEU B 223 25.73 -24.03 36.14
N VAL B 224 24.50 -24.53 36.20
CA VAL B 224 24.05 -25.58 35.30
C VAL B 224 22.60 -25.31 34.89
N ASP B 225 22.25 -25.77 33.70
CA ASP B 225 20.90 -25.69 33.17
C ASP B 225 20.39 -27.10 32.89
N LEU B 226 19.17 -27.39 33.36
CA LEU B 226 18.58 -28.71 33.26
C LEU B 226 17.31 -28.65 32.43
N PRO B 227 17.39 -28.97 31.14
CA PRO B 227 16.18 -29.02 30.32
C PRO B 227 15.32 -30.22 30.66
N ILE B 228 14.19 -29.99 31.32
CA ILE B 228 13.31 -31.07 31.74
C ILE B 228 11.90 -30.52 31.94
N GLY B 229 10.89 -31.37 31.75
CA GLY B 229 9.52 -30.95 31.94
C GLY B 229 8.76 -31.83 32.91
N ILE B 230 8.35 -31.26 34.04
CA ILE B 230 7.63 -31.99 35.07
C ILE B 230 6.92 -31.00 35.98
N ASN B 231 5.68 -31.31 36.35
CA ASN B 231 4.91 -30.42 37.22
C ASN B 231 5.39 -30.57 38.66
N ILE B 232 6.33 -29.72 39.06
CA ILE B 232 6.88 -29.75 40.41
C ILE B 232 6.11 -28.76 41.27
N THR B 233 5.65 -29.23 42.44
CA THR B 233 4.87 -28.40 43.34
C THR B 233 5.43 -28.32 44.76
N ARG B 234 6.23 -29.29 45.19
CA ARG B 234 6.78 -29.29 46.53
C ARG B 234 8.29 -29.45 46.49
N PHE B 235 8.93 -29.01 47.57
CA PHE B 235 10.38 -29.09 47.72
C PHE B 235 10.72 -29.66 49.09
N GLN B 236 11.80 -30.45 49.15
CA GLN B 236 12.21 -31.07 50.40
C GLN B 236 13.72 -31.26 50.38
N THR B 237 14.40 -30.71 51.37
CA THR B 237 15.85 -30.81 51.46
C THR B 237 16.27 -32.20 51.93
N LEU B 238 17.52 -32.56 51.64
CA LEU B 238 18.07 -33.87 51.97
C LEU B 238 19.36 -33.66 52.77
N LEU B 239 19.24 -33.72 54.10
CA LEU B 239 20.40 -33.56 54.96
C LEU B 239 20.97 -34.93 55.33
N ALA B 240 22.24 -34.97 55.68
CA ALA B 240 22.90 -36.20 56.08
C ALA B 240 22.58 -36.52 57.53
N LEU B 241 22.17 -37.76 57.79
CA LEU B 241 21.77 -38.16 59.14
C LEU B 241 23.01 -38.40 60.01
N HIS B 242 23.79 -39.42 59.66
CA HIS B 242 25.05 -39.75 60.33
C HIS B 242 24.95 -39.65 61.85
N ARG B 243 23.93 -40.32 62.40
CA ARG B 243 23.75 -40.29 63.85
C ARG B 243 24.48 -41.46 64.52
N SER B 244 24.49 -42.61 63.87
CA SER B 244 25.15 -43.81 64.39
C SER B 244 24.64 -44.19 65.78
N GLY B 258 20.63 -25.28 67.05
CA GLY B 258 21.12 -26.38 66.25
C GLY B 258 22.45 -26.09 65.58
N ALA B 259 22.90 -27.00 64.73
CA ALA B 259 24.17 -26.85 64.03
C ALA B 259 23.97 -26.14 62.70
N ALA B 260 23.14 -26.71 61.83
CA ALA B 260 22.88 -26.13 60.52
C ALA B 260 21.46 -25.57 60.47
N ALA B 261 21.18 -24.83 59.39
CA ALA B 261 19.86 -24.22 59.20
C ALA B 261 19.67 -23.95 57.72
N TYR B 262 18.60 -24.50 57.15
CA TYR B 262 18.32 -24.33 55.72
C TYR B 262 17.22 -23.28 55.52
N TYR B 263 17.65 -22.10 55.08
CA TYR B 263 16.72 -21.02 54.81
C TYR B 263 15.99 -21.27 53.50
N VAL B 264 14.71 -20.90 53.45
CA VAL B 264 13.89 -21.09 52.26
C VAL B 264 13.37 -19.72 51.80
N GLY B 265 12.59 -19.71 50.75
CA GLY B 265 12.01 -18.49 50.21
C GLY B 265 11.08 -18.81 49.05
N TYR B 266 10.39 -17.78 48.58
CA TYR B 266 9.47 -17.90 47.45
C TYR B 266 9.59 -16.66 46.57
N LEU B 267 9.81 -16.89 45.28
CA LEU B 267 9.95 -15.78 44.33
C LEU B 267 8.58 -15.22 43.98
N GLN B 268 8.60 -14.01 43.42
CA GLN B 268 7.39 -13.32 43.00
C GLN B 268 7.71 -12.53 41.74
N PRO B 269 6.75 -12.36 40.84
CA PRO B 269 6.99 -11.56 39.63
C PRO B 269 7.11 -10.08 39.97
N ARG B 270 8.32 -9.54 39.92
CA ARG B 270 8.59 -8.16 40.26
C ARG B 270 9.54 -7.56 39.22
N THR B 271 9.78 -6.26 39.35
CA THR B 271 10.74 -5.55 38.52
C THR B 271 12.00 -5.26 39.34
N PHE B 272 13.14 -5.18 38.65
CA PHE B 272 14.42 -5.00 39.33
C PHE B 272 15.31 -4.13 38.47
N LEU B 273 16.05 -3.23 39.12
CA LEU B 273 17.01 -2.36 38.46
C LEU B 273 18.40 -2.90 38.73
N LEU B 274 18.97 -3.60 37.76
CA LEU B 274 20.27 -4.25 37.91
C LEU B 274 21.37 -3.26 37.56
N LYS B 275 22.32 -3.08 38.47
CA LYS B 275 23.44 -2.18 38.28
C LYS B 275 24.73 -3.00 38.15
N TYR B 276 25.38 -2.89 36.99
CA TYR B 276 26.62 -3.59 36.73
C TYR B 276 27.81 -2.69 37.02
N ASN B 277 28.91 -3.31 37.42
CA ASN B 277 30.13 -2.59 37.75
C ASN B 277 30.97 -2.44 36.49
N GLU B 278 32.20 -1.91 36.61
CA GLU B 278 33.06 -1.75 35.45
C GLU B 278 33.66 -3.08 35.00
N ASN B 279 33.59 -4.10 35.85
CA ASN B 279 34.07 -5.44 35.50
C ASN B 279 32.95 -6.37 35.06
N GLY B 280 31.71 -5.90 35.04
CA GLY B 280 30.59 -6.72 34.64
C GLY B 280 29.93 -7.52 35.75
N THR B 281 30.13 -7.14 37.01
CA THR B 281 29.54 -7.84 38.14
C THR B 281 28.49 -6.96 38.80
N ILE B 282 27.38 -7.58 39.20
CA ILE B 282 26.30 -6.84 39.85
C ILE B 282 26.71 -6.49 41.28
N THR B 283 26.57 -5.22 41.64
CA THR B 283 26.96 -4.74 42.96
C THR B 283 25.77 -4.30 43.81
N ASP B 284 24.72 -3.77 43.20
CA ASP B 284 23.55 -3.33 43.94
C ASP B 284 22.34 -3.34 43.02
N ALA B 285 21.17 -3.54 43.62
CA ALA B 285 19.92 -3.57 42.88
C ALA B 285 18.79 -3.11 43.78
N VAL B 286 17.78 -2.49 43.17
CA VAL B 286 16.63 -1.95 43.89
C VAL B 286 15.37 -2.46 43.22
N ASP B 287 14.39 -2.85 44.03
CA ASP B 287 13.11 -3.32 43.51
C ASP B 287 12.26 -2.13 43.07
N CYS B 288 11.07 -2.44 42.57
CA CYS B 288 10.12 -1.43 42.10
C CYS B 288 8.76 -1.62 42.75
N ALA B 289 8.71 -2.42 43.83
CA ALA B 289 7.42 -2.66 44.49
C ALA B 289 7.51 -2.64 46.00
N LEU B 290 8.60 -2.17 46.59
CA LEU B 290 8.72 -2.15 48.05
C LEU B 290 8.28 -0.80 48.62
N ASP B 291 8.94 0.27 48.22
CA ASP B 291 8.67 1.60 48.74
C ASP B 291 8.58 2.61 47.60
N PRO B 292 7.96 3.75 47.84
CA PRO B 292 7.90 4.79 46.80
C PRO B 292 9.27 5.27 46.35
N LEU B 293 10.27 5.28 47.24
CA LEU B 293 11.63 5.61 46.82
C LEU B 293 12.13 4.61 45.79
N SER B 294 11.77 3.34 45.93
CA SER B 294 12.12 2.34 44.92
C SER B 294 11.42 2.62 43.61
N GLU B 295 10.16 3.06 43.64
CA GLU B 295 9.47 3.41 42.41
C GLU B 295 10.13 4.59 41.73
N THR B 296 10.61 5.57 42.51
CA THR B 296 11.34 6.69 41.92
C THR B 296 12.66 6.24 41.32
N LYS B 297 13.38 5.35 42.01
CA LYS B 297 14.63 4.81 41.49
C LYS B 297 14.43 3.93 40.27
N CYS B 298 13.23 3.39 40.07
CA CYS B 298 12.94 2.62 38.87
C CYS B 298 12.44 3.45 37.70
N THR B 299 11.63 4.49 37.96
CA THR B 299 11.15 5.33 36.87
C THR B 299 12.26 6.25 36.37
N LEU B 300 13.23 6.56 37.23
CA LEU B 300 14.41 7.33 36.85
C LEU B 300 15.63 6.42 37.01
N LYS B 301 16.28 6.11 35.90
CA LYS B 301 17.35 5.12 35.91
C LYS B 301 18.60 5.68 36.59
N SER B 302 18.62 5.63 37.91
CA SER B 302 19.75 6.09 38.71
C SER B 302 19.60 5.53 40.12
N PHE B 303 20.47 5.95 41.03
CA PHE B 303 20.42 5.52 42.41
C PHE B 303 20.51 6.65 43.42
N THR B 304 20.62 7.91 42.97
CA THR B 304 20.68 9.07 43.86
C THR B 304 19.61 10.05 43.41
N VAL B 305 18.40 9.88 43.96
CA VAL B 305 17.30 10.76 43.62
C VAL B 305 17.50 12.11 44.29
N GLU B 306 17.38 13.18 43.50
CA GLU B 306 17.59 14.53 43.98
C GLU B 306 16.34 15.00 44.75
N LYS B 307 16.39 16.24 45.23
CA LYS B 307 15.29 16.79 46.01
C LYS B 307 14.22 17.34 45.09
N GLY B 308 12.98 16.91 45.30
CA GLY B 308 11.87 17.38 44.50
C GLY B 308 10.81 16.30 44.38
N ILE B 309 9.68 16.69 43.80
CA ILE B 309 8.57 15.79 43.57
C ILE B 309 8.72 15.18 42.17
N TYR B 310 8.66 13.86 42.10
CA TYR B 310 8.85 13.13 40.84
C TYR B 310 7.61 12.29 40.58
N GLN B 311 7.15 12.28 39.33
CA GLN B 311 5.99 11.49 38.96
C GLN B 311 6.29 10.01 39.07
N THR B 312 5.24 9.20 39.18
CA THR B 312 5.36 7.76 39.32
C THR B 312 4.19 7.06 38.65
N SER B 313 3.91 5.82 39.05
CA SER B 313 2.83 5.04 38.47
C SER B 313 1.47 5.64 38.82
N ASN B 314 0.39 5.02 38.32
CA ASN B 314 -0.96 5.53 38.53
C ASN B 314 -1.71 4.57 39.43
N PHE B 315 -2.22 5.08 40.54
CA PHE B 315 -3.06 4.28 41.43
C PHE B 315 -4.31 3.82 40.70
N ARG B 316 -4.60 2.53 40.77
CA ARG B 316 -5.73 1.95 40.06
C ARG B 316 -6.16 0.67 40.75
N VAL B 317 -7.40 0.62 41.20
CA VAL B 317 -7.92 -0.60 41.83
C VAL B 317 -8.28 -1.62 40.76
N GLN B 318 -7.91 -2.89 41.00
CA GLN B 318 -8.19 -3.96 40.06
C GLN B 318 -9.54 -4.60 40.35
N PRO B 319 -10.22 -5.12 39.33
CA PRO B 319 -11.51 -5.78 39.57
C PRO B 319 -11.36 -7.02 40.43
N THR B 320 -12.48 -7.42 41.03
CA THR B 320 -12.53 -8.56 41.94
C THR B 320 -13.31 -9.74 41.37
N GLU B 321 -14.56 -9.52 40.95
CA GLU B 321 -15.41 -10.58 40.45
C GLU B 321 -15.49 -10.48 38.92
N SER B 322 -16.25 -11.39 38.30
CA SER B 322 -16.42 -11.39 36.85
C SER B 322 -17.86 -11.68 36.47
N ILE B 323 -18.59 -10.65 36.07
CA ILE B 323 -20.00 -10.79 35.71
C ILE B 323 -20.11 -11.12 34.23
N VAL B 324 -20.83 -12.19 33.92
CA VAL B 324 -20.96 -12.68 32.55
C VAL B 324 -22.43 -12.84 32.18
N ARG B 325 -23.29 -12.00 32.76
CA ARG B 325 -24.73 -12.11 32.52
C ARG B 325 -25.10 -11.91 31.06
N PHE B 326 -25.58 -12.92 30.35
CA PHE B 326 -26.03 -12.75 28.97
C PHE B 326 -27.51 -13.09 29.12
N PRO B 327 -28.40 -12.57 28.27
CA PRO B 327 -29.85 -12.78 28.35
C PRO B 327 -30.47 -14.12 28.78
N ASN B 328 -31.74 -14.08 29.23
CA ASN B 328 -32.61 -15.24 29.60
C ASN B 328 -32.89 -16.29 28.54
N ILE B 329 -31.87 -16.87 27.93
CA ILE B 329 -32.12 -17.78 26.81
C ILE B 329 -31.72 -19.23 26.99
N THR B 330 -32.60 -20.12 26.55
CA THR B 330 -32.34 -21.54 26.66
C THR B 330 -33.08 -22.38 25.62
N ASN B 331 -34.01 -21.79 24.86
CA ASN B 331 -34.64 -22.64 23.87
C ASN B 331 -33.60 -23.18 22.88
N LEU B 332 -33.87 -24.38 22.36
CA LEU B 332 -32.98 -24.99 21.38
C LEU B 332 -32.97 -24.17 20.09
N CYS B 333 -31.94 -24.42 19.27
CA CYS B 333 -31.76 -23.69 18.02
C CYS B 333 -31.58 -24.70 16.90
N PRO B 334 -32.35 -24.61 15.82
CA PRO B 334 -32.08 -25.44 14.64
C PRO B 334 -30.83 -24.95 13.94
N PHE B 335 -29.73 -25.70 14.09
CA PHE B 335 -28.44 -25.29 13.56
C PHE B 335 -27.88 -26.34 12.62
N ASP B 336 -28.31 -27.60 12.79
CA ASP B 336 -27.83 -28.67 11.94
C ASP B 336 -28.23 -28.45 10.49
N GLU B 337 -29.51 -28.18 10.25
CA GLU B 337 -30.00 -27.99 8.89
C GLU B 337 -29.61 -26.63 8.31
N VAL B 338 -28.90 -25.80 9.08
CA VAL B 338 -28.46 -24.51 8.56
C VAL B 338 -27.43 -24.70 7.46
N PHE B 339 -26.31 -25.37 7.78
CA PHE B 339 -25.23 -25.58 6.82
C PHE B 339 -25.32 -26.98 6.19
N ASN B 340 -25.52 -28.00 7.03
CA ASN B 340 -25.59 -29.37 6.53
C ASN B 340 -27.05 -29.75 6.28
N ALA B 341 -27.42 -29.89 5.02
CA ALA B 341 -28.78 -30.23 4.66
C ALA B 341 -28.74 -31.17 3.45
N THR B 342 -29.91 -31.49 2.92
CA THR B 342 -30.01 -32.40 1.77
C THR B 342 -30.15 -31.61 0.47
N ARG B 343 -31.15 -30.74 0.37
CA ARG B 343 -31.34 -29.94 -0.84
C ARG B 343 -30.65 -28.60 -0.68
N PHE B 344 -29.61 -28.36 -1.48
CA PHE B 344 -28.84 -27.14 -1.44
C PHE B 344 -29.35 -26.16 -2.50
N ALA B 345 -28.65 -25.04 -2.67
CA ALA B 345 -28.99 -24.04 -3.68
C ALA B 345 -27.78 -23.77 -4.54
N SER B 346 -28.05 -23.33 -5.78
CA SER B 346 -27.00 -23.02 -6.73
C SER B 346 -26.59 -21.56 -6.61
N VAL B 347 -25.74 -21.10 -7.54
CA VAL B 347 -25.30 -19.70 -7.56
C VAL B 347 -26.32 -18.80 -8.24
N TYR B 348 -27.46 -19.35 -8.65
CA TYR B 348 -28.52 -18.56 -9.27
C TYR B 348 -29.57 -18.10 -8.28
N ALA B 349 -29.78 -18.83 -7.19
CA ALA B 349 -30.74 -18.47 -6.17
C ALA B 349 -30.09 -18.63 -4.80
N TRP B 350 -30.18 -17.59 -3.99
CA TRP B 350 -29.56 -17.56 -2.66
C TRP B 350 -30.62 -17.93 -1.63
N ASN B 351 -30.45 -19.09 -0.99
CA ASN B 351 -31.39 -19.55 0.03
C ASN B 351 -31.04 -18.91 1.37
N ARG B 352 -31.27 -17.60 1.44
CA ARG B 352 -30.98 -16.85 2.66
C ARG B 352 -32.04 -17.10 3.71
N LYS B 353 -31.60 -17.43 4.92
CA LYS B 353 -32.50 -17.73 6.02
C LYS B 353 -31.85 -17.24 7.31
N ARG B 354 -32.36 -16.16 7.87
CA ARG B 354 -31.82 -15.61 9.10
C ARG B 354 -32.31 -16.42 10.30
N ILE B 355 -31.49 -16.48 11.33
CA ILE B 355 -31.80 -17.21 12.55
C ILE B 355 -32.40 -16.25 13.56
N SER B 356 -33.31 -16.75 14.39
CA SER B 356 -33.99 -15.92 15.39
C SER B 356 -33.29 -16.02 16.74
N ASN B 357 -33.90 -15.43 17.77
CA ASN B 357 -33.34 -15.45 19.11
C ASN B 357 -33.17 -16.87 19.62
N CYS B 358 -31.93 -17.26 19.90
CA CYS B 358 -31.62 -18.62 20.35
C CYS B 358 -30.19 -18.62 20.89
N VAL B 359 -29.86 -19.69 21.61
CA VAL B 359 -28.49 -19.91 22.07
C VAL B 359 -27.75 -20.75 21.04
N ALA B 360 -27.19 -20.08 20.02
CA ALA B 360 -26.51 -20.77 18.94
C ALA B 360 -25.16 -21.32 19.40
N ASP B 361 -25.08 -22.64 19.57
CA ASP B 361 -23.84 -23.28 19.96
C ASP B 361 -23.01 -23.59 18.72
N TYR B 362 -21.80 -23.03 18.64
CA TYR B 362 -20.92 -23.25 17.49
C TYR B 362 -20.07 -24.50 17.68
N SER B 363 -20.72 -25.62 17.93
CA SER B 363 -20.05 -26.91 18.08
C SER B 363 -20.58 -27.99 17.16
N VAL B 364 -21.78 -27.84 16.59
CA VAL B 364 -22.30 -28.84 15.67
C VAL B 364 -21.56 -28.76 14.34
N LEU B 365 -21.10 -27.57 13.95
CA LEU B 365 -20.32 -27.42 12.73
C LEU B 365 -18.93 -28.02 12.84
N TYR B 366 -18.48 -28.37 14.04
CA TYR B 366 -17.18 -29.01 14.21
C TYR B 366 -17.21 -30.45 13.69
N ASN B 367 -18.18 -31.24 14.15
CA ASN B 367 -18.33 -32.62 13.69
C ASN B 367 -19.23 -32.68 12.46
N LEU B 368 -18.87 -31.89 11.45
CA LEU B 368 -19.61 -31.77 10.22
C LEU B 368 -19.03 -32.74 9.19
N ALA B 369 -19.39 -32.57 7.92
CA ALA B 369 -18.86 -33.39 6.85
C ALA B 369 -17.34 -33.24 6.76
N PRO B 370 -16.64 -34.24 6.19
CA PRO B 370 -15.18 -34.14 6.04
C PRO B 370 -14.69 -32.80 5.50
N PHE B 371 -13.49 -32.41 5.93
CA PHE B 371 -12.89 -31.12 5.56
C PHE B 371 -13.76 -29.96 6.01
N PHE B 372 -14.14 -29.96 7.29
CA PHE B 372 -14.95 -28.90 7.88
C PHE B 372 -14.13 -27.69 8.30
N THR B 373 -13.35 -27.13 7.38
CA THR B 373 -12.48 -25.99 7.69
C THR B 373 -13.30 -24.76 8.05
N PHE B 374 -13.04 -24.19 9.22
CA PHE B 374 -13.76 -23.01 9.71
C PHE B 374 -13.00 -21.73 9.39
N LYS B 375 -12.76 -21.49 8.11
CA LYS B 375 -12.02 -20.29 7.69
C LYS B 375 -12.90 -19.05 7.87
N CYS B 376 -12.31 -17.99 8.39
CA CYS B 376 -12.99 -16.72 8.59
C CYS B 376 -12.20 -15.58 7.95
N TYR B 377 -12.87 -14.45 7.78
CA TYR B 377 -12.30 -13.29 7.10
C TYR B 377 -12.55 -12.01 7.90
N GLY B 378 -12.26 -12.05 9.19
CA GLY B 378 -12.49 -10.90 10.05
C GLY B 378 -12.81 -11.28 11.48
N VAL B 379 -13.09 -12.56 11.70
CA VAL B 379 -13.30 -13.07 13.05
C VAL B 379 -12.44 -14.31 13.25
N SER B 380 -12.53 -14.92 14.43
CA SER B 380 -11.74 -16.10 14.75
C SER B 380 -12.64 -17.15 15.38
N PRO B 381 -12.55 -18.41 14.93
CA PRO B 381 -13.41 -19.44 15.53
C PRO B 381 -13.18 -19.67 17.01
N THR B 382 -11.98 -19.35 17.51
CA THR B 382 -11.71 -19.50 18.93
C THR B 382 -12.57 -18.57 19.78
N LYS B 383 -12.90 -17.39 19.27
CA LYS B 383 -13.76 -16.44 19.96
C LYS B 383 -15.04 -16.17 19.18
N LEU B 384 -15.53 -17.16 18.44
CA LEU B 384 -16.76 -17.05 17.66
C LEU B 384 -17.89 -17.87 18.27
N ASN B 385 -17.76 -18.17 19.57
CA ASN B 385 -18.77 -18.97 20.26
C ASN B 385 -19.15 -18.34 21.58
N ASP B 386 -18.35 -17.37 22.04
CA ASP B 386 -18.59 -16.69 23.30
C ASP B 386 -19.16 -15.28 23.12
N LEU B 387 -19.70 -14.98 21.94
CA LEU B 387 -20.27 -13.68 21.65
C LEU B 387 -21.73 -13.82 21.23
N CYS B 388 -22.45 -12.71 21.34
CA CYS B 388 -23.84 -12.62 20.91
C CYS B 388 -23.92 -11.90 19.57
N PHE B 389 -24.97 -12.22 18.81
CA PHE B 389 -25.13 -11.68 17.47
C PHE B 389 -26.51 -11.06 17.32
N THR B 390 -26.56 -9.90 16.66
CA THR B 390 -27.84 -9.23 16.44
C THR B 390 -28.75 -10.04 15.54
N ASN B 391 -28.26 -10.40 14.35
CA ASN B 391 -29.02 -11.22 13.42
C ASN B 391 -28.04 -11.90 12.47
N VAL B 392 -27.95 -13.22 12.56
CA VAL B 392 -27.05 -14.00 11.72
C VAL B 392 -27.80 -14.44 10.47
N TYR B 393 -27.21 -14.18 9.30
CA TYR B 393 -27.80 -14.55 8.02
C TYR B 393 -27.08 -15.76 7.46
N ALA B 394 -27.82 -16.85 7.23
CA ALA B 394 -27.27 -18.05 6.64
C ALA B 394 -27.56 -18.08 5.14
N ASP B 395 -26.67 -18.73 4.40
CA ASP B 395 -26.82 -18.83 2.95
C ASP B 395 -26.03 -20.01 2.40
N SER B 396 -26.69 -20.87 1.63
CA SER B 396 -26.08 -22.06 1.05
C SER B 396 -25.88 -21.85 -0.45
N PHE B 397 -24.75 -22.30 -0.96
CA PHE B 397 -24.43 -22.18 -2.38
C PHE B 397 -23.39 -23.24 -2.74
N VAL B 398 -23.55 -23.81 -3.93
CA VAL B 398 -22.66 -24.87 -4.43
C VAL B 398 -21.83 -24.29 -5.56
N ILE B 399 -20.52 -24.49 -5.48
CA ILE B 399 -19.57 -24.02 -6.49
C ILE B 399 -18.70 -25.21 -6.89
N ARG B 400 -18.92 -25.73 -8.10
CA ARG B 400 -18.15 -26.87 -8.57
C ARG B 400 -16.76 -26.42 -8.99
N GLY B 401 -15.77 -27.26 -8.72
CA GLY B 401 -14.41 -26.97 -9.13
C GLY B 401 -13.67 -26.10 -8.11
N ASP B 402 -12.44 -25.73 -8.44
CA ASP B 402 -11.65 -24.91 -7.55
C ASP B 402 -12.14 -23.46 -7.58
N GLU B 403 -13.17 -23.18 -6.79
CA GLU B 403 -13.76 -21.85 -6.75
C GLU B 403 -13.96 -21.32 -5.34
N VAL B 404 -13.49 -22.04 -4.32
CA VAL B 404 -13.58 -21.54 -2.95
C VAL B 404 -12.67 -20.34 -2.71
N ARG B 405 -11.71 -20.10 -3.61
CA ARG B 405 -10.86 -18.91 -3.52
C ARG B 405 -11.50 -17.68 -4.13
N GLN B 406 -12.54 -17.86 -4.95
CA GLN B 406 -13.24 -16.75 -5.60
C GLN B 406 -14.50 -16.36 -4.84
N ILE B 407 -14.68 -16.87 -3.62
CA ILE B 407 -15.82 -16.50 -2.78
C ILE B 407 -15.28 -15.67 -1.62
N ALA B 408 -13.96 -15.54 -1.55
CA ALA B 408 -13.35 -14.72 -0.51
C ALA B 408 -13.75 -13.26 -0.70
N PRO B 409 -13.78 -12.46 0.37
CA PRO B 409 -14.16 -11.05 0.24
C PRO B 409 -13.30 -10.27 -0.73
N GLY B 410 -13.92 -9.77 -1.81
CA GLY B 410 -13.23 -8.99 -2.80
C GLY B 410 -12.50 -9.78 -3.87
N GLN B 411 -12.32 -11.08 -3.68
CA GLN B 411 -11.62 -11.91 -4.66
C GLN B 411 -12.46 -12.05 -5.92
N THR B 412 -12.08 -11.34 -6.97
CA THR B 412 -12.83 -11.35 -8.21
C THR B 412 -12.43 -12.54 -9.07
N GLY B 413 -13.26 -12.82 -10.08
CA GLY B 413 -13.02 -13.92 -10.99
C GLY B 413 -14.24 -14.25 -11.83
N ASN B 414 -14.59 -15.52 -11.92
CA ASN B 414 -15.78 -15.96 -12.62
C ASN B 414 -16.98 -16.17 -11.70
N ILE B 415 -16.73 -16.46 -10.42
CA ILE B 415 -17.84 -16.64 -9.47
C ILE B 415 -18.29 -15.30 -8.93
N ALA B 416 -17.36 -14.54 -8.34
CA ALA B 416 -17.70 -13.25 -7.73
C ALA B 416 -17.66 -12.14 -8.78
N ASP B 417 -18.36 -12.37 -9.89
CA ASP B 417 -18.54 -11.34 -10.91
C ASP B 417 -20.00 -11.22 -11.28
N TYR B 418 -20.70 -12.35 -11.41
CA TYR B 418 -22.11 -12.35 -11.77
C TYR B 418 -22.89 -13.42 -11.03
N ASN B 419 -22.27 -14.08 -10.05
CA ASN B 419 -22.96 -15.15 -9.34
C ASN B 419 -23.17 -14.83 -7.87
N TYR B 420 -22.10 -14.46 -7.17
CA TYR B 420 -22.19 -14.19 -5.73
C TYR B 420 -21.10 -13.19 -5.37
N LYS B 421 -21.52 -11.99 -4.97
CA LYS B 421 -20.60 -10.93 -4.56
C LYS B 421 -20.75 -10.71 -3.06
N LEU B 422 -19.85 -11.29 -2.29
CA LEU B 422 -19.85 -11.09 -0.85
C LEU B 422 -19.28 -9.72 -0.51
N PRO B 423 -19.78 -9.03 0.51
CA PRO B 423 -19.24 -7.71 0.85
C PRO B 423 -17.78 -7.80 1.26
N ASP B 424 -17.07 -6.67 1.12
CA ASP B 424 -15.65 -6.64 1.47
C ASP B 424 -15.42 -6.84 2.95
N ASP B 425 -16.37 -6.44 3.80
CA ASP B 425 -16.19 -6.63 5.24
C ASP B 425 -16.30 -8.11 5.62
N PHE B 426 -17.46 -8.72 5.38
CA PHE B 426 -17.69 -10.14 5.64
C PHE B 426 -17.26 -10.51 7.05
N THR B 427 -17.97 -10.01 8.07
CA THR B 427 -17.60 -10.24 9.46
C THR B 427 -17.91 -11.67 9.89
N GLY B 428 -18.31 -12.52 8.95
CA GLY B 428 -18.59 -13.91 9.22
C GLY B 428 -17.46 -14.83 8.83
N CYS B 429 -17.80 -16.11 8.67
CA CYS B 429 -16.86 -17.15 8.30
C CYS B 429 -17.37 -17.90 7.09
N VAL B 430 -16.45 -18.52 6.35
CA VAL B 430 -16.79 -19.31 5.17
C VAL B 430 -16.45 -20.77 5.49
N ILE B 431 -17.47 -21.63 5.48
CA ILE B 431 -17.30 -23.05 5.76
C ILE B 431 -17.43 -23.80 4.44
N ALA B 432 -16.30 -24.20 3.88
CA ALA B 432 -16.25 -24.87 2.58
C ALA B 432 -15.78 -26.32 2.80
N TRP B 433 -16.75 -27.23 2.88
CA TRP B 433 -16.45 -28.65 3.03
C TRP B 433 -16.67 -29.34 1.69
N ASN B 434 -15.75 -30.23 1.34
CA ASN B 434 -15.85 -30.96 0.08
C ASN B 434 -17.07 -31.88 0.08
N SER B 435 -17.98 -31.62 -0.85
CA SER B 435 -19.20 -32.41 -0.99
C SER B 435 -19.11 -33.29 -2.23
N ASN B 436 -18.98 -34.60 -2.01
CA ASN B 436 -18.87 -35.53 -3.12
C ASN B 436 -19.71 -36.78 -2.86
N LYS B 437 -20.46 -36.77 -1.76
CA LYS B 437 -21.28 -37.93 -1.38
C LYS B 437 -22.60 -37.94 -2.16
N LEU B 438 -23.39 -36.89 -2.03
CA LEU B 438 -24.69 -36.79 -2.69
C LEU B 438 -24.68 -35.78 -3.82
N ASP B 439 -23.56 -35.12 -4.08
CA ASP B 439 -23.46 -34.13 -5.14
C ASP B 439 -22.86 -34.70 -6.42
N SER B 440 -22.24 -35.88 -6.36
CA SER B 440 -21.62 -36.49 -7.54
C SER B 440 -22.59 -37.34 -8.35
N LYS B 441 -23.81 -37.55 -7.86
CA LYS B 441 -24.78 -38.37 -8.56
C LYS B 441 -25.13 -37.78 -9.92
N VAL B 442 -25.46 -38.66 -10.87
CA VAL B 442 -25.83 -38.20 -12.20
C VAL B 442 -27.15 -37.45 -12.20
N SER B 443 -27.98 -37.64 -11.17
CA SER B 443 -29.23 -36.93 -11.04
C SER B 443 -29.06 -35.58 -10.33
N GLY B 444 -27.83 -35.09 -10.19
CA GLY B 444 -27.58 -33.82 -9.56
C GLY B 444 -27.14 -32.75 -10.56
N ASN B 445 -27.11 -33.11 -11.84
CA ASN B 445 -26.72 -32.14 -12.86
C ASN B 445 -27.76 -31.04 -13.00
N TYR B 446 -29.04 -31.38 -12.83
CA TYR B 446 -30.11 -30.40 -12.90
C TYR B 446 -30.45 -29.79 -11.55
N ASN B 447 -29.94 -30.35 -10.45
CA ASN B 447 -30.15 -29.78 -9.13
C ASN B 447 -29.23 -28.60 -8.91
N TYR B 448 -27.92 -28.83 -8.99
CA TYR B 448 -26.95 -27.75 -8.88
C TYR B 448 -26.60 -27.22 -10.26
N LEU B 449 -26.55 -25.89 -10.37
CA LEU B 449 -26.35 -25.26 -11.67
C LEU B 449 -25.31 -24.13 -11.59
N TYR B 450 -25.19 -23.35 -12.66
CA TYR B 450 -24.21 -22.29 -12.72
C TYR B 450 -24.70 -21.22 -13.69
N ARG B 451 -24.55 -19.96 -13.30
CA ARG B 451 -25.00 -18.84 -14.11
C ARG B 451 -23.82 -18.26 -14.90
N LEU B 452 -24.09 -17.88 -16.14
CA LEU B 452 -23.04 -17.35 -17.01
C LEU B 452 -22.86 -15.86 -16.81
N PHE B 453 -22.10 -15.23 -17.71
CA PHE B 453 -21.81 -13.80 -17.60
C PHE B 453 -23.08 -12.97 -17.63
N ARG B 454 -22.98 -11.76 -17.07
CA ARG B 454 -24.11 -10.85 -16.97
C ARG B 454 -23.68 -9.48 -17.46
N LYS B 455 -24.63 -8.74 -18.05
CA LYS B 455 -24.35 -7.41 -18.59
C LYS B 455 -23.90 -6.45 -17.49
N SER B 456 -24.76 -6.21 -16.50
CA SER B 456 -24.40 -5.33 -15.40
C SER B 456 -23.53 -6.06 -14.38
N ASN B 457 -22.78 -5.28 -13.61
CA ASN B 457 -21.89 -5.84 -12.60
C ASN B 457 -22.70 -6.33 -11.40
N LEU B 458 -22.02 -6.90 -10.41
CA LEU B 458 -22.70 -7.47 -9.24
C LEU B 458 -22.19 -6.75 -7.99
N LYS B 459 -23.10 -6.03 -7.33
CA LYS B 459 -22.76 -5.35 -6.09
C LYS B 459 -22.87 -6.32 -4.91
N PRO B 460 -22.27 -6.00 -3.76
CA PRO B 460 -22.39 -6.87 -2.58
C PRO B 460 -23.83 -7.18 -2.21
N PHE B 461 -24.15 -8.46 -2.08
CA PHE B 461 -25.48 -8.94 -1.75
C PHE B 461 -26.51 -8.47 -2.78
N GLU B 462 -26.31 -8.90 -4.02
CA GLU B 462 -27.24 -8.63 -5.12
C GLU B 462 -27.66 -9.97 -5.70
N ARG B 463 -28.86 -10.42 -5.34
CA ARG B 463 -29.33 -11.72 -5.80
C ARG B 463 -29.67 -11.66 -7.29
N ASP B 464 -28.85 -12.30 -8.10
CA ASP B 464 -29.01 -12.31 -9.55
C ASP B 464 -29.92 -13.48 -9.92
N ILE B 465 -31.19 -13.17 -10.16
CA ILE B 465 -32.18 -14.18 -10.53
C ILE B 465 -32.70 -13.88 -11.93
N SER B 466 -31.86 -13.27 -12.76
CA SER B 466 -32.23 -12.91 -14.12
C SER B 466 -31.90 -14.05 -15.07
N THR B 467 -32.92 -14.52 -15.78
CA THR B 467 -32.73 -15.58 -16.77
C THR B 467 -33.20 -15.20 -18.17
N GLU B 468 -33.37 -13.91 -18.46
CA GLU B 468 -33.83 -13.48 -19.77
C GLU B 468 -32.67 -13.51 -20.77
N ILE B 469 -32.91 -12.91 -21.94
CA ILE B 469 -31.90 -12.87 -22.98
C ILE B 469 -30.75 -11.97 -22.53
N TYR B 470 -29.58 -12.15 -23.15
CA TYR B 470 -28.38 -11.46 -22.72
C TYR B 470 -27.99 -10.33 -23.66
N GLN B 471 -28.47 -9.12 -23.37
CA GLN B 471 -28.10 -7.87 -24.05
C GLN B 471 -28.01 -8.01 -25.56
N ALA B 472 -29.16 -8.23 -26.21
CA ALA B 472 -29.23 -8.37 -27.67
C ALA B 472 -28.44 -7.27 -28.37
N GLY B 473 -28.83 -6.01 -28.16
CA GLY B 473 -28.07 -4.89 -28.66
C GLY B 473 -28.04 -4.76 -30.17
N ASN B 474 -26.88 -5.04 -30.77
CA ASN B 474 -26.65 -4.86 -32.20
C ASN B 474 -27.33 -5.91 -33.06
N LYS B 475 -28.08 -6.84 -32.45
CA LYS B 475 -28.76 -7.87 -33.21
C LYS B 475 -29.89 -8.43 -32.34
N PRO B 476 -31.09 -8.61 -32.90
CA PRO B 476 -32.19 -9.18 -32.10
C PRO B 476 -31.88 -10.60 -31.65
N CYS B 477 -31.71 -10.79 -30.35
CA CYS B 477 -31.35 -12.08 -29.78
C CYS B 477 -32.53 -12.75 -29.09
N ASN B 478 -33.69 -12.11 -29.02
CA ASN B 478 -34.86 -12.70 -28.39
C ASN B 478 -35.28 -13.97 -29.10
N GLY B 479 -35.37 -15.08 -28.35
CA GLY B 479 -35.72 -16.35 -28.94
C GLY B 479 -34.53 -17.08 -29.54
N VAL B 480 -34.06 -16.60 -30.68
CA VAL B 480 -32.90 -17.20 -31.35
C VAL B 480 -31.64 -16.51 -30.85
N ALA B 481 -30.69 -17.31 -30.36
CA ALA B 481 -29.46 -16.75 -29.82
C ALA B 481 -28.58 -16.21 -30.95
N GLY B 482 -27.88 -15.11 -30.64
CA GLY B 482 -26.99 -14.51 -31.60
C GLY B 482 -25.53 -14.52 -31.16
N PHE B 483 -24.70 -13.72 -31.80
CA PHE B 483 -23.29 -13.65 -31.43
C PHE B 483 -23.12 -12.95 -30.10
N ASN B 484 -22.30 -13.55 -29.22
CA ASN B 484 -22.04 -13.02 -27.90
C ASN B 484 -23.31 -12.82 -27.10
N CYS B 485 -24.32 -13.65 -27.36
CA CYS B 485 -25.60 -13.57 -26.63
C CYS B 485 -26.13 -15.00 -26.47
N TYR B 486 -26.04 -15.51 -25.24
CA TYR B 486 -26.55 -16.83 -24.92
C TYR B 486 -27.32 -16.75 -23.60
N PHE B 487 -28.13 -17.77 -23.34
CA PHE B 487 -28.87 -17.86 -22.10
C PHE B 487 -27.90 -17.97 -20.92
N PRO B 488 -27.92 -17.02 -19.99
CA PRO B 488 -26.96 -17.04 -18.86
C PRO B 488 -27.23 -18.19 -17.87
N LEU B 489 -27.04 -19.41 -18.36
CA LEU B 489 -27.25 -20.59 -17.52
C LEU B 489 -26.45 -21.77 -18.06
N ARG B 490 -25.32 -22.08 -17.42
CA ARG B 490 -24.47 -23.20 -17.84
C ARG B 490 -24.67 -24.34 -16.86
N SER B 491 -25.31 -25.41 -17.32
CA SER B 491 -25.54 -26.58 -16.49
C SER B 491 -24.23 -27.30 -16.21
N TYR B 492 -23.86 -27.35 -14.92
CA TYR B 492 -22.64 -28.04 -14.52
C TYR B 492 -22.83 -29.55 -14.58
N SER B 493 -21.74 -30.25 -14.86
CA SER B 493 -21.73 -31.70 -14.90
C SER B 493 -21.14 -32.25 -13.60
N PHE B 494 -21.79 -33.28 -13.07
CA PHE B 494 -21.40 -33.89 -11.79
C PHE B 494 -21.24 -35.40 -12.02
N ARG B 495 -20.05 -35.81 -12.41
CA ARG B 495 -19.78 -37.23 -12.63
C ARG B 495 -19.59 -37.93 -11.29
N PRO B 496 -20.03 -39.18 -11.17
CA PRO B 496 -19.81 -39.93 -9.91
C PRO B 496 -18.34 -40.06 -9.54
N THR B 497 -17.44 -40.06 -10.53
CA THR B 497 -16.01 -40.12 -10.29
C THR B 497 -15.27 -38.99 -10.99
N TYR B 498 -15.79 -37.76 -10.88
CA TYR B 498 -15.18 -36.63 -11.55
C TYR B 498 -13.82 -36.30 -10.94
N GLY B 499 -13.01 -35.56 -11.69
CA GLY B 499 -11.69 -35.20 -11.20
C GLY B 499 -11.76 -34.21 -10.06
N VAL B 500 -10.73 -34.26 -9.20
CA VAL B 500 -10.69 -33.39 -8.02
C VAL B 500 -10.63 -31.93 -8.42
N GLY B 501 -10.04 -31.63 -9.58
CA GLY B 501 -9.97 -30.25 -10.02
C GLY B 501 -11.31 -29.63 -10.33
N HIS B 502 -12.31 -30.47 -10.61
CA HIS B 502 -13.66 -29.99 -10.93
C HIS B 502 -14.72 -30.73 -10.13
N GLN B 503 -14.48 -30.91 -8.83
CA GLN B 503 -15.48 -31.52 -7.96
C GLN B 503 -16.41 -30.45 -7.38
N PRO B 504 -17.65 -30.82 -7.05
CA PRO B 504 -18.55 -29.83 -6.43
C PRO B 504 -18.17 -29.57 -4.98
N TYR B 505 -18.55 -28.39 -4.50
CA TYR B 505 -18.28 -27.96 -3.14
C TYR B 505 -19.52 -27.28 -2.56
N ARG B 506 -20.04 -27.82 -1.47
CA ARG B 506 -21.15 -27.22 -0.74
C ARG B 506 -20.58 -26.28 0.32
N VAL B 507 -20.80 -24.97 0.13
CA VAL B 507 -20.23 -23.95 0.99
C VAL B 507 -21.38 -23.13 1.57
N VAL B 508 -21.35 -22.91 2.88
CA VAL B 508 -22.34 -22.09 3.57
C VAL B 508 -21.62 -21.01 4.36
N VAL B 509 -21.98 -19.76 4.11
CA VAL B 509 -21.41 -18.60 4.80
C VAL B 509 -22.42 -18.11 5.83
N LEU B 510 -21.90 -17.66 6.97
CA LEU B 510 -22.73 -17.16 8.07
C LEU B 510 -22.31 -15.71 8.35
N SER B 511 -22.95 -14.78 7.66
CA SER B 511 -22.65 -13.36 7.86
C SER B 511 -23.32 -12.86 9.12
N PHE B 512 -22.53 -12.32 10.03
CA PHE B 512 -23.00 -11.81 11.31
C PHE B 512 -23.00 -10.28 11.29
N GLU B 513 -23.73 -9.70 12.25
CA GLU B 513 -23.76 -8.26 12.43
C GLU B 513 -23.04 -7.89 13.73
N LEU B 514 -21.73 -7.72 13.62
CA LEU B 514 -20.88 -7.37 14.76
C LEU B 514 -21.07 -5.89 15.08
N LEU B 515 -22.21 -5.59 15.72
CA LEU B 515 -22.53 -4.22 16.10
C LEU B 515 -22.91 -4.16 17.58
N HIS B 516 -23.20 -2.95 18.07
CA HIS B 516 -23.64 -2.77 19.45
C HIS B 516 -25.16 -2.71 19.57
N ALA B 517 -25.88 -3.21 18.58
CA ALA B 517 -27.34 -3.24 18.64
C ALA B 517 -27.80 -4.31 19.62
N PRO B 518 -29.04 -4.19 20.14
CA PRO B 518 -29.58 -5.25 20.99
C PRO B 518 -29.62 -6.59 20.26
N ALA B 519 -28.81 -7.54 20.73
CA ALA B 519 -28.64 -8.80 20.03
C ALA B 519 -29.62 -9.84 20.51
N THR B 520 -29.88 -10.83 19.65
CA THR B 520 -30.79 -11.93 19.96
C THR B 520 -30.15 -13.30 19.84
N VAL B 521 -29.15 -13.47 18.99
CA VAL B 521 -28.48 -14.75 18.79
C VAL B 521 -27.22 -14.74 19.65
N CYS B 522 -27.32 -15.28 20.86
CA CYS B 522 -26.21 -15.33 21.79
C CYS B 522 -25.51 -16.67 21.74
N GLY B 523 -24.35 -16.74 22.39
CA GLY B 523 -23.59 -17.96 22.48
C GLY B 523 -23.84 -18.69 23.78
N PRO B 524 -23.55 -19.98 23.82
CA PRO B 524 -23.78 -20.76 25.05
C PRO B 524 -22.76 -20.40 26.12
N LYS B 525 -23.25 -19.80 27.20
CA LYS B 525 -22.41 -19.41 28.33
C LYS B 525 -23.18 -19.54 29.64
N LYS B 526 -22.65 -18.97 30.71
CA LYS B 526 -23.28 -19.03 32.02
C LYS B 526 -23.66 -17.61 32.43
N SER B 527 -24.38 -17.51 33.55
CA SER B 527 -24.82 -16.23 34.08
C SER B 527 -24.57 -16.21 35.58
N THR B 528 -24.12 -15.06 36.08
CA THR B 528 -23.80 -14.87 37.48
C THR B 528 -24.70 -13.78 38.07
N ASN B 529 -24.43 -13.40 39.31
CA ASN B 529 -25.18 -12.36 39.99
C ASN B 529 -24.61 -10.99 39.65
N LEU B 530 -25.27 -9.95 40.16
CA LEU B 530 -24.90 -8.56 39.90
C LEU B 530 -24.47 -7.89 41.19
N VAL B 531 -23.40 -7.11 41.13
CA VAL B 531 -22.93 -6.32 42.26
C VAL B 531 -23.27 -4.86 42.01
N LYS B 532 -23.55 -4.14 43.10
CA LYS B 532 -24.03 -2.77 43.00
C LYS B 532 -22.83 -1.84 43.12
N ASN B 533 -22.05 -1.89 44.20
CA ASN B 533 -20.99 -0.93 44.41
C ASN B 533 -19.63 -1.60 44.50
N LYS B 534 -19.35 -2.54 43.60
CA LYS B 534 -18.09 -3.26 43.57
C LYS B 534 -17.52 -3.21 42.16
N CYS B 535 -16.36 -2.59 42.01
CA CYS B 535 -15.69 -2.52 40.72
C CYS B 535 -15.26 -3.92 40.27
N VAL B 536 -15.92 -4.43 39.23
CA VAL B 536 -15.67 -5.77 38.73
C VAL B 536 -15.54 -5.75 37.22
N ASN B 537 -15.36 -6.92 36.61
CA ASN B 537 -15.27 -7.06 35.18
C ASN B 537 -16.60 -7.59 34.65
N PHE B 538 -17.25 -6.82 33.79
CA PHE B 538 -18.57 -7.16 33.28
C PHE B 538 -18.47 -7.55 31.81
N ASN B 539 -19.45 -8.35 31.37
CA ASN B 539 -19.53 -8.76 29.97
C ASN B 539 -20.98 -8.71 29.50
N PHE B 540 -21.68 -7.63 29.82
CA PHE B 540 -23.09 -7.49 29.48
C PHE B 540 -23.32 -7.47 27.97
N ASN B 541 -23.93 -8.53 27.45
CA ASN B 541 -24.35 -8.61 26.05
C ASN B 541 -23.17 -8.35 25.11
N GLY B 542 -22.03 -8.94 25.44
CA GLY B 542 -20.85 -8.83 24.61
C GLY B 542 -19.96 -7.66 24.97
N LEU B 543 -20.53 -6.62 25.57
CA LEU B 543 -19.77 -5.44 25.96
C LEU B 543 -18.84 -5.79 27.10
N LYS B 544 -17.55 -5.96 26.81
CA LYS B 544 -16.57 -6.32 27.81
C LYS B 544 -15.87 -5.06 28.32
N GLY B 545 -15.66 -5.00 29.64
CA GLY B 545 -15.00 -3.85 30.23
C GLY B 545 -15.02 -3.96 31.74
N THR B 546 -14.37 -2.99 32.37
CA THR B 546 -14.30 -2.90 33.82
C THR B 546 -14.93 -1.60 34.30
N GLY B 547 -15.20 -1.55 35.59
CA GLY B 547 -15.76 -0.37 36.22
C GLY B 547 -16.90 -0.75 37.15
N VAL B 548 -17.26 0.20 38.02
CA VAL B 548 -18.35 -0.02 38.97
C VAL B 548 -19.67 0.11 38.23
N LEU B 549 -20.62 -0.77 38.55
CA LEU B 549 -21.94 -0.80 37.92
C LEU B 549 -22.97 -0.40 38.97
N THR B 550 -23.17 0.91 39.11
CA THR B 550 -24.14 1.43 40.06
C THR B 550 -25.41 1.87 39.35
N GLU B 551 -26.51 1.90 40.11
CA GLU B 551 -27.77 2.38 39.58
C GLU B 551 -27.73 3.89 39.39
N SER B 552 -28.38 4.35 38.33
CA SER B 552 -28.41 5.77 37.98
C SER B 552 -29.85 6.23 37.92
N ASN B 553 -30.04 7.48 37.49
CA ASN B 553 -31.37 8.05 37.34
C ASN B 553 -31.65 8.39 35.89
N LYS B 554 -31.24 7.52 34.98
CA LYS B 554 -31.44 7.73 33.56
C LYS B 554 -32.90 7.49 33.17
N LYS B 555 -33.22 7.84 31.93
CA LYS B 555 -34.58 7.70 31.41
C LYS B 555 -34.54 7.06 30.03
N PHE B 556 -33.82 5.94 29.91
CA PHE B 556 -33.69 5.23 28.65
C PHE B 556 -35.06 4.92 28.06
N LEU B 557 -35.23 5.26 26.78
CA LEU B 557 -36.47 4.96 26.08
C LEU B 557 -36.62 3.46 25.89
N PRO B 558 -37.86 2.98 25.69
CA PRO B 558 -38.09 1.53 25.51
C PRO B 558 -37.13 0.84 24.55
N PHE B 559 -36.81 1.50 23.44
CA PHE B 559 -35.92 0.88 22.46
C PHE B 559 -34.45 1.11 22.78
N GLN B 560 -34.14 2.16 23.53
CA GLN B 560 -32.75 2.48 23.84
C GLN B 560 -32.18 1.46 24.82
N GLN B 561 -31.12 0.77 24.40
CA GLN B 561 -30.48 -0.25 25.23
C GLN B 561 -29.14 0.24 25.79
N PHE B 562 -28.23 0.67 24.92
CA PHE B 562 -26.93 1.14 25.35
C PHE B 562 -26.94 2.62 25.71
N GLY B 563 -25.77 3.21 25.89
CA GLY B 563 -25.65 4.61 26.22
C GLY B 563 -24.20 5.07 26.24
N ARG B 564 -23.92 6.20 25.61
CA ARG B 564 -22.56 6.72 25.49
C ARG B 564 -22.45 8.07 26.20
N ASP B 565 -21.28 8.68 26.07
CA ASP B 565 -21.00 9.94 26.75
C ASP B 565 -20.50 10.99 25.76
N ILE B 566 -19.98 12.10 26.27
CA ILE B 566 -19.55 13.21 25.43
C ILE B 566 -18.23 12.86 24.73
N ALA B 567 -17.67 11.70 25.07
CA ALA B 567 -16.39 11.29 24.50
C ALA B 567 -16.53 10.00 23.70
N ASP B 568 -17.77 9.65 23.35
CA ASP B 568 -18.08 8.45 22.57
C ASP B 568 -17.52 7.19 23.24
N THR B 569 -17.80 7.10 24.53
CA THR B 569 -17.40 5.95 25.33
C THR B 569 -18.62 5.41 26.05
N THR B 570 -18.64 4.09 26.27
CA THR B 570 -19.78 3.45 26.92
C THR B 570 -19.95 3.97 28.34
N ASP B 571 -21.03 4.73 28.58
CA ASP B 571 -21.30 5.31 29.88
C ASP B 571 -22.31 4.53 30.70
N ALA B 572 -23.35 3.99 30.06
CA ALA B 572 -24.37 3.21 30.75
C ALA B 572 -24.87 2.11 29.83
N VAL B 573 -25.26 0.99 30.44
CA VAL B 573 -25.76 -0.16 29.70
C VAL B 573 -27.00 -0.70 30.42
N ARG B 574 -27.82 -1.42 29.67
CA ARG B 574 -29.06 -1.99 30.20
C ARG B 574 -28.86 -3.48 30.50
N ASP B 575 -29.29 -3.89 31.69
CA ASP B 575 -29.15 -5.28 32.10
C ASP B 575 -30.07 -6.16 31.26
N PRO B 576 -29.56 -7.24 30.66
CA PRO B 576 -30.40 -8.04 29.76
C PRO B 576 -31.58 -8.72 30.44
N GLN B 577 -31.41 -9.24 31.66
CA GLN B 577 -32.50 -9.95 32.32
C GLN B 577 -33.49 -8.96 32.92
N THR B 578 -33.04 -8.12 33.85
CA THR B 578 -33.89 -7.12 34.45
C THR B 578 -33.60 -5.75 33.85
N LEU B 579 -34.52 -5.25 33.03
CA LEU B 579 -34.34 -3.97 32.35
C LEU B 579 -34.13 -2.86 33.36
N GLU B 580 -32.94 -2.25 33.32
CA GLU B 580 -32.60 -1.19 34.27
C GLU B 580 -31.86 -0.05 33.58
N ILE B 581 -31.38 0.90 34.36
CA ILE B 581 -30.68 2.08 33.84
C ILE B 581 -29.29 2.16 34.45
N LEU B 582 -28.69 0.99 34.71
CA LEU B 582 -27.38 0.92 35.35
C LEU B 582 -26.34 1.74 34.58
N ASP B 583 -25.56 2.51 35.33
CA ASP B 583 -24.51 3.34 34.77
C ASP B 583 -23.16 2.68 34.96
N ILE B 584 -22.31 2.76 33.94
CA ILE B 584 -20.98 2.15 33.97
C ILE B 584 -20.00 3.27 34.35
N THR B 585 -19.74 3.38 35.64
CA THR B 585 -18.69 4.35 35.98
C THR B 585 -17.35 3.63 36.08
N PRO B 586 -16.27 4.25 35.61
CA PRO B 586 -14.96 3.59 35.62
C PRO B 586 -14.49 3.28 37.04
N CYS B 587 -13.64 2.27 37.14
CA CYS B 587 -13.06 1.88 38.42
C CYS B 587 -12.23 3.03 38.97
N SER B 588 -12.15 3.13 40.30
CA SER B 588 -11.43 4.22 40.95
C SER B 588 -9.96 4.22 40.56
N PHE B 589 -9.54 5.28 39.91
CA PHE B 589 -8.17 5.44 39.42
C PHE B 589 -7.62 6.78 39.89
N GLY B 590 -6.44 7.13 39.38
CA GLY B 590 -5.82 8.41 39.69
C GLY B 590 -4.36 8.47 39.32
N GLY B 591 -3.57 9.13 40.17
CA GLY B 591 -2.13 9.24 39.95
C GLY B 591 -1.39 9.65 41.20
N VAL B 592 -0.26 9.00 41.47
CA VAL B 592 0.49 9.26 42.69
C VAL B 592 1.76 10.02 42.37
N SER B 593 2.33 10.67 43.39
CA SER B 593 3.57 11.41 43.25
C SER B 593 4.36 11.26 44.55
N VAL B 594 5.67 11.08 44.41
CA VAL B 594 6.55 10.78 45.53
C VAL B 594 7.40 12.01 45.83
N ILE B 595 7.31 12.50 47.05
CA ILE B 595 8.15 13.62 47.48
C ILE B 595 9.37 13.06 48.22
N THR B 596 10.56 13.35 47.71
CA THR B 596 11.79 12.83 48.27
C THR B 596 12.74 13.99 48.56
N PRO B 597 13.18 14.16 49.82
CA PRO B 597 14.12 15.24 50.12
C PRO B 597 15.50 15.01 49.54
N GLY B 598 15.80 13.82 49.02
CA GLY B 598 17.12 13.53 48.47
C GLY B 598 17.68 12.29 49.13
N THR B 599 18.19 11.38 48.29
CA THR B 599 18.76 10.13 48.77
C THR B 599 20.08 10.32 49.50
N ASN B 600 20.71 11.49 49.38
CA ASN B 600 21.99 11.77 50.02
C ASN B 600 21.82 12.45 51.38
N THR B 601 20.57 12.68 51.81
CA THR B 601 20.34 13.33 53.09
C THR B 601 19.30 12.58 53.92
N SER B 602 18.47 11.76 53.27
CA SER B 602 17.44 11.01 53.97
C SER B 602 16.93 9.91 53.06
N ASN B 603 16.01 9.11 53.60
CA ASN B 603 15.40 8.02 52.85
C ASN B 603 13.88 7.97 53.01
N GLN B 604 13.29 8.97 53.68
CA GLN B 604 11.85 9.03 53.85
C GLN B 604 11.18 9.65 52.63
N VAL B 605 9.95 9.23 52.37
CA VAL B 605 9.20 9.68 51.20
C VAL B 605 7.78 10.03 51.61
N ALA B 606 7.14 10.87 50.80
CA ALA B 606 5.75 11.26 50.99
C ALA B 606 4.99 11.03 49.69
N VAL B 607 3.84 10.39 49.79
CA VAL B 607 3.04 10.02 48.62
C VAL B 607 1.88 11.00 48.49
N LEU B 608 1.70 11.53 47.28
CA LEU B 608 0.60 12.44 47.00
C LEU B 608 -0.38 11.76 46.05
N TYR B 609 -1.53 11.37 46.58
CA TYR B 609 -2.57 10.71 45.78
C TYR B 609 -3.43 11.78 45.14
N GLN B 610 -3.06 12.20 43.93
CA GLN B 610 -3.77 13.27 43.25
C GLN B 610 -5.16 12.81 42.83
N GLY B 611 -6.16 13.63 43.14
CA GLY B 611 -7.54 13.32 42.78
C GLY B 611 -8.35 12.75 43.92
N VAL B 612 -7.71 11.94 44.76
CA VAL B 612 -8.42 11.32 45.87
C VAL B 612 -8.73 12.36 46.94
N ASN B 613 -9.83 12.13 47.66
CA ASN B 613 -10.27 13.01 48.74
C ASN B 613 -9.97 12.43 50.12
N CYS B 614 -8.87 11.67 50.22
CA CYS B 614 -8.42 11.03 51.46
C CYS B 614 -9.46 10.06 52.04
N THR B 615 -10.48 9.69 51.25
CA THR B 615 -11.52 8.79 51.74
C THR B 615 -11.79 7.70 50.72
N GLU B 616 -10.84 7.45 49.82
CA GLU B 616 -11.01 6.44 48.79
C GLU B 616 -9.76 5.58 48.66
N VAL B 617 -8.67 6.00 49.30
CA VAL B 617 -7.42 5.25 49.27
C VAL B 617 -7.58 3.91 49.97
N ASN B 638 0.47 10.47 58.76
CA ASN B 638 -0.34 11.68 58.77
C ASN B 638 -1.12 11.82 57.46
N VAL B 639 -2.33 12.36 57.56
CA VAL B 639 -3.21 12.54 56.41
C VAL B 639 -3.69 13.98 56.38
N PHE B 640 -3.53 14.63 55.23
CA PHE B 640 -3.97 16.02 55.06
C PHE B 640 -4.50 16.18 53.64
N GLN B 641 -5.76 16.59 53.53
CA GLN B 641 -6.40 16.74 52.23
C GLN B 641 -6.12 18.14 51.68
N THR B 642 -5.51 18.20 50.50
CA THR B 642 -5.25 19.45 49.80
C THR B 642 -6.18 19.58 48.60
N ARG B 643 -6.00 20.67 47.86
CA ARG B 643 -6.76 20.88 46.62
C ARG B 643 -6.16 20.13 45.44
N ALA B 644 -5.00 19.50 45.62
CA ALA B 644 -4.37 18.71 44.56
C ALA B 644 -4.52 17.21 44.76
N GLY B 645 -4.70 16.76 45.99
CA GLY B 645 -4.85 15.34 46.27
C GLY B 645 -4.74 15.08 47.76
N CYS B 646 -4.40 13.83 48.09
CA CYS B 646 -4.23 13.41 49.47
C CYS B 646 -2.74 13.17 49.73
N LEU B 647 -2.17 13.97 50.63
CA LEU B 647 -0.76 13.87 50.98
C LEU B 647 -0.63 12.96 52.18
N ILE B 648 -0.12 11.73 51.96
CA ILE B 648 0.05 10.76 53.02
C ILE B 648 1.54 10.56 53.28
N GLY B 649 2.04 11.11 54.39
CA GLY B 649 3.44 10.96 54.73
C GLY B 649 4.06 12.21 55.32
N ALA B 650 3.30 13.30 55.34
CA ALA B 650 3.78 14.57 55.86
C ALA B 650 2.73 15.17 56.79
N GLU B 651 3.20 15.94 57.76
CA GLU B 651 2.34 16.60 58.73
C GLU B 651 2.20 18.07 58.35
N TYR B 652 0.98 18.59 58.42
CA TYR B 652 0.69 19.97 58.04
C TYR B 652 0.96 20.88 59.23
N VAL B 653 2.03 21.66 59.15
CA VAL B 653 2.35 22.63 60.19
C VAL B 653 1.67 23.95 59.87
N ASN B 654 1.26 24.67 60.91
CA ASN B 654 0.56 25.94 60.78
C ASN B 654 1.50 27.11 60.53
N ASN B 655 2.80 26.85 60.35
CA ASN B 655 3.75 27.91 60.07
C ASN B 655 3.85 28.14 58.57
N SER B 656 4.62 29.15 58.18
CA SER B 656 4.79 29.52 56.78
C SER B 656 6.28 29.73 56.51
N TYR B 657 6.85 28.90 55.63
CA TYR B 657 8.24 29.00 55.23
C TYR B 657 8.32 29.18 53.73
N GLU B 658 9.55 29.30 53.23
CA GLU B 658 9.77 29.38 51.80
C GLU B 658 9.51 28.02 51.14
N CYS B 659 9.00 28.06 49.92
CA CYS B 659 8.66 26.84 49.20
C CYS B 659 9.92 26.10 48.76
N ASP B 660 10.09 24.88 49.25
CA ASP B 660 11.22 24.04 48.88
C ASP B 660 10.83 22.98 47.86
N ILE B 661 9.78 22.21 48.13
CA ILE B 661 9.27 21.23 47.17
C ILE B 661 7.82 21.57 46.87
N PRO B 662 7.51 22.11 45.69
CA PRO B 662 6.13 22.51 45.39
C PRO B 662 5.23 21.28 45.23
N ILE B 663 4.14 21.27 45.99
CA ILE B 663 3.16 20.18 45.93
C ILE B 663 2.02 20.59 45.01
N GLY B 664 1.34 21.68 45.36
CA GLY B 664 0.24 22.18 44.57
C GLY B 664 -0.72 22.98 45.40
N ALA B 665 -1.37 23.95 44.75
CA ALA B 665 -2.37 24.81 45.38
C ALA B 665 -1.81 25.54 46.59
N GLY B 666 -0.55 25.98 46.50
CA GLY B 666 0.10 26.73 47.56
C GLY B 666 0.75 25.89 48.62
N ILE B 667 0.49 24.58 48.65
CA ILE B 667 1.09 23.70 49.65
C ILE B 667 2.50 23.34 49.18
N CYS B 668 3.46 23.46 50.09
CA CYS B 668 4.85 23.14 49.82
C CYS B 668 5.39 22.23 50.91
N ALA B 669 6.43 21.47 50.56
CA ALA B 669 7.01 20.49 51.47
C ALA B 669 8.49 20.78 51.65
N SER B 670 9.03 20.26 52.76
CA SER B 670 10.44 20.40 53.08
C SER B 670 10.82 19.30 54.06
N TYR B 671 12.09 19.29 54.46
CA TYR B 671 12.63 18.29 55.40
C TYR B 671 13.37 19.05 56.49
N GLN B 672 12.65 19.45 57.53
CA GLN B 672 13.22 20.21 58.63
C GLN B 672 13.10 19.42 59.93
N THR B 673 13.82 19.91 60.95
CA THR B 673 13.82 19.27 62.26
C THR B 673 12.53 19.58 63.02
N SER B 686 15.57 14.19 65.24
CA SER B 686 14.47 13.58 64.49
C SER B 686 13.87 14.58 63.49
N GLN B 687 14.09 14.32 62.20
CA GLN B 687 13.58 15.16 61.13
C GLN B 687 12.61 14.37 60.27
N SER B 688 11.51 15.01 59.88
CA SER B 688 10.49 14.37 59.07
C SER B 688 10.00 15.35 58.02
N ILE B 689 9.40 14.80 56.96
CA ILE B 689 8.85 15.63 55.89
C ILE B 689 7.61 16.34 56.41
N ILE B 690 7.57 17.67 56.21
CA ILE B 690 6.46 18.48 56.68
C ILE B 690 5.71 19.08 55.49
N ALA B 691 4.59 19.74 55.75
CA ALA B 691 3.81 20.39 54.72
C ALA B 691 3.29 21.71 55.27
N TYR B 692 3.28 22.74 54.42
CA TYR B 692 2.86 24.06 54.85
C TYR B 692 2.50 24.91 53.63
N THR B 693 1.75 25.98 53.89
CA THR B 693 1.43 26.94 52.84
C THR B 693 2.64 27.83 52.59
N MET B 694 2.94 28.07 51.31
CA MET B 694 4.12 28.83 50.95
C MET B 694 3.96 30.29 51.36
N SER B 695 4.98 30.84 52.02
CA SER B 695 4.98 32.24 52.40
C SER B 695 5.43 33.08 51.22
N LEU B 696 4.66 34.11 50.89
CA LEU B 696 4.94 34.98 49.76
C LEU B 696 6.01 36.02 50.07
N GLY B 697 6.72 35.88 51.18
CA GLY B 697 7.77 36.79 51.59
C GLY B 697 7.51 37.32 52.97
N ALA B 698 8.13 38.47 53.26
CA ALA B 698 7.96 39.10 54.56
C ALA B 698 6.64 39.87 54.61
N GLU B 699 6.44 40.66 55.67
CA GLU B 699 5.21 41.44 55.84
C GLU B 699 5.62 42.86 56.23
N ASN B 700 5.82 43.72 55.22
CA ASN B 700 6.22 45.10 55.42
C ASN B 700 5.03 46.02 55.20
N SER B 701 5.03 47.13 55.94
CA SER B 701 3.95 48.13 55.88
C SER B 701 4.59 49.50 55.71
N VAL B 702 4.57 50.01 54.48
CA VAL B 702 5.10 51.34 54.21
C VAL B 702 4.19 52.38 54.85
N ALA B 703 4.75 53.18 55.75
CA ALA B 703 3.98 54.20 56.47
C ALA B 703 3.78 55.40 55.55
N TYR B 704 2.77 55.28 54.69
CA TYR B 704 2.43 56.35 53.75
C TYR B 704 1.72 57.48 54.49
N SER B 705 2.29 58.67 54.47
CA SER B 705 1.70 59.84 55.07
C SER B 705 1.52 60.94 54.03
N ASN B 706 0.78 61.99 54.42
CA ASN B 706 0.58 63.11 53.51
C ASN B 706 1.87 63.84 53.23
N ASN B 707 2.75 63.97 54.24
CA ASN B 707 4.04 64.65 54.09
C ASN B 707 5.09 63.78 54.78
N SER B 708 5.68 62.85 54.01
CA SER B 708 6.71 61.96 54.53
C SER B 708 7.52 61.42 53.36
N ILE B 709 8.82 61.66 53.38
CA ILE B 709 9.72 61.23 52.32
C ILE B 709 10.87 60.45 52.94
N ALA B 710 11.33 59.42 52.22
CA ALA B 710 12.45 58.60 52.64
C ALA B 710 13.55 58.69 51.57
N ILE B 711 14.70 59.22 51.95
CA ILE B 711 15.83 59.38 51.05
C ILE B 711 16.99 58.55 51.60
N PRO B 712 17.57 57.66 50.81
CA PRO B 712 18.68 56.85 51.34
C PRO B 712 19.93 57.68 51.55
N THR B 713 20.71 57.31 52.57
CA THR B 713 21.92 58.03 52.93
C THR B 713 23.20 57.33 52.51
N ASN B 714 23.16 56.03 52.25
CA ASN B 714 24.33 55.27 51.85
C ASN B 714 23.97 54.38 50.68
N PHE B 715 25.00 53.91 49.97
CA PHE B 715 24.85 53.07 48.79
C PHE B 715 25.46 51.70 49.06
N THR B 716 25.15 50.75 48.17
CA THR B 716 25.68 49.39 48.26
C THR B 716 25.81 48.85 46.84
N ILE B 717 27.04 48.91 46.30
CA ILE B 717 27.31 48.41 44.96
C ILE B 717 27.25 46.89 44.99
N SER B 718 26.35 46.31 44.21
CA SER B 718 26.18 44.87 44.13
C SER B 718 26.46 44.39 42.71
N VAL B 719 27.03 43.19 42.61
CA VAL B 719 27.36 42.56 41.34
C VAL B 719 26.62 41.22 41.31
N THR B 720 25.50 41.18 40.60
CA THR B 720 24.72 39.95 40.47
C THR B 720 25.18 39.17 39.25
N THR B 721 24.57 38.00 39.04
CA THR B 721 24.90 37.15 37.92
C THR B 721 23.61 36.65 37.27
N GLU B 722 23.63 36.56 35.94
CA GLU B 722 22.47 36.10 35.17
C GLU B 722 22.99 35.31 33.98
N ILE B 723 22.82 33.99 34.02
CA ILE B 723 23.30 33.13 32.95
C ILE B 723 22.19 32.96 31.91
N LEU B 724 22.59 32.90 30.64
CA LEU B 724 21.66 32.74 29.53
C LEU B 724 22.31 31.83 28.50
N PRO B 725 21.62 30.79 28.04
CA PRO B 725 22.17 29.96 26.96
C PRO B 725 22.26 30.75 25.66
N VAL B 726 23.29 30.43 24.88
CA VAL B 726 23.54 31.10 23.61
C VAL B 726 23.44 30.09 22.47
N SER B 727 24.17 28.99 22.59
CA SER B 727 24.18 27.96 21.57
C SER B 727 24.05 26.59 22.21
N MET B 728 23.64 25.61 21.41
CA MET B 728 23.47 24.24 21.85
C MET B 728 24.41 23.33 21.07
N THR B 729 24.35 22.04 21.39
CA THR B 729 25.19 21.05 20.73
C THR B 729 24.71 20.83 19.30
N LYS B 730 25.54 21.20 18.33
CA LYS B 730 25.20 21.02 16.93
C LYS B 730 25.29 19.53 16.59
N THR B 731 24.15 18.94 16.25
CA THR B 731 24.06 17.52 15.95
C THR B 731 23.88 17.30 14.45
N SER B 732 24.39 16.16 13.98
CA SER B 732 24.25 15.75 12.60
C SER B 732 24.06 14.24 12.58
N VAL B 733 22.84 13.79 12.29
CA VAL B 733 22.48 12.38 12.31
C VAL B 733 22.73 11.80 10.94
N ASP B 734 23.01 10.50 10.88
CA ASP B 734 23.20 9.79 9.62
C ASP B 734 21.97 8.92 9.39
N CYS B 735 21.23 9.23 8.32
CA CYS B 735 19.99 8.51 8.05
C CYS B 735 20.27 7.05 7.72
N THR B 736 21.24 6.80 6.84
CA THR B 736 21.53 5.45 6.41
C THR B 736 22.11 4.59 7.53
N MET B 737 22.74 5.19 8.53
CA MET B 737 23.35 4.43 9.60
C MET B 737 22.39 4.17 10.77
N TYR B 738 21.64 5.19 11.19
CA TYR B 738 20.73 5.03 12.32
C TYR B 738 19.57 4.10 11.96
N ILE B 739 19.02 4.26 10.76
CA ILE B 739 17.88 3.43 10.37
C ILE B 739 18.34 2.04 9.95
N CYS B 740 19.47 1.93 9.25
CA CYS B 740 19.98 0.66 8.75
C CYS B 740 21.44 0.50 9.20
N GLY B 741 21.61 -0.04 10.40
CA GLY B 741 22.96 -0.21 10.93
C GLY B 741 23.68 -1.41 10.35
N ASP B 742 24.64 -1.16 9.47
CA ASP B 742 25.46 -2.19 8.84
C ASP B 742 24.60 -3.28 8.21
N SER B 743 23.79 -2.87 7.22
CA SER B 743 22.90 -3.79 6.52
C SER B 743 22.74 -3.32 5.09
N THR B 744 23.13 -4.16 4.13
CA THR B 744 23.02 -3.79 2.73
C THR B 744 21.59 -3.94 2.23
N GLU B 745 20.87 -4.96 2.71
CA GLU B 745 19.49 -5.16 2.27
C GLU B 745 18.57 -4.07 2.83
N CYS B 746 18.86 -3.60 4.04
CA CYS B 746 18.04 -2.54 4.63
C CYS B 746 18.21 -1.23 3.87
N SER B 747 19.42 -0.95 3.39
CA SER B 747 19.66 0.30 2.68
C SER B 747 18.94 0.32 1.33
N ASN B 748 18.68 -0.86 0.76
CA ASN B 748 17.97 -0.92 -0.52
C ASN B 748 16.52 -0.50 -0.35
N LEU B 749 15.83 -1.05 0.65
CA LEU B 749 14.45 -0.66 0.90
C LEU B 749 14.33 0.73 1.51
N LEU B 750 15.41 1.26 2.08
CA LEU B 750 15.37 2.61 2.62
C LEU B 750 15.20 3.66 1.52
N LEU B 751 15.85 3.45 0.37
CA LEU B 751 15.71 4.38 -0.74
C LEU B 751 14.31 4.32 -1.34
N GLN B 752 13.68 3.14 -1.28
CA GLN B 752 12.34 2.93 -1.80
C GLN B 752 11.25 3.27 -0.78
N TYR B 753 11.60 4.02 0.26
CA TYR B 753 10.64 4.39 1.31
C TYR B 753 10.47 5.89 1.40
N GLY B 754 10.81 6.63 0.35
CA GLY B 754 10.68 8.06 0.31
C GLY B 754 12.03 8.75 0.42
N SER B 755 11.97 10.08 0.45
CA SER B 755 13.16 10.90 0.57
C SER B 755 13.16 11.65 1.90
N PHE B 756 12.74 10.98 2.97
CA PHE B 756 12.69 11.62 4.27
C PHE B 756 14.07 11.81 4.87
N CYS B 757 15.08 11.17 4.29
CA CYS B 757 16.47 11.31 4.74
C CYS B 757 17.08 12.66 4.40
N THR B 758 16.47 13.39 3.47
CA THR B 758 16.96 14.71 3.08
C THR B 758 16.30 15.85 3.83
N GLN B 759 15.04 15.72 4.24
CA GLN B 759 14.39 16.75 5.02
C GLN B 759 14.99 16.86 6.41
N LEU B 760 15.36 15.73 7.01
CA LEU B 760 15.91 15.75 8.36
C LEU B 760 17.36 16.25 8.36
N LYS B 761 18.14 15.86 7.35
CA LYS B 761 19.52 16.33 7.29
C LYS B 761 19.59 17.82 7.02
N ARG B 762 18.72 18.33 6.14
CA ARG B 762 18.69 19.75 5.86
C ARG B 762 18.16 20.55 7.04
N ALA B 763 17.23 19.96 7.79
CA ALA B 763 16.68 20.65 8.96
C ALA B 763 17.74 20.79 10.06
N LEU B 764 18.47 19.71 10.34
CA LEU B 764 19.54 19.77 11.33
C LEU B 764 20.72 20.60 10.85
N THR B 765 20.92 20.69 9.54
CA THR B 765 21.98 21.55 9.03
C THR B 765 21.65 23.03 9.26
N GLY B 766 20.38 23.40 9.10
CA GLY B 766 19.99 24.77 9.40
C GLY B 766 20.14 25.11 10.87
N ILE B 767 19.99 24.11 11.74
CA ILE B 767 20.21 24.33 13.16
C ILE B 767 21.68 24.57 13.44
N ALA B 768 22.57 23.80 12.80
CA ALA B 768 24.00 23.98 13.01
C ALA B 768 24.46 25.36 12.56
N VAL B 769 23.94 25.83 11.43
CA VAL B 769 24.27 27.18 10.98
C VAL B 769 23.65 28.21 11.92
N GLU B 770 22.49 27.89 12.51
CA GLU B 770 21.85 28.80 13.44
C GLU B 770 22.69 28.98 14.71
N GLN B 771 23.24 27.88 15.23
CA GLN B 771 24.04 27.97 16.44
C GLN B 771 25.33 28.73 16.20
N ASP B 772 25.89 28.63 14.99
CA ASP B 772 27.07 29.43 14.65
C ASP B 772 26.71 30.90 14.51
N LYS B 773 25.49 31.20 14.06
CA LYS B 773 25.05 32.58 13.98
C LYS B 773 24.79 33.16 15.37
N ASN B 774 24.29 32.33 16.28
CA ASN B 774 24.01 32.81 17.63
C ASN B 774 25.29 33.22 18.36
N THR B 775 26.35 32.44 18.20
CA THR B 775 27.61 32.80 18.84
C THR B 775 28.26 34.01 18.17
N GLN B 776 27.92 34.27 16.90
CA GLN B 776 28.47 35.40 16.19
C GLN B 776 27.64 36.67 16.35
N GLU B 777 26.36 36.55 16.71
CA GLU B 777 25.52 37.71 16.93
C GLU B 777 25.55 38.21 18.38
N VAL B 778 26.08 37.41 19.31
CA VAL B 778 26.15 37.80 20.70
C VAL B 778 27.54 38.28 21.07
N PHE B 779 28.55 37.43 20.91
CA PHE B 779 29.91 37.77 21.29
C PHE B 779 30.62 38.65 20.26
N ALA B 780 30.38 38.42 18.97
CA ALA B 780 31.07 39.17 17.92
C ALA B 780 30.28 40.43 17.58
N GLN B 781 30.35 41.39 18.51
CA GLN B 781 29.71 42.69 18.33
C GLN B 781 30.71 43.81 18.07
N VAL B 782 32.00 43.51 18.10
CA VAL B 782 33.06 44.49 17.83
C VAL B 782 33.94 43.95 16.71
N LYS B 783 34.35 44.83 15.80
CA LYS B 783 35.20 44.42 14.70
C LYS B 783 36.68 44.42 15.09
N GLN B 784 37.10 45.40 15.88
CA GLN B 784 38.49 45.53 16.31
C GLN B 784 38.67 44.81 17.65
N ILE B 785 39.63 43.89 17.69
CA ILE B 785 39.95 43.19 18.93
C ILE B 785 40.82 44.10 19.78
N TYR B 786 40.29 44.54 20.91
CA TYR B 786 40.99 45.45 21.80
C TYR B 786 41.87 44.68 22.77
N LYS B 787 42.99 45.30 23.15
CA LYS B 787 43.98 44.71 24.03
C LYS B 787 44.09 45.53 25.31
N THR B 788 44.20 44.82 26.42
CA THR B 788 44.34 45.50 27.71
C THR B 788 45.74 46.08 27.84
N PRO B 789 45.88 47.25 28.47
CA PRO B 789 47.20 47.86 28.65
C PRO B 789 48.08 47.01 29.54
N PRO B 790 49.40 47.17 29.47
CA PRO B 790 50.29 46.41 30.36
C PRO B 790 50.03 46.70 31.82
N ILE B 791 50.05 47.98 32.20
CA ILE B 791 49.68 48.35 33.57
C ILE B 791 48.18 48.20 33.74
N LYS B 792 47.78 47.64 34.87
CA LYS B 792 46.37 47.37 35.11
C LYS B 792 45.85 48.10 36.35
N TYR B 793 46.23 49.37 36.50
CA TYR B 793 45.71 50.23 37.56
C TYR B 793 44.55 51.01 36.98
N PHE B 794 43.37 50.39 36.97
CA PHE B 794 42.18 50.99 36.37
C PHE B 794 41.37 51.78 37.40
N GLY B 795 41.99 52.79 37.98
CA GLY B 795 41.31 53.64 38.94
C GLY B 795 41.40 53.16 40.37
N GLY B 796 41.45 51.85 40.56
CA GLY B 796 41.49 51.27 41.89
C GLY B 796 40.70 49.99 41.99
N PHE B 797 39.92 49.69 40.95
CA PHE B 797 39.13 48.46 40.90
C PHE B 797 39.99 47.33 40.36
N ASN B 798 39.96 46.18 41.04
CA ASN B 798 40.78 45.03 40.68
C ASN B 798 39.98 44.13 39.76
N PHE B 799 40.32 44.16 38.47
CA PHE B 799 39.69 43.31 37.46
C PHE B 799 40.49 42.05 37.18
N SER B 800 41.26 41.58 38.15
CA SER B 800 42.13 40.43 37.91
C SER B 800 41.32 39.15 37.72
N GLN B 801 40.13 39.08 38.33
CA GLN B 801 39.33 37.87 38.23
C GLN B 801 38.57 37.78 36.91
N ILE B 802 38.38 38.89 36.21
CA ILE B 802 37.64 38.88 34.95
C ILE B 802 38.56 39.05 33.74
N LEU B 803 39.74 39.63 33.91
CA LEU B 803 40.66 39.78 32.78
C LEU B 803 41.36 38.46 32.51
N PRO B 804 41.73 38.16 31.26
CA PRO B 804 42.39 36.88 30.96
C PRO B 804 43.76 36.76 31.61
N ASP B 805 43.95 35.68 32.37
CA ASP B 805 45.23 35.46 33.04
C ASP B 805 46.24 34.94 32.03
N PRO B 806 47.43 35.56 31.93
CA PRO B 806 48.42 35.09 30.95
C PRO B 806 49.13 33.82 31.35
N SER B 807 49.11 33.44 32.63
CA SER B 807 49.82 32.25 33.11
C SER B 807 48.97 31.00 32.99
N LYS B 808 48.47 30.74 31.78
CA LYS B 808 47.67 29.55 31.51
C LYS B 808 47.54 29.39 30.01
N PRO B 809 47.46 28.15 29.51
CA PRO B 809 47.38 27.94 28.05
C PRO B 809 46.02 28.29 27.45
N SER B 810 44.96 28.38 28.25
CA SER B 810 43.64 28.70 27.74
C SER B 810 43.39 30.20 27.64
N LYS B 811 44.22 31.03 28.27
CA LYS B 811 44.11 32.48 28.20
C LYS B 811 42.74 32.97 28.65
N ARG B 812 42.19 32.30 29.68
CA ARG B 812 40.90 32.67 30.24
C ARG B 812 41.11 33.41 31.56
N SER B 813 40.02 33.75 32.22
CA SER B 813 40.02 34.46 33.49
C SER B 813 39.75 33.48 34.63
N PRO B 814 40.16 33.81 35.86
CA PRO B 814 39.90 32.90 36.98
C PRO B 814 38.43 32.55 37.17
N ILE B 815 37.52 33.49 36.88
CA ILE B 815 36.09 33.19 37.01
C ILE B 815 35.65 32.24 35.90
N GLU B 816 36.17 32.43 34.68
CA GLU B 816 35.81 31.54 33.58
C GLU B 816 36.35 30.14 33.81
N ASP B 817 37.48 30.03 34.52
CA ASP B 817 38.04 28.71 34.83
C ASP B 817 37.07 27.91 35.69
N LEU B 818 36.40 28.57 36.64
CA LEU B 818 35.42 27.90 37.47
C LEU B 818 34.20 27.49 36.65
N LEU B 819 33.86 28.27 35.62
CA LEU B 819 32.69 27.97 34.81
C LEU B 819 32.94 26.78 33.89
N PHE B 820 34.12 26.70 33.28
CA PHE B 820 34.43 25.59 32.39
C PHE B 820 34.67 24.28 33.13
N ASN B 821 34.88 24.32 34.45
CA ASN B 821 35.05 23.13 35.26
C ASN B 821 33.77 22.69 35.95
N LYS B 822 32.91 23.65 36.34
CA LYS B 822 31.65 23.29 36.97
C LYS B 822 30.68 22.68 35.97
N VAL B 823 30.43 23.39 34.86
CA VAL B 823 29.53 22.87 33.83
C VAL B 823 30.23 21.75 33.07
N THR B 824 29.56 20.61 32.98
CA THR B 824 30.12 19.46 32.29
C THR B 824 29.47 19.27 30.92
N ARG B 844 35.28 2.49 26.54
CA ARG B 844 34.36 3.17 25.65
C ARG B 844 33.35 4.00 26.43
N ASP B 845 33.32 5.30 26.17
CA ASP B 845 32.40 6.21 26.83
C ASP B 845 31.09 6.30 26.07
N LEU B 846 30.22 7.20 26.54
CA LEU B 846 28.91 7.36 25.92
C LEU B 846 29.01 8.06 24.57
N ILE B 847 29.95 9.00 24.44
CA ILE B 847 30.09 9.75 23.19
C ILE B 847 30.55 8.83 22.06
N CYS B 848 31.48 7.93 22.34
CA CYS B 848 31.96 7.01 21.31
C CYS B 848 30.87 6.03 20.90
N ALA B 849 30.01 5.64 21.84
CA ALA B 849 28.92 4.73 21.52
C ALA B 849 27.89 5.39 20.64
N GLN B 850 27.63 6.69 20.86
CA GLN B 850 26.68 7.41 20.01
C GLN B 850 27.23 7.59 18.61
N LYS B 851 28.56 7.65 18.47
CA LYS B 851 29.16 7.78 17.15
C LYS B 851 28.85 6.57 16.27
N PHE B 852 28.79 5.38 16.87
CA PHE B 852 28.51 4.16 16.13
C PHE B 852 27.03 3.97 15.82
N LYS B 853 26.20 4.99 16.06
CA LYS B 853 24.77 4.92 15.78
C LYS B 853 24.34 5.96 14.74
N GLY B 854 25.29 6.73 14.21
CA GLY B 854 24.95 7.78 13.27
C GLY B 854 24.89 9.15 13.92
N LEU B 855 24.52 9.16 15.19
CA LEU B 855 24.42 10.42 15.94
C LEU B 855 25.81 11.01 16.17
N THR B 856 26.13 12.09 15.46
CA THR B 856 27.42 12.74 15.56
C THR B 856 27.25 14.15 16.11
N VAL B 857 28.37 14.74 16.51
CA VAL B 857 28.39 16.09 17.06
C VAL B 857 29.39 16.92 16.26
N LEU B 858 28.92 18.04 15.71
CA LEU B 858 29.80 18.91 14.96
C LEU B 858 30.43 19.96 15.86
N PRO B 859 31.73 20.24 15.68
CA PRO B 859 32.38 21.21 16.56
C PRO B 859 31.96 22.62 16.21
N PRO B 860 31.89 23.52 17.19
CA PRO B 860 31.52 24.90 16.89
C PRO B 860 32.60 25.60 16.07
N LEU B 861 32.16 26.60 15.29
CA LEU B 861 33.09 27.38 14.48
C LEU B 861 34.07 28.14 15.36
N LEU B 862 33.54 28.95 16.28
CA LEU B 862 34.39 29.69 17.21
C LEU B 862 34.79 28.81 18.38
N THR B 863 36.08 28.49 18.48
CA THR B 863 36.56 27.66 19.56
C THR B 863 36.53 28.43 20.90
N ASP B 864 36.70 27.67 21.99
CA ASP B 864 36.72 28.30 23.31
C ASP B 864 37.90 29.26 23.44
N GLU B 865 39.02 28.97 22.79
CA GLU B 865 40.14 29.91 22.78
C GLU B 865 39.79 31.16 21.98
N MET B 866 39.02 30.99 20.90
CA MET B 866 38.66 32.13 20.06
C MET B 866 37.56 32.97 20.72
N ILE B 867 36.62 32.32 21.39
CA ILE B 867 35.56 33.05 22.08
C ILE B 867 36.14 33.86 23.24
N ALA B 868 37.18 33.31 23.90
CA ALA B 868 37.81 34.03 25.01
C ALA B 868 38.42 35.33 24.53
N GLN B 869 38.89 35.38 23.28
CA GLN B 869 39.43 36.62 22.73
C GLN B 869 38.32 37.65 22.50
N TYR B 870 37.13 37.19 22.11
CA TYR B 870 36.01 38.12 21.95
C TYR B 870 35.58 38.71 23.29
N THR B 871 35.51 37.88 24.33
CA THR B 871 35.16 38.38 25.66
C THR B 871 36.27 39.26 26.22
N SER B 872 37.52 39.00 25.86
CA SER B 872 38.61 39.84 26.31
C SER B 872 38.58 41.20 25.62
N ALA B 873 38.19 41.24 24.35
CA ALA B 873 38.10 42.50 23.63
C ALA B 873 36.97 43.37 24.17
N LEU B 874 35.86 42.75 24.55
CA LEU B 874 34.74 43.50 25.11
C LEU B 874 35.11 44.09 26.46
N LEU B 875 35.81 43.31 27.29
CA LEU B 875 36.24 43.82 28.59
C LEU B 875 37.31 44.88 28.43
N ALA B 876 38.14 44.76 27.40
CA ALA B 876 39.17 45.77 27.15
C ALA B 876 38.55 47.08 26.71
N GLY B 877 37.47 47.02 25.92
CA GLY B 877 36.78 48.20 25.47
C GLY B 877 35.80 48.78 26.46
N THR B 878 35.33 47.99 27.42
CA THR B 878 34.42 48.50 28.44
C THR B 878 35.16 49.24 29.56
N ILE B 879 36.39 48.86 29.84
CA ILE B 879 37.16 49.50 30.91
C ILE B 879 37.91 50.72 30.40
N THR B 880 38.45 50.65 29.18
CA THR B 880 39.27 51.72 28.63
C THR B 880 38.47 52.74 27.81
N SER B 881 37.29 52.37 27.31
CA SER B 881 36.52 53.29 26.49
C SER B 881 35.09 53.44 27.01
N GLY B 882 34.59 52.43 27.70
CA GLY B 882 33.24 52.48 28.23
C GLY B 882 32.20 52.02 27.23
N TRP B 883 31.40 52.97 26.73
CA TRP B 883 30.38 52.67 25.73
C TRP B 883 30.67 53.29 24.37
N THR B 884 31.80 53.99 24.23
CA THR B 884 32.11 54.66 22.96
C THR B 884 32.50 53.67 21.88
N PHE B 885 33.01 52.50 22.26
CA PHE B 885 33.44 51.50 21.28
C PHE B 885 32.29 50.69 20.69
N GLY B 886 31.05 51.06 21.01
CA GLY B 886 29.89 50.38 20.45
C GLY B 886 29.20 51.20 19.38
N ALA B 887 29.15 52.52 19.57
CA ALA B 887 28.50 53.39 18.61
C ALA B 887 29.45 53.74 17.46
N GLY B 888 30.75 53.52 17.67
CA GLY B 888 31.74 53.83 16.66
C GLY B 888 33.15 53.57 17.14
N PRO B 889 34.04 54.53 16.90
CA PRO B 889 35.44 54.36 17.32
C PRO B 889 35.59 54.40 18.83
N ALA B 890 36.52 53.61 19.34
CA ALA B 890 36.77 53.52 20.77
C ALA B 890 37.46 54.79 21.24
N LEU B 891 36.80 55.53 22.12
CA LEU B 891 37.33 56.76 22.69
C LEU B 891 37.91 56.48 24.07
N GLN B 892 39.20 56.73 24.24
CA GLN B 892 39.85 56.45 25.51
C GLN B 892 39.34 57.39 26.60
N ILE B 893 39.16 56.85 27.79
CA ILE B 893 38.64 57.62 28.93
C ILE B 893 39.02 56.91 30.22
N PRO B 894 39.50 57.63 31.23
CA PRO B 894 39.84 56.98 32.51
C PRO B 894 38.62 56.31 33.13
N PHE B 895 38.85 55.16 33.76
CA PHE B 895 37.76 54.42 34.38
C PHE B 895 37.07 55.18 35.52
N PRO B 896 37.78 55.93 36.38
CA PRO B 896 37.06 56.78 37.35
C PRO B 896 36.10 57.75 36.70
N MET B 897 36.47 58.32 35.55
CA MET B 897 35.54 59.19 34.83
C MET B 897 34.41 58.39 34.18
N GLN B 898 34.67 57.12 33.86
CA GLN B 898 33.61 56.29 33.28
C GLN B 898 32.52 55.99 34.30
N MET B 899 32.91 55.65 35.52
CA MET B 899 31.95 55.40 36.59
C MET B 899 31.28 56.68 37.08
N ALA B 900 31.82 57.85 36.75
CA ALA B 900 31.19 59.11 37.09
C ALA B 900 30.11 59.53 36.10
N TYR B 901 30.16 59.04 34.87
CA TYR B 901 29.10 59.29 33.89
C TYR B 901 28.03 58.21 33.91
N ARG B 902 28.34 57.02 34.41
CA ARG B 902 27.35 55.97 34.62
C ARG B 902 26.53 56.20 35.89
N PHE B 903 26.99 57.05 36.79
CA PHE B 903 26.22 57.45 37.96
C PHE B 903 25.16 58.50 37.62
N ASN B 904 25.47 59.40 36.68
CA ASN B 904 24.50 60.40 36.26
C ASN B 904 23.32 59.79 35.51
N GLY B 905 23.46 58.57 35.00
CA GLY B 905 22.38 57.92 34.29
C GLY B 905 21.28 57.38 35.19
N ILE B 906 21.51 57.35 36.50
CA ILE B 906 20.52 56.86 37.45
C ILE B 906 20.07 57.96 38.40
N GLY B 907 20.35 59.22 38.07
CA GLY B 907 19.91 60.34 38.89
C GLY B 907 20.97 60.86 39.84
N VAL B 908 21.80 59.95 40.36
CA VAL B 908 22.84 60.36 41.31
C VAL B 908 23.86 61.25 40.60
N THR B 909 24.24 62.35 41.25
CA THR B 909 25.21 63.26 40.70
C THR B 909 26.60 62.62 40.78
N GLN B 910 27.58 63.23 40.11
CA GLN B 910 28.94 62.70 40.06
C GLN B 910 29.80 63.18 41.22
N ASN B 911 29.24 63.93 42.16
CA ASN B 911 29.96 64.37 43.35
C ASN B 911 29.94 63.33 44.46
N VAL B 912 29.61 62.08 44.14
CA VAL B 912 29.56 60.99 45.11
C VAL B 912 30.66 59.96 44.83
N LEU B 913 30.88 59.66 43.55
CA LEU B 913 31.91 58.68 43.21
C LEU B 913 33.31 59.23 43.44
N TYR B 914 33.54 60.48 43.04
CA TYR B 914 34.86 61.08 43.22
C TYR B 914 35.21 61.25 44.69
N GLU B 915 34.21 61.50 45.54
CA GLU B 915 34.46 61.62 46.97
C GLU B 915 34.69 60.25 47.60
N ASN B 916 33.71 59.36 47.45
CA ASN B 916 33.81 58.01 47.99
C ASN B 916 34.42 57.03 46.98
N GLN B 917 35.59 57.38 46.46
CA GLN B 917 36.23 56.53 45.45
C GLN B 917 36.79 55.26 46.08
N LYS B 918 37.52 55.40 47.19
CA LYS B 918 38.08 54.23 47.84
C LYS B 918 37.00 53.34 48.43
N LEU B 919 35.88 53.91 48.84
CA LEU B 919 34.79 53.11 49.39
C LEU B 919 34.15 52.24 48.31
N ILE B 920 33.83 52.84 47.17
CA ILE B 920 33.22 52.08 46.07
C ILE B 920 34.23 51.08 45.50
N ALA B 921 35.52 51.43 45.51
CA ALA B 921 36.54 50.52 45.00
C ALA B 921 36.59 49.25 45.84
N ASN B 922 36.51 49.39 47.17
CA ASN B 922 36.55 48.22 48.04
C ASN B 922 35.27 47.41 47.94
N GLN B 923 34.13 48.05 47.68
CA GLN B 923 32.87 47.33 47.56
C GLN B 923 32.83 46.51 46.27
N PHE B 924 33.36 47.07 45.18
CA PHE B 924 33.39 46.33 43.91
C PHE B 924 34.35 45.16 43.98
N ASN B 925 35.53 45.36 44.59
CA ASN B 925 36.49 44.27 44.72
C ASN B 925 35.96 43.16 45.61
N SER B 926 35.24 43.52 46.68
CA SER B 926 34.66 42.52 47.55
C SER B 926 33.49 41.81 46.89
N ALA B 927 32.81 42.49 45.96
CA ALA B 927 31.66 41.88 45.28
C ALA B 927 32.11 40.86 44.24
N ILE B 928 33.18 41.17 43.49
CA ILE B 928 33.70 40.23 42.50
C ILE B 928 34.28 39.00 43.18
N GLY B 929 34.90 39.19 44.35
CA GLY B 929 35.46 38.06 45.07
C GLY B 929 34.40 37.07 45.53
N LYS B 930 33.24 37.59 45.94
CA LYS B 930 32.17 36.70 46.38
C LYS B 930 31.51 35.95 45.22
N ILE B 931 31.70 36.42 43.98
CA ILE B 931 31.15 35.71 42.83
C ILE B 931 31.86 34.37 42.65
N GLN B 932 33.18 34.34 42.86
CA GLN B 932 33.93 33.10 42.73
C GLN B 932 33.47 32.08 43.77
N ASP B 933 33.14 32.54 44.97
CA ASP B 933 32.70 31.64 46.02
C ASP B 933 31.25 31.22 45.81
N SER B 934 30.42 32.13 45.29
CA SER B 934 29.01 31.83 45.09
C SER B 934 28.81 30.77 44.01
N LEU B 935 29.53 30.90 42.89
CA LEU B 935 29.36 29.95 41.80
C LEU B 935 30.01 28.61 42.11
N SER B 936 30.97 28.59 43.02
CA SER B 936 31.65 27.33 43.36
C SER B 936 30.88 26.56 44.42
N SER B 937 30.52 27.23 45.52
CA SER B 937 29.83 26.56 46.62
C SER B 937 28.45 26.07 46.20
N THR B 938 27.61 26.99 45.73
CA THR B 938 26.25 26.63 45.35
C THR B 938 26.25 25.88 44.03
N PRO B 939 25.79 24.63 43.98
CA PRO B 939 25.76 23.87 42.73
C PRO B 939 24.55 24.14 41.84
N SER B 940 23.62 25.00 42.27
CA SER B 940 22.43 25.30 41.51
C SER B 940 22.53 26.64 40.77
N ALA B 941 23.70 27.28 40.80
CA ALA B 941 23.88 28.55 40.10
C ALA B 941 23.93 28.33 38.59
N LEU B 942 24.90 27.53 38.13
CA LEU B 942 25.05 27.21 36.71
C LEU B 942 24.09 26.06 36.38
N GLY B 943 22.80 26.38 36.39
CA GLY B 943 21.78 25.39 36.11
C GLY B 943 21.19 25.51 34.73
N LYS B 944 21.08 26.75 34.23
CA LYS B 944 20.55 26.95 32.89
C LYS B 944 21.53 26.45 31.83
N LEU B 945 22.83 26.50 32.13
CA LEU B 945 23.82 25.98 31.20
C LEU B 945 23.85 24.46 31.18
N GLN B 946 23.67 23.83 32.35
CA GLN B 946 23.59 22.37 32.39
C GLN B 946 22.27 21.86 31.85
N ASP B 947 21.24 22.72 31.77
CA ASP B 947 19.95 22.26 31.27
C ASP B 947 20.01 21.94 29.79
N VAL B 948 20.66 22.78 28.99
CA VAL B 948 20.76 22.53 27.55
C VAL B 948 21.72 21.38 27.27
N VAL B 949 22.65 21.12 28.18
CA VAL B 949 23.56 20.00 28.00
C VAL B 949 22.87 18.69 28.35
N ASN B 950 22.12 18.66 29.44
CA ASN B 950 21.42 17.45 29.84
C ASN B 950 20.29 17.12 28.88
N HIS B 951 19.67 18.15 28.27
CA HIS B 951 18.60 17.89 27.31
C HIS B 951 19.15 17.26 26.04
N ASN B 952 20.30 17.72 25.57
CA ASN B 952 20.90 17.14 24.37
C ASN B 952 21.40 15.73 24.64
N ALA B 953 21.91 15.48 25.85
CA ALA B 953 22.37 14.14 26.20
C ALA B 953 21.19 13.19 26.34
N GLN B 954 20.11 13.64 26.97
CA GLN B 954 18.92 12.79 27.11
C GLN B 954 18.26 12.54 25.76
N ALA B 955 18.29 13.54 24.88
CA ALA B 955 17.68 13.36 23.56
C ALA B 955 18.46 12.35 22.72
N LEU B 956 19.80 12.41 22.78
CA LEU B 956 20.60 11.46 22.02
C LEU B 956 20.52 10.05 22.61
N ASN B 957 20.53 9.94 23.93
CA ASN B 957 20.38 8.64 24.58
C ASN B 957 19.00 8.04 24.36
N THR B 958 17.97 8.87 24.16
CA THR B 958 16.64 8.35 23.88
C THR B 958 16.58 7.69 22.50
N LEU B 959 17.22 8.32 21.50
CA LEU B 959 17.20 7.76 20.15
C LEU B 959 17.93 6.41 20.10
N VAL B 960 19.03 6.30 20.84
CA VAL B 960 19.77 5.04 20.86
C VAL B 960 18.97 3.97 21.59
N LYS B 961 18.32 4.34 22.70
CA LYS B 961 17.54 3.37 23.46
C LYS B 961 16.35 2.85 22.66
N GLN B 962 15.75 3.72 21.85
CA GLN B 962 14.62 3.32 21.02
C GLN B 962 15.02 2.33 19.92
N LEU B 963 16.31 2.23 19.60
CA LEU B 963 16.76 1.16 18.71
C LEU B 963 16.63 -0.21 19.34
N SER B 964 16.68 -0.29 20.66
CA SER B 964 16.45 -1.54 21.40
C SER B 964 14.98 -1.66 21.80
N SER B 965 14.09 -1.51 20.82
CA SER B 965 12.64 -1.55 21.08
C SER B 965 11.97 -2.07 19.83
N LYS B 966 11.31 -3.23 19.94
CA LYS B 966 10.61 -3.83 18.82
C LYS B 966 9.32 -3.07 18.54
N PHE B 967 9.27 -2.36 17.43
CA PHE B 967 8.07 -1.62 17.02
C PHE B 967 7.04 -2.53 16.35
N GLY B 968 6.65 -3.61 17.02
CA GLY B 968 5.74 -4.59 16.45
C GLY B 968 6.41 -5.70 15.67
N ALA B 969 7.73 -5.65 15.47
CA ALA B 969 8.43 -6.67 14.72
C ALA B 969 8.80 -7.83 15.66
N ILE B 970 9.62 -8.76 15.17
CA ILE B 970 9.99 -9.91 16.00
C ILE B 970 11.25 -9.61 16.82
N SER B 971 12.08 -8.68 16.36
CA SER B 971 13.31 -8.36 17.07
C SER B 971 13.74 -6.95 16.65
N SER B 972 14.84 -6.49 17.23
CA SER B 972 15.40 -5.17 16.93
C SER B 972 16.64 -5.23 16.04
N VAL B 973 17.40 -6.33 16.08
CA VAL B 973 18.57 -6.47 15.24
C VAL B 973 18.11 -6.71 13.80
N LEU B 974 18.56 -5.86 12.88
CA LEU B 974 18.13 -5.99 11.49
C LEU B 974 18.77 -7.18 10.80
N ASN B 975 19.97 -7.59 11.23
CA ASN B 975 20.66 -8.69 10.58
C ASN B 975 19.97 -10.02 10.83
N ASP B 976 19.41 -10.22 12.03
CA ASP B 976 18.74 -11.48 12.32
C ASP B 976 17.43 -11.62 11.57
N ILE B 977 16.77 -10.50 11.27
CA ILE B 977 15.51 -10.57 10.52
C ILE B 977 15.77 -11.01 9.09
N PHE B 978 16.82 -10.47 8.47
CA PHE B 978 17.18 -10.84 7.11
C PHE B 978 17.83 -12.21 7.01
N SER B 979 18.25 -12.80 8.14
CA SER B 979 18.88 -14.12 8.13
C SER B 979 17.85 -15.20 8.47
N ARG B 980 17.06 -14.96 9.51
CA ARG B 980 16.06 -15.95 9.93
C ARG B 980 14.92 -16.01 8.92
N LEU B 981 14.20 -14.90 8.74
CA LEU B 981 13.03 -14.91 7.87
C LEU B 981 13.45 -14.90 6.41
N ASP B 982 12.55 -15.38 5.56
CA ASP B 982 12.78 -15.37 4.12
C ASP B 982 12.58 -13.97 3.57
N PRO B 983 13.22 -13.62 2.46
CA PRO B 983 13.16 -12.23 1.94
C PRO B 983 11.73 -11.74 1.73
N PRO B 984 10.83 -12.51 1.06
CA PRO B 984 9.50 -11.96 0.78
C PRO B 984 8.70 -11.64 2.03
N GLU B 985 8.75 -12.52 3.03
CA GLU B 985 7.98 -12.27 4.26
C GLU B 985 8.69 -11.28 5.17
N ALA B 986 10.02 -11.23 5.14
CA ALA B 986 10.74 -10.31 6.01
C ALA B 986 10.48 -8.86 5.65
N GLU B 987 10.01 -8.60 4.42
CA GLU B 987 9.72 -7.22 4.03
C GLU B 987 8.57 -6.64 4.84
N VAL B 988 7.69 -7.50 5.37
CA VAL B 988 6.57 -7.01 6.18
C VAL B 988 7.07 -6.55 7.54
N GLN B 989 7.94 -7.34 8.17
CA GLN B 989 8.41 -7.01 9.50
C GLN B 989 9.47 -5.90 9.47
N ILE B 990 10.27 -5.83 8.41
CA ILE B 990 11.32 -4.81 8.35
C ILE B 990 10.74 -3.43 8.10
N ASP B 991 9.54 -3.34 7.51
CA ASP B 991 8.90 -2.05 7.31
C ASP B 991 8.37 -1.48 8.61
N ARG B 992 8.12 -2.32 9.61
CA ARG B 992 7.66 -1.83 10.91
C ARG B 992 8.78 -1.11 11.64
N LEU B 993 10.01 -1.63 11.55
CA LEU B 993 11.16 -0.97 12.17
C LEU B 993 11.60 0.23 11.34
N ILE B 994 11.50 0.14 10.02
CA ILE B 994 11.87 1.26 9.16
C ILE B 994 10.90 2.43 9.35
N THR B 995 9.69 2.14 9.82
CA THR B 995 8.73 3.21 10.09
C THR B 995 8.83 3.70 11.52
N GLY B 996 9.01 2.79 12.48
CA GLY B 996 9.14 3.19 13.87
C GLY B 996 10.38 4.00 14.13
N ARG B 997 11.49 3.68 13.45
CA ARG B 997 12.71 4.45 13.62
C ARG B 997 12.65 5.78 12.87
N LEU B 998 11.94 5.83 11.74
CA LEU B 998 11.76 7.09 11.04
C LEU B 998 10.93 8.07 11.86
N GLN B 999 9.92 7.57 12.56
CA GLN B 999 9.13 8.43 13.44
C GLN B 999 9.95 8.86 14.65
N SER B 1000 10.84 7.99 15.13
CA SER B 1000 11.71 8.34 16.25
C SER B 1000 12.69 9.43 15.85
N LEU B 1001 13.29 9.32 14.67
CA LEU B 1001 14.21 10.35 14.20
C LEU B 1001 13.47 11.64 13.84
N GLN B 1002 12.22 11.52 13.36
CA GLN B 1002 11.44 12.71 13.07
C GLN B 1002 11.02 13.42 14.34
N THR B 1003 10.68 12.66 15.39
CA THR B 1003 10.35 13.27 16.68
C THR B 1003 11.55 13.99 17.26
N TYR B 1004 12.76 13.50 16.97
CA TYR B 1004 13.97 14.17 17.45
C TYR B 1004 14.15 15.52 16.77
N VAL B 1005 14.06 15.55 15.44
CA VAL B 1005 14.24 16.80 14.70
C VAL B 1005 13.15 17.80 15.08
N THR B 1006 11.94 17.30 15.32
CA THR B 1006 10.85 18.17 15.76
C THR B 1006 11.17 18.79 17.12
N GLN B 1007 11.66 17.98 18.06
CA GLN B 1007 12.05 18.50 19.35
C GLN B 1007 13.27 19.42 19.26
N GLN B 1008 14.15 19.18 18.28
CA GLN B 1008 15.29 20.05 18.08
C GLN B 1008 14.92 21.40 17.52
N LEU B 1009 13.89 21.47 16.68
CA LEU B 1009 13.44 22.76 16.15
C LEU B 1009 12.72 23.57 17.22
N ILE B 1010 11.99 22.90 18.13
CA ILE B 1010 11.32 23.62 19.20
C ILE B 1010 12.33 24.08 20.25
N ARG B 1011 13.32 23.23 20.55
CA ARG B 1011 14.34 23.61 21.53
C ARG B 1011 15.26 24.69 20.99
N ALA B 1012 15.50 24.71 19.68
CA ALA B 1012 16.33 25.76 19.09
C ALA B 1012 15.62 27.11 19.12
N ALA B 1013 14.30 27.12 18.99
CA ALA B 1013 13.55 28.37 19.06
C ALA B 1013 13.61 28.95 20.46
N GLU B 1014 13.60 28.09 21.49
CA GLU B 1014 13.73 28.56 22.86
C GLU B 1014 15.11 29.15 23.11
N ILE B 1015 16.15 28.54 22.52
CA ILE B 1015 17.50 29.06 22.67
C ILE B 1015 17.74 30.27 21.78
N ARG B 1016 17.12 30.33 20.61
CA ARG B 1016 17.25 31.51 19.76
C ARG B 1016 16.65 32.74 20.44
N ALA B 1017 15.57 32.56 21.20
CA ALA B 1017 15.03 33.67 21.98
C ALA B 1017 15.98 34.06 23.11
N SER B 1018 16.64 33.07 23.72
CA SER B 1018 17.64 33.37 24.75
C SER B 1018 18.89 33.98 24.13
N ALA B 1019 19.22 33.57 22.89
CA ALA B 1019 20.38 34.16 22.22
C ALA B 1019 20.10 35.61 21.82
N ASN B 1020 18.89 35.89 21.33
CA ASN B 1020 18.52 37.27 21.02
C ASN B 1020 18.43 38.12 22.28
N LEU B 1021 17.98 37.53 23.39
CA LEU B 1021 17.96 38.25 24.65
C LEU B 1021 19.37 38.48 25.17
N ALA B 1022 20.27 37.51 25.03
CA ALA B 1022 21.65 37.69 25.44
C ALA B 1022 22.37 38.71 24.55
N ALA B 1023 22.04 38.72 23.26
CA ALA B 1023 22.61 39.73 22.37
C ALA B 1023 22.09 41.12 22.72
N THR B 1024 20.83 41.21 23.16
CA THR B 1024 20.27 42.49 23.57
C THR B 1024 20.89 42.97 24.88
N LYS B 1025 21.15 42.06 25.82
CA LYS B 1025 21.75 42.45 27.09
C LYS B 1025 23.21 42.90 26.88
N MET B 1026 23.98 42.14 26.11
CA MET B 1026 25.36 42.50 25.84
C MET B 1026 25.48 43.77 25.01
N SER B 1027 24.41 44.23 24.39
CA SER B 1027 24.41 45.46 23.62
C SER B 1027 23.83 46.64 24.38
N GLU B 1028 22.97 46.39 25.37
CA GLU B 1028 22.38 47.47 26.16
C GLU B 1028 23.01 47.61 27.54
N CYS B 1029 23.44 46.50 28.15
CA CYS B 1029 24.06 46.54 29.46
C CYS B 1029 25.57 46.69 29.39
N VAL B 1030 26.22 46.11 28.39
CA VAL B 1030 27.67 46.18 28.28
C VAL B 1030 28.10 47.35 27.42
N LEU B 1031 27.44 47.54 26.26
CA LEU B 1031 27.76 48.61 25.34
C LEU B 1031 27.11 49.93 25.72
N GLY B 1032 26.62 50.06 26.95
CA GLY B 1032 25.98 51.28 27.37
C GLY B 1032 25.32 51.09 28.73
N GLN B 1033 24.66 52.15 29.18
CA GLN B 1033 23.96 52.17 30.46
C GLN B 1033 22.47 52.12 30.18
N SER B 1034 21.90 50.91 30.16
CA SER B 1034 20.48 50.75 29.91
C SER B 1034 19.67 51.14 31.14
N LYS B 1035 18.68 51.99 30.94
CA LYS B 1035 17.82 52.47 32.00
C LYS B 1035 16.57 51.61 32.20
N ARG B 1036 16.48 50.47 31.50
CA ARG B 1036 15.35 49.57 31.67
C ARG B 1036 15.43 48.91 33.04
N VAL B 1037 14.34 48.97 33.80
CA VAL B 1037 14.33 48.43 35.15
C VAL B 1037 14.36 46.90 35.11
N ASP B 1038 15.21 46.31 35.95
CA ASP B 1038 15.30 44.87 36.17
C ASP B 1038 15.94 44.14 34.97
N PHE B 1039 16.16 44.87 33.88
CA PHE B 1039 16.76 44.25 32.69
C PHE B 1039 18.21 43.90 32.92
N CYS B 1040 19.03 44.90 33.26
CA CYS B 1040 20.45 44.70 33.53
C CYS B 1040 20.65 44.58 35.05
N GLY B 1041 20.06 43.52 35.61
CA GLY B 1041 20.19 43.27 37.03
C GLY B 1041 19.11 43.96 37.84
N LYS B 1042 18.93 43.50 39.07
CA LYS B 1042 17.90 44.03 39.97
C LYS B 1042 18.46 45.25 40.68
N GLY B 1043 18.14 46.43 40.17
CA GLY B 1043 18.59 47.67 40.78
C GLY B 1043 18.79 48.74 39.72
N TYR B 1044 19.75 49.62 39.99
CA TYR B 1044 20.12 50.69 39.07
C TYR B 1044 21.36 50.25 38.30
N HIS B 1045 21.20 49.99 37.01
CA HIS B 1045 22.28 49.47 36.19
C HIS B 1045 23.40 50.49 36.05
N LEU B 1046 24.61 50.09 36.45
CA LEU B 1046 25.79 50.91 36.25
C LEU B 1046 26.59 50.42 35.05
N MET B 1047 26.99 49.16 35.08
CA MET B 1047 27.77 48.55 34.01
C MET B 1047 27.65 47.03 34.10
N SER B 1048 28.07 46.35 33.03
CA SER B 1048 28.02 44.90 32.96
C SER B 1048 29.29 44.39 32.31
N PHE B 1049 29.75 43.23 32.76
CA PHE B 1049 30.97 42.60 32.25
C PHE B 1049 30.64 41.20 31.75
N PRO B 1050 30.77 40.93 30.46
CA PRO B 1050 30.48 39.58 29.95
C PRO B 1050 31.65 38.64 30.13
N GLN B 1051 31.31 37.36 30.29
CA GLN B 1051 32.31 36.31 30.45
C GLN B 1051 31.83 35.06 29.72
N SER B 1052 32.77 34.37 29.07
CA SER B 1052 32.41 33.18 28.31
C SER B 1052 31.98 32.05 29.23
N ALA B 1053 31.28 31.09 28.65
CA ALA B 1053 30.76 29.95 29.39
C ALA B 1053 30.47 28.83 28.40
N PRO B 1054 30.54 27.58 28.83
CA PRO B 1054 30.24 26.46 27.92
C PRO B 1054 28.78 26.50 27.47
N HIS B 1055 28.60 26.74 26.17
CA HIS B 1055 27.27 26.82 25.56
C HIS B 1055 26.42 27.90 26.23
N GLY B 1056 26.99 29.07 26.43
CA GLY B 1056 26.25 30.16 27.04
C GLY B 1056 27.18 31.31 27.39
N VAL B 1057 26.63 32.27 28.13
CA VAL B 1057 27.35 33.45 28.57
C VAL B 1057 26.85 33.82 29.96
N VAL B 1058 27.75 34.36 30.78
CA VAL B 1058 27.45 34.72 32.16
C VAL B 1058 27.71 36.22 32.29
N PHE B 1059 26.65 37.00 32.52
CA PHE B 1059 26.79 38.43 32.70
C PHE B 1059 27.00 38.77 34.17
N LEU B 1060 27.84 39.76 34.42
CA LEU B 1060 28.08 40.29 35.76
C LEU B 1060 27.54 41.71 35.81
N HIS B 1061 26.30 41.86 36.26
CA HIS B 1061 25.63 43.16 36.26
C HIS B 1061 25.98 43.90 37.55
N VAL B 1062 26.70 45.01 37.40
CA VAL B 1062 27.00 45.89 38.53
C VAL B 1062 25.82 46.84 38.72
N THR B 1063 25.15 46.73 39.86
CA THR B 1063 23.95 47.50 40.12
C THR B 1063 24.19 48.46 41.28
N TYR B 1064 23.24 49.37 41.46
CA TYR B 1064 23.29 50.37 42.51
C TYR B 1064 22.07 50.18 43.41
N VAL B 1065 22.28 49.58 44.57
CA VAL B 1065 21.21 49.28 45.51
C VAL B 1065 21.35 50.20 46.71
N PRO B 1066 20.45 51.17 46.90
CA PRO B 1066 20.54 52.05 48.08
C PRO B 1066 20.25 51.30 49.36
N ALA B 1067 20.63 51.93 50.47
CA ALA B 1067 20.43 51.36 51.79
C ALA B 1067 20.52 52.48 52.82
N GLN B 1068 20.16 52.15 54.06
CA GLN B 1068 20.22 53.08 55.19
C GLN B 1068 19.41 54.35 54.91
N GLU B 1069 18.11 54.13 54.74
CA GLU B 1069 17.19 55.23 54.48
C GLU B 1069 16.73 55.86 55.79
N LYS B 1070 16.29 57.12 55.70
CA LYS B 1070 15.81 57.86 56.84
C LYS B 1070 14.53 58.61 56.45
N ASN B 1071 13.60 58.73 57.39
CA ASN B 1071 12.33 59.38 57.12
C ASN B 1071 12.44 60.89 57.35
N PHE B 1072 11.89 61.65 56.42
CA PHE B 1072 11.87 63.10 56.51
C PHE B 1072 10.50 63.61 56.07
N THR B 1073 10.19 64.84 56.48
CA THR B 1073 8.98 65.50 56.05
C THR B 1073 9.24 66.28 54.76
N THR B 1074 8.24 66.27 53.87
CA THR B 1074 8.40 66.86 52.55
C THR B 1074 7.23 67.79 52.27
N ALA B 1075 7.39 68.58 51.20
CA ALA B 1075 6.36 69.51 50.74
C ALA B 1075 6.51 69.63 49.23
N PRO B 1076 5.40 69.67 48.48
CA PRO B 1076 5.51 69.82 47.02
C PRO B 1076 6.22 71.09 46.58
N ALA B 1077 5.95 72.21 47.24
CA ALA B 1077 6.58 73.47 46.89
C ALA B 1077 6.68 74.35 48.13
N ILE B 1078 7.37 75.48 47.97
CA ILE B 1078 7.54 76.44 49.05
C ILE B 1078 7.14 77.83 48.54
N CYS B 1079 6.91 78.73 49.47
CA CYS B 1079 6.46 80.08 49.17
C CYS B 1079 7.34 81.07 49.92
N HIS B 1080 8.10 81.88 49.19
CA HIS B 1080 8.98 82.87 49.80
C HIS B 1080 8.31 84.24 49.87
N ASP B 1081 7.94 84.79 48.71
CA ASP B 1081 7.33 86.11 48.64
C ASP B 1081 5.91 86.10 48.09
N GLY B 1082 5.45 84.96 47.58
CA GLY B 1082 4.12 84.89 47.01
C GLY B 1082 4.04 83.99 45.80
N LYS B 1083 5.20 83.55 45.31
CA LYS B 1083 5.28 82.65 44.17
C LYS B 1083 5.83 81.30 44.61
N ALA B 1084 5.26 80.23 44.06
CA ALA B 1084 5.61 78.87 44.46
C ALA B 1084 6.95 78.50 43.83
N HIS B 1085 7.91 78.12 44.67
CA HIS B 1085 9.23 77.67 44.21
C HIS B 1085 9.23 76.15 44.16
N PHE B 1086 9.28 75.60 42.96
CA PHE B 1086 9.30 74.15 42.82
C PHE B 1086 10.72 73.63 42.69
N PRO B 1087 10.99 72.44 43.22
CA PRO B 1087 12.33 71.85 43.07
C PRO B 1087 12.69 71.57 41.62
N ARG B 1088 13.78 72.17 41.14
CA ARG B 1088 14.22 71.97 39.76
C ARG B 1088 14.59 70.52 39.52
N GLU B 1089 15.57 70.00 40.29
CA GLU B 1089 16.00 68.61 40.19
C GLU B 1089 16.31 68.12 41.62
N GLY B 1090 15.32 67.51 42.24
CA GLY B 1090 15.50 67.00 43.59
C GLY B 1090 14.15 66.92 44.31
N VAL B 1091 14.25 66.84 45.64
CA VAL B 1091 13.08 66.73 46.51
C VAL B 1091 13.30 67.60 47.73
N PHE B 1092 12.24 68.30 48.15
CA PHE B 1092 12.28 69.16 49.34
C PHE B 1092 12.12 68.29 50.57
N VAL B 1093 13.14 68.26 51.42
CA VAL B 1093 13.11 67.51 52.66
C VAL B 1093 13.25 68.47 53.83
N SER B 1094 12.99 67.97 55.03
CA SER B 1094 13.09 68.76 56.25
C SER B 1094 13.44 67.86 57.41
N ASN B 1095 14.46 68.24 58.18
CA ASN B 1095 14.88 67.48 59.35
C ASN B 1095 14.10 67.85 60.61
N GLY B 1096 13.03 68.64 60.48
CA GLY B 1096 12.24 69.02 61.63
C GLY B 1096 12.22 70.51 61.88
N THR B 1097 13.38 71.16 61.71
CA THR B 1097 13.48 72.59 61.95
C THR B 1097 13.72 73.35 60.65
N HIS B 1098 14.74 72.95 59.89
CA HIS B 1098 15.08 73.62 58.65
C HIS B 1098 14.56 72.81 57.45
N TRP B 1099 14.70 73.41 56.26
CA TRP B 1099 14.27 72.79 55.02
C TRP B 1099 15.45 72.75 54.06
N PHE B 1100 15.62 71.60 53.40
CA PHE B 1100 16.70 71.41 52.44
C PHE B 1100 16.17 70.69 51.22
N VAL B 1101 16.96 70.71 50.15
CA VAL B 1101 16.64 70.03 48.90
C VAL B 1101 17.73 68.99 48.65
N THR B 1102 17.32 67.74 48.50
CA THR B 1102 18.24 66.63 48.29
C THR B 1102 17.90 65.92 46.99
N GLN B 1103 18.77 64.99 46.61
CA GLN B 1103 18.55 64.20 45.40
C GLN B 1103 17.46 63.15 45.65
N ARG B 1104 17.12 62.44 44.58
CA ARG B 1104 16.07 61.43 44.63
C ARG B 1104 16.61 60.04 44.92
N ASN B 1105 17.93 59.87 44.93
CA ASN B 1105 18.54 58.57 45.17
C ASN B 1105 19.70 58.61 46.17
N PHE B 1106 20.05 59.79 46.67
CA PHE B 1106 21.14 59.91 47.63
C PHE B 1106 20.95 61.18 48.43
N TYR B 1107 21.09 61.07 49.76
CA TYR B 1107 20.87 62.20 50.65
C TYR B 1107 22.07 63.12 50.62
N GLU B 1108 21.84 64.38 50.24
CA GLU B 1108 22.87 65.40 50.21
C GLU B 1108 22.21 66.77 50.30
N PRO B 1109 22.09 67.33 51.50
CA PRO B 1109 21.33 68.58 51.66
C PRO B 1109 22.11 69.79 51.16
N GLN B 1110 21.37 70.70 50.53
CA GLN B 1110 21.90 71.99 50.11
C GLN B 1110 20.87 73.06 50.44
N ILE B 1111 21.35 74.26 50.77
CA ILE B 1111 20.45 75.37 51.06
C ILE B 1111 19.67 75.75 49.82
N ILE B 1112 18.42 76.15 50.02
CA ILE B 1112 17.52 76.48 48.91
C ILE B 1112 17.83 77.89 48.44
N THR B 1113 18.28 78.00 47.19
CA THR B 1113 18.61 79.30 46.61
C THR B 1113 17.74 79.57 45.38
N THR B 1114 18.04 80.65 44.66
CA THR B 1114 17.31 81.03 43.47
C THR B 1114 17.99 80.44 42.23
N ASP B 1115 18.72 79.34 42.45
CA ASP B 1115 19.40 78.66 41.36
C ASP B 1115 18.95 77.21 41.18
N ASN B 1116 18.41 76.56 42.20
CA ASN B 1116 17.91 75.20 42.11
C ASN B 1116 16.40 75.12 42.23
N THR B 1117 15.72 76.26 42.16
CA THR B 1117 14.26 76.30 42.27
C THR B 1117 13.73 77.26 41.21
N PHE B 1118 12.68 76.85 40.50
CA PHE B 1118 12.02 77.68 39.51
C PHE B 1118 10.63 78.07 40.00
N VAL B 1119 10.22 79.30 39.72
CA VAL B 1119 8.95 79.85 40.19
C VAL B 1119 7.89 79.64 39.11
N SER B 1120 6.66 79.41 39.55
CA SER B 1120 5.54 79.23 38.63
C SER B 1120 4.24 79.46 39.39
N GLY B 1121 3.51 80.50 39.01
CA GLY B 1121 2.23 80.79 39.65
C GLY B 1121 2.39 81.32 41.06
N ASN B 1122 1.25 81.57 41.68
CA ASN B 1122 1.19 82.06 43.06
C ASN B 1122 0.84 80.92 44.02
N CYS B 1123 0.89 81.24 45.31
CA CYS B 1123 0.74 80.24 46.37
C CYS B 1123 -0.73 80.19 46.81
N ASP B 1124 -1.60 79.87 45.85
CA ASP B 1124 -3.02 79.73 46.16
C ASP B 1124 -3.62 78.53 45.45
N VAL B 1125 -2.83 77.84 44.65
CA VAL B 1125 -3.31 76.72 43.85
C VAL B 1125 -2.64 75.40 44.21
N VAL B 1126 -1.44 75.43 44.79
CA VAL B 1126 -0.74 74.21 45.18
C VAL B 1126 -1.24 73.77 46.55
N ILE B 1127 -1.71 72.53 46.63
CA ILE B 1127 -2.29 71.99 47.86
C ILE B 1127 -1.15 71.48 48.74
N GLY B 1128 -0.99 72.08 49.91
CA GLY B 1128 0.02 71.64 50.86
C GLY B 1128 1.38 72.26 50.65
N ILE B 1129 1.42 73.58 50.49
CA ILE B 1129 2.66 74.31 50.27
C ILE B 1129 3.07 74.95 51.60
N VAL B 1130 4.32 74.74 52.00
CA VAL B 1130 4.82 75.29 53.25
C VAL B 1130 5.48 76.64 53.01
N ASN B 1131 5.57 77.43 54.08
CA ASN B 1131 6.18 78.75 54.03
C ASN B 1131 7.61 78.67 54.54
N ASN B 1132 8.56 79.05 53.68
CA ASN B 1132 9.97 79.04 54.04
C ASN B 1132 10.61 80.29 53.43
N THR B 1133 11.92 80.40 53.54
CA THR B 1133 12.67 81.55 53.03
C THR B 1133 13.78 81.05 52.12
N VAL B 1134 13.61 81.26 50.81
CA VAL B 1134 14.65 80.90 49.85
C VAL B 1134 15.76 81.94 49.90
N TYR B 1135 16.93 81.57 49.41
CA TYR B 1135 18.07 82.47 49.41
C TYR B 1135 18.31 83.03 48.01
N ASP B 1136 18.93 84.21 47.97
CA ASP B 1136 19.27 84.87 46.71
C ASP B 1136 20.79 84.91 46.59
N PRO B 1137 21.37 84.26 45.58
CA PRO B 1137 22.84 84.28 45.47
C PRO B 1137 23.42 85.66 45.25
N LEU B 1138 22.67 86.55 44.60
CA LEU B 1138 23.14 87.91 44.35
C LEU B 1138 22.95 88.83 45.56
N GLN B 1139 22.24 88.38 46.59
CA GLN B 1139 22.02 89.24 47.76
C GLN B 1139 23.31 89.48 48.54
N PRO B 1140 24.08 88.47 48.96
CA PRO B 1140 25.31 88.77 49.68
C PRO B 1140 26.43 89.31 48.81
N GLU B 1141 26.35 89.13 47.49
CA GLU B 1141 27.36 89.64 46.57
C GLU B 1141 27.25 91.15 46.37
N LEU B 1142 26.20 91.78 46.88
CA LEU B 1142 26.02 93.23 46.76
C LEU B 1142 26.91 93.91 47.79
N ASP B 1143 28.21 93.97 47.49
CA ASP B 1143 29.16 94.59 48.40
C ASP B 1143 28.97 96.09 48.48
N SER B 1144 28.36 96.69 47.45
CA SER B 1144 28.14 98.13 47.44
C SER B 1144 27.02 98.52 48.41
N LEU C 24 45.58 -8.91 -29.88
CA LEU C 24 45.85 -7.50 -30.12
C LEU C 24 45.63 -6.69 -28.86
N PRO C 25 46.35 -5.59 -28.70
CA PRO C 25 46.08 -4.73 -27.55
C PRO C 25 44.99 -3.73 -27.91
N PRO C 26 43.85 -3.78 -27.22
CA PRO C 26 42.85 -2.75 -27.53
C PRO C 26 43.36 -1.39 -27.12
N ALA C 27 43.39 -0.47 -28.04
CA ALA C 27 43.76 0.85 -27.68
C ALA C 27 42.70 1.40 -26.78
N TYR C 28 43.03 2.35 -25.93
CA TYR C 28 42.03 2.96 -25.11
C TYR C 28 41.94 4.43 -25.44
N THR C 29 40.89 5.14 -25.01
CA THR C 29 40.72 6.57 -25.24
C THR C 29 39.91 7.08 -24.06
N ASN C 30 39.34 8.27 -24.13
CA ASN C 30 38.61 8.86 -23.02
C ASN C 30 37.38 9.60 -23.56
N SER C 31 36.21 8.97 -23.45
CA SER C 31 34.96 9.64 -23.80
C SER C 31 34.63 10.69 -22.75
N PHE C 32 34.68 11.95 -23.14
CA PHE C 32 34.55 13.05 -22.20
C PHE C 32 33.14 13.14 -21.64
N THR C 33 32.16 13.44 -22.51
CA THR C 33 30.76 13.47 -22.10
C THR C 33 29.90 13.10 -23.32
N ARG C 34 29.63 11.81 -23.44
CA ARG C 34 28.85 11.28 -24.56
C ARG C 34 28.21 9.97 -24.11
N GLY C 35 26.88 9.90 -24.23
CA GLY C 35 26.17 8.69 -23.85
C GLY C 35 24.86 8.96 -23.14
N VAL C 36 24.60 10.23 -22.83
CA VAL C 36 23.39 10.59 -22.10
C VAL C 36 22.21 10.52 -23.07
N TYR C 37 21.33 9.55 -22.85
CA TYR C 37 20.14 9.37 -23.66
C TYR C 37 18.89 9.71 -22.86
N TYR C 38 17.77 9.77 -23.56
CA TYR C 38 16.49 10.05 -22.93
C TYR C 38 16.02 8.82 -22.14
N PRO C 39 15.91 8.91 -20.81
CA PRO C 39 15.49 7.73 -20.04
C PRO C 39 14.05 7.33 -20.32
N ASP C 40 13.16 8.31 -20.40
CA ASP C 40 11.75 8.06 -20.67
C ASP C 40 11.26 8.88 -21.85
N LYS C 41 9.96 8.84 -22.12
CA LYS C 41 9.42 9.63 -23.23
C LYS C 41 8.50 10.76 -22.76
N VAL C 42 8.74 11.36 -21.60
CA VAL C 42 7.90 12.44 -21.09
C VAL C 42 8.53 13.77 -21.46
N PHE C 43 7.69 14.80 -21.65
CA PHE C 43 8.15 16.12 -22.03
C PHE C 43 8.44 16.94 -20.78
N ARG C 44 9.58 17.64 -20.79
CA ARG C 44 9.97 18.52 -19.71
C ARG C 44 10.57 19.77 -20.31
N SER C 45 10.18 20.93 -19.80
CA SER C 45 10.58 22.22 -20.35
C SER C 45 11.26 23.06 -19.28
N SER C 46 12.56 23.31 -19.48
CA SER C 46 13.33 24.22 -18.63
C SER C 46 13.29 23.80 -17.17
N VAL C 47 13.54 22.52 -16.93
CA VAL C 47 13.61 21.94 -15.59
C VAL C 47 14.80 21.00 -15.52
N LEU C 48 15.11 20.55 -14.31
CA LEU C 48 16.19 19.60 -14.07
C LEU C 48 15.64 18.39 -13.35
N HIS C 49 15.94 17.21 -13.85
CA HIS C 49 15.41 15.96 -13.31
C HIS C 49 16.56 14.98 -13.10
N SER C 50 16.62 14.39 -11.90
CA SER C 50 17.61 13.36 -11.61
C SER C 50 17.00 11.99 -11.90
N THR C 51 17.63 11.25 -12.81
CA THR C 51 17.14 9.95 -13.25
C THR C 51 18.19 8.90 -12.97
N GLN C 52 17.80 7.86 -12.24
CA GLN C 52 18.69 6.73 -11.95
C GLN C 52 18.47 5.65 -13.00
N ASP C 53 19.41 5.53 -13.94
CA ASP C 53 19.30 4.56 -15.01
C ASP C 53 20.70 4.16 -15.45
N LEU C 54 20.77 3.21 -16.38
CA LEU C 54 22.04 2.68 -16.87
C LEU C 54 22.58 3.62 -17.94
N PHE C 55 23.42 4.56 -17.52
CA PHE C 55 24.09 5.48 -18.41
C PHE C 55 25.56 5.13 -18.54
N LEU C 56 26.29 5.96 -19.28
CA LEU C 56 27.73 5.80 -19.43
C LEU C 56 28.47 6.82 -18.58
N PRO C 57 29.36 6.38 -17.69
CA PRO C 57 30.08 7.32 -16.84
C PRO C 57 30.96 8.26 -17.65
N PHE C 58 30.93 9.54 -17.27
CA PHE C 58 31.75 10.53 -17.94
C PHE C 58 33.23 10.28 -17.68
N PHE C 59 34.05 10.57 -18.69
CA PHE C 59 35.50 10.42 -18.61
C PHE C 59 35.89 8.99 -18.23
N SER C 60 35.37 8.04 -19.02
CA SER C 60 35.64 6.63 -18.84
C SER C 60 36.52 6.12 -19.99
N ASN C 61 36.87 4.84 -19.96
CA ASN C 61 37.71 4.23 -20.97
C ASN C 61 36.84 3.57 -22.03
N VAL C 62 37.28 3.67 -23.28
CA VAL C 62 36.59 3.09 -24.42
C VAL C 62 37.59 2.25 -25.22
N THR C 63 37.29 0.96 -25.38
CA THR C 63 38.18 0.04 -26.08
C THR C 63 38.11 0.33 -27.57
N TRP C 64 39.08 1.12 -28.04
CA TRP C 64 39.16 1.51 -29.44
C TRP C 64 39.65 0.36 -30.30
N PHE C 65 38.86 -0.05 -31.28
CA PHE C 65 39.24 -1.10 -32.22
C PHE C 65 39.25 -0.49 -33.63
N HIS C 66 40.42 0.00 -34.02
CA HIS C 66 40.57 0.60 -35.34
C HIS C 66 40.51 -0.47 -36.42
N VAL C 67 39.88 -0.12 -37.55
CA VAL C 67 39.72 -1.03 -38.68
C VAL C 67 40.49 -0.48 -39.87
N ILE C 68 41.30 -1.34 -40.49
CA ILE C 68 42.08 -0.95 -41.66
C ILE C 68 42.39 -2.17 -42.51
N PHE C 77 41.79 -5.55 -40.00
CA PHE C 77 40.89 -6.70 -39.83
C PHE C 77 40.83 -7.12 -38.36
N ASP C 78 39.74 -6.76 -37.70
CA ASP C 78 39.55 -7.10 -36.29
C ASP C 78 38.05 -7.08 -35.98
N ASN C 79 37.56 -8.17 -35.40
CA ASN C 79 36.15 -8.27 -34.99
C ASN C 79 36.06 -9.19 -33.78
N PRO C 80 36.42 -8.68 -32.61
CA PRO C 80 36.37 -9.52 -31.40
C PRO C 80 34.93 -9.73 -30.92
N VAL C 81 34.80 -10.63 -29.95
CA VAL C 81 33.51 -10.92 -29.33
C VAL C 81 33.45 -10.25 -27.97
N LEU C 82 32.88 -9.04 -27.94
CA LEU C 82 32.85 -8.28 -26.70
C LEU C 82 31.71 -8.78 -25.80
N PRO C 83 31.95 -8.90 -24.49
CA PRO C 83 30.88 -9.34 -23.58
C PRO C 83 29.91 -8.20 -23.29
N PHE C 84 28.64 -8.44 -23.58
CA PHE C 84 27.57 -7.46 -23.33
C PHE C 84 27.13 -7.62 -21.88
N ASN C 85 27.62 -6.75 -21.01
CA ASN C 85 27.29 -6.85 -19.59
C ASN C 85 25.88 -6.34 -19.34
N ASP C 86 25.68 -5.02 -19.47
CA ASP C 86 24.36 -4.42 -19.31
C ASP C 86 24.06 -3.40 -20.40
N GLY C 87 25.05 -2.98 -21.16
CA GLY C 87 24.83 -2.01 -22.22
C GLY C 87 26.14 -1.61 -22.86
N VAL C 88 26.03 -1.10 -24.09
CA VAL C 88 27.20 -0.66 -24.85
C VAL C 88 26.96 0.74 -25.40
N TYR C 89 28.00 1.35 -25.96
CA TYR C 89 27.92 2.68 -26.54
C TYR C 89 28.61 2.66 -27.91
N PHE C 90 28.20 1.71 -28.76
CA PHE C 90 28.78 1.58 -30.09
C PHE C 90 28.69 2.90 -30.85
N ALA C 91 29.77 3.23 -31.54
CA ALA C 91 29.84 4.44 -32.36
C ALA C 91 30.56 4.11 -33.66
N SER C 92 30.57 5.08 -34.58
CA SER C 92 31.21 4.90 -35.89
C SER C 92 31.71 6.27 -36.37
N ILE C 93 33.00 6.51 -36.15
CA ILE C 93 33.66 7.72 -36.64
C ILE C 93 34.36 7.35 -37.94
N GLU C 94 33.69 7.59 -39.06
CA GLU C 94 34.25 7.18 -40.35
C GLU C 94 33.65 8.07 -41.45
N LYS C 95 33.91 7.72 -42.71
CA LYS C 95 33.33 8.42 -43.84
C LYS C 95 32.68 7.42 -44.79
N SER C 96 33.19 6.19 -44.78
CA SER C 96 32.63 5.13 -45.61
C SER C 96 31.46 4.46 -44.90
N ASN C 97 31.01 3.33 -45.43
CA ASN C 97 29.86 2.62 -44.85
C ASN C 97 30.19 1.15 -44.66
N ILE C 98 31.38 0.87 -44.13
CA ILE C 98 31.83 -0.52 -43.99
C ILE C 98 31.17 -1.18 -42.78
N ILE C 99 31.31 -0.56 -41.61
CA ILE C 99 30.84 -1.14 -40.36
C ILE C 99 29.31 -1.04 -40.32
N ARG C 100 28.63 -2.16 -40.54
CA ARG C 100 27.18 -2.20 -40.54
C ARG C 100 26.65 -3.51 -39.97
N GLY C 101 26.21 -3.49 -38.73
CA GLY C 101 25.63 -4.69 -38.12
C GLY C 101 26.00 -4.82 -36.67
N TRP C 102 25.11 -5.49 -35.93
CA TRP C 102 25.29 -5.74 -34.49
C TRP C 102 24.65 -7.10 -34.18
N ILE C 103 25.50 -8.11 -33.98
CA ILE C 103 25.03 -9.45 -33.65
C ILE C 103 25.12 -9.66 -32.15
N PHE C 104 23.98 -9.63 -31.47
CA PHE C 104 23.92 -9.83 -30.03
C PHE C 104 23.63 -11.30 -29.74
N GLY C 105 23.65 -11.67 -28.45
CA GLY C 105 23.39 -13.03 -28.05
C GLY C 105 24.15 -13.44 -26.81
N THR C 106 23.70 -14.50 -26.15
CA THR C 106 24.33 -14.99 -24.94
C THR C 106 25.39 -16.06 -25.26
N THR C 107 25.13 -16.89 -26.25
CA THR C 107 26.05 -17.93 -26.67
C THR C 107 26.51 -17.79 -28.11
N LEU C 108 25.75 -17.07 -28.94
CA LEU C 108 26.08 -16.86 -30.35
C LEU C 108 26.22 -18.20 -31.09
N ASP C 109 25.28 -19.09 -30.82
CA ASP C 109 25.24 -20.41 -31.45
C ASP C 109 23.79 -20.83 -31.62
N SER C 110 23.58 -22.10 -31.97
CA SER C 110 22.25 -22.66 -32.13
C SER C 110 21.66 -23.18 -30.83
N LYS C 111 22.43 -23.22 -29.75
CA LYS C 111 21.91 -23.70 -28.47
C LYS C 111 20.90 -22.71 -27.90
N THR C 112 21.15 -21.41 -28.05
CA THR C 112 20.23 -20.38 -27.59
C THR C 112 19.80 -19.49 -28.74
N GLN C 113 19.01 -18.46 -28.45
CA GLN C 113 18.55 -17.53 -29.47
C GLN C 113 19.64 -16.48 -29.72
N SER C 114 19.43 -15.65 -30.74
CA SER C 114 20.41 -14.63 -31.12
C SER C 114 19.65 -13.41 -31.62
N LEU C 115 20.40 -12.42 -32.13
CA LEU C 115 19.79 -11.18 -32.62
C LEU C 115 20.77 -10.51 -33.57
N LEU C 116 20.33 -10.27 -34.80
CA LEU C 116 21.12 -9.57 -35.81
C LEU C 116 20.38 -8.33 -36.28
N ILE C 117 21.13 -7.23 -36.42
CA ILE C 117 20.56 -5.93 -36.76
C ILE C 117 21.17 -5.45 -38.07
N VAL C 118 21.45 -6.38 -38.99
CA VAL C 118 22.07 -6.03 -40.26
C VAL C 118 21.22 -4.99 -41.00
N ASN C 119 21.92 -4.00 -41.57
CA ASN C 119 21.27 -2.89 -42.28
C ASN C 119 22.09 -2.55 -43.51
N ASN C 120 21.72 -3.13 -44.66
CA ASN C 120 22.48 -2.92 -45.88
C ASN C 120 21.66 -2.25 -46.98
N ALA C 121 20.50 -2.83 -47.31
CA ALA C 121 19.71 -2.38 -48.46
C ALA C 121 18.55 -1.51 -47.98
N THR C 122 18.86 -0.23 -47.74
CA THR C 122 17.93 0.83 -47.37
C THR C 122 16.88 0.38 -46.36
N ASN C 123 17.25 -0.55 -45.49
CA ASN C 123 16.37 -1.04 -44.43
C ASN C 123 17.21 -1.87 -43.47
N VAL C 124 16.74 -1.95 -42.23
CA VAL C 124 17.43 -2.67 -41.18
C VAL C 124 16.64 -3.92 -40.84
N VAL C 125 17.24 -5.09 -41.03
CA VAL C 125 16.58 -6.36 -40.74
C VAL C 125 16.94 -6.80 -39.32
N ILE C 126 16.07 -6.47 -38.37
CA ILE C 126 16.31 -6.84 -36.98
C ILE C 126 15.76 -8.24 -36.74
N LYS C 127 16.54 -9.26 -37.11
CA LYS C 127 16.09 -10.63 -36.97
C LYS C 127 16.59 -11.20 -35.64
N VAL C 128 15.69 -11.87 -34.93
CA VAL C 128 15.98 -12.35 -33.58
C VAL C 128 15.96 -13.87 -33.58
N CYS C 129 16.36 -14.48 -34.69
CA CYS C 129 16.37 -15.93 -34.80
C CYS C 129 17.53 -16.53 -34.01
N GLU C 130 17.61 -17.86 -34.01
CA GLU C 130 18.65 -18.60 -33.31
C GLU C 130 19.71 -19.15 -34.24
N PHE C 131 20.12 -18.37 -35.25
CA PHE C 131 21.08 -18.80 -36.27
C PHE C 131 22.37 -19.34 -35.67
N GLN C 132 23.10 -20.14 -36.45
CA GLN C 132 24.30 -20.80 -35.94
C GLN C 132 25.45 -19.83 -35.74
N PHE C 133 25.36 -18.63 -36.35
CA PHE C 133 26.38 -17.60 -36.21
C PHE C 133 27.74 -18.11 -36.69
N CYS C 134 27.89 -18.27 -38.00
CA CYS C 134 29.15 -18.65 -38.62
C CYS C 134 30.29 -17.77 -38.11
N ASN C 135 31.50 -18.33 -38.07
CA ASN C 135 32.66 -17.70 -37.45
C ASN C 135 32.93 -16.29 -37.98
N ASP C 136 33.14 -16.16 -39.28
CA ASP C 136 33.48 -14.86 -39.85
C ASP C 136 32.20 -14.13 -40.26
N PRO C 137 31.86 -13.01 -39.62
CA PRO C 137 30.61 -12.31 -39.97
C PRO C 137 30.78 -11.32 -41.11
N PHE C 138 31.19 -11.80 -42.28
CA PHE C 138 31.36 -10.94 -43.43
C PHE C 138 30.18 -11.08 -44.39
N LEU C 139 29.94 -10.03 -45.17
CA LEU C 139 28.85 -10.03 -46.14
C LEU C 139 29.16 -9.12 -47.31
N GLU C 151 25.27 -10.98 -50.21
CA GLU C 151 25.36 -12.34 -49.68
C GLU C 151 25.29 -12.33 -48.16
N PHE C 152 24.53 -13.27 -47.61
CA PHE C 152 24.40 -13.43 -46.15
C PHE C 152 25.38 -14.47 -45.62
N ARG C 153 26.67 -14.19 -45.74
CA ARG C 153 27.70 -15.11 -45.28
C ARG C 153 27.99 -14.88 -43.80
N VAL C 154 26.94 -14.87 -42.97
CA VAL C 154 27.10 -14.70 -41.54
C VAL C 154 26.49 -15.85 -40.74
N TYR C 155 25.53 -16.58 -41.32
CA TYR C 155 24.95 -17.75 -40.66
C TYR C 155 24.84 -18.91 -41.65
N SER C 156 24.64 -20.12 -41.13
CA SER C 156 24.57 -21.29 -41.99
C SER C 156 23.44 -22.23 -41.56
N SER C 157 22.37 -21.65 -41.00
CA SER C 157 21.22 -22.43 -40.55
C SER C 157 20.01 -21.51 -40.45
N ALA C 158 18.83 -22.11 -40.40
CA ALA C 158 17.59 -21.35 -40.24
C ALA C 158 16.57 -22.16 -39.45
N ASN C 159 16.57 -21.97 -38.13
CA ASN C 159 15.62 -22.64 -37.26
C ASN C 159 14.37 -21.79 -37.06
N ASN C 160 13.52 -22.17 -36.12
CA ASN C 160 12.30 -21.43 -35.82
C ASN C 160 12.69 -20.06 -35.26
N CYS C 161 12.18 -19.00 -35.88
CA CYS C 161 12.50 -17.63 -35.48
C CYS C 161 11.30 -17.06 -34.73
N THR C 162 11.60 -16.39 -33.60
CA THR C 162 10.55 -15.76 -32.81
C THR C 162 9.92 -14.58 -33.55
N PHE C 163 10.74 -13.68 -34.06
CA PHE C 163 10.27 -12.52 -34.80
C PHE C 163 11.21 -12.30 -35.98
N GLU C 164 10.80 -11.43 -36.92
CA GLU C 164 11.62 -11.12 -38.07
C GLU C 164 11.98 -9.64 -38.10
N TYR C 165 11.00 -8.77 -37.83
CA TYR C 165 11.20 -7.33 -37.74
C TYR C 165 12.02 -6.77 -38.91
N VAL C 166 11.45 -6.82 -40.11
CA VAL C 166 12.13 -6.40 -41.32
C VAL C 166 11.66 -4.98 -41.67
N SER C 167 11.23 -4.24 -40.65
CA SER C 167 10.70 -2.89 -40.78
C SER C 167 11.48 -2.03 -41.77
N GLN C 168 10.77 -1.29 -42.61
CA GLN C 168 11.38 -0.49 -43.66
C GLN C 168 12.30 0.62 -43.15
N PRO C 169 11.92 1.44 -42.14
CA PRO C 169 12.81 2.54 -41.73
C PRO C 169 14.19 2.07 -41.30
N PHE C 170 15.21 2.49 -42.03
CA PHE C 170 16.58 2.06 -41.76
C PHE C 170 17.18 2.89 -40.63
N LEU C 171 18.31 2.42 -40.09
CA LEU C 171 18.97 3.12 -39.01
C LEU C 171 20.03 4.11 -39.53
N MET C 172 20.84 3.69 -40.50
CA MET C 172 21.87 4.56 -41.05
C MET C 172 21.42 5.20 -42.35
N GLN C 178 30.06 17.27 -49.56
CA GLN C 178 30.53 16.97 -48.22
C GLN C 178 31.66 15.95 -48.23
N GLY C 179 32.76 16.31 -48.88
CA GLY C 179 33.91 15.43 -48.95
C GLY C 179 34.68 15.35 -47.64
N ASN C 180 35.12 16.50 -47.15
CA ASN C 180 35.87 16.51 -45.89
C ASN C 180 34.96 16.34 -44.69
N PHE C 181 33.66 16.54 -44.87
CA PHE C 181 32.70 16.39 -43.77
C PHE C 181 32.57 14.93 -43.39
N LYS C 182 32.97 14.59 -42.17
CA LYS C 182 32.86 13.24 -41.66
C LYS C 182 31.48 13.05 -41.01
N ASN C 183 31.30 11.94 -40.29
CA ASN C 183 30.03 11.65 -39.65
C ASN C 183 30.26 10.79 -38.42
N LEU C 184 29.34 10.90 -37.46
CA LEU C 184 29.38 10.12 -36.23
C LEU C 184 28.04 9.41 -36.05
N ARG C 185 28.08 8.09 -36.05
CA ARG C 185 26.88 7.26 -35.92
C ARG C 185 26.98 6.46 -34.62
N GLU C 186 26.36 6.96 -33.56
CA GLU C 186 26.38 6.32 -32.26
C GLU C 186 25.04 5.65 -31.99
N PHE C 187 25.08 4.47 -31.37
CA PHE C 187 23.88 3.68 -31.10
C PHE C 187 24.02 3.04 -29.72
N VAL C 188 23.09 3.38 -28.82
CA VAL C 188 23.09 2.76 -27.49
C VAL C 188 22.16 1.57 -27.49
N PHE C 189 22.66 0.43 -27.03
CA PHE C 189 21.88 -0.80 -26.96
C PHE C 189 21.66 -1.20 -25.51
N LYS C 190 20.45 -1.64 -25.20
CA LYS C 190 20.09 -2.00 -23.84
C LYS C 190 18.89 -2.92 -23.86
N ASN C 191 18.87 -3.88 -22.93
CA ASN C 191 17.76 -4.83 -22.79
C ASN C 191 17.66 -5.21 -21.32
N ILE C 192 16.59 -4.78 -20.67
CA ILE C 192 16.43 -4.99 -19.23
C ILE C 192 15.19 -5.83 -18.94
N ASP C 193 14.02 -5.33 -19.36
CA ASP C 193 12.76 -6.00 -19.03
C ASP C 193 12.30 -6.92 -20.17
N GLY C 194 12.79 -6.67 -21.38
CA GLY C 194 12.38 -7.46 -22.53
C GLY C 194 12.09 -6.60 -23.74
N TYR C 195 12.30 -5.29 -23.59
CA TYR C 195 12.13 -4.33 -24.67
C TYR C 195 13.51 -3.81 -25.07
N PHE C 196 14.11 -4.44 -26.08
CA PHE C 196 15.42 -4.05 -26.56
C PHE C 196 15.40 -2.63 -27.11
N LYS C 197 16.06 -1.72 -26.42
CA LYS C 197 16.06 -0.31 -26.78
C LYS C 197 17.27 0.03 -27.65
N ILE C 198 17.02 0.84 -28.68
CA ILE C 198 18.08 1.29 -29.57
C ILE C 198 17.96 2.79 -29.77
N TYR C 199 18.92 3.54 -29.24
CA TYR C 199 18.98 4.98 -29.42
C TYR C 199 19.96 5.33 -30.52
N SER C 200 19.92 6.58 -30.96
CA SER C 200 20.79 7.02 -32.05
C SER C 200 20.88 8.54 -32.03
N LYS C 201 22.03 9.03 -32.52
CA LYS C 201 22.23 10.47 -32.71
C LYS C 201 23.27 10.62 -33.83
N HIS C 202 22.79 10.92 -35.03
CA HIS C 202 23.65 11.03 -36.21
C HIS C 202 24.01 12.49 -36.40
N THR C 203 25.23 12.86 -35.98
CA THR C 203 25.72 14.22 -36.12
C THR C 203 27.02 14.22 -36.91
N PRO C 204 27.09 14.92 -38.04
CA PRO C 204 28.34 14.95 -38.81
C PRO C 204 29.38 15.84 -38.14
N ILE C 205 30.63 15.39 -38.18
CA ILE C 205 31.75 16.13 -37.61
C ILE C 205 32.55 16.72 -38.76
N ILE C 206 32.81 18.04 -38.70
CA ILE C 206 33.51 18.71 -39.79
C ILE C 206 35.02 18.60 -39.61
N VAL C 207 35.48 18.61 -38.35
CA VAL C 207 36.91 18.62 -38.09
C VAL C 207 37.51 17.27 -38.49
N ARG C 208 38.74 17.31 -39.00
CA ARG C 208 39.48 16.12 -39.41
C ARG C 208 40.70 15.92 -38.52
N GLU C 209 40.51 16.18 -37.22
CA GLU C 209 41.56 16.01 -36.23
C GLU C 209 41.87 14.52 -36.07
N PRO C 210 42.99 14.19 -35.37
CA PRO C 210 43.29 12.77 -35.08
C PRO C 210 42.07 11.98 -34.62
N GLU C 211 41.88 10.80 -35.21
CA GLU C 211 40.66 10.01 -34.99
C GLU C 211 40.45 9.68 -33.52
N ASP C 212 39.41 10.27 -32.94
CA ASP C 212 39.06 10.06 -31.53
C ASP C 212 37.66 10.60 -31.31
N LEU C 213 37.06 10.21 -30.18
CA LEU C 213 35.72 10.67 -29.84
C LEU C 213 35.73 12.18 -29.62
N PRO C 214 34.91 12.93 -30.36
CA PRO C 214 34.94 14.39 -30.24
C PRO C 214 34.30 14.86 -28.94
N GLN C 215 34.60 16.11 -28.60
CA GLN C 215 34.07 16.72 -27.38
C GLN C 215 32.77 17.46 -27.72
N GLY C 216 31.67 16.99 -27.15
CA GLY C 216 30.38 17.61 -27.38
C GLY C 216 29.22 16.80 -26.85
N PHE C 217 28.23 17.47 -26.27
CA PHE C 217 27.06 16.81 -25.72
C PHE C 217 25.99 16.68 -26.79
N SER C 218 25.49 15.46 -26.98
CA SER C 218 24.45 15.21 -27.97
C SER C 218 23.59 14.05 -27.48
N ALA C 219 22.37 14.35 -27.08
CA ALA C 219 21.46 13.30 -26.61
C ALA C 219 21.01 12.43 -27.78
N LEU C 220 20.72 11.18 -27.46
CA LEU C 220 20.33 10.18 -28.46
C LEU C 220 18.83 9.97 -28.40
N GLU C 221 18.17 10.04 -29.57
CA GLU C 221 16.73 9.87 -29.70
C GLU C 221 16.37 8.40 -29.88
N PRO C 222 15.32 7.93 -29.21
CA PRO C 222 14.91 6.54 -29.37
C PRO C 222 14.33 6.30 -30.76
N LEU C 223 14.70 5.14 -31.33
CA LEU C 223 14.20 4.74 -32.64
C LEU C 223 13.28 3.53 -32.56
N VAL C 224 13.74 2.41 -31.99
CA VAL C 224 12.96 1.19 -31.94
C VAL C 224 13.04 0.61 -30.54
N ASP C 225 12.02 -0.18 -30.19
CA ASP C 225 11.91 -0.78 -28.86
C ASP C 225 11.55 -2.25 -28.95
N LEU C 226 12.26 -3.00 -29.80
CA LEU C 226 11.98 -4.39 -30.15
C LEU C 226 11.65 -5.25 -28.94
N PRO C 227 10.40 -5.68 -28.79
CA PRO C 227 10.05 -6.54 -27.65
C PRO C 227 10.47 -7.98 -27.86
N ILE C 228 11.46 -8.44 -27.09
CA ILE C 228 11.94 -9.81 -27.18
C ILE C 228 12.68 -10.14 -25.89
N GLY C 229 12.53 -11.39 -25.45
CA GLY C 229 13.11 -11.82 -24.19
C GLY C 229 14.36 -12.67 -24.33
N ILE C 230 15.24 -12.31 -25.26
CA ILE C 230 16.50 -13.02 -25.48
C ILE C 230 17.53 -12.43 -24.53
N ASN C 231 18.16 -13.30 -23.74
CA ASN C 231 19.24 -12.85 -22.86
C ASN C 231 20.48 -12.54 -23.69
N ILE C 232 21.06 -11.36 -23.45
CA ILE C 232 22.22 -10.88 -24.17
C ILE C 232 23.41 -10.86 -23.23
N THR C 233 24.48 -11.56 -23.63
CA THR C 233 25.70 -11.60 -22.82
C THR C 233 26.95 -11.44 -23.66
N ARG C 234 26.82 -11.13 -24.96
CA ARG C 234 27.98 -10.98 -25.83
C ARG C 234 27.58 -10.10 -27.00
N PHE C 235 28.57 -9.36 -27.53
CA PHE C 235 28.32 -8.44 -28.63
C PHE C 235 29.39 -8.66 -29.69
N GLN C 236 28.95 -8.78 -30.94
CA GLN C 236 29.84 -8.97 -32.08
C GLN C 236 29.35 -8.11 -33.24
N THR C 237 30.12 -7.08 -33.57
CA THR C 237 29.75 -6.20 -34.68
C THR C 237 30.29 -6.76 -35.99
N LEU C 238 29.43 -6.83 -37.00
CA LEU C 238 29.82 -7.34 -38.32
C LEU C 238 30.07 -6.17 -39.26
N LEU C 239 30.88 -6.40 -40.29
CA LEU C 239 31.23 -5.40 -41.27
C LEU C 239 31.25 -6.03 -42.66
N ALA C 240 31.42 -5.18 -43.68
CA ALA C 240 31.48 -5.60 -45.07
C ALA C 240 32.87 -5.24 -45.60
N LEU C 241 33.74 -6.25 -45.67
CA LEU C 241 35.11 -6.03 -46.14
C LEU C 241 35.11 -5.57 -47.59
N HIS C 242 34.66 -6.43 -48.50
CA HIS C 242 34.61 -6.13 -49.93
C HIS C 242 35.94 -5.58 -50.43
N ARG C 243 37.00 -6.37 -50.24
CA ARG C 243 38.33 -5.93 -50.64
C ARG C 243 38.44 -5.83 -52.16
N SER C 244 38.01 -6.87 -52.86
CA SER C 244 38.05 -6.91 -54.33
C SER C 244 39.45 -6.66 -54.87
N GLY C 258 43.80 4.33 -42.46
CA GLY C 258 42.63 4.56 -41.63
C GLY C 258 41.33 4.48 -42.42
N ALA C 259 40.78 3.27 -42.50
CA ALA C 259 39.53 3.07 -43.23
C ALA C 259 38.33 3.45 -42.37
N ALA C 260 38.17 2.80 -41.23
CA ALA C 260 37.05 3.06 -40.34
C ALA C 260 37.50 2.75 -38.91
N ALA C 261 36.67 3.11 -37.93
CA ALA C 261 37.00 2.86 -36.53
C ALA C 261 35.69 2.94 -35.73
N TYR C 262 35.39 1.86 -35.01
CA TYR C 262 34.20 1.82 -34.16
C TYR C 262 34.64 1.84 -32.70
N TYR C 263 33.95 2.64 -31.89
CA TYR C 263 34.23 2.74 -30.46
C TYR C 263 33.12 2.05 -29.67
N VAL C 264 33.52 1.35 -28.61
CA VAL C 264 32.60 0.56 -27.82
C VAL C 264 32.91 0.74 -26.33
N GLY C 265 31.85 0.92 -25.54
CA GLY C 265 32.00 1.08 -24.11
C GLY C 265 31.08 0.17 -23.33
N TYR C 266 30.99 0.38 -22.02
CA TYR C 266 30.13 -0.43 -21.17
C TYR C 266 29.39 0.47 -20.18
N LEU C 267 28.07 0.32 -20.11
CA LEU C 267 27.26 1.14 -19.24
C LEU C 267 27.37 0.64 -17.80
N GLN C 268 27.14 1.55 -16.85
CA GLN C 268 27.19 1.22 -15.43
C GLN C 268 26.06 1.96 -14.73
N PRO C 269 25.52 1.38 -13.65
CA PRO C 269 24.45 2.06 -12.89
C PRO C 269 24.99 3.33 -12.25
N ARG C 270 24.49 4.48 -12.71
CA ARG C 270 24.94 5.78 -12.21
C ARG C 270 23.74 6.69 -12.05
N THR C 271 23.98 7.86 -11.48
CA THR C 271 22.96 8.89 -11.30
C THR C 271 23.38 10.13 -12.07
N PHE C 272 22.53 10.57 -13.00
CA PHE C 272 22.81 11.73 -13.83
C PHE C 272 21.71 12.77 -13.66
N LEU C 273 22.11 14.04 -13.72
CA LEU C 273 21.20 15.18 -13.65
C LEU C 273 21.21 15.87 -15.01
N LEU C 274 20.23 15.55 -15.84
CA LEU C 274 20.15 16.10 -17.20
C LEU C 274 19.20 17.28 -17.22
N LYS C 275 19.57 18.32 -17.97
CA LYS C 275 18.80 19.55 -18.06
C LYS C 275 18.04 19.57 -19.38
N TYR C 276 16.75 19.84 -19.31
CA TYR C 276 15.91 19.97 -20.49
C TYR C 276 15.79 21.43 -20.91
N ASN C 277 15.77 21.65 -22.22
CA ASN C 277 15.66 23.00 -22.77
C ASN C 277 14.18 23.38 -22.88
N GLU C 278 13.92 24.59 -23.36
CA GLU C 278 12.53 25.05 -23.50
C GLU C 278 11.80 24.26 -24.58
N ASN C 279 12.53 23.79 -25.59
CA ASN C 279 11.93 22.95 -26.61
C ASN C 279 11.71 21.52 -26.12
N GLY C 280 12.44 21.10 -25.09
CA GLY C 280 12.30 19.75 -24.56
C GLY C 280 13.44 18.83 -24.96
N THR C 281 14.61 19.41 -25.22
CA THR C 281 15.79 18.66 -25.61
C THR C 281 16.86 18.77 -24.54
N ILE C 282 17.57 17.66 -24.29
CA ILE C 282 18.60 17.65 -23.27
C ILE C 282 19.84 18.37 -23.80
N THR C 283 20.30 19.37 -23.06
CA THR C 283 21.45 20.17 -23.44
C THR C 283 22.73 19.82 -22.69
N ASP C 284 22.61 19.30 -21.46
CA ASP C 284 23.78 18.94 -20.67
C ASP C 284 23.37 17.92 -19.62
N ALA C 285 24.37 17.37 -18.93
CA ALA C 285 24.14 16.38 -17.89
C ALA C 285 25.27 16.44 -16.89
N VAL C 286 24.99 16.06 -15.65
CA VAL C 286 25.95 16.09 -14.55
C VAL C 286 25.97 14.71 -13.90
N ASP C 287 27.12 14.04 -13.96
CA ASP C 287 27.27 12.74 -13.34
C ASP C 287 27.53 12.90 -11.84
N CYS C 288 26.66 12.30 -11.03
CA CYS C 288 26.71 12.46 -9.58
C CYS C 288 27.75 11.54 -8.92
N ALA C 289 28.62 10.90 -9.72
CA ALA C 289 29.62 10.02 -9.17
C ALA C 289 30.98 10.19 -9.86
N LEU C 290 31.23 11.36 -10.44
CA LEU C 290 32.48 11.60 -11.15
C LEU C 290 33.39 12.42 -10.25
N ASP C 291 32.97 13.59 -9.79
CA ASP C 291 33.82 14.45 -8.97
C ASP C 291 32.99 15.08 -7.86
N PRO C 292 33.63 15.57 -6.78
CA PRO C 292 32.87 16.19 -5.69
C PRO C 292 32.04 17.39 -6.13
N LEU C 293 32.55 18.16 -7.09
CA LEU C 293 31.77 19.29 -7.60
C LEU C 293 30.51 18.83 -8.28
N SER C 294 30.60 17.78 -9.11
CA SER C 294 29.41 17.28 -9.79
C SER C 294 28.43 16.65 -8.81
N GLU C 295 28.93 16.11 -7.70
CA GLU C 295 28.04 15.56 -6.69
C GLU C 295 27.36 16.67 -5.89
N THR C 296 28.06 17.78 -5.66
CA THR C 296 27.41 18.95 -5.07
C THR C 296 26.36 19.52 -6.03
N LYS C 297 26.62 19.43 -7.33
CA LYS C 297 25.63 19.82 -8.34
C LYS C 297 24.41 18.91 -8.33
N CYS C 298 24.49 17.74 -7.68
CA CYS C 298 23.34 16.84 -7.58
C CYS C 298 22.62 16.94 -6.25
N THR C 299 23.35 17.13 -5.14
CA THR C 299 22.70 17.29 -3.85
C THR C 299 21.88 18.58 -3.80
N LEU C 300 22.20 19.54 -4.66
CA LEU C 300 21.42 20.76 -4.84
C LEU C 300 21.09 20.83 -6.34
N LYS C 301 19.79 20.78 -6.66
CA LYS C 301 19.38 20.71 -8.06
C LYS C 301 19.64 22.04 -8.76
N SER C 302 20.81 22.17 -9.38
CA SER C 302 21.22 23.36 -10.10
C SER C 302 22.49 23.06 -10.86
N PHE C 303 22.75 23.86 -11.90
CA PHE C 303 23.95 23.71 -12.72
C PHE C 303 25.05 24.66 -12.29
N THR C 304 24.81 25.49 -11.27
CA THR C 304 25.79 26.44 -10.79
C THR C 304 25.73 26.47 -9.26
N VAL C 305 26.78 25.95 -8.61
CA VAL C 305 26.83 25.92 -7.17
C VAL C 305 27.38 27.23 -6.65
N GLU C 306 26.78 27.74 -5.58
CA GLU C 306 27.18 28.98 -4.94
C GLU C 306 28.41 28.72 -4.07
N LYS C 307 28.96 29.80 -3.52
CA LYS C 307 30.15 29.69 -2.68
C LYS C 307 29.77 29.30 -1.26
N GLY C 308 30.45 28.27 -0.75
CA GLY C 308 30.19 27.79 0.60
C GLY C 308 30.43 26.31 0.77
N ILE C 309 30.14 25.80 1.97
CA ILE C 309 30.32 24.39 2.30
C ILE C 309 28.96 23.71 2.21
N TYR C 310 28.92 22.55 1.54
CA TYR C 310 27.68 21.81 1.32
C TYR C 310 27.92 20.34 1.59
N GLN C 311 27.12 19.76 2.49
CA GLN C 311 27.21 18.33 2.75
C GLN C 311 26.62 17.54 1.60
N THR C 312 27.40 16.61 1.05
CA THR C 312 26.97 15.87 -0.13
C THR C 312 26.73 14.40 0.17
N SER C 313 27.73 13.72 0.72
CA SER C 313 27.63 12.28 0.96
C SER C 313 28.23 11.89 2.30
N ASN C 314 28.42 10.58 2.51
CA ASN C 314 28.97 10.06 3.76
C ASN C 314 30.01 9.01 3.45
N PHE C 315 31.25 9.28 3.84
CA PHE C 315 32.34 8.33 3.63
C PHE C 315 32.13 7.08 4.48
N ARG C 316 32.44 5.93 3.88
CA ARG C 316 32.25 4.65 4.56
C ARG C 316 33.13 3.61 3.88
N VAL C 317 33.97 2.92 4.67
CA VAL C 317 34.82 1.87 4.11
C VAL C 317 34.00 0.60 3.94
N GLN C 318 34.25 -0.10 2.83
CA GLN C 318 33.58 -1.37 2.56
C GLN C 318 34.43 -2.54 3.07
N PRO C 319 33.79 -3.62 3.50
CA PRO C 319 34.54 -4.77 4.02
C PRO C 319 35.41 -5.41 2.94
N THR C 320 36.65 -5.72 3.30
CA THR C 320 37.58 -6.36 2.38
C THR C 320 37.37 -7.86 2.34
N GLU C 321 37.48 -8.52 3.49
CA GLU C 321 37.34 -9.97 3.57
C GLU C 321 36.00 -10.33 4.22
N SER C 322 35.74 -11.63 4.30
CA SER C 322 34.50 -12.14 4.89
C SER C 322 34.82 -13.46 5.59
N ILE C 323 34.85 -13.44 6.93
CA ILE C 323 35.20 -14.60 7.72
C ILE C 323 33.92 -15.18 8.34
N VAL C 324 33.86 -16.50 8.42
CA VAL C 324 32.73 -17.21 9.02
C VAL C 324 33.30 -18.29 9.92
N ARG C 325 33.09 -18.16 11.22
CA ARG C 325 33.59 -19.12 12.21
C ARG C 325 32.42 -19.65 13.02
N PHE C 326 32.11 -20.92 12.86
CA PHE C 326 31.06 -21.55 13.62
C PHE C 326 31.89 -22.42 14.56
N PRO C 327 31.30 -23.38 15.30
CA PRO C 327 32.17 -24.14 16.21
C PRO C 327 33.18 -25.14 15.61
N ASN C 328 33.36 -26.29 16.28
CA ASN C 328 34.24 -27.37 15.81
C ASN C 328 33.64 -28.72 16.13
N ILE C 329 33.14 -29.44 15.13
CA ILE C 329 32.48 -30.70 15.42
C ILE C 329 32.74 -31.88 14.50
N THR C 330 32.26 -31.84 13.28
CA THR C 330 32.36 -32.90 12.27
C THR C 330 31.56 -34.14 12.66
N ASN C 331 30.49 -33.96 13.43
CA ASN C 331 29.63 -35.04 13.86
C ASN C 331 28.20 -34.76 13.44
N LEU C 332 27.74 -35.50 12.43
CA LEU C 332 26.38 -35.34 11.92
C LEU C 332 25.35 -35.75 12.97
N CYS C 333 24.29 -34.96 13.11
CA CYS C 333 23.24 -35.30 14.07
C CYS C 333 22.51 -36.56 13.64
N PRO C 334 22.12 -37.41 14.59
CA PRO C 334 21.41 -38.67 14.25
C PRO C 334 19.97 -38.43 13.84
N PHE C 335 19.79 -37.84 12.65
CA PHE C 335 18.45 -37.63 12.11
C PHE C 335 17.77 -38.92 11.66
N ASP C 336 18.53 -40.02 11.54
CA ASP C 336 17.95 -41.30 11.14
C ASP C 336 17.20 -41.98 12.27
N GLU C 337 17.20 -41.42 13.47
CA GLU C 337 16.48 -41.98 14.60
C GLU C 337 15.07 -41.42 14.74
N VAL C 338 14.78 -40.28 14.15
CA VAL C 338 13.44 -39.68 14.20
C VAL C 338 12.77 -39.65 12.83
N PHE C 339 13.50 -39.92 11.76
CA PHE C 339 12.91 -39.95 10.42
C PHE C 339 12.86 -41.35 9.82
N ASN C 340 13.71 -42.27 10.27
CA ASN C 340 13.76 -43.62 9.72
C ASN C 340 13.79 -44.64 10.85
N ALA C 341 12.89 -44.47 11.81
CA ALA C 341 12.78 -45.37 12.96
C ALA C 341 11.73 -46.44 12.70
N THR C 342 11.97 -47.63 13.23
CA THR C 342 11.00 -48.72 13.09
C THR C 342 9.68 -48.37 13.77
N ARG C 343 9.72 -48.16 15.08
CA ARG C 343 8.57 -47.68 15.83
C ARG C 343 8.68 -46.17 15.95
N PHE C 344 7.73 -45.45 15.33
CA PHE C 344 7.86 -44.00 15.21
C PHE C 344 7.45 -43.29 16.49
N ALA C 345 6.17 -43.39 16.86
CA ALA C 345 5.64 -42.71 18.05
C ALA C 345 4.18 -43.04 18.29
N SER C 346 3.62 -42.49 19.36
CA SER C 346 2.19 -42.58 19.65
C SER C 346 1.60 -41.17 19.70
N VAL C 347 0.27 -41.11 19.70
CA VAL C 347 -0.41 -39.82 19.71
C VAL C 347 -0.27 -39.16 21.08
N TYR C 348 -0.77 -39.80 22.13
CA TYR C 348 -0.67 -39.27 23.47
C TYR C 348 0.68 -39.54 24.13
N ALA C 349 1.52 -40.36 23.49
CA ALA C 349 2.83 -40.68 24.04
C ALA C 349 3.91 -40.25 23.06
N TRP C 350 3.80 -39.03 22.54
CA TRP C 350 4.77 -38.50 21.60
C TRP C 350 6.16 -38.46 22.23
N ASN C 351 7.14 -38.99 21.50
CA ASN C 351 8.50 -39.07 22.01
C ASN C 351 9.20 -37.71 21.88
N ARG C 352 10.36 -37.61 22.52
CA ARG C 352 11.16 -36.39 22.48
C ARG C 352 12.62 -36.77 22.61
N LYS C 353 13.34 -36.77 21.50
CA LYS C 353 14.76 -37.12 21.47
C LYS C 353 15.54 -35.86 21.14
N ARG C 354 16.00 -35.17 22.18
CA ARG C 354 16.73 -33.93 22.01
C ARG C 354 18.17 -34.21 21.57
N ILE C 355 18.62 -33.53 20.52
CA ILE C 355 19.97 -33.68 20.00
C ILE C 355 20.75 -32.39 20.27
N SER C 356 22.03 -32.54 20.57
CA SER C 356 22.87 -31.39 20.87
C SER C 356 24.32 -31.76 20.58
N ASN C 357 25.13 -30.73 20.35
CA ASN C 357 26.57 -30.89 20.06
C ASN C 357 26.78 -31.78 18.85
N CYS C 358 26.19 -31.37 17.72
CA CYS C 358 26.31 -32.11 16.47
C CYS C 358 26.00 -31.17 15.32
N VAL C 359 26.46 -31.55 14.14
CA VAL C 359 26.23 -30.79 12.91
C VAL C 359 24.95 -31.27 12.26
N ALA C 360 24.04 -30.35 11.98
CA ALA C 360 22.73 -30.68 11.43
C ALA C 360 22.65 -30.13 10.01
N ASP C 361 22.68 -31.01 9.03
CA ASP C 361 22.53 -30.65 7.62
C ASP C 361 21.12 -31.00 7.19
N TYR C 362 20.27 -29.98 7.07
CA TYR C 362 18.87 -30.19 6.69
C TYR C 362 18.71 -30.52 5.21
N SER C 363 19.80 -30.51 4.43
CA SER C 363 19.70 -30.85 3.02
C SER C 363 19.43 -32.34 2.81
N VAL C 364 19.71 -33.18 3.81
CA VAL C 364 19.44 -34.60 3.67
C VAL C 364 17.95 -34.87 3.65
N LEU C 365 17.14 -34.05 4.33
CA LEU C 365 15.71 -34.27 4.40
C LEU C 365 15.03 -34.05 3.05
N TYR C 366 15.66 -33.34 2.12
CA TYR C 366 15.03 -33.08 0.82
C TYR C 366 15.07 -34.32 -0.06
N ASN C 367 16.17 -35.07 -0.05
CA ASN C 367 16.32 -36.26 -0.88
C ASN C 367 15.65 -37.49 -0.28
N LEU C 368 14.92 -37.34 0.82
CA LEU C 368 14.21 -38.45 1.43
C LEU C 368 12.86 -38.66 0.75
N ALA C 369 11.94 -39.36 1.41
CA ALA C 369 10.59 -39.56 0.93
C ALA C 369 9.91 -38.21 0.70
N PRO C 370 8.97 -38.10 -0.24
CA PRO C 370 8.32 -36.80 -0.49
C PRO C 370 7.66 -36.21 0.73
N PHE C 371 8.17 -35.07 1.19
CA PHE C 371 7.63 -34.36 2.34
C PHE C 371 6.81 -33.15 1.91
N PHE C 372 5.58 -33.38 1.46
CA PHE C 372 4.72 -32.29 1.03
C PHE C 372 3.96 -31.70 2.21
N THR C 373 4.68 -31.47 3.33
CA THR C 373 4.10 -30.80 4.48
C THR C 373 5.11 -29.84 5.12
N PHE C 374 6.17 -29.48 4.39
CA PHE C 374 7.27 -28.69 4.94
C PHE C 374 6.84 -27.22 5.06
N LYS C 375 5.89 -26.99 5.96
CA LYS C 375 5.39 -25.65 6.25
C LYS C 375 6.13 -25.17 7.50
N CYS C 376 7.26 -24.52 7.30
CA CYS C 376 8.11 -24.07 8.40
C CYS C 376 7.47 -22.87 9.06
N TYR C 377 6.63 -23.11 10.07
CA TYR C 377 6.10 -22.04 10.91
C TYR C 377 7.23 -21.62 11.85
N GLY C 378 8.11 -20.78 11.32
CA GLY C 378 9.31 -20.42 12.04
C GLY C 378 10.23 -19.50 11.24
N VAL C 379 11.52 -19.83 11.20
CA VAL C 379 12.49 -18.95 10.57
C VAL C 379 12.34 -18.95 9.05
N SER C 380 12.58 -20.11 8.42
CA SER C 380 12.54 -20.24 6.96
C SER C 380 12.69 -21.70 6.55
N PRO C 381 12.01 -22.13 5.48
CA PRO C 381 12.21 -23.50 4.99
C PRO C 381 13.53 -23.69 4.27
N THR C 382 13.90 -22.72 3.44
CA THR C 382 15.11 -22.85 2.63
C THR C 382 16.34 -22.42 3.41
N LYS C 383 16.37 -21.16 3.85
CA LYS C 383 17.52 -20.61 4.55
C LYS C 383 17.56 -21.15 5.98
N LEU C 384 18.01 -22.41 6.09
CA LEU C 384 18.09 -23.09 7.37
C LEU C 384 19.46 -23.70 7.65
N ASN C 385 20.26 -24.00 6.63
CA ASN C 385 21.56 -24.62 6.86
C ASN C 385 22.54 -23.64 7.49
N ASP C 386 22.50 -22.38 7.08
CA ASP C 386 23.42 -21.37 7.59
C ASP C 386 22.78 -20.64 8.78
N LEU C 387 22.48 -21.43 9.81
CA LEU C 387 21.86 -20.89 11.02
C LEU C 387 22.14 -21.86 12.17
N CYS C 388 22.93 -21.42 13.14
CA CYS C 388 23.22 -22.23 14.31
C CYS C 388 22.06 -22.19 15.29
N PHE C 389 21.90 -23.28 16.03
CA PHE C 389 20.86 -23.39 17.04
C PHE C 389 21.49 -23.76 18.38
N THR C 390 20.73 -23.51 19.46
CA THR C 390 21.20 -23.78 20.81
C THR C 390 20.69 -25.13 21.32
N ASN C 391 19.37 -25.31 21.34
CA ASN C 391 18.75 -26.55 21.80
C ASN C 391 17.59 -26.88 20.88
N VAL C 392 17.72 -27.97 20.12
CA VAL C 392 16.68 -28.41 19.20
C VAL C 392 16.02 -29.66 19.80
N TYR C 393 14.71 -29.62 19.93
CA TYR C 393 13.93 -30.72 20.50
C TYR C 393 13.14 -31.38 19.37
N ALA C 394 13.42 -32.66 19.12
CA ALA C 394 12.78 -33.40 18.05
C ALA C 394 11.64 -34.25 18.63
N ASP C 395 10.41 -33.90 18.27
CA ASP C 395 9.24 -34.65 18.68
C ASP C 395 8.72 -35.46 17.49
N SER C 396 7.83 -36.40 17.79
CA SER C 396 7.28 -37.28 16.77
C SER C 396 5.92 -37.80 17.21
N PHE C 397 5.01 -37.97 16.25
CA PHE C 397 3.69 -38.54 16.50
C PHE C 397 3.06 -38.85 15.15
N VAL C 398 2.05 -39.73 15.18
CA VAL C 398 1.36 -40.19 13.99
C VAL C 398 -0.10 -39.80 14.09
N ILE C 399 -0.59 -39.05 13.11
CA ILE C 399 -1.98 -38.62 13.04
C ILE C 399 -2.54 -38.96 11.66
N ARG C 400 -3.79 -38.59 11.43
CA ARG C 400 -4.45 -38.84 10.15
C ARG C 400 -4.03 -37.77 9.15
N GLY C 401 -4.72 -37.73 8.01
CA GLY C 401 -4.38 -36.78 6.96
C GLY C 401 -5.06 -35.44 7.11
N ASP C 402 -6.35 -35.44 7.44
CA ASP C 402 -7.10 -34.20 7.59
C ASP C 402 -6.81 -33.48 8.90
N GLU C 403 -5.92 -34.01 9.73
CA GLU C 403 -5.59 -33.41 11.01
C GLU C 403 -4.18 -32.82 11.06
N VAL C 404 -3.45 -32.83 9.93
CA VAL C 404 -2.09 -32.29 9.93
C VAL C 404 -2.13 -30.77 9.98
N ARG C 405 -3.23 -30.16 9.53
CA ARG C 405 -3.35 -28.71 9.55
C ARG C 405 -3.52 -28.14 10.95
N GLN C 406 -3.63 -28.98 11.97
CA GLN C 406 -3.79 -28.53 13.35
C GLN C 406 -2.46 -28.50 14.11
N ILE C 407 -1.35 -28.79 13.43
CA ILE C 407 -0.03 -28.79 14.08
C ILE C 407 0.54 -27.39 14.04
N ALA C 408 -0.08 -26.51 13.25
CA ALA C 408 0.35 -25.13 13.19
C ALA C 408 0.15 -24.44 14.54
N PRO C 409 0.97 -23.42 14.85
CA PRO C 409 0.83 -22.75 16.15
C PRO C 409 -0.47 -22.00 16.27
N GLY C 410 -1.44 -22.58 16.98
CA GLY C 410 -2.75 -21.97 17.14
C GLY C 410 -3.78 -22.56 16.21
N GLN C 411 -4.62 -23.46 16.74
CA GLN C 411 -5.64 -24.13 15.96
C GLN C 411 -6.61 -24.83 16.90
N THR C 412 -7.81 -25.09 16.42
CA THR C 412 -8.80 -25.84 17.17
C THR C 412 -8.75 -27.31 16.73
N GLY C 413 -9.71 -28.11 17.20
CA GLY C 413 -9.76 -29.51 16.83
C GLY C 413 -9.82 -30.44 18.02
N ASN C 414 -9.25 -31.64 17.87
CA ASN C 414 -9.26 -32.62 18.95
C ASN C 414 -7.84 -32.97 19.38
N ILE C 415 -6.91 -33.00 18.43
CA ILE C 415 -5.51 -33.29 18.74
C ILE C 415 -4.71 -32.04 19.05
N ALA C 416 -5.16 -30.87 18.61
CA ALA C 416 -4.49 -29.60 18.89
C ALA C 416 -4.99 -28.96 20.18
N ASP C 417 -5.87 -29.63 20.92
CA ASP C 417 -6.38 -29.11 22.18
C ASP C 417 -6.30 -30.09 23.34
N TYR C 418 -6.21 -31.40 23.07
CA TYR C 418 -6.14 -32.38 24.15
C TYR C 418 -5.06 -33.43 23.95
N ASN C 419 -4.41 -33.48 22.80
CA ASN C 419 -3.37 -34.46 22.53
C ASN C 419 -1.99 -33.84 22.39
N TYR C 420 -1.84 -32.83 21.55
CA TYR C 420 -0.54 -32.17 21.36
C TYR C 420 -0.81 -30.75 20.87
N LYS C 421 -0.57 -29.76 21.73
CA LYS C 421 -0.82 -28.37 21.41
C LYS C 421 0.50 -27.60 21.45
N LEU C 422 0.71 -26.73 20.47
CA LEU C 422 1.89 -25.91 20.34
C LEU C 422 1.58 -24.46 20.74
N PRO C 423 2.52 -23.78 21.39
CA PRO C 423 2.29 -22.37 21.75
C PRO C 423 2.30 -21.48 20.52
N ASP C 424 1.86 -20.25 20.71
CA ASP C 424 1.94 -19.25 19.65
C ASP C 424 3.26 -18.49 19.70
N ASP C 425 4.35 -19.25 19.87
CA ASP C 425 5.69 -18.71 19.76
C ASP C 425 6.65 -19.68 19.07
N PHE C 426 6.15 -20.80 18.57
CA PHE C 426 6.98 -21.86 18.00
C PHE C 426 7.69 -21.39 16.73
N THR C 427 8.99 -21.14 16.83
CA THR C 427 9.80 -20.75 15.68
C THR C 427 10.60 -21.97 15.18
N GLY C 428 9.89 -22.83 14.47
CA GLY C 428 10.50 -24.05 13.96
C GLY C 428 9.91 -24.55 12.66
N CYS C 429 9.90 -25.87 12.49
CA CYS C 429 9.36 -26.48 11.28
C CYS C 429 8.61 -27.75 11.65
N VAL C 430 7.59 -28.08 10.86
CA VAL C 430 6.83 -29.31 11.00
C VAL C 430 7.01 -30.14 9.74
N ILE C 431 7.35 -31.41 9.91
CA ILE C 431 7.62 -32.31 8.80
C ILE C 431 6.67 -33.49 8.90
N ALA C 432 5.86 -33.71 7.88
CA ALA C 432 4.93 -34.82 7.82
C ALA C 432 4.91 -35.41 6.43
N TRP C 433 4.58 -36.70 6.36
CA TRP C 433 4.50 -37.40 5.08
C TRP C 433 3.53 -38.56 5.22
N ASN C 434 2.99 -38.99 4.08
CA ASN C 434 2.06 -40.11 4.06
C ASN C 434 2.77 -41.40 4.44
N SER C 435 2.31 -42.02 5.53
CA SER C 435 2.91 -43.25 6.04
C SER C 435 1.93 -44.40 5.93
N ASN C 436 1.04 -44.35 4.94
CA ASN C 436 0.07 -45.41 4.71
C ASN C 436 0.69 -46.64 4.08
N LYS C 437 1.98 -46.61 3.75
CA LYS C 437 2.63 -47.75 3.14
C LYS C 437 3.07 -48.78 4.18
N LEU C 438 3.39 -48.33 5.39
CA LEU C 438 3.88 -49.22 6.44
C LEU C 438 3.16 -49.06 7.77
N ASP C 439 2.22 -48.13 7.89
CA ASP C 439 1.45 -47.91 9.11
C ASP C 439 -0.04 -48.09 8.86
N SER C 440 -0.39 -48.92 7.88
CA SER C 440 -1.78 -49.21 7.57
C SER C 440 -1.89 -50.69 7.21
N LYS C 441 -2.52 -51.46 8.09
CA LYS C 441 -2.63 -52.90 7.93
C LYS C 441 -4.08 -53.29 7.72
N VAL C 442 -4.28 -54.59 7.47
CA VAL C 442 -5.62 -55.12 7.25
C VAL C 442 -6.40 -55.13 8.56
N SER C 443 -7.71 -54.91 8.45
CA SER C 443 -8.65 -54.92 9.58
C SER C 443 -8.36 -53.83 10.60
N GLY C 444 -7.58 -52.81 10.23
CA GLY C 444 -7.31 -51.71 11.13
C GLY C 444 -6.03 -51.84 11.92
N ASN C 445 -5.23 -50.78 11.95
CA ASN C 445 -3.99 -50.73 12.73
C ASN C 445 -4.32 -50.10 14.08
N TYR C 446 -4.48 -50.93 15.10
CA TYR C 446 -4.86 -50.47 16.43
C TYR C 446 -3.65 -50.19 17.31
N ASN C 447 -2.51 -49.86 16.71
CA ASN C 447 -1.29 -49.56 17.45
C ASN C 447 -1.12 -48.06 17.70
N TYR C 448 -2.14 -47.26 17.40
CA TYR C 448 -2.09 -45.81 17.62
C TYR C 448 -3.37 -45.39 18.33
N LEU C 449 -3.24 -44.98 19.58
CA LEU C 449 -4.37 -44.54 20.38
C LEU C 449 -4.30 -43.03 20.57
N TYR C 450 -5.44 -42.36 20.40
CA TYR C 450 -5.52 -40.91 20.54
C TYR C 450 -6.55 -40.56 21.61
N ARG C 451 -6.23 -39.54 22.40
CA ARG C 451 -7.12 -39.12 23.48
C ARG C 451 -8.32 -38.37 22.91
N LEU C 452 -9.50 -38.67 23.44
CA LEU C 452 -10.75 -38.08 22.98
C LEU C 452 -11.46 -37.28 24.06
N PHE C 453 -11.50 -37.78 25.30
CA PHE C 453 -12.21 -37.13 26.39
C PHE C 453 -11.20 -36.59 27.38
N ARG C 454 -11.16 -35.26 27.53
CA ARG C 454 -10.27 -34.60 28.47
C ARG C 454 -11.01 -33.40 29.06
N LYS C 455 -10.85 -33.21 30.38
CA LYS C 455 -11.60 -32.16 31.06
C LYS C 455 -11.23 -30.78 30.54
N SER C 456 -9.97 -30.38 30.70
CA SER C 456 -9.50 -29.06 30.29
C SER C 456 -8.63 -29.16 29.05
N ASN C 457 -8.40 -28.00 28.43
CA ASN C 457 -7.54 -27.95 27.25
C ASN C 457 -6.09 -28.22 27.63
N LEU C 458 -5.41 -28.99 26.78
CA LEU C 458 -4.00 -29.31 27.04
C LEU C 458 -3.15 -28.05 26.95
N LYS C 459 -2.29 -27.87 27.96
CA LYS C 459 -1.41 -26.70 27.98
C LYS C 459 -0.24 -26.91 27.03
N PRO C 460 0.39 -25.82 26.59
CA PRO C 460 1.56 -25.94 25.71
C PRO C 460 2.61 -26.89 26.27
N PHE C 461 3.02 -27.85 25.44
CA PHE C 461 4.08 -28.81 25.77
C PHE C 461 3.74 -29.62 27.03
N GLU C 462 2.67 -30.39 26.93
CA GLU C 462 2.26 -31.30 27.98
C GLU C 462 1.93 -32.66 27.38
N ARG C 463 2.46 -33.71 28.01
CA ARG C 463 2.25 -35.09 27.57
C ARG C 463 1.46 -35.83 28.64
N ASP C 464 0.27 -36.30 28.29
CA ASP C 464 -0.62 -36.99 29.22
C ASP C 464 -0.47 -38.49 28.99
N ILE C 465 0.48 -39.09 29.71
CA ILE C 465 0.71 -40.52 29.61
C ILE C 465 -0.22 -41.34 30.50
N SER C 466 -0.92 -40.70 31.43
CA SER C 466 -1.83 -41.40 32.31
C SER C 466 -3.14 -41.74 31.59
N THR C 467 -3.83 -42.76 32.09
CA THR C 467 -5.09 -43.22 31.51
C THR C 467 -6.02 -43.62 32.65
N GLU C 468 -6.86 -42.69 33.06
CA GLU C 468 -7.86 -42.92 34.10
C GLU C 468 -9.26 -42.89 33.51
N ILE C 469 -10.20 -43.52 34.20
CA ILE C 469 -11.58 -43.55 33.73
C ILE C 469 -12.14 -42.14 33.74
N TYR C 470 -12.53 -41.65 32.57
CA TYR C 470 -13.02 -40.28 32.41
C TYR C 470 -14.46 -40.22 32.92
N GLN C 471 -14.61 -39.81 34.18
CA GLN C 471 -15.93 -39.62 34.76
C GLN C 471 -16.36 -38.18 34.56
N ALA C 472 -17.39 -37.97 33.73
CA ALA C 472 -17.82 -36.62 33.39
C ALA C 472 -18.83 -36.08 34.38
N GLY C 473 -18.51 -36.16 35.67
CA GLY C 473 -19.35 -35.59 36.71
C GLY C 473 -20.75 -36.16 36.80
N ASN C 474 -21.54 -35.64 37.76
CA ASN C 474 -22.95 -35.93 37.98
C ASN C 474 -23.22 -37.35 38.43
N LYS C 475 -22.20 -38.22 38.51
CA LYS C 475 -22.38 -39.59 38.95
C LYS C 475 -21.02 -40.20 39.27
N PRO C 476 -20.86 -40.82 40.46
CA PRO C 476 -19.59 -41.47 40.79
C PRO C 476 -19.44 -42.77 40.03
N CYS C 477 -18.48 -42.81 39.11
CA CYS C 477 -18.22 -43.97 38.28
C CYS C 477 -16.99 -44.72 38.80
N ASN C 478 -16.72 -45.86 38.18
CA ASN C 478 -15.60 -46.73 38.55
C ASN C 478 -14.95 -47.26 37.28
N GLY C 479 -14.12 -48.27 37.43
CA GLY C 479 -13.45 -48.88 36.30
C GLY C 479 -14.35 -49.74 35.44
N VAL C 480 -15.44 -49.15 34.95
CA VAL C 480 -16.41 -49.84 34.11
C VAL C 480 -16.75 -48.97 32.91
N ALA C 481 -17.66 -49.44 32.08
CA ALA C 481 -18.09 -48.71 30.90
C ALA C 481 -19.61 -48.75 30.81
N GLY C 482 -20.22 -47.60 30.63
CA GLY C 482 -21.66 -47.47 30.54
C GLY C 482 -22.06 -46.39 29.56
N PHE C 483 -23.19 -45.75 29.84
CA PHE C 483 -23.67 -44.69 28.95
C PHE C 483 -23.02 -43.35 29.29
N ASN C 484 -23.15 -42.91 30.53
CA ASN C 484 -22.59 -41.64 30.96
C ASN C 484 -21.13 -41.76 31.40
N CYS C 485 -20.59 -42.98 31.47
CA CYS C 485 -19.21 -43.22 31.86
C CYS C 485 -18.52 -44.03 30.77
N TYR C 486 -17.45 -43.48 30.22
CA TYR C 486 -16.73 -44.10 29.12
C TYR C 486 -15.23 -43.94 29.32
N PHE C 487 -14.46 -44.36 28.33
CA PHE C 487 -13.01 -44.35 28.32
C PHE C 487 -12.49 -43.14 27.56
N PRO C 488 -11.47 -42.45 28.10
CA PRO C 488 -10.99 -41.24 27.42
C PRO C 488 -10.24 -41.52 26.13
N LEU C 489 -9.37 -42.52 26.12
CA LEU C 489 -8.58 -42.83 24.94
C LEU C 489 -9.41 -43.59 23.91
N ARG C 490 -9.10 -43.37 22.64
CA ARG C 490 -9.77 -44.04 21.53
C ARG C 490 -8.74 -44.85 20.75
N SER C 491 -9.17 -45.43 19.64
CA SER C 491 -8.31 -46.29 18.83
C SER C 491 -8.47 -45.92 17.36
N TYR C 492 -7.36 -45.54 16.73
CA TYR C 492 -7.37 -45.23 15.31
C TYR C 492 -7.52 -46.51 14.48
N SER C 493 -8.29 -46.42 13.40
CA SER C 493 -8.49 -47.53 12.48
C SER C 493 -7.81 -47.16 11.16
N PHE C 494 -6.52 -47.48 11.06
CA PHE C 494 -5.73 -47.13 9.89
C PHE C 494 -5.83 -48.29 8.89
N ARG C 495 -6.82 -48.21 8.01
CA ARG C 495 -7.00 -49.20 6.96
C ARG C 495 -6.64 -48.62 5.60
N PRO C 496 -6.07 -49.44 4.71
CA PRO C 496 -5.77 -48.97 3.35
C PRO C 496 -7.01 -48.72 2.51
N THR C 497 -8.21 -48.87 3.07
CA THR C 497 -9.46 -48.65 2.36
C THR C 497 -9.87 -47.18 2.37
N TYR C 498 -9.00 -46.28 2.81
CA TYR C 498 -9.30 -44.87 2.94
C TYR C 498 -8.45 -44.06 1.98
N GLY C 499 -9.02 -42.99 1.45
CA GLY C 499 -8.30 -42.10 0.56
C GLY C 499 -7.42 -41.13 1.32
N VAL C 500 -6.98 -40.08 0.60
CA VAL C 500 -6.13 -39.08 1.20
C VAL C 500 -6.93 -38.30 2.25
N GLY C 501 -6.52 -38.38 3.50
CA GLY C 501 -7.20 -37.69 4.58
C GLY C 501 -7.38 -38.53 5.82
N HIS C 502 -7.59 -39.84 5.63
CA HIS C 502 -7.75 -40.77 6.74
C HIS C 502 -6.58 -41.74 6.87
N GLN C 503 -5.53 -41.54 6.09
CA GLN C 503 -4.32 -42.36 6.14
C GLN C 503 -3.37 -41.86 7.23
N PRO C 504 -2.53 -42.73 7.77
CA PRO C 504 -1.59 -42.29 8.81
C PRO C 504 -0.51 -41.39 8.23
N TYR C 505 -0.11 -40.40 9.04
CA TYR C 505 0.90 -39.44 8.65
C TYR C 505 1.87 -39.27 9.82
N ARG C 506 3.11 -39.74 9.65
CA ARG C 506 4.14 -39.58 10.67
C ARG C 506 4.61 -38.13 10.67
N VAL C 507 4.29 -37.41 11.75
CA VAL C 507 4.63 -35.99 11.88
C VAL C 507 5.79 -35.87 12.85
N VAL C 508 6.81 -35.10 12.46
CA VAL C 508 7.99 -34.86 13.28
C VAL C 508 8.29 -33.36 13.23
N VAL C 509 8.34 -32.73 14.39
CA VAL C 509 8.60 -31.30 14.49
C VAL C 509 9.95 -31.09 15.15
N LEU C 510 10.53 -29.91 14.92
CA LEU C 510 11.82 -29.53 15.49
C LEU C 510 11.63 -28.23 16.26
N SER C 511 11.80 -28.29 17.57
CA SER C 511 11.59 -27.13 18.44
C SER C 511 12.89 -26.34 18.51
N PHE C 512 13.02 -25.34 17.64
CA PHE C 512 14.18 -24.45 17.65
C PHE C 512 13.96 -23.36 18.69
N GLU C 513 14.72 -23.43 19.80
CA GLU C 513 14.55 -22.46 20.86
C GLU C 513 15.07 -21.08 20.45
N LEU C 514 16.30 -21.04 19.93
CA LEU C 514 16.94 -19.80 19.49
C LEU C 514 17.05 -18.78 20.63
N LEU C 515 17.13 -19.26 21.86
CA LEU C 515 17.30 -18.37 23.01
C LEU C 515 18.76 -17.97 23.16
N HIS C 516 19.01 -16.94 23.96
CA HIS C 516 20.37 -16.45 24.17
C HIS C 516 21.15 -17.47 25.00
N ALA C 517 22.02 -18.22 24.33
CA ALA C 517 22.80 -19.28 24.96
C ALA C 517 23.91 -19.72 24.03
N PRO C 518 24.98 -20.35 24.54
CA PRO C 518 26.03 -20.86 23.64
C PRO C 518 25.49 -21.93 22.70
N ALA C 519 25.54 -21.65 21.40
CA ALA C 519 24.97 -22.56 20.42
C ALA C 519 25.77 -23.85 20.34
N THR C 520 25.06 -24.96 20.13
CA THR C 520 25.66 -26.28 20.04
C THR C 520 25.33 -27.01 18.74
N VAL C 521 24.23 -26.67 18.09
CA VAL C 521 23.81 -27.32 16.85
C VAL C 521 23.90 -26.30 15.72
N CYS C 522 24.83 -26.54 14.80
CA CYS C 522 24.98 -25.67 13.63
C CYS C 522 24.73 -26.45 12.35
N GLY C 523 24.97 -25.81 11.21
CA GLY C 523 24.76 -26.46 9.92
C GLY C 523 26.03 -26.52 9.10
N PRO C 524 25.92 -26.99 7.87
CA PRO C 524 27.11 -27.09 7.00
C PRO C 524 27.59 -25.73 6.55
N LYS C 525 28.77 -25.34 7.02
CA LYS C 525 29.36 -24.06 6.66
C LYS C 525 30.86 -24.14 6.89
N LYS C 526 31.65 -23.82 5.87
CA LYS C 526 33.10 -23.88 5.97
C LYS C 526 33.62 -22.88 6.99
N SER C 527 34.25 -23.38 8.05
CA SER C 527 34.83 -22.52 9.09
C SER C 527 36.09 -21.87 8.54
N THR C 528 36.04 -20.56 8.33
CA THR C 528 37.17 -19.83 7.76
C THR C 528 38.21 -19.54 8.83
N ASN C 529 39.21 -18.73 8.48
CA ASN C 529 40.28 -18.37 9.41
C ASN C 529 39.84 -17.14 10.23
N LEU C 530 40.74 -16.63 11.07
CA LEU C 530 40.44 -15.46 11.89
C LEU C 530 41.41 -14.36 11.51
N VAL C 531 40.90 -13.30 10.89
CA VAL C 531 41.72 -12.18 10.45
C VAL C 531 41.97 -11.26 11.65
N LYS C 532 42.91 -10.33 11.46
CA LYS C 532 43.28 -9.39 12.51
C LYS C 532 42.29 -8.23 12.55
N ASN C 533 42.65 -7.14 13.23
CA ASN C 533 41.75 -6.02 13.41
C ASN C 533 41.61 -5.21 12.12
N LYS C 534 40.68 -5.61 11.27
CA LYS C 534 40.37 -4.90 10.04
C LYS C 534 38.86 -4.92 9.83
N CYS C 535 38.34 -3.86 9.21
CA CYS C 535 36.91 -3.76 8.95
C CYS C 535 36.54 -4.78 7.87
N VAL C 536 35.93 -5.88 8.30
CA VAL C 536 35.54 -6.97 7.41
C VAL C 536 34.21 -7.53 7.89
N ASN C 537 33.61 -8.39 7.06
CA ASN C 537 32.38 -9.07 7.43
C ASN C 537 32.68 -10.26 8.33
N PHE C 538 31.87 -10.47 9.35
CA PHE C 538 32.01 -11.58 10.26
C PHE C 538 30.65 -12.25 10.48
N ASN C 539 30.69 -13.56 10.69
CA ASN C 539 29.49 -14.36 10.92
C ASN C 539 29.73 -15.29 12.10
N PHE C 540 30.22 -14.72 13.20
CA PHE C 540 30.57 -15.50 14.38
C PHE C 540 29.31 -16.08 15.01
N ASN C 541 29.10 -17.37 14.83
CA ASN C 541 28.00 -18.12 15.44
C ASN C 541 26.64 -17.50 15.11
N GLY C 542 26.40 -17.34 13.81
CA GLY C 542 25.13 -16.82 13.34
C GLY C 542 25.05 -15.31 13.32
N LEU C 543 25.57 -14.66 14.36
CA LEU C 543 25.54 -13.21 14.46
C LEU C 543 26.36 -12.59 13.33
N LYS C 544 25.71 -11.84 12.45
CA LYS C 544 26.37 -11.22 11.32
C LYS C 544 26.66 -9.75 11.59
N GLY C 545 27.61 -9.20 10.85
CA GLY C 545 27.96 -7.81 10.99
C GLY C 545 29.22 -7.50 10.22
N THR C 546 29.63 -6.23 10.29
CA THR C 546 30.85 -5.77 9.66
C THR C 546 31.51 -4.72 10.54
N GLY C 547 32.79 -4.89 10.79
CA GLY C 547 33.53 -3.95 11.62
C GLY C 547 34.92 -4.46 11.91
N VAL C 548 35.65 -3.65 12.67
CA VAL C 548 37.02 -3.97 13.06
C VAL C 548 36.96 -4.90 14.27
N LEU C 549 37.60 -6.06 14.16
CA LEU C 549 37.60 -7.06 15.23
C LEU C 549 38.91 -6.94 16.01
N THR C 550 38.89 -6.11 17.05
CA THR C 550 40.07 -5.89 17.87
C THR C 550 40.05 -6.81 19.09
N GLU C 551 41.23 -7.03 19.66
CA GLU C 551 41.36 -7.77 20.89
C GLU C 551 41.30 -6.82 22.09
N SER C 552 40.26 -6.98 22.89
CA SER C 552 40.01 -6.09 24.02
C SER C 552 40.16 -6.85 25.33
N ASN C 553 40.47 -6.11 26.39
CA ASN C 553 40.63 -6.67 27.73
C ASN C 553 39.32 -6.54 28.49
N LYS C 554 38.33 -7.32 28.04
CA LYS C 554 37.01 -7.34 28.66
C LYS C 554 36.89 -8.65 29.44
N LYS C 555 36.85 -8.54 30.76
CA LYS C 555 36.83 -9.71 31.64
C LYS C 555 35.44 -10.32 31.61
N PHE C 556 35.29 -11.41 30.86
CA PHE C 556 34.02 -12.11 30.77
C PHE C 556 33.93 -13.19 31.84
N LEU C 557 32.76 -13.81 31.92
CA LEU C 557 32.49 -14.93 32.81
C LEU C 557 32.56 -16.24 32.05
N PRO C 558 32.82 -17.36 32.74
CA PRO C 558 32.89 -18.65 32.03
C PRO C 558 31.58 -19.08 31.39
N PHE C 559 30.47 -18.40 31.70
CA PHE C 559 29.18 -18.72 31.10
C PHE C 559 28.71 -17.65 30.11
N GLN C 560 29.46 -16.56 29.95
CA GLN C 560 29.05 -15.49 29.05
C GLN C 560 29.84 -15.59 27.74
N GLN C 561 29.13 -15.67 26.63
CA GLN C 561 29.74 -15.74 25.30
C GLN C 561 29.49 -14.47 24.50
N PHE C 562 28.22 -14.06 24.40
CA PHE C 562 27.86 -12.82 23.73
C PHE C 562 28.03 -11.63 24.66
N GLY C 563 27.44 -10.50 24.28
CA GLY C 563 27.48 -9.30 25.09
C GLY C 563 27.23 -8.06 24.26
N ARG C 564 26.38 -7.17 24.76
CA ARG C 564 25.88 -6.07 23.96
C ARG C 564 26.52 -4.75 24.41
N ASP C 565 26.02 -3.66 23.83
CA ASP C 565 26.42 -2.31 24.19
C ASP C 565 25.23 -1.59 24.81
N ILE C 566 25.31 -0.27 24.95
CA ILE C 566 24.33 0.51 25.70
C ILE C 566 22.88 0.16 25.37
N ALA C 567 22.53 -0.08 24.11
CA ALA C 567 21.13 -0.38 23.85
C ALA C 567 20.86 -1.78 23.30
N ASP C 568 21.33 -2.09 22.09
CA ASP C 568 21.03 -3.40 21.49
C ASP C 568 22.18 -3.90 20.62
N THR C 569 23.34 -3.24 20.69
CA THR C 569 24.43 -3.50 19.75
C THR C 569 25.45 -4.42 20.39
N THR C 570 25.67 -5.59 19.77
CA THR C 570 26.67 -6.53 20.23
C THR C 570 28.07 -5.95 20.05
N ASP C 571 28.72 -5.59 21.16
CA ASP C 571 30.02 -4.95 21.13
C ASP C 571 31.18 -5.94 21.26
N ALA C 572 30.91 -7.16 21.73
CA ALA C 572 31.97 -8.14 21.91
C ALA C 572 31.40 -9.54 21.78
N VAL C 573 32.25 -10.46 21.33
CA VAL C 573 31.88 -11.87 21.20
C VAL C 573 33.16 -12.69 21.24
N ARG C 574 33.11 -13.83 21.91
CA ARG C 574 34.25 -14.73 22.00
C ARG C 574 34.25 -15.69 20.82
N ASP C 575 35.44 -16.10 20.42
CA ASP C 575 35.57 -16.98 19.26
C ASP C 575 34.98 -18.35 19.60
N PRO C 576 34.12 -18.90 18.74
CA PRO C 576 33.47 -20.18 19.08
C PRO C 576 34.43 -21.35 19.19
N GLN C 577 35.57 -21.29 18.51
CA GLN C 577 36.51 -22.41 18.46
C GLN C 577 37.90 -21.98 18.88
N THR C 578 38.03 -20.79 19.46
CA THR C 578 39.30 -20.32 19.97
C THR C 578 39.15 -19.79 21.39
N LEU C 579 37.93 -19.34 21.72
CA LEU C 579 37.59 -18.84 23.05
C LEU C 579 38.49 -17.66 23.43
N GLU C 580 38.36 -16.59 22.63
CA GLU C 580 39.09 -15.36 22.86
C GLU C 580 38.14 -14.18 22.71
N ILE C 581 38.17 -13.28 23.69
CA ILE C 581 37.28 -12.12 23.72
C ILE C 581 37.73 -11.17 22.60
N LEU C 582 36.80 -10.82 21.72
CA LEU C 582 37.08 -9.94 20.59
C LEU C 582 36.05 -8.80 20.59
N ASP C 583 36.54 -7.57 20.59
CA ASP C 583 35.66 -6.41 20.54
C ASP C 583 35.16 -6.19 19.12
N ILE C 584 33.97 -5.62 19.01
CA ILE C 584 33.34 -5.36 17.72
C ILE C 584 33.12 -3.85 17.63
N THR C 585 34.07 -3.15 17.01
CA THR C 585 33.86 -1.74 16.73
C THR C 585 33.49 -1.56 15.27
N PRO C 586 32.44 -0.80 14.96
CA PRO C 586 31.98 -0.69 13.58
C PRO C 586 33.02 -0.06 12.68
N CYS C 587 32.81 -0.21 11.37
CA CYS C 587 33.70 0.32 10.36
C CYS C 587 33.75 1.85 10.45
N SER C 588 34.89 2.41 10.05
CA SER C 588 35.07 3.85 10.09
C SER C 588 34.19 4.53 9.05
N PHE C 589 33.39 5.49 9.50
CA PHE C 589 32.49 6.21 8.60
C PHE C 589 32.31 7.63 9.11
N GLY C 590 31.96 8.52 8.19
CA GLY C 590 31.76 9.92 8.54
C GLY C 590 31.25 10.68 7.34
N GLY C 591 30.71 11.87 7.63
CA GLY C 591 30.17 12.72 6.59
C GLY C 591 31.23 13.35 5.73
N VAL C 592 30.81 13.79 4.55
CA VAL C 592 31.70 14.43 3.57
C VAL C 592 31.09 15.77 3.18
N SER C 593 31.91 16.82 3.28
CA SER C 593 31.50 18.17 2.89
C SER C 593 32.43 18.69 1.80
N VAL C 594 31.84 19.27 0.77
CA VAL C 594 32.57 19.77 -0.38
C VAL C 594 32.65 21.28 -0.28
N ILE C 595 33.86 21.81 -0.25
CA ILE C 595 34.10 23.25 -0.18
C ILE C 595 34.31 23.76 -1.60
N THR C 596 33.32 24.49 -2.12
CA THR C 596 33.40 25.00 -3.48
C THR C 596 33.34 26.53 -3.49
N PRO C 597 34.32 27.19 -4.12
CA PRO C 597 34.27 28.66 -4.20
C PRO C 597 33.18 29.20 -5.10
N GLY C 598 32.40 28.33 -5.75
CA GLY C 598 31.36 28.76 -6.68
C GLY C 598 31.70 28.31 -8.08
N THR C 599 30.68 27.88 -8.82
CA THR C 599 30.87 27.41 -10.19
C THR C 599 30.70 28.59 -11.15
N ASN C 600 31.46 29.64 -10.87
CA ASN C 600 31.48 30.82 -11.72
C ASN C 600 32.92 31.29 -11.90
N THR C 601 33.77 31.00 -10.91
CA THR C 601 35.17 31.40 -10.95
C THR C 601 36.10 30.24 -11.26
N SER C 602 35.83 29.05 -10.74
CA SER C 602 36.69 27.89 -10.96
C SER C 602 35.87 26.63 -10.72
N ASN C 603 36.56 25.48 -10.74
CA ASN C 603 35.92 24.20 -10.54
C ASN C 603 36.66 23.34 -9.50
N GLN C 604 37.66 23.88 -8.84
CA GLN C 604 38.39 23.13 -7.83
C GLN C 604 37.58 23.06 -6.53
N VAL C 605 37.70 21.93 -5.85
CA VAL C 605 36.95 21.70 -4.61
C VAL C 605 37.90 21.22 -3.52
N ALA C 606 37.36 20.99 -2.32
CA ALA C 606 38.16 20.49 -1.20
C ALA C 606 37.21 19.73 -0.28
N VAL C 607 37.30 18.40 -0.31
CA VAL C 607 36.41 17.54 0.47
C VAL C 607 36.93 17.47 1.90
N LEU C 608 36.02 17.55 2.86
CA LEU C 608 36.35 17.45 4.27
C LEU C 608 35.76 16.15 4.83
N TYR C 609 36.64 15.23 5.23
CA TYR C 609 36.21 13.95 5.81
C TYR C 609 36.08 14.13 7.31
N GLN C 610 34.86 14.46 7.75
CA GLN C 610 34.59 14.74 9.15
C GLN C 610 34.70 13.45 9.96
N GLY C 611 35.70 13.38 10.84
CA GLY C 611 35.85 12.23 11.71
C GLY C 611 37.16 11.49 11.52
N VAL C 612 37.62 11.39 10.27
CA VAL C 612 38.84 10.65 9.95
C VAL C 612 40.05 11.43 10.46
N ASN C 613 41.13 10.72 10.79
CA ASN C 613 42.36 11.32 11.29
C ASN C 613 43.45 11.34 10.21
N CYS C 614 43.05 11.50 8.95
CA CYS C 614 43.97 11.57 7.82
C CYS C 614 44.79 10.28 7.65
N THR C 615 44.42 9.23 8.38
CA THR C 615 45.14 7.96 8.32
C THR C 615 44.21 6.78 8.01
N GLU C 616 42.93 7.06 7.78
CA GLU C 616 41.97 6.00 7.50
C GLU C 616 41.04 6.41 6.37
N VAL C 617 41.48 7.36 5.55
CA VAL C 617 40.68 7.83 4.43
C VAL C 617 40.57 6.75 3.37
N ASN C 638 46.77 19.32 -0.52
CA ASN C 638 47.52 18.33 0.26
C ASN C 638 46.64 17.72 1.34
N VAL C 639 47.24 17.50 2.52
CA VAL C 639 46.55 16.88 3.65
C VAL C 639 46.78 17.75 4.87
N PHE C 640 45.70 18.09 5.57
CA PHE C 640 45.78 18.91 6.77
C PHE C 640 44.70 18.44 7.75
N GLN C 641 45.12 18.02 8.93
CA GLN C 641 44.20 17.51 9.94
C GLN C 641 43.70 18.65 10.82
N THR C 642 42.41 18.94 10.71
CA THR C 642 41.78 19.95 11.55
C THR C 642 41.19 19.32 12.80
N ARG C 643 40.42 20.09 13.56
CA ARG C 643 39.72 19.58 14.74
C ARG C 643 38.33 19.07 14.41
N ALA C 644 38.01 18.96 13.12
CA ALA C 644 36.70 18.48 12.69
C ALA C 644 36.85 17.29 11.75
N GLY C 645 37.97 17.20 11.06
CA GLY C 645 38.21 16.11 10.15
C GLY C 645 39.41 16.40 9.28
N CYS C 646 39.63 15.51 8.32
CA CYS C 646 40.74 15.63 7.39
C CYS C 646 40.31 16.44 6.17
N LEU C 647 41.04 17.52 5.89
CA LEU C 647 40.75 18.41 4.78
C LEU C 647 41.69 18.08 3.63
N ILE C 648 41.22 17.23 2.73
CA ILE C 648 42.04 16.79 1.58
C ILE C 648 41.54 17.60 0.38
N GLY C 649 42.37 18.53 -0.06
CA GLY C 649 42.03 19.36 -1.21
C GLY C 649 42.47 20.80 -1.07
N ALA C 650 42.89 21.19 0.14
CA ALA C 650 43.33 22.55 0.39
C ALA C 650 44.54 22.52 1.32
N GLU C 651 45.42 23.50 1.15
CA GLU C 651 46.62 23.62 1.96
C GLU C 651 46.45 24.71 3.00
N TYR C 652 47.10 24.53 4.14
CA TYR C 652 47.02 25.50 5.23
C TYR C 652 48.07 26.59 5.05
N VAL C 653 47.75 27.78 5.54
CA VAL C 653 48.63 28.94 5.45
C VAL C 653 48.57 29.69 6.77
N ASN C 654 49.70 30.32 7.13
CA ASN C 654 49.79 31.09 8.37
C ASN C 654 49.19 32.48 8.25
N ASN C 655 48.94 32.97 7.05
CA ASN C 655 48.35 34.28 6.85
C ASN C 655 46.90 34.29 7.32
N SER C 656 46.64 34.91 8.47
CA SER C 656 45.30 34.94 9.04
C SER C 656 44.46 35.98 8.30
N TYR C 657 43.38 35.52 7.66
CA TYR C 657 42.46 36.37 6.93
C TYR C 657 41.07 36.29 7.55
N GLU C 658 40.11 36.93 6.90
CA GLU C 658 38.73 36.90 7.34
C GLU C 658 38.04 35.63 6.86
N CYS C 659 37.12 35.13 7.66
CA CYS C 659 36.45 33.88 7.35
C CYS C 659 35.47 34.07 6.20
N ASP C 660 35.63 33.27 5.15
CA ASP C 660 34.75 33.30 4.00
C ASP C 660 33.90 32.04 3.90
N ILE C 661 34.50 30.87 4.01
CA ILE C 661 33.77 29.60 4.02
C ILE C 661 34.08 28.89 5.34
N PRO C 662 33.13 28.83 6.27
CA PRO C 662 33.41 28.20 7.57
C PRO C 662 33.60 26.70 7.43
N ILE C 663 34.75 26.22 7.90
CA ILE C 663 35.07 24.79 7.88
C ILE C 663 34.74 24.14 9.21
N GLY C 664 35.26 24.68 10.31
CA GLY C 664 34.99 24.14 11.62
C GLY C 664 36.16 24.29 12.59
N ALA C 665 35.85 24.70 13.81
CA ALA C 665 36.84 24.86 14.88
C ALA C 665 37.95 25.83 14.46
N GLY C 666 37.53 27.04 14.09
CA GLY C 666 38.47 28.09 13.77
C GLY C 666 38.93 28.09 12.33
N ILE C 667 39.11 26.90 11.75
CA ILE C 667 39.59 26.80 10.38
C ILE C 667 38.53 27.34 9.42
N CYS C 668 38.95 28.18 8.49
CA CYS C 668 38.09 28.74 7.46
C CYS C 668 38.71 28.47 6.10
N ALA C 669 38.06 28.98 5.04
CA ALA C 669 38.51 28.72 3.69
C ALA C 669 38.26 29.96 2.83
N SER C 670 39.08 30.09 1.80
CA SER C 670 38.95 31.17 0.83
C SER C 670 39.57 30.72 -0.48
N TYR C 671 39.49 31.58 -1.50
CA TYR C 671 40.03 31.29 -2.82
C TYR C 671 40.89 32.48 -3.24
N GLN C 672 42.18 32.42 -2.94
CA GLN C 672 43.12 33.49 -3.26
C GLN C 672 44.17 32.99 -4.24
N THR C 673 44.90 33.92 -4.83
CA THR C 673 45.95 33.58 -5.78
C THR C 673 47.21 33.11 -5.06
N SER C 686 47.57 31.21 -10.70
CA SER C 686 47.91 30.23 -9.68
C SER C 686 46.87 30.20 -8.57
N GLN C 687 45.60 30.30 -8.95
CA GLN C 687 44.52 30.29 -7.98
C GLN C 687 44.41 28.91 -7.34
N SER C 688 44.28 28.89 -6.00
CA SER C 688 44.18 27.64 -5.26
C SER C 688 43.39 27.89 -3.97
N ILE C 689 42.76 26.83 -3.48
CA ILE C 689 41.98 26.90 -2.25
C ILE C 689 42.93 26.80 -1.06
N ILE C 690 42.81 27.73 -0.12
CA ILE C 690 43.69 27.75 1.04
C ILE C 690 42.86 27.60 2.32
N ALA C 691 43.54 27.36 3.44
CA ALA C 691 42.90 27.24 4.73
C ALA C 691 43.69 28.03 5.75
N TYR C 692 42.99 28.69 6.68
CA TYR C 692 43.64 29.56 7.64
C TYR C 692 42.78 29.66 8.90
N THR C 693 43.42 30.10 9.98
CA THR C 693 42.70 30.33 11.24
C THR C 693 41.87 31.60 11.12
N MET C 694 40.62 31.54 11.60
CA MET C 694 39.72 32.67 11.49
C MET C 694 40.24 33.85 12.31
N SER C 695 40.32 35.02 11.67
CA SER C 695 40.72 36.24 12.36
C SER C 695 39.50 37.01 12.80
N LEU C 696 39.56 37.51 14.04
CA LEU C 696 38.46 38.29 14.62
C LEU C 696 38.61 39.78 14.37
N GLY C 697 39.32 40.17 13.33
CA GLY C 697 39.58 41.56 13.04
C GLY C 697 40.98 41.98 13.46
N ALA C 698 41.33 43.21 13.08
CA ALA C 698 42.64 43.76 13.42
C ALA C 698 42.69 44.05 14.92
N GLU C 699 43.91 44.04 15.46
CA GLU C 699 44.14 44.30 16.87
C GLU C 699 44.36 45.79 17.11
N ASN C 700 43.76 46.30 18.18
CA ASN C 700 43.87 47.70 18.54
C ASN C 700 44.23 47.81 20.01
N SER C 701 45.11 48.77 20.33
CA SER C 701 45.58 48.99 21.69
C SER C 701 45.20 50.41 22.11
N VAL C 702 44.04 50.53 22.75
CA VAL C 702 43.57 51.82 23.24
C VAL C 702 44.49 52.29 24.36
N ALA C 703 45.11 53.45 24.16
CA ALA C 703 46.08 53.98 25.12
C ALA C 703 45.32 54.49 26.34
N TYR C 704 45.19 53.63 27.35
CA TYR C 704 44.51 54.01 28.58
C TYR C 704 45.48 54.70 29.53
N SER C 705 44.98 55.73 30.20
CA SER C 705 45.78 56.48 31.17
C SER C 705 44.83 57.28 32.06
N ASN C 706 45.41 57.85 33.13
CA ASN C 706 44.64 58.64 34.09
C ASN C 706 44.31 60.02 33.57
N ASN C 707 44.98 60.49 32.53
CA ASN C 707 44.76 61.83 31.98
C ASN C 707 44.71 61.76 30.46
N SER C 708 43.99 60.78 29.94
CA SER C 708 43.87 60.62 28.48
C SER C 708 42.40 60.53 28.13
N ILE C 709 41.90 61.53 27.41
CA ILE C 709 40.51 61.57 26.96
C ILE C 709 40.50 61.77 25.45
N ALA C 710 39.54 61.12 24.78
CA ALA C 710 39.40 61.16 23.33
C ALA C 710 38.01 61.74 23.00
N ILE C 711 37.95 63.04 22.79
CA ILE C 711 36.69 63.68 22.40
C ILE C 711 36.68 63.86 20.89
N PRO C 712 35.65 63.39 20.18
CA PRO C 712 35.64 63.51 18.73
C PRO C 712 35.41 64.95 18.29
N THR C 713 35.98 65.29 17.13
CA THR C 713 35.90 66.64 16.59
C THR C 713 34.87 66.78 15.48
N ASN C 714 34.69 65.75 14.64
CA ASN C 714 33.75 65.77 13.54
C ASN C 714 32.78 64.62 13.71
N PHE C 715 31.76 64.57 12.85
CA PHE C 715 30.72 63.56 12.89
C PHE C 715 30.42 63.07 11.48
N THR C 716 29.89 61.86 11.40
CA THR C 716 29.53 61.27 10.11
C THR C 716 28.16 60.61 10.19
N ILE C 717 27.12 61.30 9.71
CA ILE C 717 25.77 60.75 9.71
C ILE C 717 25.71 59.60 8.73
N SER C 718 25.43 58.40 9.24
CA SER C 718 25.36 57.20 8.43
C SER C 718 23.94 56.64 8.47
N VAL C 719 23.50 56.08 7.34
CA VAL C 719 22.16 55.50 7.22
C VAL C 719 22.34 54.03 6.89
N THR C 720 21.98 53.17 7.84
CA THR C 720 22.05 51.73 7.66
C THR C 720 20.66 51.17 7.32
N THR C 721 20.62 49.88 7.03
CA THR C 721 19.39 49.20 6.66
C THR C 721 19.23 47.93 7.48
N GLU C 722 17.99 47.51 7.66
CA GLU C 722 17.66 46.29 8.39
C GLU C 722 16.42 45.66 7.77
N ILE C 723 16.55 44.41 7.34
CA ILE C 723 15.47 43.74 6.63
C ILE C 723 14.83 42.70 7.54
N LEU C 724 13.67 43.04 8.11
CA LEU C 724 13.00 42.11 9.02
C LEU C 724 11.73 41.58 8.39
N PRO C 725 11.53 40.26 8.36
CA PRO C 725 10.26 39.73 7.86
C PRO C 725 9.11 40.08 8.79
N VAL C 726 7.95 40.31 8.20
CA VAL C 726 6.77 40.73 8.97
C VAL C 726 5.63 39.76 8.72
N SER C 727 5.70 39.03 7.60
CA SER C 727 4.63 38.10 7.25
C SER C 727 5.17 37.09 6.24
N MET C 728 4.52 35.93 6.20
CA MET C 728 4.85 34.87 5.26
C MET C 728 3.68 34.59 4.35
N THR C 729 3.84 33.63 3.46
CA THR C 729 2.81 33.29 2.49
C THR C 729 1.71 32.49 3.18
N LYS C 730 0.50 33.06 3.25
CA LYS C 730 -0.64 32.36 3.83
C LYS C 730 -1.04 31.19 2.95
N THR C 731 -0.87 29.98 3.45
CA THR C 731 -1.15 28.76 2.70
C THR C 731 -2.40 28.08 3.23
N SER C 732 -3.01 27.27 2.36
CA SER C 732 -4.19 26.49 2.71
C SER C 732 -4.26 25.29 1.78
N VAL C 733 -4.30 24.10 2.37
CA VAL C 733 -4.30 22.85 1.61
C VAL C 733 -5.66 22.19 1.75
N ASP C 734 -6.04 21.41 0.74
CA ASP C 734 -7.28 20.64 0.77
C ASP C 734 -6.94 19.20 1.15
N CYS C 735 -7.54 18.72 2.23
CA CYS C 735 -7.24 17.38 2.73
C CYS C 735 -7.69 16.31 1.74
N THR C 736 -8.87 16.50 1.13
CA THR C 736 -9.44 15.47 0.27
C THR C 736 -8.63 15.30 -1.00
N MET C 737 -8.34 16.39 -1.70
CA MET C 737 -7.68 16.30 -3.00
C MET C 737 -6.23 15.88 -2.86
N TYR C 738 -5.56 16.35 -1.81
CA TYR C 738 -4.15 16.02 -1.59
C TYR C 738 -4.00 14.54 -1.28
N ILE C 739 -4.71 14.06 -0.25
CA ILE C 739 -4.60 12.67 0.16
C ILE C 739 -5.20 11.75 -0.90
N CYS C 740 -6.47 11.98 -1.24
CA CYS C 740 -7.20 11.17 -2.19
C CYS C 740 -7.35 11.94 -3.50
N GLY C 741 -6.38 11.78 -4.39
CA GLY C 741 -6.46 12.47 -5.67
C GLY C 741 -7.34 11.72 -6.67
N ASP C 742 -8.54 12.25 -6.87
CA ASP C 742 -9.51 11.71 -7.82
C ASP C 742 -9.83 10.25 -7.53
N SER C 743 -10.43 10.02 -6.36
CA SER C 743 -10.82 8.68 -5.95
C SER C 743 -11.98 8.71 -4.97
N THR C 744 -13.07 8.02 -5.29
CA THR C 744 -14.22 7.98 -4.41
C THR C 744 -14.08 6.90 -3.34
N GLU C 745 -13.39 5.80 -3.65
CA GLU C 745 -13.15 4.75 -2.65
C GLU C 745 -12.19 5.25 -1.58
N CYS C 746 -11.19 6.04 -1.99
CA CYS C 746 -10.25 6.60 -1.02
C CYS C 746 -10.94 7.58 -0.08
N SER C 747 -11.90 8.36 -0.61
CA SER C 747 -12.60 9.33 0.22
C SER C 747 -13.37 8.65 1.34
N ASN C 748 -13.97 7.49 1.06
CA ASN C 748 -14.66 6.75 2.10
C ASN C 748 -13.69 6.22 3.14
N LEU C 749 -12.48 5.85 2.72
CA LEU C 749 -11.46 5.38 3.64
C LEU C 749 -10.85 6.53 4.45
N LEU C 750 -10.76 7.72 3.86
CA LEU C 750 -10.22 8.86 4.58
C LEU C 750 -11.11 9.28 5.74
N LEU C 751 -12.43 9.09 5.60
CA LEU C 751 -13.34 9.42 6.68
C LEU C 751 -13.23 8.44 7.84
N GLN C 752 -12.65 7.27 7.60
CA GLN C 752 -12.50 6.28 8.67
C GLN C 752 -11.53 6.77 9.73
N TYR C 753 -10.50 7.53 9.33
CA TYR C 753 -9.52 8.05 10.26
C TYR C 753 -10.09 9.09 11.21
N GLY C 754 -11.35 9.48 11.05
CA GLY C 754 -11.96 10.43 11.95
C GLY C 754 -11.81 11.86 11.45
N SER C 755 -11.94 12.80 12.40
CA SER C 755 -11.84 14.23 12.09
C SER C 755 -10.39 14.68 12.19
N PHE C 756 -9.55 14.05 11.39
CA PHE C 756 -8.14 14.42 11.32
C PHE C 756 -7.89 15.52 10.30
N CYS C 757 -8.72 15.61 9.26
CA CYS C 757 -8.62 16.65 8.26
C CYS C 757 -9.02 18.02 8.79
N THR C 758 -9.70 18.07 9.93
CA THR C 758 -10.14 19.32 10.53
C THR C 758 -9.07 19.98 11.39
N GLN C 759 -8.25 19.18 12.09
CA GLN C 759 -7.19 19.74 12.91
C GLN C 759 -6.14 20.44 12.05
N LEU C 760 -5.92 19.94 10.84
CA LEU C 760 -4.93 20.56 9.95
C LEU C 760 -5.46 21.85 9.34
N LYS C 761 -6.76 21.92 9.06
CA LYS C 761 -7.33 23.13 8.48
C LYS C 761 -7.43 24.24 9.51
N ARG C 762 -7.77 23.91 10.76
CA ARG C 762 -7.84 24.93 11.80
C ARG C 762 -6.46 25.47 12.14
N ALA C 763 -5.43 24.61 12.06
CA ALA C 763 -4.08 25.07 12.33
C ALA C 763 -3.59 26.04 11.25
N LEU C 764 -3.85 25.72 9.98
CA LEU C 764 -3.46 26.61 8.90
C LEU C 764 -4.33 27.87 8.88
N THR C 765 -5.58 27.77 9.33
CA THR C 765 -6.43 28.95 9.40
C THR C 765 -5.94 29.93 10.47
N GLY C 766 -5.49 29.42 11.61
CA GLY C 766 -4.93 30.29 12.62
C GLY C 766 -3.68 31.01 12.16
N ILE C 767 -2.91 30.36 11.27
CA ILE C 767 -1.73 31.00 10.71
C ILE C 767 -2.14 32.13 9.77
N ALA C 768 -3.18 31.91 8.97
CA ALA C 768 -3.63 32.93 8.02
C ALA C 768 -4.10 34.18 8.76
N VAL C 769 -4.87 34.00 9.84
CA VAL C 769 -5.30 35.14 10.64
C VAL C 769 -4.12 35.78 11.35
N GLU C 770 -3.11 34.97 11.70
CA GLU C 770 -1.92 35.49 12.36
C GLU C 770 -1.15 36.43 11.44
N GLN C 771 -0.98 36.06 10.18
CA GLN C 771 -0.22 36.88 9.25
C GLN C 771 -0.94 38.20 8.97
N ASP C 772 -2.28 38.17 8.94
CA ASP C 772 -3.03 39.41 8.77
C ASP C 772 -2.92 40.30 10.01
N LYS C 773 -2.81 39.70 11.20
CA LYS C 773 -2.64 40.48 12.42
C LYS C 773 -1.23 41.06 12.51
N ASN C 774 -0.24 40.35 11.99
CA ASN C 774 1.13 40.85 12.03
C ASN C 774 1.29 42.08 11.15
N THR C 775 0.55 42.13 10.03
CA THR C 775 0.60 43.28 9.15
C THR C 775 -0.18 44.48 9.68
N GLN C 776 -1.11 44.26 10.61
CA GLN C 776 -1.89 45.33 11.21
C GLN C 776 -1.32 45.82 12.53
N GLU C 777 -0.40 45.07 13.13
CA GLU C 777 0.26 45.50 14.36
C GLU C 777 1.57 46.24 14.09
N VAL C 778 2.10 46.15 12.88
CA VAL C 778 3.35 46.83 12.53
C VAL C 778 3.09 48.06 11.67
N PHE C 779 2.43 47.87 10.53
CA PHE C 779 2.16 48.99 9.62
C PHE C 779 0.99 49.85 10.07
N ALA C 780 -0.05 49.25 10.64
CA ALA C 780 -1.25 49.98 11.05
C ALA C 780 -1.13 50.41 12.51
N GLN C 781 -0.22 51.36 12.74
CA GLN C 781 -0.02 51.93 14.06
C GLN C 781 -0.61 53.33 14.21
N VAL C 782 -0.84 54.04 13.12
CA VAL C 782 -1.44 55.37 13.17
C VAL C 782 -2.93 55.25 12.89
N LYS C 783 -3.72 56.12 13.53
CA LYS C 783 -5.17 56.09 13.33
C LYS C 783 -5.56 56.78 12.03
N GLN C 784 -4.98 57.94 11.76
CA GLN C 784 -5.32 58.71 10.57
C GLN C 784 -4.22 58.60 9.53
N ILE C 785 -4.62 58.58 8.26
CA ILE C 785 -3.67 58.49 7.15
C ILE C 785 -3.21 59.90 6.81
N TYR C 786 -1.95 60.20 7.11
CA TYR C 786 -1.39 61.51 6.81
C TYR C 786 -0.83 61.55 5.40
N LYS C 787 -0.91 62.72 4.77
CA LYS C 787 -0.41 62.93 3.42
C LYS C 787 0.72 63.94 3.43
N THR C 788 1.57 63.85 2.42
CA THR C 788 2.69 64.77 2.32
C THR C 788 2.21 66.12 1.81
N PRO C 789 2.83 67.22 2.26
CA PRO C 789 2.42 68.55 1.78
C PRO C 789 2.80 68.73 0.32
N PRO C 790 2.18 69.71 -0.37
CA PRO C 790 2.54 69.95 -1.78
C PRO C 790 4.00 70.35 -1.94
N ILE C 791 4.43 71.37 -1.20
CA ILE C 791 5.83 71.76 -1.21
C ILE C 791 6.66 70.72 -0.45
N LYS C 792 7.85 70.43 -0.96
CA LYS C 792 8.72 69.40 -0.41
C LYS C 792 10.09 69.98 -0.08
N TYR C 793 10.10 71.16 0.54
CA TYR C 793 11.32 71.77 1.05
C TYR C 793 11.34 71.57 2.56
N PHE C 794 12.01 70.52 3.01
CA PHE C 794 12.03 70.13 4.42
C PHE C 794 13.33 70.50 5.10
N GLY C 795 13.90 71.64 4.76
CA GLY C 795 15.12 72.11 5.41
C GLY C 795 16.35 71.97 4.55
N GLY C 796 16.33 71.02 3.62
CA GLY C 796 17.47 70.78 2.75
C GLY C 796 17.74 69.30 2.55
N PHE C 797 16.99 68.46 3.24
CA PHE C 797 17.11 67.01 3.12
C PHE C 797 16.21 66.53 1.99
N ASN C 798 16.80 65.89 1.00
CA ASN C 798 16.08 65.43 -0.18
C ASN C 798 15.44 64.08 0.13
N PHE C 799 14.15 64.09 0.47
CA PHE C 799 13.39 62.88 0.74
C PHE C 799 12.71 62.32 -0.50
N SER C 800 13.17 62.71 -1.69
CA SER C 800 12.51 62.26 -2.92
C SER C 800 12.71 60.77 -3.14
N GLN C 801 13.72 60.18 -2.50
CA GLN C 801 13.99 58.76 -2.67
C GLN C 801 13.13 57.88 -1.77
N ILE C 802 12.68 58.39 -0.62
CA ILE C 802 11.86 57.61 0.29
C ILE C 802 10.38 58.00 0.25
N LEU C 803 10.05 59.21 -0.23
CA LEU C 803 8.64 59.57 -0.35
C LEU C 803 8.02 58.91 -1.57
N PRO C 804 6.72 58.61 -1.52
CA PRO C 804 6.08 57.96 -2.67
C PRO C 804 6.11 58.84 -3.90
N ASP C 805 6.43 58.22 -5.04
CA ASP C 805 6.53 58.94 -6.31
C ASP C 805 5.19 58.88 -7.03
N PRO C 806 4.49 60.00 -7.22
CA PRO C 806 3.19 59.97 -7.90
C PRO C 806 3.28 59.83 -9.41
N SER C 807 4.47 59.68 -9.98
CA SER C 807 4.63 59.56 -11.41
C SER C 807 4.44 58.13 -11.91
N LYS C 808 4.30 57.16 -11.01
CA LYS C 808 4.08 55.77 -11.39
C LYS C 808 2.74 55.28 -10.86
N PRO C 809 2.14 54.29 -11.52
CA PRO C 809 0.82 53.82 -11.06
C PRO C 809 0.85 53.18 -9.68
N SER C 810 1.98 52.59 -9.29
CA SER C 810 2.07 51.94 -7.98
C SER C 810 2.21 52.92 -6.82
N LYS C 811 2.59 54.16 -7.10
CA LYS C 811 2.73 55.20 -6.07
C LYS C 811 3.69 54.77 -4.97
N ARG C 812 4.83 54.22 -5.38
CA ARG C 812 5.86 53.76 -4.45
C ARG C 812 7.13 54.57 -4.63
N SER C 813 7.91 54.65 -3.56
CA SER C 813 9.16 55.40 -3.59
C SER C 813 10.18 54.68 -4.48
N PRO C 814 11.16 55.42 -5.01
CA PRO C 814 12.19 54.79 -5.85
C PRO C 814 12.94 53.67 -5.14
N ILE C 815 13.14 53.81 -3.83
CA ILE C 815 13.82 52.77 -3.07
C ILE C 815 12.96 51.52 -2.98
N GLU C 816 11.65 51.69 -2.76
CA GLU C 816 10.75 50.55 -2.70
C GLU C 816 10.63 49.87 -4.05
N ASP C 817 10.80 50.64 -5.14
CA ASP C 817 10.76 50.04 -6.47
C ASP C 817 11.91 49.07 -6.67
N LEU C 818 13.08 49.39 -6.11
CA LEU C 818 14.23 48.49 -6.23
C LEU C 818 14.04 47.24 -5.39
N LEU C 819 13.25 47.33 -4.32
CA LEU C 819 13.06 46.18 -3.44
C LEU C 819 12.10 45.16 -4.05
N PHE C 820 10.97 45.63 -4.59
CA PHE C 820 9.99 44.71 -5.17
C PHE C 820 10.51 44.06 -6.44
N ASN C 821 11.41 44.74 -7.17
CA ASN C 821 11.96 44.17 -8.38
C ASN C 821 13.05 43.15 -8.08
N LYS C 822 13.84 43.38 -7.03
CA LYS C 822 14.90 42.45 -6.68
C LYS C 822 14.34 41.22 -5.96
N VAL C 823 13.52 41.43 -4.95
CA VAL C 823 12.94 40.31 -4.21
C VAL C 823 11.93 39.61 -5.09
N THR C 824 12.19 38.33 -5.37
CA THR C 824 11.30 37.54 -6.21
C THR C 824 10.30 36.75 -5.37
N ARG C 844 3.85 25.83 -17.78
CA ARG C 844 3.11 26.07 -16.54
C ARG C 844 4.08 26.36 -15.40
N ASP C 845 3.85 27.47 -14.72
CA ASP C 845 4.74 27.90 -13.64
C ASP C 845 4.53 27.03 -12.39
N LEU C 846 5.39 27.25 -11.40
CA LEU C 846 5.34 26.46 -10.18
C LEU C 846 4.12 26.81 -9.34
N ILE C 847 3.74 28.09 -9.33
CA ILE C 847 2.61 28.52 -8.51
C ILE C 847 1.32 27.88 -9.00
N CYS C 848 1.11 27.85 -10.32
CA CYS C 848 -0.10 27.25 -10.87
C CYS C 848 -0.05 25.73 -10.74
N ALA C 849 1.15 25.15 -10.77
CA ALA C 849 1.27 23.69 -10.64
C ALA C 849 0.96 23.23 -9.23
N GLN C 850 1.42 23.97 -8.23
CA GLN C 850 1.15 23.59 -6.84
C GLN C 850 -0.33 23.76 -6.50
N LYS C 851 -0.99 24.73 -7.13
CA LYS C 851 -2.41 24.96 -6.86
C LYS C 851 -3.26 23.78 -7.33
N PHE C 852 -2.83 23.10 -8.39
CA PHE C 852 -3.58 21.96 -8.91
C PHE C 852 -3.48 20.74 -7.99
N LYS C 853 -2.53 20.72 -7.07
CA LYS C 853 -2.38 19.62 -6.13
C LYS C 853 -2.98 19.91 -4.76
N GLY C 854 -3.55 21.10 -4.55
CA GLY C 854 -4.15 21.48 -3.30
C GLY C 854 -3.41 22.59 -2.57
N LEU C 855 -2.15 22.86 -2.93
CA LEU C 855 -1.35 23.89 -2.27
C LEU C 855 -1.84 25.24 -2.77
N THR C 856 -2.83 25.80 -2.10
CA THR C 856 -3.39 27.10 -2.45
C THR C 856 -2.80 28.20 -1.58
N VAL C 857 -2.62 29.36 -2.18
CA VAL C 857 -2.05 30.54 -1.51
C VAL C 857 -3.15 31.59 -1.41
N LEU C 858 -3.47 31.98 -0.17
CA LEU C 858 -4.50 32.99 0.05
C LEU C 858 -3.91 34.38 -0.04
N PRO C 859 -4.62 35.32 -0.68
CA PRO C 859 -4.10 36.68 -0.80
C PRO C 859 -4.18 37.42 0.53
N PRO C 860 -3.17 38.22 0.85
CA PRO C 860 -3.21 38.98 2.11
C PRO C 860 -4.34 39.99 2.11
N LEU C 861 -4.83 40.29 3.32
CA LEU C 861 -5.89 41.29 3.47
C LEU C 861 -5.39 42.67 3.04
N LEU C 862 -4.27 43.11 3.59
CA LEU C 862 -3.66 44.37 3.19
C LEU C 862 -2.93 44.19 1.86
N THR C 863 -3.42 44.86 0.82
CA THR C 863 -2.79 44.81 -0.47
C THR C 863 -1.47 45.59 -0.46
N ASP C 864 -0.67 45.38 -1.51
CA ASP C 864 0.60 46.10 -1.62
C ASP C 864 0.39 47.60 -1.77
N GLU C 865 -0.76 48.01 -2.31
CA GLU C 865 -1.04 49.44 -2.42
C GLU C 865 -1.40 50.04 -1.06
N MET C 866 -2.13 49.29 -0.24
CA MET C 866 -2.49 49.80 1.09
C MET C 866 -1.29 49.82 2.02
N ILE C 867 -0.41 48.81 1.90
CA ILE C 867 0.81 48.81 2.70
C ILE C 867 1.71 49.97 2.31
N ALA C 868 1.74 50.31 1.01
CA ALA C 868 2.49 51.47 0.55
C ALA C 868 1.87 52.78 1.02
N GLN C 869 0.61 52.77 1.44
CA GLN C 869 -0.04 53.96 1.99
C GLN C 869 0.13 54.08 3.49
N TYR C 870 0.18 52.95 4.21
CA TYR C 870 0.47 53.00 5.64
C TYR C 870 1.87 53.52 5.89
N THR C 871 2.86 53.06 5.11
CA THR C 871 4.21 53.57 5.25
C THR C 871 4.29 55.02 4.82
N SER C 872 3.48 55.41 3.83
CA SER C 872 3.46 56.81 3.41
C SER C 872 2.94 57.72 4.52
N ALA C 873 1.93 57.26 5.26
CA ALA C 873 1.41 58.04 6.37
C ALA C 873 2.45 58.16 7.49
N LEU C 874 3.22 57.09 7.70
CA LEU C 874 4.28 57.13 8.71
C LEU C 874 5.38 58.10 8.32
N LEU C 875 5.78 58.09 7.04
CA LEU C 875 6.80 59.01 6.57
C LEU C 875 6.29 60.44 6.56
N ALA C 876 5.02 60.64 6.20
CA ALA C 876 4.44 61.98 6.23
C ALA C 876 4.36 62.51 7.66
N GLY C 877 4.14 61.62 8.63
CA GLY C 877 4.10 62.05 10.01
C GLY C 877 5.49 62.28 10.59
N THR C 878 6.44 61.41 10.23
CA THR C 878 7.80 61.55 10.75
C THR C 878 8.45 62.83 10.21
N ILE C 879 8.18 63.17 8.96
CA ILE C 879 8.77 64.37 8.37
C ILE C 879 8.13 65.63 8.95
N THR C 880 6.82 65.62 9.16
CA THR C 880 6.10 66.79 9.63
C THR C 880 5.88 66.83 11.14
N SER C 881 5.30 65.78 11.72
CA SER C 881 4.99 65.76 13.14
C SER C 881 6.21 65.35 13.98
N GLY C 882 6.92 64.32 13.56
CA GLY C 882 8.08 63.85 14.31
C GLY C 882 7.79 62.64 15.16
N TRP C 883 7.63 62.85 16.46
CA TRP C 883 7.26 61.79 17.38
C TRP C 883 5.92 62.01 18.06
N THR C 884 5.28 63.15 17.83
CA THR C 884 4.03 63.47 18.51
C THR C 884 2.84 62.71 17.93
N PHE C 885 2.89 62.34 16.64
CA PHE C 885 1.77 61.67 16.01
C PHE C 885 1.67 60.19 16.40
N GLY C 886 2.61 59.69 17.18
CA GLY C 886 2.54 58.31 17.63
C GLY C 886 2.07 58.20 19.07
N ALA C 887 1.94 59.35 19.73
CA ALA C 887 1.48 59.41 21.13
C ALA C 887 0.38 60.46 21.25
N GLY C 888 -0.56 60.42 20.30
CA GLY C 888 -1.66 61.36 20.30
C GLY C 888 -1.81 62.06 18.95
N PRO C 889 -2.22 63.32 18.99
CA PRO C 889 -2.40 64.08 17.75
C PRO C 889 -1.06 64.46 17.12
N ALA C 890 -1.11 64.78 15.84
CA ALA C 890 0.07 65.18 15.07
C ALA C 890 0.27 66.67 15.25
N LEU C 891 1.46 67.05 15.72
CA LEU C 891 1.80 68.45 15.95
C LEU C 891 2.80 68.92 14.90
N GLN C 892 2.46 70.01 14.22
CA GLN C 892 3.32 70.54 13.17
C GLN C 892 4.60 71.11 13.78
N ILE C 893 5.72 70.85 13.12
CA ILE C 893 7.03 71.34 13.56
C ILE C 893 8.00 71.24 12.38
N PRO C 894 8.81 72.27 12.13
CA PRO C 894 9.77 72.19 11.02
C PRO C 894 10.78 71.08 11.24
N PHE C 895 11.22 70.48 10.12
CA PHE C 895 12.20 69.41 10.20
C PHE C 895 13.55 69.86 10.78
N PRO C 896 14.09 71.04 10.44
CA PRO C 896 15.31 71.50 11.15
C PRO C 896 15.12 71.59 12.65
N MET C 897 13.93 72.00 13.11
CA MET C 897 13.68 72.01 14.55
C MET C 897 13.33 70.62 15.08
N GLN C 898 12.78 69.77 14.22
CA GLN C 898 12.49 68.40 14.64
C GLN C 898 13.78 67.61 14.87
N MET C 899 14.72 67.68 13.93
CA MET C 899 16.00 67.00 14.07
C MET C 899 16.87 67.63 15.16
N ALA C 900 16.64 68.90 15.50
CA ALA C 900 17.38 69.54 16.58
C ALA C 900 17.01 68.99 17.95
N TYR C 901 15.82 68.41 18.10
CA TYR C 901 15.43 67.75 19.32
C TYR C 901 15.80 66.28 19.34
N ARG C 902 16.01 65.67 18.17
CA ARG C 902 16.55 64.33 18.09
C ARG C 902 18.05 64.29 18.36
N PHE C 903 18.73 65.44 18.24
CA PHE C 903 20.13 65.56 18.66
C PHE C 903 20.28 65.68 20.17
N ASN C 904 19.33 66.30 20.86
CA ASN C 904 19.35 66.41 22.31
C ASN C 904 18.80 65.16 23.00
N GLY C 905 19.27 63.98 22.57
CA GLY C 905 18.90 62.74 23.20
C GLY C 905 20.09 61.80 23.28
N ILE C 906 21.23 62.28 22.79
CA ILE C 906 22.46 61.49 22.77
C ILE C 906 23.62 62.21 23.43
N GLY C 907 23.49 63.49 23.74
CA GLY C 907 24.56 64.23 24.36
C GLY C 907 24.94 65.48 23.60
N VAL C 908 24.73 65.46 22.27
CA VAL C 908 25.06 66.61 21.44
C VAL C 908 23.99 67.68 21.61
N THR C 909 24.43 68.93 21.79
CA THR C 909 23.52 70.04 21.93
C THR C 909 22.92 70.42 20.58
N GLN C 910 21.92 71.30 20.61
CA GLN C 910 21.24 71.72 19.39
C GLN C 910 21.98 72.82 18.65
N ASN C 911 23.13 73.28 19.15
CA ASN C 911 23.94 74.27 18.46
C ASN C 911 24.91 73.67 17.46
N VAL C 912 24.65 72.44 17.02
CA VAL C 912 25.51 71.77 16.04
C VAL C 912 24.75 71.60 14.74
N LEU C 913 23.47 71.24 14.84
CA LEU C 913 22.63 71.09 13.66
C LEU C 913 22.35 72.42 12.97
N TYR C 914 22.26 73.51 13.73
CA TYR C 914 21.99 74.82 13.13
C TYR C 914 23.24 75.46 12.57
N GLU C 915 24.39 75.27 13.22
CA GLU C 915 25.64 75.82 12.71
C GLU C 915 26.20 75.00 11.56
N ASN C 916 25.84 73.71 11.47
CA ASN C 916 26.31 72.86 10.38
C ASN C 916 25.14 72.25 9.63
N GLN C 917 24.13 73.06 9.32
CA GLN C 917 22.93 72.54 8.67
C GLN C 917 23.23 72.07 7.25
N LYS C 918 23.98 72.87 6.49
CA LYS C 918 24.30 72.50 5.12
C LYS C 918 25.20 71.27 5.07
N LEU C 919 26.08 71.12 6.06
CA LEU C 919 26.98 69.97 6.08
C LEU C 919 26.21 68.68 6.36
N ILE C 920 25.33 68.72 7.36
CA ILE C 920 24.57 67.51 7.71
C ILE C 920 23.55 67.18 6.61
N ALA C 921 23.00 68.21 5.97
CA ALA C 921 22.04 67.97 4.90
C ALA C 921 22.69 67.26 3.71
N ASN C 922 23.93 67.66 3.38
CA ASN C 922 24.63 67.02 2.27
C ASN C 922 25.03 65.59 2.62
N GLN C 923 25.35 65.35 3.90
CA GLN C 923 25.71 63.99 4.31
C GLN C 923 24.49 63.07 4.33
N PHE C 924 23.32 63.62 4.68
CA PHE C 924 22.11 62.80 4.69
C PHE C 924 21.65 62.48 3.27
N ASN C 925 21.68 63.47 2.39
CA ASN C 925 21.26 63.25 1.00
C ASN C 925 22.19 62.26 0.31
N SER C 926 23.49 62.33 0.63
CA SER C 926 24.43 61.39 0.03
C SER C 926 24.26 59.99 0.59
N ALA C 927 23.95 59.89 1.89
CA ALA C 927 23.79 58.57 2.51
C ALA C 927 22.56 57.86 1.98
N ILE C 928 21.47 58.59 1.75
CA ILE C 928 20.26 57.97 1.21
C ILE C 928 20.48 57.52 -0.23
N GLY C 929 21.25 58.30 -0.99
CA GLY C 929 21.54 57.91 -2.36
C GLY C 929 22.42 56.67 -2.43
N LYS C 930 23.29 56.49 -1.44
CA LYS C 930 24.16 55.32 -1.42
C LYS C 930 23.40 54.06 -1.02
N ILE C 931 22.19 54.21 -0.48
CA ILE C 931 21.39 53.05 -0.11
C ILE C 931 20.95 52.28 -1.35
N GLN C 932 20.48 53.01 -2.36
CA GLN C 932 20.04 52.37 -3.60
C GLN C 932 21.20 51.68 -4.30
N ASP C 933 22.41 52.23 -4.17
CA ASP C 933 23.57 51.62 -4.80
C ASP C 933 24.06 50.41 -4.02
N SER C 934 23.97 50.46 -2.69
CA SER C 934 24.44 49.36 -1.87
C SER C 934 23.51 48.14 -1.99
N LEU C 935 22.20 48.38 -2.08
CA LEU C 935 21.25 47.29 -2.17
C LEU C 935 21.26 46.64 -3.54
N SER C 936 21.40 47.43 -4.61
CA SER C 936 21.38 46.87 -5.96
C SER C 936 22.68 46.14 -6.29
N SER C 937 23.79 46.54 -5.68
CA SER C 937 25.08 45.92 -5.97
C SER C 937 25.16 44.53 -5.35
N THR C 938 25.03 44.44 -4.03
CA THR C 938 25.11 43.16 -3.33
C THR C 938 23.79 42.41 -3.46
N PRO C 939 23.78 41.22 -4.08
CA PRO C 939 22.53 40.46 -4.17
C PRO C 939 22.06 39.89 -2.84
N SER C 940 22.96 39.71 -1.87
CA SER C 940 22.62 39.15 -0.57
C SER C 940 22.10 40.19 0.42
N ALA C 941 21.83 41.41 -0.04
CA ALA C 941 21.30 42.43 0.86
C ALA C 941 19.90 42.07 1.31
N LEU C 942 19.07 41.56 0.40
CA LEU C 942 17.72 41.11 0.71
C LEU C 942 17.65 39.59 0.89
N GLY C 943 18.75 38.96 1.28
CA GLY C 943 18.75 37.51 1.40
C GLY C 943 17.98 37.02 2.62
N LYS C 944 18.00 37.81 3.70
CA LYS C 944 17.27 37.40 4.90
C LYS C 944 15.76 37.49 4.70
N LEU C 945 15.31 38.27 3.71
CA LEU C 945 13.90 38.27 3.32
C LEU C 945 13.60 37.23 2.26
N GLN C 946 14.53 36.99 1.33
CA GLN C 946 14.37 35.93 0.35
C GLN C 946 14.45 34.54 0.98
N ASP C 947 15.07 34.42 2.15
CA ASP C 947 15.14 33.12 2.81
C ASP C 947 13.77 32.64 3.24
N VAL C 948 12.89 33.58 3.61
CA VAL C 948 11.52 33.22 3.96
C VAL C 948 10.77 32.71 2.73
N VAL C 949 10.96 33.38 1.60
CA VAL C 949 10.31 32.93 0.37
C VAL C 949 10.89 31.60 -0.08
N ASN C 950 12.20 31.41 0.10
CA ASN C 950 12.81 30.14 -0.28
C ASN C 950 12.39 29.02 0.66
N HIS C 951 12.20 29.32 1.94
CA HIS C 951 11.73 28.31 2.89
C HIS C 951 10.30 27.89 2.58
N ASN C 952 9.45 28.87 2.25
CA ASN C 952 8.07 28.54 1.89
C ASN C 952 8.01 27.78 0.57
N ALA C 953 8.89 28.12 -0.37
CA ALA C 953 8.94 27.40 -1.64
C ALA C 953 9.47 25.99 -1.44
N GLN C 954 10.52 25.84 -0.63
CA GLN C 954 11.07 24.52 -0.37
C GLN C 954 10.07 23.64 0.38
N ALA C 955 9.30 24.23 1.29
CA ALA C 955 8.29 23.46 2.02
C ALA C 955 7.19 22.96 1.10
N LEU C 956 6.75 23.81 0.17
CA LEU C 956 5.72 23.39 -0.77
C LEU C 956 6.27 22.42 -1.82
N ASN C 957 7.50 22.64 -2.28
CA ASN C 957 8.12 21.72 -3.22
C ASN C 957 8.44 20.36 -2.62
N THR C 958 8.69 20.31 -1.30
CA THR C 958 8.92 19.02 -0.65
C THR C 958 7.61 18.31 -0.36
N LEU C 959 6.56 19.08 -0.02
CA LEU C 959 5.26 18.47 0.26
C LEU C 959 4.65 17.89 -1.01
N VAL C 960 4.83 18.57 -2.15
CA VAL C 960 4.32 18.04 -3.41
C VAL C 960 5.20 16.92 -3.95
N LYS C 961 6.47 16.87 -3.56
CA LYS C 961 7.34 15.79 -4.00
C LYS C 961 7.03 14.48 -3.28
N GLN C 962 6.57 14.54 -2.03
CA GLN C 962 6.23 13.35 -1.26
C GLN C 962 5.02 12.61 -1.83
N LEU C 963 4.26 13.24 -2.73
CA LEU C 963 3.14 12.54 -3.36
C LEU C 963 3.62 11.44 -4.29
N SER C 964 4.65 11.69 -5.09
CA SER C 964 5.23 10.69 -5.97
C SER C 964 6.37 9.94 -5.29
N SER C 965 6.10 9.39 -4.11
CA SER C 965 7.09 8.65 -3.33
C SER C 965 6.39 7.51 -2.63
N LYS C 966 6.77 6.28 -2.96
CA LYS C 966 6.14 5.10 -2.37
C LYS C 966 6.55 4.97 -0.91
N PHE C 967 5.58 5.04 -0.01
CA PHE C 967 5.81 4.82 1.41
C PHE C 967 5.69 3.36 1.81
N GLY C 968 5.83 2.44 0.86
CA GLY C 968 5.71 1.03 1.14
C GLY C 968 4.67 0.35 0.28
N ALA C 969 4.25 1.02 -0.79
CA ALA C 969 3.24 0.51 -1.70
C ALA C 969 3.90 0.10 -3.02
N ILE C 970 3.07 -0.45 -3.92
CA ILE C 970 3.58 -0.90 -5.21
C ILE C 970 3.89 0.28 -6.11
N SER C 971 3.11 1.36 -5.99
CA SER C 971 3.30 2.56 -6.80
C SER C 971 2.80 3.75 -6.01
N SER C 972 2.82 4.93 -6.64
CA SER C 972 2.37 6.17 -6.01
C SER C 972 1.09 6.70 -6.64
N VAL C 973 0.50 5.96 -7.58
CA VAL C 973 -0.73 6.37 -8.25
C VAL C 973 -1.85 5.46 -7.75
N LEU C 974 -2.96 6.08 -7.32
CA LEU C 974 -4.09 5.29 -6.81
C LEU C 974 -4.74 4.47 -7.91
N ASN C 975 -4.69 4.97 -9.15
CA ASN C 975 -5.30 4.25 -10.27
C ASN C 975 -4.53 2.96 -10.57
N ASP C 976 -3.21 3.03 -10.52
CA ASP C 976 -2.40 1.85 -10.81
C ASP C 976 -2.53 0.81 -9.71
N ILE C 977 -2.69 1.25 -8.46
CA ILE C 977 -2.81 0.32 -7.35
C ILE C 977 -4.14 -0.43 -7.43
N PHE C 978 -5.22 0.30 -7.70
CA PHE C 978 -6.53 -0.33 -7.78
C PHE C 978 -6.61 -1.31 -8.95
N SER C 979 -5.88 -1.03 -10.03
CA SER C 979 -5.93 -1.91 -11.19
C SER C 979 -5.00 -3.11 -11.03
N ARG C 980 -3.74 -2.86 -10.64
CA ARG C 980 -2.77 -3.93 -10.52
C ARG C 980 -2.83 -4.60 -9.15
N LEU C 981 -4.03 -4.99 -8.73
CA LEU C 981 -4.23 -5.65 -7.45
C LEU C 981 -5.64 -6.25 -7.35
N ASP C 982 -6.00 -6.71 -6.16
CA ASP C 982 -7.34 -7.21 -5.87
C ASP C 982 -7.95 -6.32 -4.81
N PRO C 983 -9.28 -6.20 -4.77
CA PRO C 983 -9.95 -5.28 -3.84
C PRO C 983 -9.53 -5.50 -2.39
N PRO C 984 -9.50 -6.76 -1.87
CA PRO C 984 -9.18 -6.92 -0.44
C PRO C 984 -7.81 -6.41 -0.06
N GLU C 985 -6.77 -6.83 -0.78
CA GLU C 985 -5.41 -6.36 -0.50
C GLU C 985 -5.19 -4.90 -0.88
N ALA C 986 -6.08 -4.33 -1.71
CA ALA C 986 -5.93 -2.92 -2.07
C ALA C 986 -6.23 -2.02 -0.88
N GLU C 987 -7.12 -2.47 0.02
CA GLU C 987 -7.45 -1.67 1.20
C GLU C 987 -6.27 -1.54 2.16
N VAL C 988 -5.36 -2.51 2.16
CA VAL C 988 -4.20 -2.43 3.02
C VAL C 988 -3.06 -1.66 2.35
N GLN C 989 -2.90 -1.85 1.04
CA GLN C 989 -1.84 -1.14 0.32
C GLN C 989 -2.11 0.35 0.25
N ILE C 990 -3.37 0.75 0.03
CA ILE C 990 -3.70 2.17 -0.02
C ILE C 990 -3.69 2.79 1.37
N ASP C 991 -3.82 1.99 2.43
CA ASP C 991 -3.77 2.54 3.79
C ASP C 991 -2.37 3.01 4.14
N ARG C 992 -1.36 2.41 3.51
CA ARG C 992 0.02 2.84 3.77
C ARG C 992 0.30 4.20 3.13
N LEU C 993 -0.26 4.46 1.97
CA LEU C 993 -0.10 5.75 1.30
C LEU C 993 -1.00 6.83 1.89
N ILE C 994 -2.15 6.46 2.45
CA ILE C 994 -3.00 7.43 3.11
C ILE C 994 -2.37 7.94 4.40
N THR C 995 -1.90 7.02 5.23
CA THR C 995 -1.19 7.42 6.45
C THR C 995 0.14 8.10 6.12
N GLY C 996 0.82 7.62 5.08
CA GLY C 996 2.08 8.23 4.70
C GLY C 996 1.92 9.66 4.24
N ARG C 997 0.91 9.92 3.41
CA ARG C 997 0.65 11.29 2.96
C ARG C 997 0.01 12.14 4.05
N LEU C 998 -0.74 11.51 4.96
CA LEU C 998 -1.31 12.26 6.08
C LEU C 998 -0.24 12.68 7.06
N GLN C 999 0.74 11.79 7.32
CA GLN C 999 1.87 12.17 8.15
C GLN C 999 2.77 13.18 7.45
N SER C 1000 2.90 13.07 6.12
CA SER C 1000 3.66 14.04 5.36
C SER C 1000 3.01 15.41 5.44
N LEU C 1001 1.68 15.45 5.34
CA LEU C 1001 0.97 16.72 5.50
C LEU C 1001 0.99 17.20 6.95
N GLN C 1002 0.94 16.27 7.91
CA GLN C 1002 1.05 16.65 9.31
C GLN C 1002 2.44 17.20 9.63
N THR C 1003 3.47 16.63 8.99
CA THR C 1003 4.83 17.14 9.17
C THR C 1003 4.96 18.55 8.63
N TYR C 1004 4.24 18.86 7.54
CA TYR C 1004 4.27 20.21 6.98
C TYR C 1004 3.63 21.21 7.94
N VAL C 1005 2.46 20.86 8.49
CA VAL C 1005 1.79 21.75 9.42
C VAL C 1005 2.64 21.94 10.68
N THR C 1006 3.36 20.89 11.10
CA THR C 1006 4.22 21.01 12.27
C THR C 1006 5.34 22.01 12.02
N GLN C 1007 5.99 21.93 10.86
CA GLN C 1007 7.03 22.89 10.53
C GLN C 1007 6.47 24.29 10.29
N GLN C 1008 5.21 24.38 9.86
CA GLN C 1008 4.58 25.68 9.66
C GLN C 1008 4.35 26.40 10.98
N LEU C 1009 3.93 25.67 12.02
CA LEU C 1009 3.72 26.31 13.32
C LEU C 1009 5.05 26.75 13.93
N ILE C 1010 6.11 25.97 13.74
CA ILE C 1010 7.41 26.37 14.24
C ILE C 1010 7.95 27.56 13.44
N ARG C 1011 7.73 27.55 12.13
CA ARG C 1011 8.18 28.67 11.31
C ARG C 1011 7.34 29.92 11.56
N ALA C 1012 6.06 29.75 11.87
CA ALA C 1012 5.22 30.92 12.20
C ALA C 1012 5.66 31.56 13.50
N ALA C 1013 6.22 30.79 14.42
CA ALA C 1013 6.75 31.36 15.65
C ALA C 1013 7.95 32.26 15.38
N GLU C 1014 8.75 31.92 14.36
CA GLU C 1014 9.85 32.80 13.97
C GLU C 1014 9.34 34.09 13.36
N ILE C 1015 8.32 33.99 12.50
CA ILE C 1015 7.75 35.19 11.88
C ILE C 1015 7.05 36.04 12.94
N ARG C 1016 6.34 35.40 13.88
CA ARG C 1016 5.67 36.16 14.94
C ARG C 1016 6.69 36.89 15.80
N ALA C 1017 7.84 36.28 16.07
CA ALA C 1017 8.88 36.96 16.83
C ALA C 1017 9.49 38.09 16.01
N SER C 1018 9.66 37.89 14.71
CA SER C 1018 10.17 38.95 13.85
C SER C 1018 9.13 40.04 13.64
N ALA C 1019 7.85 39.69 13.63
CA ALA C 1019 6.80 40.70 13.49
C ALA C 1019 6.69 41.55 14.75
N ASN C 1020 6.73 40.92 15.93
CA ASN C 1020 6.70 41.67 17.17
C ASN C 1020 7.97 42.51 17.34
N LEU C 1021 9.10 42.04 16.79
CA LEU C 1021 10.32 42.83 16.83
C LEU C 1021 10.22 44.03 15.90
N ALA C 1022 9.61 43.85 14.72
CA ALA C 1022 9.42 44.97 13.81
C ALA C 1022 8.40 45.96 14.35
N ALA C 1023 7.41 45.49 15.10
CA ALA C 1023 6.45 46.39 15.71
C ALA C 1023 7.10 47.25 16.78
N THR C 1024 7.96 46.65 17.62
CA THR C 1024 8.67 47.42 18.63
C THR C 1024 9.74 48.31 18.01
N LYS C 1025 10.24 47.94 16.82
CA LYS C 1025 11.23 48.75 16.12
C LYS C 1025 10.60 49.90 15.33
N MET C 1026 9.33 49.80 14.97
CA MET C 1026 8.62 50.88 14.31
C MET C 1026 7.91 51.79 15.28
N SER C 1027 7.97 51.49 16.58
CA SER C 1027 7.34 52.33 17.59
C SER C 1027 8.40 53.03 18.43
N GLU C 1028 9.58 52.42 18.55
CA GLU C 1028 10.67 53.01 19.31
C GLU C 1028 11.68 53.76 18.44
N CYS C 1029 11.95 53.29 17.23
CA CYS C 1029 12.86 53.97 16.32
C CYS C 1029 12.17 54.93 15.38
N VAL C 1030 10.96 54.60 14.91
CA VAL C 1030 10.24 55.48 14.00
C VAL C 1030 9.42 56.50 14.78
N LEU C 1031 8.61 56.03 15.71
CA LEU C 1031 7.75 56.91 16.52
C LEU C 1031 8.51 57.45 17.73
N GLY C 1032 9.66 58.04 17.51
CA GLY C 1032 10.44 58.60 18.59
C GLY C 1032 11.89 58.17 18.49
N GLN C 1033 12.69 58.75 19.38
CA GLN C 1033 14.12 58.46 19.46
C GLN C 1033 14.35 57.47 20.61
N SER C 1034 14.80 56.27 20.27
CA SER C 1034 15.05 55.23 21.25
C SER C 1034 16.49 55.34 21.76
N LYS C 1035 16.65 55.29 23.08
CA LYS C 1035 17.97 55.37 23.71
C LYS C 1035 18.63 54.01 23.84
N ARG C 1036 18.02 52.95 23.31
CA ARG C 1036 18.59 51.62 23.39
C ARG C 1036 19.72 51.48 22.37
N VAL C 1037 20.87 51.01 22.84
CA VAL C 1037 22.04 50.87 21.97
C VAL C 1037 21.86 49.67 21.05
N ASP C 1038 22.21 49.85 19.78
CA ASP C 1038 22.25 48.81 18.75
C ASP C 1038 20.84 48.39 18.32
N PHE C 1039 19.81 48.90 19.01
CA PHE C 1039 18.44 48.55 18.66
C PHE C 1039 18.03 49.23 17.36
N CYS C 1040 18.28 50.53 17.26
CA CYS C 1040 17.98 51.31 16.05
C CYS C 1040 19.30 51.62 15.36
N GLY C 1041 19.73 50.71 14.50
CA GLY C 1041 20.96 50.88 13.75
C GLY C 1041 22.18 50.61 14.61
N LYS C 1042 23.32 51.10 14.14
CA LYS C 1042 24.60 50.94 14.81
C LYS C 1042 25.18 52.33 15.11
N GLY C 1043 24.84 52.85 16.28
CA GLY C 1043 25.34 54.15 16.69
C GLY C 1043 24.29 54.90 17.48
N TYR C 1044 24.51 56.20 17.58
CA TYR C 1044 23.59 57.10 18.29
C TYR C 1044 22.36 57.31 17.40
N HIS C 1045 21.24 56.71 17.81
CA HIS C 1045 20.03 56.74 17.00
C HIS C 1045 19.45 58.15 16.93
N LEU C 1046 19.26 58.63 15.70
CA LEU C 1046 18.63 59.93 15.46
C LEU C 1046 17.18 59.77 15.04
N MET C 1047 16.93 59.02 13.96
CA MET C 1047 15.58 58.82 13.44
C MET C 1047 15.59 57.59 12.54
N SER C 1048 14.41 57.21 12.07
CA SER C 1048 14.25 56.05 11.20
C SER C 1048 13.16 56.34 10.17
N PHE C 1049 13.15 55.53 9.11
CA PHE C 1049 12.17 55.68 8.04
C PHE C 1049 11.71 54.31 7.55
N PRO C 1050 10.46 53.95 7.81
CA PRO C 1050 9.96 52.65 7.35
C PRO C 1050 9.68 52.65 5.86
N GLN C 1051 9.90 51.48 5.25
CA GLN C 1051 9.66 51.29 3.82
C GLN C 1051 9.08 49.90 3.62
N SER C 1052 8.04 49.82 2.79
CA SER C 1052 7.40 48.53 2.53
C SER C 1052 8.34 47.62 1.74
N ALA C 1053 8.18 46.31 1.94
CA ALA C 1053 8.99 45.31 1.28
C ALA C 1053 8.15 44.06 1.09
N PRO C 1054 8.43 43.26 0.07
CA PRO C 1054 7.67 42.02 -0.14
C PRO C 1054 7.80 41.08 1.05
N HIS C 1055 6.69 40.86 1.75
CA HIS C 1055 6.62 40.01 2.93
C HIS C 1055 7.59 40.45 4.03
N GLY C 1056 7.88 41.74 4.10
CA GLY C 1056 8.81 42.23 5.09
C GLY C 1056 8.72 43.72 5.25
N VAL C 1057 9.74 44.29 5.90
CA VAL C 1057 9.80 45.73 6.13
C VAL C 1057 11.26 46.16 6.24
N VAL C 1058 11.61 47.26 5.58
CA VAL C 1058 12.97 47.80 5.59
C VAL C 1058 13.00 49.05 6.46
N PHE C 1059 13.99 49.12 7.35
CA PHE C 1059 14.17 50.26 8.24
C PHE C 1059 15.45 50.97 7.86
N LEU C 1060 15.35 52.25 7.48
CA LEU C 1060 16.51 53.07 7.17
C LEU C 1060 16.89 53.85 8.43
N HIS C 1061 17.66 53.21 9.30
CA HIS C 1061 18.08 53.84 10.54
C HIS C 1061 19.13 54.91 10.27
N VAL C 1062 18.91 56.09 10.83
CA VAL C 1062 19.86 57.20 10.75
C VAL C 1062 20.59 57.29 12.08
N THR C 1063 21.88 56.99 12.06
CA THR C 1063 22.69 56.93 13.26
C THR C 1063 23.74 58.03 13.25
N TYR C 1064 24.12 58.47 14.45
CA TYR C 1064 25.14 59.49 14.63
C TYR C 1064 26.44 58.80 15.03
N VAL C 1065 27.37 58.68 14.09
CA VAL C 1065 28.63 57.99 14.30
C VAL C 1065 29.74 59.04 14.34
N PRO C 1066 30.37 59.28 15.48
CA PRO C 1066 31.48 60.24 15.53
C PRO C 1066 32.69 59.76 14.76
N ALA C 1067 33.52 60.71 14.37
CA ALA C 1067 34.74 60.42 13.62
C ALA C 1067 35.79 61.48 13.93
N GLN C 1068 37.01 61.22 13.50
CA GLN C 1068 38.14 62.12 13.69
C GLN C 1068 38.33 62.47 15.17
N GLU C 1069 38.61 61.47 15.99
CA GLU C 1069 38.84 61.70 17.40
C GLU C 1069 40.20 62.32 17.64
N LYS C 1070 40.31 63.10 18.72
CA LYS C 1070 41.56 63.75 19.09
C LYS C 1070 41.80 63.54 20.57
N ASN C 1071 43.07 63.29 20.92
CA ASN C 1071 43.44 62.98 22.29
C ASN C 1071 43.71 64.27 23.06
N PHE C 1072 43.21 64.31 24.30
CA PHE C 1072 43.41 65.45 25.20
C PHE C 1072 43.72 64.92 26.60
N THR C 1073 44.01 65.84 27.51
CA THR C 1073 44.21 65.52 28.91
C THR C 1073 42.96 65.88 29.71
N THR C 1074 42.64 65.03 30.69
CA THR C 1074 41.41 65.16 31.45
C THR C 1074 41.70 65.09 32.94
N ALA C 1075 40.76 65.60 33.73
CA ALA C 1075 40.83 65.58 35.18
C ALA C 1075 39.41 65.40 35.73
N PRO C 1076 39.26 64.74 36.88
CA PRO C 1076 37.92 64.57 37.46
C PRO C 1076 37.24 65.89 37.76
N ALA C 1077 37.94 66.78 38.46
CA ALA C 1077 37.40 68.08 38.81
C ALA C 1077 38.53 69.09 38.90
N ILE C 1078 38.15 70.35 39.08
CA ILE C 1078 39.11 71.44 39.25
C ILE C 1078 38.95 72.02 40.65
N CYS C 1079 39.96 72.77 41.07
CA CYS C 1079 39.99 73.39 42.39
C CYS C 1079 40.21 74.89 42.23
N HIS C 1080 39.41 75.68 42.97
CA HIS C 1080 39.54 77.12 42.93
C HIS C 1080 39.00 77.68 44.24
N ASP C 1081 39.81 78.52 44.89
CA ASP C 1081 39.47 79.11 46.19
C ASP C 1081 39.15 78.04 47.23
N GLY C 1082 39.81 76.89 47.11
CA GLY C 1082 39.62 75.78 48.01
C GLY C 1082 38.41 74.92 47.71
N LYS C 1083 37.46 75.43 46.93
CA LYS C 1083 36.25 74.68 46.62
C LYS C 1083 36.48 73.76 45.42
N ALA C 1084 35.74 72.66 45.40
CA ALA C 1084 35.84 71.69 44.32
C ALA C 1084 34.69 71.92 43.33
N HIS C 1085 35.05 72.16 42.07
CA HIS C 1085 34.08 72.43 41.01
C HIS C 1085 34.05 71.23 40.06
N PHE C 1086 32.89 70.56 40.00
CA PHE C 1086 32.68 69.41 39.13
C PHE C 1086 31.91 69.82 37.88
N PRO C 1087 32.16 69.16 36.76
CA PRO C 1087 31.42 69.49 35.53
C PRO C 1087 29.94 69.19 35.68
N ARG C 1088 29.12 70.05 35.09
CA ARG C 1088 27.67 69.89 35.17
C ARG C 1088 27.16 68.94 34.10
N GLU C 1089 27.44 69.26 32.82
CA GLU C 1089 27.00 68.42 31.72
C GLU C 1089 28.09 68.27 30.67
N GLY C 1090 29.36 68.31 31.08
CA GLY C 1090 30.46 68.20 30.15
C GLY C 1090 31.64 67.42 30.69
N VAL C 1091 32.77 67.49 29.99
CA VAL C 1091 33.99 66.79 30.37
C VAL C 1091 35.14 67.79 30.37
N PHE C 1092 35.93 67.80 31.45
CA PHE C 1092 37.06 68.70 31.56
C PHE C 1092 38.20 68.20 30.67
N VAL C 1093 38.53 68.98 29.65
CA VAL C 1093 39.61 68.65 28.73
C VAL C 1093 40.60 69.82 28.72
N SER C 1094 41.81 69.52 28.25
CA SER C 1094 42.87 70.53 28.17
C SER C 1094 43.75 70.22 26.97
N ASN C 1095 44.28 71.29 26.36
CA ASN C 1095 45.17 71.16 25.21
C ASN C 1095 46.64 71.25 25.59
N GLY C 1096 46.96 71.57 26.84
CA GLY C 1096 48.33 71.65 27.29
C GLY C 1096 48.62 72.82 28.19
N THR C 1097 47.89 73.92 28.00
CA THR C 1097 48.09 75.13 28.78
C THR C 1097 46.80 75.72 29.31
N HIS C 1098 45.64 75.31 28.81
CA HIS C 1098 44.36 75.85 29.23
C HIS C 1098 43.35 74.72 29.35
N TRP C 1099 42.53 74.77 30.40
CA TRP C 1099 41.50 73.76 30.63
C TRP C 1099 40.15 74.27 30.14
N PHE C 1100 39.39 73.39 29.51
CA PHE C 1100 38.07 73.73 28.98
C PHE C 1100 37.09 72.61 29.33
N VAL C 1101 35.82 72.87 29.03
CA VAL C 1101 34.76 71.89 29.22
C VAL C 1101 34.01 71.74 27.90
N THR C 1102 33.95 70.51 27.40
CA THR C 1102 33.33 70.23 26.11
C THR C 1102 32.24 69.18 26.28
N GLN C 1103 31.46 69.01 25.22
CA GLN C 1103 30.44 67.98 25.20
C GLN C 1103 31.07 66.60 25.17
N ARG C 1104 30.31 65.60 25.63
CA ARG C 1104 30.85 64.25 25.73
C ARG C 1104 30.85 63.54 24.39
N ASN C 1105 30.23 64.13 23.37
CA ASN C 1105 30.12 63.51 22.05
C ASN C 1105 30.52 64.47 20.93
N PHE C 1106 30.97 65.68 21.28
CA PHE C 1106 31.39 66.65 20.29
C PHE C 1106 32.32 67.68 20.91
N TYR C 1107 33.50 67.86 20.32
CA TYR C 1107 34.48 68.79 20.87
C TYR C 1107 34.07 70.23 20.61
N GLU C 1108 33.65 70.94 21.67
CA GLU C 1108 33.30 72.35 21.59
C GLU C 1108 33.97 73.06 22.76
N PRO C 1109 35.14 73.66 22.54
CA PRO C 1109 35.86 74.29 23.65
C PRO C 1109 35.12 75.49 24.19
N GLN C 1110 34.80 75.44 25.49
CA GLN C 1110 34.11 76.52 26.17
C GLN C 1110 34.85 76.85 27.46
N ILE C 1111 34.78 78.12 27.85
CA ILE C 1111 35.41 78.59 29.08
C ILE C 1111 34.70 77.99 30.27
N ILE C 1112 35.41 77.86 31.40
CA ILE C 1112 34.88 77.24 32.60
C ILE C 1112 34.37 78.35 33.50
N THR C 1113 33.06 78.62 33.44
CA THR C 1113 32.44 79.62 34.29
C THR C 1113 31.69 78.94 35.43
N THR C 1114 30.98 79.74 36.23
CA THR C 1114 30.21 79.22 37.36
C THR C 1114 28.85 78.66 36.94
N ASP C 1115 28.43 78.88 35.69
CA ASP C 1115 27.16 78.41 35.19
C ASP C 1115 27.22 77.00 34.64
N ASN C 1116 28.42 76.45 34.42
CA ASN C 1116 28.57 75.11 33.87
C ASN C 1116 29.24 74.16 34.86
N THR C 1117 29.42 74.58 36.11
CA THR C 1117 30.05 73.76 37.13
C THR C 1117 29.30 73.95 38.45
N PHE C 1118 29.16 72.88 39.21
CA PHE C 1118 28.57 72.93 40.54
C PHE C 1118 29.61 72.59 41.60
N VAL C 1119 29.45 73.19 42.77
CA VAL C 1119 30.42 73.06 43.86
C VAL C 1119 29.91 72.03 44.87
N SER C 1120 30.77 71.10 45.24
CA SER C 1120 30.43 70.09 46.24
C SER C 1120 31.68 69.62 46.98
N GLY C 1121 31.90 70.14 48.18
CA GLY C 1121 33.03 69.76 49.00
C GLY C 1121 34.27 70.54 48.64
N ASN C 1122 35.35 70.22 49.34
CA ASN C 1122 36.65 70.86 49.13
C ASN C 1122 37.61 69.89 48.46
N CYS C 1123 38.83 70.37 48.21
CA CYS C 1123 39.81 69.65 47.41
C CYS C 1123 40.74 68.87 48.33
N ASP C 1124 40.20 67.84 48.98
CA ASP C 1124 41.02 66.99 49.83
C ASP C 1124 40.68 65.52 49.64
N VAL C 1125 39.54 65.23 49.00
CA VAL C 1125 39.06 63.86 48.90
C VAL C 1125 39.07 63.32 47.47
N VAL C 1126 39.12 64.19 46.47
CA VAL C 1126 39.11 63.79 45.07
C VAL C 1126 40.55 63.54 44.64
N ILE C 1127 40.81 62.35 44.11
CA ILE C 1127 42.15 61.95 43.69
C ILE C 1127 42.27 62.27 42.20
N GLY C 1128 43.22 63.13 41.85
CA GLY C 1128 43.46 63.49 40.47
C GLY C 1128 42.97 64.88 40.13
N ILE C 1129 42.56 65.65 41.13
CA ILE C 1129 42.04 66.98 40.90
C ILE C 1129 43.18 67.92 40.53
N VAL C 1130 42.95 68.79 39.56
CA VAL C 1130 43.95 69.75 39.12
C VAL C 1130 43.58 71.14 39.62
N ASN C 1131 44.50 72.09 39.50
CA ASN C 1131 44.29 73.45 39.96
C ASN C 1131 44.07 74.36 38.75
N ASN C 1132 42.99 75.11 38.77
CA ASN C 1132 42.66 76.04 37.69
C ASN C 1132 41.94 77.25 38.24
N THR C 1133 41.37 78.08 37.37
CA THR C 1133 40.67 79.30 37.77
C THR C 1133 39.33 79.36 37.05
N VAL C 1134 38.26 78.98 37.75
CA VAL C 1134 36.92 79.06 37.18
C VAL C 1134 36.46 80.51 37.20
N TYR C 1135 35.92 80.97 36.08
CA TYR C 1135 35.53 82.36 35.93
C TYR C 1135 34.14 82.60 36.54
N ASP C 1136 33.92 83.82 36.98
CA ASP C 1136 32.65 84.22 37.58
C ASP C 1136 31.93 85.18 36.66
N PRO C 1137 30.69 84.91 36.26
CA PRO C 1137 29.98 85.83 35.36
C PRO C 1137 29.60 87.15 36.00
N LEU C 1138 29.64 87.25 37.33
CA LEU C 1138 29.29 88.49 38.01
C LEU C 1138 30.51 89.37 38.27
N GLN C 1139 31.71 88.80 38.23
CA GLN C 1139 32.93 89.57 38.49
C GLN C 1139 33.15 90.72 37.51
N PRO C 1140 33.07 90.52 36.18
CA PRO C 1140 33.25 91.67 35.29
C PRO C 1140 32.12 92.68 35.35
N GLU C 1141 30.92 92.23 35.73
CA GLU C 1141 29.78 93.14 35.84
C GLU C 1141 29.87 94.07 37.05
N LEU C 1142 30.75 93.78 38.00
CA LEU C 1142 30.90 94.62 39.18
C LEU C 1142 31.65 95.91 38.89
N ASP C 1143 32.13 96.12 37.67
CA ASP C 1143 32.84 97.34 37.34
C ASP C 1143 31.92 98.56 37.42
N SER C 1144 30.68 98.41 36.97
CA SER C 1144 29.71 99.50 37.01
C SER C 1144 28.63 99.22 38.04
N GLN D 1 -18.91 -9.26 -67.37
CA GLN D 1 -19.26 -10.43 -66.57
C GLN D 1 -18.68 -11.70 -67.20
N VAL D 2 -19.18 -12.85 -66.74
CA VAL D 2 -18.70 -14.13 -67.25
C VAL D 2 -19.16 -14.32 -68.68
N THR D 3 -18.21 -14.55 -69.59
CA THR D 3 -18.49 -14.78 -71.00
C THR D 3 -17.93 -16.13 -71.39
N LEU D 4 -18.81 -17.09 -71.64
CA LEU D 4 -18.43 -18.46 -71.99
C LEU D 4 -18.79 -18.68 -73.46
N ARG D 5 -17.78 -18.63 -74.32
CA ARG D 5 -17.96 -18.84 -75.76
C ARG D 5 -17.30 -20.15 -76.17
N GLU D 6 -17.91 -20.83 -77.13
CA GLU D 6 -17.39 -22.07 -77.68
C GLU D 6 -16.82 -21.85 -79.07
N SER D 7 -16.09 -22.84 -79.55
CA SER D 7 -15.47 -22.80 -80.87
C SER D 7 -15.22 -24.23 -81.32
N GLY D 8 -14.44 -24.37 -82.40
CA GLY D 8 -14.14 -25.66 -82.95
C GLY D 8 -14.98 -25.98 -84.18
N PRO D 9 -14.56 -26.97 -84.96
CA PRO D 9 -15.31 -27.34 -86.17
C PRO D 9 -16.61 -28.05 -85.79
N THR D 10 -17.73 -27.53 -86.28
CA THR D 10 -19.02 -28.13 -86.00
C THR D 10 -19.21 -29.41 -86.80
N LEU D 11 -18.79 -29.40 -88.06
CA LEU D 11 -18.91 -30.57 -88.92
C LEU D 11 -17.55 -31.24 -89.07
N VAL D 12 -17.53 -32.56 -88.89
CA VAL D 12 -16.31 -33.36 -88.95
C VAL D 12 -16.68 -34.72 -89.51
N LYS D 13 -15.65 -35.54 -89.77
CA LYS D 13 -15.87 -36.89 -90.22
C LYS D 13 -16.29 -37.80 -89.06
N PRO D 14 -17.12 -38.80 -89.31
CA PRO D 14 -17.54 -39.70 -88.23
C PRO D 14 -16.38 -40.59 -87.76
N LYS D 15 -16.52 -41.07 -86.53
CA LYS D 15 -15.51 -41.91 -85.88
C LYS D 15 -14.15 -41.20 -85.84
N GLN D 16 -14.14 -40.04 -85.19
CA GLN D 16 -12.95 -39.22 -85.06
C GLN D 16 -12.89 -38.67 -83.64
N THR D 17 -12.01 -37.70 -83.43
CA THR D 17 -11.80 -37.09 -82.12
C THR D 17 -12.15 -35.60 -82.21
N LEU D 18 -13.19 -35.19 -81.49
CA LEU D 18 -13.59 -33.79 -81.49
C LEU D 18 -12.58 -32.94 -80.73
N THR D 19 -12.57 -31.64 -81.04
CA THR D 19 -11.71 -30.66 -80.40
C THR D 19 -12.50 -29.43 -80.01
N LEU D 20 -13.67 -29.65 -79.40
CA LEU D 20 -14.52 -28.55 -78.99
C LEU D 20 -13.89 -27.83 -77.80
N THR D 21 -13.60 -26.55 -77.97
CA THR D 21 -12.97 -25.73 -76.95
C THR D 21 -13.99 -24.83 -76.28
N CYS D 22 -13.56 -24.17 -75.20
CA CYS D 22 -14.43 -23.28 -74.44
C CYS D 22 -13.56 -22.15 -73.89
N THR D 23 -13.52 -21.04 -74.62
CA THR D 23 -12.73 -19.89 -74.20
C THR D 23 -13.51 -19.08 -73.17
N PHE D 24 -13.02 -19.05 -71.94
CA PHE D 24 -13.66 -18.32 -70.85
C PHE D 24 -12.91 -17.02 -70.58
N SER D 25 -13.67 -15.97 -70.29
CA SER D 25 -13.10 -14.66 -70.00
C SER D 25 -13.99 -13.95 -69.00
N GLY D 26 -13.36 -13.25 -68.06
CA GLY D 26 -14.07 -12.52 -67.02
C GLY D 26 -13.88 -13.07 -65.63
N PHE D 27 -13.10 -14.13 -65.46
CA PHE D 27 -12.87 -14.72 -64.14
C PHE D 27 -11.60 -15.54 -64.18
N SER D 28 -11.11 -15.89 -63.01
CA SER D 28 -9.91 -16.71 -62.87
C SER D 28 -10.29 -18.12 -62.45
N LEU D 29 -9.78 -19.11 -63.17
CA LEU D 29 -10.06 -20.51 -62.86
C LEU D 29 -9.38 -20.99 -61.58
N SER D 30 -8.41 -20.25 -61.07
CA SER D 30 -7.67 -20.65 -59.88
C SER D 30 -8.44 -20.37 -58.59
N THR D 31 -9.69 -19.93 -58.67
CA THR D 31 -10.48 -19.68 -57.47
C THR D 31 -10.84 -21.00 -56.80
N PRO D 32 -10.74 -21.10 -55.48
CA PRO D 32 -11.12 -22.34 -54.79
C PRO D 32 -12.61 -22.61 -54.94
N GLY D 33 -12.94 -23.76 -55.52
CA GLY D 33 -14.32 -24.15 -55.76
C GLY D 33 -14.82 -23.92 -57.16
N GLY D 34 -14.02 -23.30 -58.03
CA GLY D 34 -14.42 -23.03 -59.39
C GLY D 34 -14.13 -24.19 -60.32
N GLY D 35 -14.69 -24.09 -61.52
CA GLY D 35 -14.52 -25.12 -62.54
C GLY D 35 -15.46 -24.97 -63.71
N VAL D 36 -15.08 -25.54 -64.85
CA VAL D 36 -15.88 -25.47 -66.07
C VAL D 36 -16.20 -26.89 -66.51
N GLY D 37 -17.47 -27.15 -66.80
CA GLY D 37 -17.90 -28.47 -67.21
C GLY D 37 -18.45 -28.51 -68.62
N TRP D 38 -19.11 -29.61 -68.98
CA TRP D 38 -19.68 -29.78 -70.30
C TRP D 38 -21.00 -30.51 -70.18
N ILE D 39 -22.04 -29.95 -70.80
CA ILE D 39 -23.39 -30.49 -70.72
C ILE D 39 -23.90 -30.71 -72.15
N ARG D 40 -24.49 -31.88 -72.38
CA ARG D 40 -25.05 -32.24 -73.67
C ARG D 40 -26.57 -32.09 -73.66
N GLN D 41 -27.11 -31.64 -74.79
CA GLN D 41 -28.55 -31.42 -74.92
C GLN D 41 -28.99 -31.91 -76.30
N PRO D 42 -29.46 -33.16 -76.38
CA PRO D 42 -29.93 -33.66 -77.66
C PRO D 42 -31.18 -32.93 -78.11
N PRO D 43 -31.43 -32.84 -79.41
CA PRO D 43 -32.64 -32.18 -79.89
C PRO D 43 -33.88 -32.91 -79.45
N GLY D 44 -34.71 -32.22 -78.67
CA GLY D 44 -35.94 -32.82 -78.18
C GLY D 44 -35.75 -33.74 -76.99
N LYS D 45 -34.73 -33.50 -76.18
CA LYS D 45 -34.45 -34.31 -75.00
C LYS D 45 -34.03 -33.37 -73.87
N ALA D 46 -33.52 -33.95 -72.79
CA ALA D 46 -33.12 -33.21 -71.61
C ALA D 46 -31.60 -33.09 -71.53
N LEU D 47 -31.14 -32.37 -70.52
CA LEU D 47 -29.71 -32.16 -70.31
C LEU D 47 -29.05 -33.41 -69.72
N GLU D 48 -27.74 -33.49 -69.88
CA GLU D 48 -26.96 -34.60 -69.35
C GLU D 48 -25.51 -34.16 -69.18
N TRP D 49 -24.95 -34.43 -68.02
CA TRP D 49 -23.58 -34.02 -67.72
C TRP D 49 -22.59 -35.00 -68.35
N LEU D 50 -21.49 -34.46 -68.88
CA LEU D 50 -20.47 -35.25 -69.53
C LEU D 50 -19.14 -35.22 -68.77
N ALA D 51 -18.60 -34.04 -68.51
CA ALA D 51 -17.31 -33.93 -67.84
C ALA D 51 -17.28 -32.64 -67.04
N LEU D 52 -16.25 -32.53 -66.18
CA LEU D 52 -16.09 -31.36 -65.33
C LEU D 52 -14.67 -31.34 -64.80
N ILE D 53 -14.03 -30.17 -64.85
CA ILE D 53 -12.68 -30.00 -64.35
C ILE D 53 -12.73 -29.02 -63.17
N TYR D 54 -11.68 -29.05 -62.36
CA TYR D 54 -11.61 -28.20 -61.18
C TYR D 54 -10.34 -27.37 -61.16
N TRP D 55 -10.11 -26.65 -60.05
CA TRP D 55 -8.98 -25.76 -59.91
C TRP D 55 -7.70 -26.46 -59.45
N ASP D 56 -7.76 -27.78 -59.22
CA ASP D 56 -6.61 -28.54 -58.75
C ASP D 56 -6.30 -29.69 -59.70
N ASP D 57 -6.48 -29.46 -60.99
CA ASP D 57 -6.20 -30.41 -62.06
C ASP D 57 -7.00 -31.70 -61.96
N ASP D 58 -8.10 -31.69 -61.20
CA ASP D 58 -8.94 -32.88 -61.09
C ASP D 58 -9.92 -32.93 -62.26
N LYS D 59 -9.97 -34.09 -62.93
CA LYS D 59 -10.79 -34.28 -64.12
C LYS D 59 -11.85 -35.33 -63.79
N ARG D 60 -13.08 -34.85 -63.53
CA ARG D 60 -14.21 -35.72 -63.23
C ARG D 60 -15.03 -35.94 -64.50
N TYR D 61 -15.30 -37.20 -64.81
CA TYR D 61 -16.04 -37.58 -66.00
C TYR D 61 -17.28 -38.37 -65.61
N SER D 62 -18.15 -38.57 -66.60
CA SER D 62 -19.37 -39.35 -66.36
C SER D 62 -19.02 -40.83 -66.19
N PRO D 63 -19.69 -41.53 -65.28
CA PRO D 63 -19.36 -42.96 -65.08
C PRO D 63 -19.69 -43.82 -66.29
N SER D 64 -20.61 -43.39 -67.15
CA SER D 64 -20.96 -44.17 -68.33
C SER D 64 -19.85 -44.07 -69.39
N LEU D 65 -19.38 -42.86 -69.65
CA LEU D 65 -18.36 -42.62 -70.68
C LEU D 65 -17.06 -42.19 -69.99
N LYS D 66 -16.10 -43.10 -69.95
CA LYS D 66 -14.79 -42.81 -69.38
C LYS D 66 -13.62 -43.15 -70.31
N SER D 67 -13.85 -43.88 -71.40
CA SER D 67 -12.79 -44.25 -72.32
C SER D 67 -12.60 -43.24 -73.46
N SER D 68 -13.47 -42.25 -73.57
CA SER D 68 -13.37 -41.27 -74.63
C SER D 68 -13.30 -39.83 -74.13
N LEU D 69 -14.00 -39.52 -73.04
CA LEU D 69 -14.02 -38.16 -72.53
C LEU D 69 -12.69 -37.82 -71.86
N THR D 70 -11.96 -36.87 -72.45
CA THR D 70 -10.67 -36.43 -71.91
C THR D 70 -10.66 -34.90 -71.96
N ILE D 71 -10.78 -34.26 -70.81
CA ILE D 71 -10.79 -32.82 -70.70
C ILE D 71 -9.42 -32.34 -70.23
N THR D 72 -9.06 -31.13 -70.61
CA THR D 72 -7.79 -30.53 -70.21
C THR D 72 -7.97 -29.04 -70.03
N LYS D 73 -7.11 -28.44 -69.22
CA LYS D 73 -7.16 -27.02 -68.93
C LYS D 73 -5.94 -26.32 -69.50
N ASP D 74 -6.15 -25.11 -70.00
CA ASP D 74 -5.12 -24.27 -70.60
C ASP D 74 -5.21 -22.85 -70.05
N THR D 75 -5.28 -22.73 -68.72
CA THR D 75 -5.44 -21.43 -68.07
C THR D 75 -4.36 -20.44 -68.47
N SER D 76 -3.22 -20.93 -68.98
CA SER D 76 -2.19 -20.03 -69.49
C SER D 76 -2.73 -19.14 -70.60
N LYS D 77 -3.65 -19.66 -71.41
CA LYS D 77 -4.32 -18.87 -72.43
C LYS D 77 -5.83 -18.79 -72.21
N ASN D 78 -6.33 -19.37 -71.11
CA ASN D 78 -7.75 -19.34 -70.74
C ASN D 78 -8.61 -19.94 -71.86
N GLN D 79 -8.40 -21.23 -72.10
CA GLN D 79 -9.15 -21.93 -73.14
C GLN D 79 -9.27 -23.40 -72.71
N VAL D 80 -10.44 -23.76 -72.21
CA VAL D 80 -10.70 -25.14 -71.81
C VAL D 80 -11.04 -25.96 -73.05
N VAL D 81 -10.32 -27.07 -73.23
CA VAL D 81 -10.46 -27.92 -74.40
C VAL D 81 -10.99 -29.28 -73.97
N LEU D 82 -11.98 -29.79 -74.71
CA LEU D 82 -12.55 -31.11 -74.48
C LEU D 82 -12.35 -31.97 -75.71
N THR D 83 -11.91 -33.22 -75.49
CA THR D 83 -11.68 -34.16 -76.56
C THR D 83 -12.44 -35.45 -76.27
N MET D 84 -13.14 -35.96 -77.28
CA MET D 84 -13.90 -37.19 -77.16
C MET D 84 -13.71 -38.03 -78.42
N THR D 85 -13.51 -39.33 -78.23
CA THR D 85 -13.28 -40.25 -79.33
C THR D 85 -14.51 -41.13 -79.56
N ASN D 86 -14.43 -41.96 -80.61
CA ASN D 86 -15.49 -42.88 -80.99
C ASN D 86 -16.80 -42.13 -81.22
N MET D 87 -16.79 -41.27 -82.23
CA MET D 87 -17.97 -40.47 -82.55
C MET D 87 -18.99 -41.31 -83.28
N ASP D 88 -20.15 -41.51 -82.67
CA ASP D 88 -21.26 -42.25 -83.24
C ASP D 88 -22.41 -41.30 -83.59
N PRO D 89 -23.29 -41.69 -84.54
CA PRO D 89 -24.42 -40.83 -84.92
C PRO D 89 -25.55 -40.82 -83.90
N VAL D 90 -25.18 -40.66 -82.63
CA VAL D 90 -26.16 -40.54 -81.55
C VAL D 90 -25.77 -39.36 -80.67
N ASP D 91 -24.55 -38.85 -80.85
CA ASP D 91 -24.03 -37.75 -80.07
C ASP D 91 -24.29 -36.39 -80.70
N THR D 92 -25.08 -36.33 -81.77
CA THR D 92 -25.40 -35.05 -82.40
C THR D 92 -26.26 -34.20 -81.48
N ALA D 93 -25.68 -33.14 -80.93
CA ALA D 93 -26.38 -32.30 -79.96
C ALA D 93 -25.65 -30.98 -79.82
N THR D 94 -26.31 -30.02 -79.19
CA THR D 94 -25.73 -28.71 -78.91
C THR D 94 -25.01 -28.77 -77.58
N TYR D 95 -23.69 -28.63 -77.61
CA TYR D 95 -22.89 -28.70 -76.40
C TYR D 95 -22.77 -27.35 -75.73
N TYR D 96 -22.76 -27.36 -74.40
CA TYR D 96 -22.64 -26.15 -73.60
C TYR D 96 -21.57 -26.36 -72.53
N CYS D 97 -20.76 -25.34 -72.31
CA CYS D 97 -19.79 -25.33 -71.23
C CYS D 97 -20.19 -24.25 -70.23
N ALA D 98 -20.49 -24.66 -69.00
CA ALA D 98 -20.93 -23.76 -67.95
C ALA D 98 -19.93 -23.77 -66.81
N ARG D 99 -19.79 -22.62 -66.16
CA ARG D 99 -18.87 -22.46 -65.04
C ARG D 99 -19.54 -22.92 -63.75
N LEU D 100 -18.84 -23.77 -62.99
CA LEU D 100 -19.30 -24.22 -61.69
C LEU D 100 -18.61 -23.34 -60.64
N THR D 101 -19.30 -22.30 -60.20
CA THR D 101 -18.72 -21.37 -59.25
C THR D 101 -18.45 -22.03 -57.91
N ALA D 102 -19.42 -22.81 -57.42
CA ALA D 102 -19.27 -23.50 -56.14
C ALA D 102 -20.22 -24.69 -56.13
N ALA D 103 -20.27 -25.38 -54.98
CA ALA D 103 -21.12 -26.56 -54.88
C ALA D 103 -22.60 -26.19 -54.87
N ASP D 104 -22.95 -25.08 -54.23
CA ASP D 104 -24.36 -24.68 -54.17
C ASP D 104 -24.84 -24.12 -55.50
N THR D 105 -24.01 -23.35 -56.20
CA THR D 105 -24.35 -22.77 -57.49
C THR D 105 -23.89 -23.73 -58.58
N ILE D 106 -24.80 -24.61 -59.00
CA ILE D 106 -24.50 -25.63 -59.99
C ILE D 106 -24.69 -25.02 -61.38
N PHE D 107 -23.58 -24.66 -62.03
CA PHE D 107 -23.58 -24.15 -63.40
C PHE D 107 -24.50 -22.94 -63.54
N ASP D 108 -24.11 -21.86 -62.85
CA ASP D 108 -24.91 -20.63 -62.87
C ASP D 108 -24.90 -19.99 -64.26
N CYS D 109 -23.71 -19.70 -64.78
CA CYS D 109 -23.57 -19.09 -66.10
C CYS D 109 -23.24 -20.15 -67.13
N TRP D 110 -23.98 -20.14 -68.24
CA TRP D 110 -23.81 -21.10 -69.31
C TRP D 110 -23.26 -20.41 -70.55
N GLY D 111 -22.97 -21.23 -71.57
CA GLY D 111 -22.46 -20.71 -72.83
C GLY D 111 -23.55 -20.30 -73.79
N GLN D 112 -23.35 -20.58 -75.08
CA GLN D 112 -24.33 -20.26 -76.11
C GLN D 112 -24.77 -21.45 -76.94
N GLY D 113 -23.91 -22.44 -77.13
CA GLY D 113 -24.30 -23.66 -77.80
C GLY D 113 -23.70 -23.79 -79.18
N THR D 114 -23.18 -24.98 -79.47
CA THR D 114 -22.61 -25.29 -80.78
C THR D 114 -23.12 -26.66 -81.19
N LEU D 115 -23.97 -26.71 -82.22
CA LEU D 115 -24.53 -27.97 -82.67
C LEU D 115 -23.50 -28.74 -83.49
N VAL D 116 -23.30 -30.01 -83.16
CA VAL D 116 -22.37 -30.87 -83.87
C VAL D 116 -23.14 -31.99 -84.55
N THR D 117 -23.53 -31.78 -85.81
CA THR D 117 -24.29 -32.78 -86.55
C THR D 117 -23.37 -33.60 -87.45
N VAL D 118 -22.94 -34.75 -86.96
CA VAL D 118 -22.04 -35.63 -87.70
C VAL D 118 -22.58 -37.05 -87.67
N SER D 119 -23.32 -37.44 -88.72
CA SER D 119 -23.72 -38.83 -88.84
C SER D 119 -23.12 -39.48 -90.08
N SER D 120 -23.45 -38.97 -91.26
CA SER D 120 -22.91 -39.52 -92.50
C SER D 120 -22.39 -38.44 -93.45
N ALA D 121 -23.08 -37.30 -93.50
CA ALA D 121 -22.92 -36.35 -94.60
C ALA D 121 -21.81 -35.34 -94.35
N SER D 122 -21.18 -34.88 -95.43
CA SER D 122 -20.19 -33.81 -95.34
C SER D 122 -20.84 -32.47 -95.67
N THR D 123 -20.00 -31.45 -95.85
CA THR D 123 -20.49 -30.11 -96.14
C THR D 123 -21.11 -30.05 -97.53
N LYS D 124 -21.98 -29.07 -97.73
CA LYS D 124 -22.67 -28.86 -99.00
C LYS D 124 -22.68 -27.37 -99.31
N GLY D 125 -22.48 -27.02 -100.57
CA GLY D 125 -22.45 -25.64 -101.00
C GLY D 125 -23.82 -25.00 -100.97
N PRO D 126 -23.97 -23.91 -100.21
CA PRO D 126 -25.25 -23.22 -100.13
C PRO D 126 -25.52 -22.38 -101.38
N SER D 127 -26.76 -22.39 -101.84
CA SER D 127 -27.17 -21.61 -103.02
C SER D 127 -27.99 -20.41 -102.54
N VAL D 128 -27.42 -19.22 -102.68
CA VAL D 128 -28.07 -17.99 -102.23
C VAL D 128 -28.78 -17.35 -103.41
N PHE D 129 -30.10 -17.17 -103.29
CA PHE D 129 -30.91 -16.54 -104.32
C PHE D 129 -32.05 -15.79 -103.65
N PRO D 130 -31.89 -14.48 -103.42
CA PRO D 130 -32.95 -13.71 -102.75
C PRO D 130 -34.23 -13.69 -103.58
N LEU D 131 -35.35 -13.65 -102.87
CA LEU D 131 -36.67 -13.59 -103.49
C LEU D 131 -37.00 -12.13 -103.79
N ALA D 132 -37.26 -11.83 -105.07
CA ALA D 132 -37.51 -10.47 -105.50
C ALA D 132 -38.87 -9.99 -104.99
N PRO D 133 -38.93 -8.85 -104.29
CA PRO D 133 -40.24 -8.31 -103.84
C PRO D 133 -41.00 -7.64 -104.98
N SER D 134 -41.72 -8.46 -105.75
CA SER D 134 -42.44 -7.98 -106.92
C SER D 134 -43.74 -7.29 -106.50
N SER D 135 -44.61 -7.01 -107.47
CA SER D 135 -45.85 -6.32 -107.17
C SER D 135 -46.78 -7.16 -106.29
N LYS D 136 -46.61 -8.49 -106.30
CA LYS D 136 -47.43 -9.36 -105.47
C LYS D 136 -47.15 -9.11 -103.99
N SER D 137 -45.87 -9.03 -103.61
CA SER D 137 -45.52 -8.75 -102.22
C SER D 137 -45.73 -7.28 -101.88
N THR D 138 -45.63 -6.39 -102.87
CA THR D 138 -45.84 -4.97 -102.62
C THR D 138 -47.31 -4.67 -102.36
N SER D 139 -48.19 -5.11 -103.27
CA SER D 139 -49.62 -4.88 -103.09
C SER D 139 -50.18 -5.73 -101.94
N GLY D 140 -49.51 -6.82 -101.60
CA GLY D 140 -49.97 -7.68 -100.53
C GLY D 140 -49.46 -7.25 -99.17
N GLY D 141 -49.40 -5.95 -98.92
CA GLY D 141 -48.93 -5.43 -97.65
C GLY D 141 -47.44 -5.18 -97.62
N THR D 142 -46.73 -5.90 -96.75
CA THR D 142 -45.29 -5.72 -96.61
C THR D 142 -44.56 -6.54 -97.67
N ALA D 143 -43.71 -5.86 -98.45
CA ALA D 143 -42.90 -6.52 -99.48
C ALA D 143 -41.70 -7.16 -98.80
N ALA D 144 -41.93 -8.34 -98.23
CA ALA D 144 -40.90 -9.05 -97.47
C ALA D 144 -40.00 -9.82 -98.44
N LEU D 145 -38.71 -9.48 -98.45
CA LEU D 145 -37.74 -10.17 -99.27
C LEU D 145 -36.90 -11.10 -98.41
N GLY D 146 -36.62 -12.29 -98.94
CA GLY D 146 -35.86 -13.29 -98.20
C GLY D 146 -34.92 -14.09 -99.07
N CYS D 147 -33.68 -14.26 -98.61
CA CYS D 147 -32.73 -15.06 -99.36
C CYS D 147 -33.04 -16.54 -99.20
N LEU D 148 -32.89 -17.29 -100.30
CA LEU D 148 -33.34 -18.67 -100.38
C LEU D 148 -32.21 -19.68 -100.19
N VAL D 149 -31.28 -19.39 -99.28
CA VAL D 149 -30.14 -20.26 -98.99
C VAL D 149 -30.63 -21.67 -98.71
N LYS D 150 -30.18 -22.63 -99.52
CA LYS D 150 -30.61 -24.02 -99.40
C LYS D 150 -29.45 -24.93 -99.78
N ASP D 151 -29.72 -26.23 -99.78
CA ASP D 151 -28.74 -27.26 -100.13
C ASP D 151 -27.51 -27.17 -99.24
N TYR D 152 -27.74 -27.35 -97.93
CA TYR D 152 -26.66 -27.35 -96.96
C TYR D 152 -27.03 -28.29 -95.82
N PHE D 153 -26.09 -29.17 -95.47
CA PHE D 153 -26.31 -30.14 -94.40
C PHE D 153 -26.12 -29.54 -93.01
N PRO D 154 -25.06 -28.77 -92.74
CA PRO D 154 -24.91 -28.20 -91.40
C PRO D 154 -26.05 -27.25 -91.06
N GLU D 155 -26.60 -27.43 -89.86
CA GLU D 155 -27.75 -26.65 -89.39
C GLU D 155 -27.36 -25.24 -88.95
N PRO D 156 -26.30 -25.06 -88.13
CA PRO D 156 -26.01 -23.70 -87.63
C PRO D 156 -25.55 -22.75 -88.72
N VAL D 157 -26.41 -21.79 -89.08
CA VAL D 157 -26.07 -20.74 -90.03
C VAL D 157 -26.91 -19.52 -89.73
N THR D 158 -26.26 -18.37 -89.55
CA THR D 158 -26.94 -17.13 -89.19
C THR D 158 -27.08 -16.22 -90.40
N VAL D 159 -28.16 -15.44 -90.42
CA VAL D 159 -28.44 -14.48 -91.49
C VAL D 159 -28.93 -13.19 -90.88
N SER D 160 -28.63 -12.08 -91.54
CA SER D 160 -29.05 -10.76 -91.06
C SER D 160 -29.03 -9.79 -92.22
N TRP D 161 -30.19 -9.24 -92.56
CA TRP D 161 -30.29 -8.28 -93.65
C TRP D 161 -29.61 -6.97 -93.25
N ASN D 162 -28.62 -6.56 -94.04
CA ASN D 162 -27.87 -5.33 -93.80
C ASN D 162 -27.27 -5.33 -92.40
N SER D 163 -26.35 -6.29 -92.19
CA SER D 163 -25.72 -6.52 -90.89
C SER D 163 -25.21 -5.23 -90.28
N GLY D 164 -25.22 -5.18 -88.95
CA GLY D 164 -24.91 -3.96 -88.24
C GLY D 164 -26.16 -3.18 -87.87
N ALA D 165 -26.96 -2.84 -88.87
CA ALA D 165 -28.22 -2.14 -88.64
C ALA D 165 -29.41 -3.09 -88.90
N LEU D 166 -30.60 -2.58 -88.62
CA LEU D 166 -31.85 -3.30 -88.84
C LEU D 166 -31.84 -4.65 -88.12
N THR D 167 -31.74 -4.59 -86.80
CA THR D 167 -31.69 -5.80 -85.99
C THR D 167 -33.01 -6.56 -86.05
N SER D 168 -34.13 -5.84 -86.02
CA SER D 168 -35.44 -6.47 -86.05
C SER D 168 -35.86 -6.71 -87.50
N GLY D 169 -37.09 -7.17 -87.70
CA GLY D 169 -37.61 -7.41 -89.05
C GLY D 169 -37.41 -8.81 -89.60
N VAL D 170 -36.20 -9.36 -89.48
CA VAL D 170 -35.92 -10.67 -90.03
C VAL D 170 -36.61 -11.74 -89.18
N HIS D 171 -37.24 -12.71 -89.85
CA HIS D 171 -37.96 -13.77 -89.15
C HIS D 171 -36.99 -14.80 -88.56
N THR D 172 -36.11 -15.35 -89.41
CA THR D 172 -35.12 -16.35 -89.00
C THR D 172 -35.79 -17.56 -88.35
N PHE D 173 -36.59 -18.26 -89.15
CA PHE D 173 -37.25 -19.46 -88.69
C PHE D 173 -36.37 -20.68 -88.90
N PRO D 174 -36.56 -21.74 -88.11
CA PRO D 174 -35.75 -22.95 -88.28
C PRO D 174 -35.94 -23.57 -89.66
N ALA D 175 -34.88 -24.21 -90.15
CA ALA D 175 -34.90 -24.81 -91.47
C ALA D 175 -35.79 -26.05 -91.50
N VAL D 176 -36.07 -26.53 -92.71
CA VAL D 176 -36.93 -27.69 -92.93
C VAL D 176 -36.07 -28.79 -93.55
N LEU D 177 -36.18 -30.00 -93.01
CA LEU D 177 -35.45 -31.15 -93.54
C LEU D 177 -36.33 -31.86 -94.56
N GLN D 178 -35.99 -31.71 -95.84
CA GLN D 178 -36.74 -32.36 -96.91
C GLN D 178 -36.21 -33.78 -97.11
N SER D 179 -36.63 -34.43 -98.20
CA SER D 179 -36.22 -35.80 -98.49
C SER D 179 -34.79 -35.89 -98.98
N SER D 180 -34.15 -34.77 -99.29
CA SER D 180 -32.77 -34.76 -99.77
C SER D 180 -31.74 -34.74 -98.64
N GLY D 181 -32.19 -34.80 -97.40
CA GLY D 181 -31.26 -34.78 -96.27
C GLY D 181 -30.53 -33.47 -96.10
N LEU D 182 -31.12 -32.37 -96.54
CA LEU D 182 -30.51 -31.05 -96.45
C LEU D 182 -31.48 -30.07 -95.82
N TYR D 183 -30.99 -28.86 -95.55
CA TYR D 183 -31.76 -27.81 -94.91
C TYR D 183 -31.94 -26.63 -95.86
N SER D 184 -32.83 -25.73 -95.48
CA SER D 184 -33.12 -24.55 -96.29
C SER D 184 -33.79 -23.50 -95.43
N LEU D 185 -33.33 -22.25 -95.54
CA LEU D 185 -33.89 -21.13 -94.81
C LEU D 185 -34.39 -20.08 -95.80
N SER D 186 -35.50 -19.43 -95.43
CA SER D 186 -36.12 -18.39 -96.26
C SER D 186 -36.50 -17.20 -95.39
N SER D 187 -35.57 -16.78 -94.54
CA SER D 187 -35.85 -15.70 -93.60
C SER D 187 -36.11 -14.40 -94.35
N VAL D 188 -37.30 -13.84 -94.16
CA VAL D 188 -37.71 -12.59 -94.79
C VAL D 188 -37.70 -11.49 -93.74
N VAL D 189 -37.51 -10.25 -94.19
CA VAL D 189 -37.50 -9.09 -93.32
C VAL D 189 -38.85 -8.41 -93.39
N THR D 190 -39.24 -7.75 -92.30
CA THR D 190 -40.53 -7.09 -92.20
C THR D 190 -40.48 -5.62 -92.62
N VAL D 191 -39.48 -5.23 -93.41
CA VAL D 191 -39.38 -3.86 -93.90
C VAL D 191 -40.49 -3.62 -94.92
N PRO D 192 -41.34 -2.61 -94.73
CA PRO D 192 -42.44 -2.37 -95.67
C PRO D 192 -41.96 -1.79 -97.00
N SER D 193 -42.91 -1.45 -97.88
CA SER D 193 -42.61 -0.92 -99.20
C SER D 193 -42.29 0.56 -99.19
N SER D 194 -41.94 1.13 -98.03
CA SER D 194 -41.63 2.56 -97.95
C SER D 194 -40.43 2.91 -98.83
N SER D 195 -39.28 2.28 -98.56
CA SER D 195 -38.07 2.54 -99.34
C SER D 195 -37.26 1.24 -99.39
N LEU D 196 -37.46 0.48 -100.47
CA LEU D 196 -36.70 -0.75 -100.68
C LEU D 196 -36.18 -0.93 -102.10
N GLY D 197 -36.66 -0.16 -103.08
CA GLY D 197 -36.22 -0.36 -104.45
C GLY D 197 -34.88 0.28 -104.75
N THR D 198 -34.60 1.44 -104.16
CA THR D 198 -33.37 2.17 -104.43
C THR D 198 -32.25 1.82 -103.44
N GLN D 199 -32.52 0.97 -102.46
CA GLN D 199 -31.51 0.60 -101.48
C GLN D 199 -30.95 -0.78 -101.82
N THR D 200 -30.09 -1.31 -100.94
CA THR D 200 -29.46 -2.61 -101.13
C THR D 200 -29.72 -3.47 -99.91
N TYR D 201 -30.14 -4.71 -100.13
CA TYR D 201 -30.47 -5.63 -99.05
C TYR D 201 -29.73 -6.95 -99.28
N ILE D 202 -28.90 -7.33 -98.32
CA ILE D 202 -28.17 -8.60 -98.35
C ILE D 202 -28.35 -9.28 -97.00
N CYS D 203 -28.83 -10.52 -97.02
CA CYS D 203 -29.13 -11.23 -95.78
C CYS D 203 -27.88 -11.74 -95.07
N ASN D 204 -26.71 -11.68 -95.72
CA ASN D 204 -25.43 -12.00 -95.11
C ASN D 204 -25.43 -13.42 -94.53
N VAL D 205 -25.48 -14.39 -95.45
CA VAL D 205 -25.40 -15.79 -95.05
C VAL D 205 -24.05 -16.06 -94.39
N ASN D 206 -24.07 -16.81 -93.30
CA ASN D 206 -22.87 -17.07 -92.50
C ASN D 206 -22.67 -18.57 -92.31
N HIS D 207 -22.77 -19.32 -93.42
CA HIS D 207 -22.56 -20.76 -93.40
C HIS D 207 -21.09 -21.05 -93.12
N LYS D 208 -20.73 -20.98 -91.84
CA LYS D 208 -19.34 -21.16 -91.44
C LYS D 208 -18.78 -22.55 -91.74
N PRO D 209 -19.50 -23.66 -91.54
CA PRO D 209 -18.92 -24.97 -91.87
C PRO D 209 -18.48 -25.09 -93.32
N SER D 210 -19.15 -24.40 -94.23
CA SER D 210 -18.77 -24.41 -95.63
C SER D 210 -17.76 -23.31 -95.98
N ASN D 211 -17.54 -22.36 -95.07
CA ASN D 211 -16.63 -21.24 -95.28
C ASN D 211 -16.99 -20.47 -96.55
N THR D 212 -18.24 -20.00 -96.58
CA THR D 212 -18.78 -19.27 -97.71
C THR D 212 -19.73 -18.20 -97.22
N LYS D 213 -19.55 -16.98 -97.74
CA LYS D 213 -20.39 -15.83 -97.39
C LYS D 213 -20.72 -15.08 -98.68
N VAL D 214 -21.85 -15.42 -99.27
CA VAL D 214 -22.29 -14.82 -100.53
C VAL D 214 -23.33 -13.75 -100.20
N ASP D 215 -22.98 -12.50 -100.45
CA ASP D 215 -23.87 -11.37 -100.24
C ASP D 215 -24.31 -10.83 -101.60
N LYS D 216 -25.61 -10.94 -101.88
CA LYS D 216 -26.15 -10.50 -103.16
C LYS D 216 -27.57 -10.01 -102.94
N ARG D 217 -28.04 -9.20 -103.90
CA ARG D 217 -29.39 -8.64 -103.82
C ARG D 217 -30.19 -8.94 -105.08
N VAL D 218 -31.42 -8.44 -105.14
CA VAL D 218 -32.31 -8.66 -106.29
C VAL D 218 -33.05 -7.37 -106.59
N GLU D 219 -33.67 -7.34 -107.76
CA GLU D 219 -34.44 -6.21 -108.24
C GLU D 219 -35.90 -6.62 -108.42
N PRO D 220 -36.83 -5.68 -108.30
CA PRO D 220 -38.25 -6.01 -108.50
C PRO D 220 -38.51 -6.51 -109.92
N LYS D 221 -39.15 -7.67 -110.01
CA LYS D 221 -39.45 -8.31 -111.28
C LYS D 221 -40.89 -8.01 -111.68
N SER D 222 -41.34 -8.63 -112.77
CA SER D 222 -42.70 -8.44 -113.27
C SER D 222 -43.25 -9.79 -113.70
N CYS D 223 -44.26 -10.29 -112.98
CA CYS D 223 -44.85 -11.58 -113.30
C CYS D 223 -45.76 -11.48 -114.52
N ALA E 3 -32.15 -41.33 -61.18
CA ALA E 3 -32.34 -40.07 -61.91
C ALA E 3 -33.42 -39.22 -61.25
N LEU E 4 -33.90 -38.22 -61.99
CA LEU E 4 -34.93 -37.32 -61.50
C LEU E 4 -36.02 -37.20 -62.55
N THR E 5 -37.27 -37.43 -62.13
CA THR E 5 -38.42 -37.36 -63.02
C THR E 5 -39.14 -36.02 -62.84
N GLN E 6 -39.64 -35.48 -63.94
CA GLN E 6 -40.34 -34.21 -63.95
C GLN E 6 -41.62 -34.32 -64.75
N PRO E 7 -42.63 -33.52 -64.43
CA PRO E 7 -43.88 -33.56 -65.20
C PRO E 7 -43.65 -33.14 -66.64
N ALA E 8 -44.31 -33.85 -67.56
CA ALA E 8 -44.14 -33.56 -68.98
C ALA E 8 -44.79 -32.24 -69.37
N SER E 9 -46.10 -32.12 -69.16
CA SER E 9 -46.84 -30.91 -69.51
C SER E 9 -47.49 -30.32 -68.26
N VAL E 10 -47.30 -29.02 -68.07
CA VAL E 10 -47.88 -28.29 -66.95
C VAL E 10 -48.58 -27.06 -67.49
N SER E 11 -49.84 -26.88 -67.10
CA SER E 11 -50.64 -25.74 -67.53
C SER E 11 -50.85 -24.77 -66.37
N GLY E 12 -51.01 -23.50 -66.71
CA GLY E 12 -51.20 -22.47 -65.70
C GLY E 12 -51.89 -21.23 -66.22
N SER E 13 -52.92 -20.77 -65.50
CA SER E 13 -53.63 -19.57 -65.91
C SER E 13 -52.80 -18.33 -65.58
N PRO E 14 -52.87 -17.29 -66.42
CA PRO E 14 -52.12 -16.05 -66.13
C PRO E 14 -52.62 -15.40 -64.86
N GLY E 15 -51.73 -15.31 -63.87
CA GLY E 15 -52.02 -14.72 -62.58
C GLY E 15 -51.97 -15.69 -61.42
N LEU E 16 -52.23 -16.98 -61.69
CA LEU E 16 -52.21 -17.99 -60.65
C LEU E 16 -50.77 -18.47 -60.44
N SER E 17 -50.60 -19.55 -59.66
CA SER E 17 -49.30 -20.11 -59.37
C SER E 17 -49.33 -21.61 -59.57
N ILE E 18 -48.29 -22.14 -60.19
CA ILE E 18 -48.16 -23.57 -60.44
C ILE E 18 -46.87 -24.07 -59.80
N THR E 19 -46.84 -25.38 -59.55
CA THR E 19 -45.70 -26.01 -58.89
C THR E 19 -45.18 -27.16 -59.75
N ILE E 20 -43.88 -27.40 -59.64
CA ILE E 20 -43.22 -28.50 -60.34
C ILE E 20 -42.84 -29.55 -59.31
N SER E 21 -42.59 -30.77 -59.79
CA SER E 21 -42.23 -31.89 -58.93
C SER E 21 -40.94 -32.51 -59.41
N CYS E 22 -39.94 -32.57 -58.53
CA CYS E 22 -38.66 -33.21 -58.80
C CYS E 22 -38.54 -34.37 -57.82
N THR E 23 -39.08 -35.52 -58.21
CA THR E 23 -39.23 -36.66 -57.32
C THR E 23 -37.88 -37.34 -57.08
N ALA E 24 -37.91 -38.40 -56.28
CA ALA E 24 -36.68 -39.12 -55.94
C ALA E 24 -36.26 -40.05 -57.07
N THR E 25 -37.12 -41.02 -57.40
CA THR E 25 -36.87 -42.00 -58.47
C THR E 25 -35.55 -42.74 -58.22
N SER E 26 -35.54 -43.48 -57.12
CA SER E 26 -34.35 -44.18 -56.63
C SER E 26 -33.21 -43.19 -56.40
N SER E 27 -33.45 -42.29 -55.44
CA SER E 27 -32.58 -41.15 -55.18
C SER E 27 -31.30 -41.62 -54.50
N ASP E 28 -30.26 -41.81 -55.33
CA ASP E 28 -28.91 -42.03 -54.82
C ASP E 28 -28.21 -40.74 -54.45
N VAL E 29 -28.94 -39.61 -54.47
CA VAL E 29 -28.36 -38.32 -54.10
C VAL E 29 -28.03 -38.26 -52.61
N GLY E 30 -28.67 -39.08 -51.79
CA GLY E 30 -28.40 -39.08 -50.37
C GLY E 30 -29.31 -38.11 -49.64
N ALA E 31 -28.71 -37.06 -49.07
CA ALA E 31 -29.46 -36.07 -48.31
C ALA E 31 -30.19 -35.07 -49.19
N TYR E 32 -29.87 -35.00 -50.49
CA TYR E 32 -30.48 -34.07 -51.42
C TYR E 32 -30.36 -32.63 -50.92
N ASN E 33 -29.11 -32.22 -50.67
CA ASN E 33 -28.86 -30.90 -50.08
C ASN E 33 -29.05 -29.80 -51.12
N TYR E 34 -28.27 -29.84 -52.19
CA TYR E 34 -28.26 -28.78 -53.19
C TYR E 34 -29.08 -29.20 -54.41
N VAL E 35 -29.97 -28.30 -54.86
CA VAL E 35 -30.79 -28.53 -56.03
C VAL E 35 -30.98 -27.20 -56.75
N SER E 36 -30.65 -27.15 -58.03
CA SER E 36 -30.75 -25.94 -58.83
C SER E 36 -31.73 -26.14 -59.97
N TRP E 37 -32.52 -25.10 -60.25
CA TRP E 37 -33.49 -25.10 -61.33
C TRP E 37 -33.06 -24.14 -62.41
N TYR E 38 -33.18 -24.57 -63.67
CA TYR E 38 -32.77 -23.78 -64.82
C TYR E 38 -33.99 -23.46 -65.68
N GLN E 39 -33.79 -22.55 -66.63
CA GLN E 39 -34.83 -22.17 -67.58
C GLN E 39 -34.20 -22.05 -68.96
N GLN E 40 -34.81 -22.70 -69.95
CA GLN E 40 -34.30 -22.74 -71.31
C GLN E 40 -35.44 -22.43 -72.27
N HIS E 41 -35.44 -21.23 -72.83
CA HIS E 41 -36.42 -20.88 -73.84
C HIS E 41 -36.04 -21.54 -75.18
N PRO E 42 -37.02 -21.82 -76.03
CA PRO E 42 -36.72 -22.43 -77.34
C PRO E 42 -35.86 -21.52 -78.21
N GLY E 43 -34.63 -21.93 -78.47
CA GLY E 43 -33.71 -21.15 -79.27
C GLY E 43 -32.63 -20.42 -78.49
N GLN E 44 -32.58 -20.56 -77.18
CA GLN E 44 -31.57 -19.89 -76.37
C GLN E 44 -30.82 -20.88 -75.49
N ALA E 45 -29.98 -20.38 -74.58
CA ALA E 45 -29.20 -21.22 -73.69
C ALA E 45 -29.84 -21.27 -72.31
N PRO E 46 -29.77 -22.41 -71.63
CA PRO E 46 -30.37 -22.52 -70.29
C PRO E 46 -29.64 -21.62 -69.29
N LYS E 47 -30.41 -20.79 -68.60
CA LYS E 47 -29.89 -19.90 -67.58
C LYS E 47 -30.43 -20.32 -66.21
N LEU E 48 -29.58 -20.17 -65.19
CA LEU E 48 -29.97 -20.56 -63.83
C LEU E 48 -30.99 -19.57 -63.28
N MET E 49 -32.07 -20.11 -62.71
CA MET E 49 -33.10 -19.30 -62.08
C MET E 49 -33.03 -19.33 -60.55
N ILE E 50 -32.88 -20.51 -59.95
CA ILE E 50 -32.80 -20.61 -58.51
C ILE E 50 -31.93 -21.80 -58.11
N TYR E 51 -30.87 -21.52 -57.36
CA TYR E 51 -30.03 -22.55 -56.75
C TYR E 51 -30.10 -22.41 -55.25
N ASP E 52 -29.97 -23.53 -54.55
CA ASP E 52 -30.05 -23.57 -53.09
C ASP E 52 -31.36 -22.95 -52.62
N VAL E 53 -32.44 -23.67 -52.96
CA VAL E 53 -33.83 -23.18 -52.94
C VAL E 53 -34.15 -22.33 -51.71
N SER E 54 -33.44 -22.55 -50.62
CA SER E 54 -33.52 -21.67 -49.47
C SER E 54 -33.04 -20.24 -49.79
N LYS E 55 -32.33 -20.06 -50.89
CA LYS E 55 -31.88 -18.75 -51.34
C LYS E 55 -32.12 -18.63 -52.84
N ARG E 56 -31.90 -17.43 -53.37
CA ARG E 56 -32.06 -17.15 -54.79
C ARG E 56 -30.88 -16.32 -55.28
N PRO E 57 -30.47 -16.51 -56.52
CA PRO E 57 -29.36 -15.72 -57.08
C PRO E 57 -29.78 -14.30 -57.41
N SER E 58 -28.78 -13.47 -57.69
CA SER E 58 -29.03 -12.09 -58.06
C SER E 58 -29.56 -12.00 -59.49
N GLY E 59 -30.48 -11.07 -59.72
CA GLY E 59 -31.07 -10.87 -61.02
C GLY E 59 -32.36 -11.60 -61.27
N VAL E 60 -32.89 -12.30 -60.26
CA VAL E 60 -34.13 -13.07 -60.38
C VAL E 60 -35.18 -12.41 -59.50
N SER E 61 -36.38 -12.21 -60.06
CA SER E 61 -37.45 -11.57 -59.31
C SER E 61 -37.96 -12.49 -58.20
N ASN E 62 -38.83 -11.93 -57.35
CA ASN E 62 -39.40 -12.68 -56.23
C ASN E 62 -40.45 -13.69 -56.67
N ARG E 63 -40.79 -13.75 -57.97
CA ARG E 63 -41.78 -14.70 -58.44
C ARG E 63 -41.28 -16.14 -58.33
N PHE E 64 -39.97 -16.34 -58.42
CA PHE E 64 -39.39 -17.67 -58.37
C PHE E 64 -39.01 -18.04 -56.94
N SER E 65 -39.44 -19.22 -56.50
CA SER E 65 -39.12 -19.72 -55.17
C SER E 65 -39.20 -21.23 -55.19
N GLY E 66 -38.49 -21.85 -54.25
CA GLY E 66 -38.44 -23.30 -54.19
C GLY E 66 -38.31 -23.80 -52.77
N SER E 67 -38.61 -25.08 -52.59
CA SER E 67 -38.51 -25.73 -51.28
C SER E 67 -38.40 -27.23 -51.50
N LYS E 68 -38.15 -27.95 -50.41
CA LYS E 68 -38.03 -29.41 -50.46
C LYS E 68 -38.46 -29.94 -49.10
N SER E 69 -39.69 -30.45 -49.02
CA SER E 69 -40.24 -30.91 -47.75
C SER E 69 -39.45 -32.06 -47.17
N ALA E 70 -39.42 -33.20 -47.86
CA ALA E 70 -38.67 -34.37 -47.40
C ALA E 70 -37.63 -34.81 -48.42
N ASN E 71 -38.05 -35.19 -49.64
CA ASN E 71 -37.09 -35.62 -50.65
C ASN E 71 -37.42 -35.09 -52.05
N THR E 72 -38.46 -34.26 -52.19
CA THR E 72 -38.90 -33.79 -53.49
C THR E 72 -38.81 -32.26 -53.52
N ALA E 73 -38.06 -31.73 -54.49
CA ALA E 73 -37.94 -30.29 -54.66
C ALA E 73 -39.06 -29.77 -55.55
N SER E 74 -39.65 -28.64 -55.15
CA SER E 74 -40.76 -28.04 -55.88
C SER E 74 -40.41 -26.61 -56.24
N LEU E 75 -40.81 -26.20 -57.43
CA LEU E 75 -40.59 -24.83 -57.93
C LEU E 75 -41.93 -24.12 -57.96
N THR E 76 -42.09 -23.13 -57.09
CA THR E 76 -43.32 -22.35 -57.00
C THR E 76 -43.14 -21.07 -57.80
N ILE E 77 -43.86 -20.96 -58.90
CA ILE E 77 -43.78 -19.79 -59.79
C ILE E 77 -45.12 -19.08 -59.73
N SER E 78 -45.15 -17.91 -59.10
CA SER E 78 -46.36 -17.11 -58.97
C SER E 78 -46.34 -15.96 -59.96
N GLY E 79 -47.54 -15.53 -60.37
CA GLY E 79 -47.68 -14.44 -61.32
C GLY E 79 -47.19 -14.79 -62.71
N LEU E 80 -47.89 -15.72 -63.36
CA LEU E 80 -47.49 -16.17 -64.68
C LEU E 80 -47.75 -15.08 -65.72
N GLN E 81 -46.85 -14.99 -66.71
CA GLN E 81 -46.95 -14.04 -67.80
C GLN E 81 -46.76 -14.76 -69.13
N ALA E 82 -46.84 -14.00 -70.21
CA ALA E 82 -46.66 -14.58 -71.54
C ALA E 82 -45.22 -15.02 -71.78
N GLU E 83 -44.25 -14.30 -71.20
CA GLU E 83 -42.84 -14.63 -71.38
C GLU E 83 -42.35 -15.57 -70.29
N ASP E 84 -43.05 -16.70 -70.11
CA ASP E 84 -42.66 -17.68 -69.11
C ASP E 84 -42.76 -19.11 -69.60
N GLU E 85 -43.18 -19.34 -70.84
CA GLU E 85 -43.32 -20.70 -71.38
C GLU E 85 -41.95 -21.21 -71.79
N ALA E 86 -41.27 -21.87 -70.86
CA ALA E 86 -39.95 -22.43 -71.10
C ALA E 86 -39.78 -23.71 -70.31
N ASP E 87 -38.78 -24.49 -70.68
CA ASP E 87 -38.52 -25.77 -70.05
C ASP E 87 -37.66 -25.58 -68.80
N TYR E 88 -38.04 -26.26 -67.72
CA TYR E 88 -37.31 -26.20 -66.46
C TYR E 88 -36.68 -27.55 -66.15
N TYR E 89 -35.51 -27.51 -65.50
CA TYR E 89 -34.75 -28.70 -65.18
C TYR E 89 -34.22 -28.61 -63.76
N CYS E 90 -34.48 -29.62 -62.94
CA CYS E 90 -33.91 -29.72 -61.61
C CYS E 90 -32.66 -30.60 -61.66
N SER E 91 -31.59 -30.14 -61.02
CA SER E 91 -30.31 -30.82 -61.09
C SER E 91 -29.72 -30.94 -59.68
N SER E 92 -29.12 -32.09 -59.39
CA SER E 92 -28.47 -32.32 -58.11
C SER E 92 -27.13 -33.03 -58.31
N TYR E 93 -26.47 -33.39 -57.21
CA TYR E 93 -25.19 -34.08 -57.25
C TYR E 93 -25.40 -35.52 -56.81
N THR E 94 -25.18 -36.46 -57.73
CA THR E 94 -25.27 -37.88 -57.40
C THR E 94 -23.94 -38.38 -56.88
N THR E 95 -23.88 -39.67 -56.53
CA THR E 95 -22.67 -40.22 -55.95
C THR E 95 -21.53 -40.34 -56.95
N THR E 96 -21.83 -40.32 -58.25
CA THR E 96 -20.79 -40.45 -59.27
C THR E 96 -20.96 -39.54 -60.46
N SER E 97 -21.96 -38.66 -60.48
CA SER E 97 -22.20 -37.78 -61.62
C SER E 97 -23.05 -36.60 -61.15
N VAL E 98 -23.50 -35.79 -62.11
CA VAL E 98 -24.35 -34.63 -61.84
C VAL E 98 -25.59 -34.80 -62.70
N VAL E 99 -26.68 -35.31 -62.11
CA VAL E 99 -27.89 -35.55 -62.87
C VAL E 99 -28.60 -34.22 -63.16
N PHE E 100 -29.27 -34.16 -64.30
CA PHE E 100 -30.04 -32.99 -64.70
C PHE E 100 -31.54 -33.24 -64.78
N GLY E 101 -31.98 -34.48 -64.55
CA GLY E 101 -33.40 -34.79 -64.57
C GLY E 101 -34.01 -34.67 -65.96
N GLY E 102 -35.35 -34.69 -65.96
CA GLY E 102 -36.13 -34.58 -67.17
C GLY E 102 -36.50 -33.14 -67.49
N GLY E 103 -37.54 -33.00 -68.30
CA GLY E 103 -38.00 -31.69 -68.71
C GLY E 103 -39.39 -31.34 -68.20
N THR E 104 -39.75 -30.06 -68.27
CA THR E 104 -41.07 -29.60 -67.83
C THR E 104 -41.48 -28.43 -68.69
N LYS E 105 -42.43 -28.65 -69.60
CA LYS E 105 -42.91 -27.61 -70.48
C LYS E 105 -44.11 -26.91 -69.86
N LEU E 106 -44.06 -25.58 -69.81
CA LEU E 106 -45.13 -24.76 -69.23
C LEU E 106 -45.93 -24.15 -70.37
N THR E 107 -47.24 -24.40 -70.38
CA THR E 107 -48.14 -23.88 -71.40
C THR E 107 -49.15 -22.96 -70.70
N VAL E 108 -48.96 -21.65 -70.88
CA VAL E 108 -49.84 -20.65 -70.27
C VAL E 108 -50.93 -20.31 -71.28
N LEU E 109 -52.14 -20.80 -71.02
CA LEU E 109 -53.27 -20.54 -71.90
C LEU E 109 -53.85 -19.16 -71.60
N GLY E 110 -54.96 -18.82 -72.26
CA GLY E 110 -55.60 -17.54 -72.05
C GLY E 110 -55.10 -16.45 -72.97
N GLN E 111 -54.96 -16.77 -74.25
CA GLN E 111 -54.54 -15.80 -75.25
C GLN E 111 -55.48 -15.87 -76.45
N PRO E 112 -55.78 -14.73 -77.09
CA PRO E 112 -56.67 -14.75 -78.25
C PRO E 112 -56.05 -15.51 -79.41
N LYS E 113 -56.89 -16.29 -80.10
CA LYS E 113 -56.43 -17.07 -81.24
C LYS E 113 -56.09 -16.15 -82.41
N ALA E 114 -54.81 -16.11 -82.78
CA ALA E 114 -54.36 -15.24 -83.86
C ALA E 114 -54.56 -15.93 -85.21
N ALA E 115 -54.60 -15.11 -86.27
CA ALA E 115 -54.79 -15.59 -87.62
C ALA E 115 -53.47 -15.55 -88.39
N PRO E 116 -53.16 -16.57 -89.19
CA PRO E 116 -51.89 -16.58 -89.92
C PRO E 116 -52.01 -15.82 -91.24
N SER E 117 -51.04 -14.94 -91.49
CA SER E 117 -51.01 -14.16 -92.71
C SER E 117 -50.26 -14.92 -93.80
N VAL E 118 -50.84 -14.95 -94.99
CA VAL E 118 -50.26 -15.65 -96.13
C VAL E 118 -49.36 -14.70 -96.90
N THR E 119 -48.16 -15.16 -97.23
CA THR E 119 -47.19 -14.36 -97.98
C THR E 119 -46.55 -15.27 -99.03
N LEU E 120 -47.01 -15.16 -100.27
CA LEU E 120 -46.49 -15.96 -101.38
C LEU E 120 -45.47 -15.11 -102.15
N PHE E 121 -44.21 -15.25 -101.77
CA PHE E 121 -43.14 -14.47 -102.40
C PHE E 121 -42.86 -14.99 -103.79
N PRO E 122 -43.01 -14.17 -104.85
CA PRO E 122 -42.73 -14.66 -106.19
C PRO E 122 -41.25 -14.95 -106.36
N PRO E 123 -40.91 -16.03 -107.07
CA PRO E 123 -39.49 -16.35 -107.27
C PRO E 123 -38.84 -15.38 -108.25
N SER E 124 -37.63 -14.95 -107.92
CA SER E 124 -36.89 -14.04 -108.80
C SER E 124 -36.45 -14.77 -110.07
N SER E 125 -36.17 -13.98 -111.09
CA SER E 125 -35.75 -14.53 -112.38
C SER E 125 -34.25 -14.82 -112.39
N GLU E 126 -33.78 -15.57 -111.39
CA GLU E 126 -32.38 -15.97 -111.32
C GLU E 126 -32.27 -17.48 -111.15
N GLU E 127 -33.23 -18.08 -110.45
CA GLU E 127 -33.24 -19.52 -110.26
C GLU E 127 -34.08 -20.25 -111.31
N LEU E 128 -35.00 -19.55 -111.97
CA LEU E 128 -35.79 -20.17 -113.02
C LEU E 128 -34.93 -20.55 -114.23
N GLN E 129 -33.92 -19.74 -114.54
CA GLN E 129 -33.01 -20.09 -115.64
C GLN E 129 -32.13 -21.28 -115.29
N ALA E 130 -31.96 -21.58 -114.00
CA ALA E 130 -31.18 -22.74 -113.57
C ALA E 130 -32.06 -23.90 -113.14
N ASN E 131 -33.37 -23.82 -113.40
CA ASN E 131 -34.32 -24.90 -113.11
C ASN E 131 -34.34 -25.24 -111.62
N LYS E 132 -34.68 -24.23 -110.82
CA LYS E 132 -34.74 -24.37 -109.36
C LYS E 132 -35.99 -23.66 -108.81
N ALA E 133 -37.15 -23.95 -109.40
CA ALA E 133 -38.40 -23.38 -108.92
C ALA E 133 -38.69 -23.83 -107.50
N THR E 134 -38.62 -22.90 -106.55
CA THR E 134 -38.75 -23.17 -105.13
C THR E 134 -39.66 -22.15 -104.46
N LEU E 135 -40.83 -21.92 -105.06
CA LEU E 135 -41.80 -20.96 -104.52
C LEU E 135 -42.09 -21.26 -103.05
N VAL E 136 -42.28 -20.20 -102.28
CA VAL E 136 -42.45 -20.27 -100.82
C VAL E 136 -43.72 -19.53 -100.43
N CYS E 137 -44.49 -20.14 -99.52
CA CYS E 137 -45.68 -19.51 -98.96
C CYS E 137 -45.54 -19.39 -97.44
N LEU E 138 -44.41 -18.87 -96.99
CA LEU E 138 -44.12 -18.75 -95.56
C LEU E 138 -45.23 -18.01 -94.83
N ILE E 139 -45.83 -18.68 -93.84
CA ILE E 139 -46.85 -18.10 -92.98
C ILE E 139 -46.39 -18.22 -91.53
N SER E 140 -46.91 -17.35 -90.69
CA SER E 140 -46.54 -17.32 -89.27
C SER E 140 -47.60 -16.56 -88.50
N ASP E 141 -47.31 -16.23 -87.24
CA ASP E 141 -48.17 -15.43 -86.38
C ASP E 141 -49.54 -16.09 -86.18
N PHE E 142 -49.51 -17.26 -85.54
CA PHE E 142 -50.73 -17.95 -85.14
C PHE E 142 -50.49 -18.66 -83.81
N TYR E 143 -51.48 -18.58 -82.92
CA TYR E 143 -51.37 -19.07 -81.56
C TYR E 143 -51.53 -20.59 -81.44
N PRO E 144 -52.56 -21.22 -82.07
CA PRO E 144 -52.74 -22.67 -81.90
C PRO E 144 -51.51 -23.48 -82.29
N GLY E 145 -51.04 -23.32 -83.53
CA GLY E 145 -49.87 -24.03 -84.01
C GLY E 145 -50.15 -25.18 -84.94
N ALA E 146 -51.41 -25.43 -85.29
CA ALA E 146 -51.78 -26.52 -86.19
C ALA E 146 -52.30 -25.92 -87.49
N VAL E 147 -51.47 -25.97 -88.53
CA VAL E 147 -51.81 -25.44 -89.84
C VAL E 147 -51.59 -26.53 -90.89
N THR E 148 -52.25 -26.37 -92.03
CA THR E 148 -52.13 -27.31 -93.13
C THR E 148 -52.26 -26.54 -94.44
N VAL E 149 -51.12 -26.29 -95.10
CA VAL E 149 -51.14 -25.55 -96.35
C VAL E 149 -51.72 -26.42 -97.46
N ALA E 150 -52.35 -25.77 -98.44
CA ALA E 150 -53.06 -26.44 -99.52
C ALA E 150 -52.55 -25.96 -100.88
N TRP E 151 -51.23 -25.98 -101.04
CA TRP E 151 -50.59 -25.62 -102.31
C TRP E 151 -51.25 -26.36 -103.48
N LYS E 152 -51.85 -25.60 -104.39
CA LYS E 152 -52.49 -26.19 -105.56
C LYS E 152 -52.64 -25.12 -106.64
N ALA E 153 -52.35 -25.51 -107.87
CA ALA E 153 -52.57 -24.64 -109.03
C ALA E 153 -53.89 -25.01 -109.71
N ASP E 154 -54.98 -24.79 -108.97
CA ASP E 154 -56.33 -25.19 -109.40
C ASP E 154 -56.38 -26.69 -109.70
N SER E 155 -55.90 -27.48 -108.74
CA SER E 155 -55.84 -28.92 -108.88
C SER E 155 -55.86 -29.54 -107.49
N SER E 156 -55.51 -30.82 -107.41
CA SER E 156 -55.47 -31.53 -106.13
C SER E 156 -54.46 -30.88 -105.19
N PRO E 157 -54.87 -30.44 -104.00
CA PRO E 157 -53.93 -29.77 -103.09
C PRO E 157 -52.94 -30.76 -102.49
N VAL E 158 -51.65 -30.46 -102.62
CA VAL E 158 -50.58 -31.28 -102.06
C VAL E 158 -49.60 -30.35 -101.34
N LYS E 159 -48.81 -30.95 -100.45
CA LYS E 159 -47.80 -30.21 -99.69
C LYS E 159 -46.38 -30.63 -100.07
N ALA E 160 -46.04 -31.91 -99.94
CA ALA E 160 -44.76 -32.46 -100.37
C ALA E 160 -43.59 -31.72 -99.72
N GLY E 161 -43.52 -31.80 -98.40
CA GLY E 161 -42.42 -31.25 -97.63
C GLY E 161 -42.76 -30.02 -96.81
N VAL E 162 -44.01 -29.57 -96.82
CA VAL E 162 -44.37 -28.40 -96.03
C VAL E 162 -44.38 -28.72 -94.54
N GLU E 163 -44.72 -29.95 -94.18
CA GLU E 163 -44.75 -30.38 -92.78
C GLU E 163 -43.37 -30.31 -92.16
N THR E 164 -43.19 -29.43 -91.16
CA THR E 164 -41.89 -29.24 -90.53
C THR E 164 -41.92 -29.26 -89.01
N THR E 165 -43.06 -29.00 -88.37
CA THR E 165 -43.21 -29.01 -86.92
C THR E 165 -42.20 -28.06 -86.25
N THR E 166 -42.37 -26.77 -86.56
CA THR E 166 -41.53 -25.74 -85.99
C THR E 166 -42.33 -24.90 -85.00
N PRO E 167 -42.06 -24.99 -83.70
CA PRO E 167 -42.80 -24.17 -82.73
C PRO E 167 -42.49 -22.69 -82.89
N SER E 168 -41.20 -22.33 -82.90
CA SER E 168 -40.73 -20.97 -83.11
C SER E 168 -41.39 -19.99 -82.14
N LYS E 169 -41.12 -20.22 -80.85
CA LYS E 169 -41.65 -19.36 -79.79
C LYS E 169 -40.80 -18.08 -79.71
N GLN E 170 -41.12 -17.15 -80.60
CA GLN E 170 -40.39 -15.88 -80.67
C GLN E 170 -40.94 -14.92 -79.60
N SER E 171 -40.60 -13.64 -79.73
CA SER E 171 -40.94 -12.67 -78.69
C SER E 171 -42.45 -12.54 -78.51
N ASN E 172 -43.21 -12.58 -79.61
CA ASN E 172 -44.66 -12.46 -79.52
C ASN E 172 -45.32 -13.74 -79.01
N ASN E 173 -44.55 -14.80 -78.79
CA ASN E 173 -45.06 -16.08 -78.28
C ASN E 173 -46.13 -16.67 -79.19
N LYS E 174 -45.97 -16.50 -80.49
CA LYS E 174 -46.89 -17.04 -81.49
C LYS E 174 -46.17 -18.10 -82.31
N TYR E 175 -46.85 -19.24 -82.53
CA TYR E 175 -46.25 -20.33 -83.29
C TYR E 175 -46.16 -19.96 -84.76
N ALA E 176 -44.98 -20.13 -85.33
CA ALA E 176 -44.74 -19.86 -86.75
C ALA E 176 -44.78 -21.16 -87.55
N ALA E 177 -44.67 -21.03 -88.87
CA ALA E 177 -44.69 -22.17 -89.76
C ALA E 177 -43.57 -22.01 -90.79
N SER E 178 -43.47 -22.97 -91.70
CA SER E 178 -42.45 -22.95 -92.74
C SER E 178 -42.97 -23.73 -93.93
N SER E 179 -43.30 -23.03 -95.01
CA SER E 179 -43.82 -23.63 -96.23
C SER E 179 -42.72 -23.73 -97.28
N TYR E 180 -42.58 -24.92 -97.86
CA TYR E 180 -41.60 -25.16 -98.92
C TYR E 180 -42.22 -26.06 -99.97
N LEU E 181 -42.19 -25.60 -101.22
CA LEU E 181 -42.83 -26.31 -102.32
C LEU E 181 -41.82 -27.12 -103.11
N SER E 182 -42.29 -28.24 -103.66
CA SER E 182 -41.49 -29.12 -104.51
C SER E 182 -41.79 -28.89 -105.99
N LEU E 183 -42.02 -27.64 -106.37
CA LEU E 183 -42.39 -27.29 -107.75
C LEU E 183 -41.40 -27.86 -108.75
N THR E 184 -41.92 -28.62 -109.71
CA THR E 184 -41.07 -29.20 -110.74
C THR E 184 -40.54 -28.10 -111.66
N PRO E 185 -39.24 -28.04 -111.90
CA PRO E 185 -38.69 -26.97 -112.76
C PRO E 185 -39.24 -27.00 -114.18
N GLU E 186 -39.68 -28.16 -114.68
CA GLU E 186 -40.24 -28.25 -116.02
C GLU E 186 -41.73 -27.94 -116.06
N GLN E 187 -42.44 -28.14 -114.95
CA GLN E 187 -43.87 -27.88 -114.90
C GLN E 187 -44.20 -26.45 -114.46
N TRP E 188 -43.20 -25.57 -114.38
CA TRP E 188 -43.46 -24.19 -113.96
C TRP E 188 -44.23 -23.42 -115.03
N LYS E 189 -44.04 -23.77 -116.31
CA LYS E 189 -44.76 -23.08 -117.38
C LYS E 189 -46.24 -23.44 -117.38
N SER E 190 -46.56 -24.69 -117.03
CA SER E 190 -47.96 -25.13 -117.03
C SER E 190 -48.74 -24.49 -115.89
N HIS E 191 -48.08 -24.30 -114.74
CA HIS E 191 -48.75 -23.70 -113.59
C HIS E 191 -48.99 -22.21 -113.84
N ARG E 192 -50.26 -21.81 -113.79
CA ARG E 192 -50.60 -20.41 -114.02
C ARG E 192 -49.97 -19.50 -112.97
N SER E 193 -50.40 -19.67 -111.72
CA SER E 193 -49.85 -18.90 -110.61
C SER E 193 -49.58 -19.70 -109.36
N TYR E 194 -50.11 -20.92 -109.23
CA TYR E 194 -49.88 -21.78 -108.08
C TYR E 194 -50.30 -21.08 -106.78
N SER E 195 -51.61 -20.82 -106.68
CA SER E 195 -52.17 -20.15 -105.52
C SER E 195 -51.90 -20.96 -104.25
N CYS E 196 -51.89 -20.25 -103.13
CA CYS E 196 -51.59 -20.84 -101.82
C CYS E 196 -52.76 -20.60 -100.87
N GLN E 197 -53.21 -21.67 -100.22
CA GLN E 197 -54.30 -21.60 -99.26
C GLN E 197 -53.87 -22.33 -97.99
N VAL E 198 -54.00 -21.66 -96.85
CA VAL E 198 -53.61 -22.22 -95.57
C VAL E 198 -54.85 -22.36 -94.69
N THR E 199 -54.98 -23.53 -94.07
CA THR E 199 -56.07 -23.83 -93.15
C THR E 199 -55.57 -23.77 -91.73
N HIS E 200 -56.33 -23.11 -90.86
CA HIS E 200 -55.97 -22.91 -89.46
C HIS E 200 -56.91 -23.70 -88.55
N GLU E 201 -56.51 -23.82 -87.29
CA GLU E 201 -57.32 -24.51 -86.30
C GLU E 201 -58.55 -23.69 -85.96
N GLY E 202 -59.70 -24.37 -85.83
CA GLY E 202 -60.94 -23.71 -85.58
C GLY E 202 -61.51 -23.06 -86.83
N SER E 203 -60.84 -22.03 -87.33
CA SER E 203 -61.24 -21.37 -88.58
C SER E 203 -60.58 -22.12 -89.74
N THR E 204 -61.18 -23.25 -90.11
CA THR E 204 -60.63 -24.08 -91.18
C THR E 204 -60.71 -23.39 -92.53
N VAL E 205 -61.67 -22.49 -92.70
CA VAL E 205 -61.82 -21.76 -93.96
C VAL E 205 -60.71 -20.73 -94.12
N GLN F 1 18.54 -64.24 -1.91
CA GLN F 1 17.31 -63.48 -1.81
C GLN F 1 16.31 -64.18 -0.89
N VAL F 2 15.05 -63.75 -0.95
CA VAL F 2 14.01 -64.35 -0.11
C VAL F 2 13.69 -65.74 -0.63
N THR F 3 13.85 -66.74 0.24
CA THR F 3 13.57 -68.14 -0.10
C THR F 3 12.50 -68.64 0.86
N LEU F 4 11.30 -68.87 0.34
CA LEU F 4 10.16 -69.32 1.13
C LEU F 4 9.87 -70.77 0.76
N ARG F 5 10.29 -71.69 1.62
CA ARG F 5 10.08 -73.11 1.43
C ARG F 5 9.07 -73.62 2.45
N GLU F 6 8.22 -74.56 2.03
CA GLU F 6 7.24 -75.17 2.90
C GLU F 6 7.67 -76.61 3.24
N SER F 7 6.99 -77.17 4.23
CA SER F 7 7.25 -78.53 4.69
C SER F 7 6.01 -79.06 5.39
N GLY F 8 6.16 -80.18 6.07
CA GLY F 8 5.06 -80.81 6.77
C GLY F 8 4.48 -81.98 6.00
N PRO F 9 3.69 -82.80 6.68
CA PRO F 9 3.08 -83.97 6.01
C PRO F 9 1.99 -83.54 5.06
N THR F 10 2.13 -83.94 3.79
CA THR F 10 1.12 -83.60 2.79
C THR F 10 -0.12 -84.45 2.95
N LEU F 11 0.05 -85.72 3.32
CA LEU F 11 -1.06 -86.63 3.52
C LEU F 11 -1.26 -86.88 5.00
N VAL F 12 -2.52 -86.77 5.46
CA VAL F 12 -2.87 -86.94 6.85
C VAL F 12 -4.27 -87.54 6.92
N LYS F 13 -4.69 -87.90 8.13
CA LYS F 13 -6.04 -88.42 8.32
C LYS F 13 -7.04 -87.26 8.32
N PRO F 14 -8.26 -87.50 7.85
CA PRO F 14 -9.27 -86.43 7.82
C PRO F 14 -9.73 -86.07 9.22
N LYS F 15 -10.26 -84.85 9.34
CA LYS F 15 -10.74 -84.29 10.61
C LYS F 15 -9.61 -84.30 11.66
N GLN F 16 -8.53 -83.60 11.32
CA GLN F 16 -7.37 -83.50 12.19
C GLN F 16 -6.86 -82.07 12.16
N THR F 17 -5.65 -81.86 12.68
CA THR F 17 -5.02 -80.55 12.76
C THR F 17 -3.74 -80.57 11.94
N LEU F 18 -3.69 -79.75 10.90
CA LEU F 18 -2.49 -79.68 10.06
C LEU F 18 -1.37 -78.95 10.78
N THR F 19 -0.14 -79.22 10.34
CA THR F 19 1.06 -78.59 10.88
C THR F 19 1.96 -78.11 9.75
N LEU F 20 1.36 -77.44 8.77
CA LEU F 20 2.11 -76.93 7.62
C LEU F 20 2.98 -75.76 8.07
N THR F 21 4.28 -75.88 7.84
CA THR F 21 5.26 -74.87 8.25
C THR F 21 5.73 -74.08 7.03
N CYS F 22 6.48 -73.01 7.31
CA CYS F 22 6.99 -72.14 6.26
C CYS F 22 8.35 -71.61 6.74
N THR F 23 9.42 -72.27 6.33
CA THR F 23 10.78 -71.88 6.72
C THR F 23 11.24 -70.75 5.81
N PHE F 24 11.39 -69.55 6.37
CA PHE F 24 11.84 -68.39 5.61
C PHE F 24 13.30 -68.11 5.92
N SER F 25 14.05 -67.72 4.88
CA SER F 25 15.46 -67.41 5.03
C SER F 25 15.83 -66.30 4.06
N GLY F 26 16.68 -65.38 4.51
CA GLY F 26 17.12 -64.26 3.71
C GLY F 26 16.64 -62.91 4.20
N PHE F 27 15.90 -62.86 5.30
CA PHE F 27 15.40 -61.60 5.84
C PHE F 27 15.03 -61.80 7.30
N SER F 28 14.77 -60.69 7.98
CA SER F 28 14.35 -60.70 9.38
C SER F 28 12.89 -60.29 9.47
N LEU F 29 12.12 -61.04 10.26
CA LEU F 29 10.70 -60.76 10.43
C LEU F 29 10.44 -59.55 11.31
N SER F 30 11.44 -59.05 12.04
CA SER F 30 11.28 -57.91 12.92
C SER F 30 11.30 -56.58 12.20
N THR F 31 11.36 -56.58 10.86
CA THR F 31 11.37 -55.33 10.12
C THR F 31 10.01 -54.65 10.22
N PRO F 32 9.95 -53.33 10.34
CA PRO F 32 8.66 -52.63 10.43
C PRO F 32 7.89 -52.73 9.12
N GLY F 33 6.69 -53.31 9.18
CA GLY F 33 5.87 -53.49 8.01
C GLY F 33 5.91 -54.87 7.39
N GLY F 34 6.81 -55.75 7.85
CA GLY F 34 6.94 -57.07 7.30
C GLY F 34 5.95 -58.06 7.90
N GLY F 35 5.94 -59.25 7.30
CA GLY F 35 5.05 -60.30 7.74
C GLY F 35 4.90 -61.43 6.74
N VAL F 36 4.49 -62.60 7.20
CA VAL F 36 4.31 -63.78 6.36
C VAL F 36 2.87 -64.24 6.48
N GLY F 37 2.22 -64.48 5.34
CA GLY F 37 0.85 -64.93 5.32
C GLY F 37 0.66 -66.30 4.70
N TRP F 38 -0.57 -66.64 4.35
CA TRP F 38 -0.89 -67.92 3.73
C TRP F 38 -1.98 -67.72 2.70
N ILE F 39 -1.83 -68.35 1.55
CA ILE F 39 -2.78 -68.24 0.44
C ILE F 39 -3.15 -69.64 -0.03
N ARG F 40 -4.45 -69.87 -0.23
CA ARG F 40 -4.95 -71.15 -0.71
C ARG F 40 -5.31 -71.05 -2.18
N GLN F 41 -5.06 -72.14 -2.91
CA GLN F 41 -5.34 -72.20 -4.35
C GLN F 41 -5.92 -73.57 -4.68
N PRO F 42 -7.25 -73.67 -4.73
CA PRO F 42 -7.85 -74.95 -5.10
C PRO F 42 -7.55 -75.29 -6.54
N PRO F 43 -7.52 -76.58 -6.88
CA PRO F 43 -7.27 -76.97 -8.28
C PRO F 43 -8.39 -76.49 -9.19
N GLY F 44 -8.03 -75.64 -10.14
CA GLY F 44 -9.00 -75.11 -11.08
C GLY F 44 -9.83 -73.97 -10.52
N LYS F 45 -9.29 -73.21 -9.57
CA LYS F 45 -10.00 -72.08 -8.98
C LYS F 45 -9.00 -70.94 -8.81
N ALA F 46 -9.41 -69.92 -8.07
CA ALA F 46 -8.58 -68.73 -7.86
C ALA F 46 -7.98 -68.74 -6.45
N LEU F 47 -7.17 -67.72 -6.19
CA LEU F 47 -6.50 -67.59 -4.91
C LEU F 47 -7.48 -67.08 -3.85
N GLU F 48 -7.12 -67.33 -2.58
CA GLU F 48 -7.93 -66.87 -1.46
C GLU F 48 -7.06 -66.77 -0.22
N TRP F 49 -7.17 -65.66 0.50
CA TRP F 49 -6.35 -65.41 1.67
C TRP F 49 -6.94 -66.12 2.89
N LEU F 50 -6.06 -66.72 3.70
CA LEU F 50 -6.46 -67.44 4.90
C LEU F 50 -5.99 -66.76 6.17
N ALA F 51 -4.68 -66.52 6.30
CA ALA F 51 -4.13 -65.94 7.52
C ALA F 51 -2.94 -65.06 7.16
N LEU F 52 -2.51 -64.25 8.12
CA LEU F 52 -1.40 -63.34 7.93
C LEU F 52 -0.90 -62.87 9.30
N ILE F 53 0.41 -62.87 9.48
CA ILE F 53 1.03 -62.43 10.71
C ILE F 53 1.87 -61.18 10.41
N TYR F 54 2.16 -60.43 11.47
CA TYR F 54 2.92 -59.20 11.32
C TYR F 54 4.15 -59.18 12.21
N TRP F 55 4.84 -58.04 12.27
CA TRP F 55 6.06 -57.91 13.04
C TRP F 55 5.83 -57.57 14.50
N ASP F 56 4.57 -57.41 14.92
CA ASP F 56 4.24 -57.04 16.29
C ASP F 56 3.28 -58.05 16.90
N ASP F 57 3.49 -59.34 16.59
CA ASP F 57 2.72 -60.45 17.13
C ASP F 57 1.23 -60.37 16.76
N ASP F 58 0.87 -59.58 15.76
CA ASP F 58 -0.52 -59.48 15.34
C ASP F 58 -0.88 -60.67 14.45
N LYS F 59 -1.98 -61.33 14.79
CA LYS F 59 -2.44 -62.53 14.07
C LYS F 59 -3.77 -62.19 13.40
N ARG F 60 -3.71 -61.91 12.10
CA ARG F 60 -4.90 -61.60 11.31
C ARG F 60 -5.33 -62.84 10.53
N TYR F 61 -6.61 -63.16 10.61
CA TYR F 61 -7.17 -64.33 9.95
C TYR F 61 -8.35 -63.91 9.07
N SER F 62 -8.80 -64.84 8.24
CA SER F 62 -9.93 -64.58 7.37
C SER F 62 -11.20 -64.46 8.20
N PRO F 63 -12.11 -63.54 7.85
CA PRO F 63 -13.35 -63.40 8.64
C PRO F 63 -14.25 -64.60 8.55
N SER F 64 -14.17 -65.39 7.48
CA SER F 64 -15.02 -66.57 7.35
C SER F 64 -14.54 -67.68 8.27
N LEU F 65 -13.24 -67.91 8.35
CA LEU F 65 -12.66 -68.98 9.15
C LEU F 65 -11.84 -68.35 10.28
N LYS F 66 -12.38 -68.40 11.50
CA LYS F 66 -11.69 -67.90 12.68
C LYS F 66 -11.61 -68.89 13.83
N SER F 67 -12.34 -69.99 13.78
CA SER F 67 -12.33 -70.98 14.84
C SER F 67 -11.30 -72.08 14.62
N SER F 68 -10.62 -72.10 13.49
CA SER F 68 -9.64 -73.13 13.19
C SER F 68 -8.27 -72.57 12.82
N LEU F 69 -8.23 -71.43 12.13
CA LEU F 69 -6.96 -70.86 11.70
C LEU F 69 -6.22 -70.25 12.89
N THR F 70 -5.08 -70.83 13.24
CA THR F 70 -4.25 -70.34 14.33
C THR F 70 -2.80 -70.34 13.87
N ILE F 71 -2.26 -69.15 13.63
CA ILE F 71 -0.88 -68.98 13.15
C ILE F 71 -0.01 -68.55 14.31
N THR F 72 1.28 -68.90 14.24
CA THR F 72 2.24 -68.54 15.26
C THR F 72 3.59 -68.29 14.61
N LYS F 73 4.42 -67.49 15.29
CA LYS F 73 5.74 -67.14 14.80
C LYS F 73 6.82 -67.77 15.68
N ASP F 74 7.90 -68.19 15.03
CA ASP F 74 9.04 -68.84 15.69
C ASP F 74 10.34 -68.23 15.18
N THR F 75 10.41 -66.89 15.19
CA THR F 75 11.57 -66.18 14.67
C THR F 75 12.86 -66.60 15.35
N SER F 76 12.77 -67.21 16.54
CA SER F 76 13.97 -67.74 17.19
C SER F 76 14.68 -68.75 16.31
N LYS F 77 13.92 -69.53 15.53
CA LYS F 77 14.47 -70.47 14.58
C LYS F 77 14.06 -70.16 13.15
N ASN F 78 13.31 -69.07 12.93
CA ASN F 78 12.88 -68.64 11.60
C ASN F 78 12.07 -69.73 10.90
N GLN F 79 10.91 -70.05 11.49
CA GLN F 79 10.03 -71.08 10.94
C GLN F 79 8.60 -70.71 11.29
N VAL F 80 7.86 -70.19 10.33
CA VAL F 80 6.46 -69.85 10.53
C VAL F 80 5.61 -71.11 10.40
N VAL F 81 4.80 -71.38 11.41
CA VAL F 81 3.97 -72.58 11.47
C VAL F 81 2.51 -72.17 11.46
N LEU F 82 1.71 -72.87 10.67
CA LEU F 82 0.26 -72.65 10.58
C LEU F 82 -0.47 -73.91 11.00
N THR F 83 -1.51 -73.74 11.82
CA THR F 83 -2.32 -74.85 12.32
C THR F 83 -3.78 -74.56 12.03
N MET F 84 -4.48 -75.55 11.49
CA MET F 84 -5.90 -75.43 11.18
C MET F 84 -6.60 -76.74 11.55
N THR F 85 -7.78 -76.61 12.18
CA THR F 85 -8.55 -77.76 12.62
C THR F 85 -9.78 -77.94 11.74
N ASN F 86 -10.50 -79.03 12.00
CA ASN F 86 -11.73 -79.39 11.28
C ASN F 86 -11.46 -79.50 9.77
N MET F 87 -10.62 -80.47 9.43
CA MET F 87 -10.25 -80.68 8.04
C MET F 87 -11.37 -81.41 7.30
N ASP F 88 -11.97 -80.75 6.33
CA ASP F 88 -13.02 -81.30 5.50
C ASP F 88 -12.50 -81.57 4.09
N PRO F 89 -13.13 -82.49 3.35
CA PRO F 89 -12.69 -82.80 1.97
C PRO F 89 -13.08 -81.73 0.96
N VAL F 90 -12.85 -80.46 1.31
CA VAL F 90 -13.08 -79.35 0.41
C VAL F 90 -11.86 -78.44 0.43
N ASP F 91 -10.99 -78.65 1.42
CA ASP F 91 -9.80 -77.82 1.60
C ASP F 91 -8.59 -78.38 0.87
N THR F 92 -8.74 -79.41 0.05
CA THR F 92 -7.63 -79.96 -0.70
C THR F 92 -7.12 -78.96 -1.73
N ALA F 93 -5.94 -78.41 -1.50
CA ALA F 93 -5.40 -77.36 -2.35
C ALA F 93 -3.91 -77.22 -2.10
N THR F 94 -3.25 -76.46 -2.97
CA THR F 94 -1.83 -76.16 -2.83
C THR F 94 -1.68 -74.87 -2.04
N TYR F 95 -1.09 -74.97 -0.85
CA TYR F 95 -0.92 -73.80 0.00
C TYR F 95 0.37 -73.06 -0.33
N TYR F 96 0.34 -71.75 -0.17
CA TYR F 96 1.49 -70.89 -0.42
C TYR F 96 1.63 -69.90 0.71
N CYS F 97 2.86 -69.71 1.19
CA CYS F 97 3.17 -68.69 2.18
C CYS F 97 4.05 -67.63 1.53
N ALA F 98 3.53 -66.40 1.49
CA ALA F 98 4.22 -65.29 0.85
C ALA F 98 4.52 -64.21 1.89
N ARG F 99 5.64 -63.51 1.69
CA ARG F 99 6.04 -62.44 2.59
C ARG F 99 5.37 -61.13 2.18
N LEU F 100 4.80 -60.44 3.16
CA LEU F 100 4.18 -59.13 2.94
C LEU F 100 5.19 -58.07 3.39
N THR F 101 5.93 -57.53 2.42
CA THR F 101 6.95 -56.53 2.73
C THR F 101 6.32 -55.23 3.24
N ALA F 102 5.26 -54.77 2.57
CA ALA F 102 4.57 -53.55 2.97
C ALA F 102 3.16 -53.61 2.42
N ALA F 103 2.40 -52.53 2.65
CA ALA F 103 1.01 -52.50 2.20
C ALA F 103 0.92 -52.39 0.68
N ASP F 104 1.83 -51.66 0.05
CA ASP F 104 1.79 -51.50 -1.39
C ASP F 104 2.24 -52.77 -2.11
N THR F 105 3.25 -53.46 -1.58
CA THR F 105 3.76 -54.70 -2.17
C THR F 105 3.03 -55.86 -1.50
N ILE F 106 1.91 -56.25 -2.09
CA ILE F 106 1.05 -57.31 -1.54
C ILE F 106 1.63 -58.64 -1.99
N PHE F 107 2.36 -59.31 -1.09
CA PHE F 107 2.88 -60.66 -1.33
C PHE F 107 3.76 -60.71 -2.58
N ASP F 108 4.88 -60.00 -2.51
CA ASP F 108 5.80 -59.94 -3.64
C ASP F 108 6.44 -61.30 -3.91
N CYS F 109 7.11 -61.86 -2.91
CA CYS F 109 7.78 -63.14 -3.04
C CYS F 109 6.90 -64.25 -2.48
N TRP F 110 6.68 -65.29 -3.29
CA TRP F 110 5.86 -66.42 -2.91
C TRP F 110 6.71 -67.66 -2.69
N GLY F 111 6.05 -68.74 -2.28
CA GLY F 111 6.73 -70.01 -2.05
C GLY F 111 6.80 -70.88 -3.29
N GLN F 112 6.64 -72.20 -3.10
CA GLN F 112 6.66 -73.15 -4.19
C GLN F 112 5.42 -74.01 -4.29
N GLY F 113 4.76 -74.29 -3.18
CA GLY F 113 3.49 -75.00 -3.22
C GLY F 113 3.59 -76.41 -2.67
N THR F 114 2.64 -76.75 -1.80
CA THR F 114 2.55 -78.09 -1.22
C THR F 114 1.09 -78.52 -1.26
N LEU F 115 0.78 -79.49 -2.10
CA LEU F 115 -0.59 -79.97 -2.25
C LEU F 115 -0.96 -80.87 -1.08
N VAL F 116 -2.09 -80.60 -0.45
CA VAL F 116 -2.59 -81.41 0.65
C VAL F 116 -3.89 -82.07 0.24
N THR F 117 -3.80 -83.29 -0.27
CA THR F 117 -4.99 -84.01 -0.72
C THR F 117 -5.45 -85.01 0.34
N VAL F 118 -6.40 -84.60 1.16
CA VAL F 118 -6.92 -85.45 2.24
C VAL F 118 -8.44 -85.46 2.20
N SER F 119 -9.01 -86.48 1.57
CA SER F 119 -10.47 -86.64 1.65
C SER F 119 -10.84 -87.94 2.34
N SER F 120 -10.44 -89.08 1.78
CA SER F 120 -10.75 -90.37 2.40
C SER F 120 -9.54 -91.29 2.48
N ALA F 121 -8.69 -91.27 1.45
CA ALA F 121 -7.71 -92.33 1.24
C ALA F 121 -6.40 -92.11 1.97
N SER F 122 -5.73 -93.21 2.33
CA SER F 122 -4.40 -93.14 2.91
C SER F 122 -3.34 -93.36 1.84
N THR F 123 -2.10 -93.54 2.28
CA THR F 123 -1.00 -93.73 1.35
C THR F 123 -1.09 -95.10 0.68
N LYS F 124 -0.45 -95.21 -0.49
CA LYS F 124 -0.43 -96.43 -1.28
C LYS F 124 0.98 -96.67 -1.78
N GLY F 125 1.41 -97.93 -1.80
CA GLY F 125 2.73 -98.29 -2.26
C GLY F 125 2.88 -98.15 -3.76
N PRO F 126 3.87 -97.37 -4.19
CA PRO F 126 4.10 -97.18 -5.63
C PRO F 126 4.80 -98.39 -6.24
N SER F 127 4.39 -98.77 -7.45
CA SER F 127 4.99 -99.88 -8.17
C SER F 127 5.85 -99.32 -9.30
N VAL F 128 7.16 -99.44 -9.16
CA VAL F 128 8.11 -98.90 -10.12
C VAL F 128 8.51 -100.02 -11.08
N PHE F 129 8.23 -99.82 -12.36
CA PHE F 129 8.58 -100.79 -13.41
C PHE F 129 8.90 -100.02 -14.68
N PRO F 130 10.18 -99.74 -14.95
CA PRO F 130 10.53 -98.97 -16.15
C PRO F 130 10.17 -99.70 -17.43
N LEU F 131 9.79 -98.94 -18.44
CA LEU F 131 9.44 -99.47 -19.76
C LEU F 131 10.71 -99.69 -20.55
N ALA F 132 10.94 -100.93 -20.98
CA ALA F 132 12.16 -101.28 -21.69
C ALA F 132 12.15 -100.67 -23.09
N PRO F 133 13.17 -99.91 -23.47
CA PRO F 133 13.26 -99.37 -24.85
C PRO F 133 13.68 -100.43 -25.86
N SER F 134 12.69 -101.19 -26.33
CA SER F 134 12.94 -102.31 -27.24
C SER F 134 13.15 -101.77 -28.66
N SER F 135 13.16 -102.68 -29.64
CA SER F 135 13.39 -102.28 -31.01
C SER F 135 12.27 -101.41 -31.56
N LYS F 136 11.07 -101.50 -30.96
CA LYS F 136 9.97 -100.66 -31.40
C LYS F 136 10.25 -99.19 -31.14
N SER F 137 10.71 -98.87 -29.92
CA SER F 137 11.05 -97.49 -29.60
C SER F 137 12.37 -97.07 -30.24
N THR F 138 13.27 -98.01 -30.48
CA THR F 138 14.54 -97.68 -31.12
C THR F 138 14.35 -97.34 -32.59
N SER F 139 13.68 -98.22 -33.34
CA SER F 139 13.44 -97.96 -34.75
C SER F 139 12.44 -96.83 -34.95
N GLY F 140 11.59 -96.58 -33.94
CA GLY F 140 10.61 -95.50 -34.04
C GLY F 140 11.15 -94.17 -33.60
N GLY F 141 12.40 -93.87 -33.95
CA GLY F 141 13.01 -92.61 -33.59
C GLY F 141 13.72 -92.66 -32.25
N THR F 142 13.25 -91.86 -31.29
CA THR F 142 13.88 -91.80 -29.97
C THR F 142 13.37 -92.93 -29.10
N ALA F 143 14.30 -93.73 -28.56
CA ALA F 143 13.95 -94.84 -27.67
C ALA F 143 13.73 -94.26 -26.27
N ALA F 144 12.52 -93.71 -26.08
CA ALA F 144 12.16 -93.05 -24.83
C ALA F 144 11.79 -94.11 -23.79
N LEU F 145 12.55 -94.17 -22.70
CA LEU F 145 12.27 -95.08 -21.59
C LEU F 145 11.63 -94.30 -20.44
N GLY F 146 10.62 -94.91 -19.83
CA GLY F 146 9.91 -94.27 -18.75
C GLY F 146 9.48 -95.21 -17.64
N CYS F 147 9.69 -94.82 -16.39
CA CYS F 147 9.28 -95.66 -15.27
C CYS F 147 7.77 -95.54 -15.08
N LEU F 148 7.13 -96.67 -14.76
CA LEU F 148 5.68 -96.79 -14.72
C LEU F 148 5.11 -96.69 -13.32
N VAL F 149 5.68 -95.82 -12.47
CA VAL F 149 5.22 -95.64 -11.09
C VAL F 149 3.72 -95.38 -11.08
N LYS F 150 2.98 -96.25 -10.39
CA LYS F 150 1.52 -96.16 -10.35
C LYS F 150 1.05 -96.63 -8.99
N ASP F 151 -0.28 -96.67 -8.82
CA ASP F 151 -0.93 -97.11 -7.59
C ASP F 151 -0.46 -96.28 -6.39
N TYR F 152 -0.73 -94.98 -6.45
CA TYR F 152 -0.39 -94.07 -5.39
C TYR F 152 -1.43 -92.94 -5.35
N PHE F 153 -1.95 -92.68 -4.16
CA PHE F 153 -2.96 -91.65 -3.97
C PHE F 153 -2.36 -90.24 -3.89
N PRO F 154 -1.29 -90.01 -3.12
CA PRO F 154 -0.72 -88.65 -3.08
C PRO F 154 -0.21 -88.21 -4.44
N GLU F 155 -0.59 -86.99 -4.83
CA GLU F 155 -0.25 -86.43 -6.12
C GLU F 155 1.20 -85.95 -6.20
N PRO F 156 1.72 -85.18 -5.21
CA PRO F 156 3.08 -84.64 -5.37
C PRO F 156 4.16 -85.71 -5.31
N VAL F 157 4.78 -85.97 -6.46
CA VAL F 157 5.90 -86.90 -6.55
C VAL F 157 6.77 -86.50 -7.73
N THR F 158 8.07 -86.32 -7.48
CA THR F 158 9.00 -85.88 -8.51
C THR F 158 9.84 -87.05 -9.01
N VAL F 159 10.22 -86.98 -10.28
CA VAL F 159 11.05 -87.99 -10.93
C VAL F 159 12.09 -87.30 -11.79
N SER F 160 13.26 -87.93 -11.91
CA SER F 160 14.35 -87.37 -12.69
C SER F 160 15.31 -88.49 -13.06
N TRP F 161 15.46 -88.76 -14.36
CA TRP F 161 16.36 -89.80 -14.83
C TRP F 161 17.81 -89.37 -14.59
N ASN F 162 18.56 -90.20 -13.85
CA ASN F 162 19.96 -89.93 -13.52
C ASN F 162 20.11 -88.56 -12.84
N SER F 163 19.50 -88.47 -11.67
CA SER F 163 19.44 -87.23 -10.90
C SER F 163 20.82 -86.59 -10.78
N GLY F 164 20.83 -85.26 -10.71
CA GLY F 164 22.07 -84.51 -10.76
C GLY F 164 22.38 -84.02 -12.16
N ALA F 165 22.50 -84.94 -13.10
CA ALA F 165 22.72 -84.59 -14.49
C ALA F 165 21.47 -84.83 -15.33
N LEU F 166 21.55 -84.48 -16.61
CA LEU F 166 20.46 -84.68 -17.57
C LEU F 166 19.17 -84.02 -17.08
N THR F 167 19.24 -82.69 -16.92
CA THR F 167 18.08 -81.94 -16.42
C THR F 167 16.94 -81.97 -17.43
N SER F 168 17.24 -81.86 -18.72
CA SER F 168 16.21 -81.87 -19.75
C SER F 168 15.91 -83.31 -20.15
N GLY F 169 15.08 -83.47 -21.18
CA GLY F 169 14.72 -84.80 -21.67
C GLY F 169 13.48 -85.44 -21.07
N VAL F 170 13.36 -85.39 -19.73
CA VAL F 170 12.22 -86.01 -19.07
C VAL F 170 10.96 -85.19 -19.35
N HIS F 171 9.87 -85.88 -19.67
CA HIS F 171 8.61 -85.19 -19.97
C HIS F 171 7.93 -84.69 -18.70
N THR F 172 7.69 -85.59 -17.74
CA THR F 172 7.07 -85.27 -16.46
C THR F 172 5.70 -84.63 -16.66
N PHE F 173 4.79 -85.41 -17.25
CA PHE F 173 3.43 -84.96 -17.45
C PHE F 173 2.57 -85.27 -16.23
N PRO F 174 1.49 -84.51 -16.02
CA PRO F 174 0.62 -84.76 -14.87
C PRO F 174 0.00 -86.15 -14.93
N ALA F 175 -0.25 -86.72 -13.75
CA ALA F 175 -0.79 -88.06 -13.66
C ALA F 175 -2.25 -88.09 -14.11
N VAL F 176 -2.77 -89.31 -14.27
CA VAL F 176 -4.14 -89.54 -14.72
C VAL F 176 -4.89 -90.26 -13.61
N LEU F 177 -6.08 -89.77 -13.29
CA LEU F 177 -6.92 -90.37 -12.26
C LEU F 177 -7.86 -91.38 -12.92
N GLN F 178 -7.59 -92.67 -12.74
CA GLN F 178 -8.42 -93.72 -13.30
C GLN F 178 -9.59 -94.00 -12.36
N SER F 179 -10.32 -95.09 -12.61
CA SER F 179 -11.47 -95.45 -11.80
C SER F 179 -11.08 -96.04 -10.45
N SER F 180 -9.80 -96.32 -10.22
CA SER F 180 -9.33 -96.89 -8.97
C SER F 180 -9.02 -95.82 -7.93
N GLY F 181 -9.24 -94.55 -8.24
CA GLY F 181 -8.95 -93.48 -7.29
C GLY F 181 -7.48 -93.29 -7.01
N LEU F 182 -6.61 -93.65 -7.96
CA LEU F 182 -5.18 -93.54 -7.78
C LEU F 182 -4.58 -92.82 -8.98
N TYR F 183 -3.29 -92.50 -8.88
CA TYR F 183 -2.57 -91.78 -9.92
C TYR F 183 -1.49 -92.68 -10.52
N SER F 184 -0.92 -92.20 -11.63
CA SER F 184 0.10 -92.96 -12.34
C SER F 184 0.87 -92.02 -13.25
N LEU F 185 2.20 -92.09 -13.20
CA LEU F 185 3.07 -91.30 -14.05
C LEU F 185 3.91 -92.21 -14.93
N SER F 186 4.15 -91.78 -16.17
CA SER F 186 4.94 -92.53 -17.13
C SER F 186 5.93 -91.59 -17.84
N SER F 187 6.61 -90.77 -17.04
CA SER F 187 7.53 -89.79 -17.60
C SER F 187 8.68 -90.47 -18.33
N VAL F 188 8.81 -90.19 -19.62
CA VAL F 188 9.86 -90.76 -20.45
C VAL F 188 10.89 -89.67 -20.74
N VAL F 189 12.11 -90.10 -21.02
CA VAL F 189 13.21 -89.19 -21.33
C VAL F 189 13.39 -89.12 -22.84
N THR F 190 13.87 -87.98 -23.32
CA THR F 190 14.05 -87.75 -24.76
C THR F 190 15.46 -88.10 -25.23
N VAL F 191 16.19 -88.91 -24.47
CA VAL F 191 17.54 -89.34 -24.87
C VAL F 191 17.41 -90.29 -26.05
N PRO F 192 18.08 -90.03 -27.17
CA PRO F 192 17.96 -90.92 -28.34
C PRO F 192 18.70 -92.23 -28.16
N SER F 193 18.73 -93.05 -29.21
CA SER F 193 19.36 -94.36 -29.17
C SER F 193 20.87 -94.30 -29.36
N SER F 194 21.49 -93.14 -29.15
CA SER F 194 22.93 -93.01 -29.32
C SER F 194 23.68 -93.92 -28.35
N SER F 195 23.46 -93.74 -27.05
CA SER F 195 24.12 -94.57 -26.04
C SER F 195 23.16 -94.73 -24.86
N LEU F 196 22.40 -95.82 -24.87
CA LEU F 196 21.50 -96.13 -23.78
C LEU F 196 21.54 -97.59 -23.32
N GLY F 197 22.15 -98.50 -24.08
CA GLY F 197 22.13 -99.90 -23.69
C GLY F 197 23.19 -100.25 -22.66
N THR F 198 24.36 -99.62 -22.73
CA THR F 198 25.46 -99.91 -21.82
C THR F 198 25.47 -99.00 -20.60
N GLN F 199 24.56 -98.04 -20.51
CA GLN F 199 24.51 -97.12 -19.38
C GLN F 199 23.40 -97.56 -18.41
N THR F 200 23.17 -96.75 -17.38
CA THR F 200 22.16 -97.04 -16.37
C THR F 200 21.24 -95.83 -16.25
N TYR F 201 19.93 -96.08 -16.26
CA TYR F 201 18.92 -95.02 -16.18
C TYR F 201 17.93 -95.36 -15.08
N ILE F 202 17.82 -94.46 -14.10
CA ILE F 202 16.86 -94.58 -13.01
C ILE F 202 16.12 -93.26 -12.86
N CYS F 203 14.79 -93.31 -12.93
CA CYS F 203 13.99 -92.09 -12.90
C CYS F 203 13.90 -91.48 -11.50
N ASN F 204 14.34 -92.20 -10.46
CA ASN F 204 14.45 -91.68 -9.10
C ASN F 204 13.10 -91.16 -8.60
N VAL F 205 12.18 -92.11 -8.40
CA VAL F 205 10.88 -91.77 -7.85
C VAL F 205 11.06 -91.20 -6.45
N ASN F 206 10.31 -90.14 -6.15
CA ASN F 206 10.44 -89.41 -4.89
C ASN F 206 9.09 -89.31 -4.19
N HIS F 207 8.39 -90.44 -4.10
CA HIS F 207 7.09 -90.50 -3.44
C HIS F 207 7.31 -90.32 -1.93
N LYS F 208 7.46 -89.06 -1.54
CA LYS F 208 7.75 -88.74 -0.15
C LYS F 208 6.64 -89.12 0.83
N PRO F 209 5.34 -88.91 0.52
CA PRO F 209 4.31 -89.32 1.50
C PRO F 209 4.36 -90.79 1.87
N SER F 210 4.81 -91.65 0.95
CA SER F 210 4.95 -93.07 1.24
C SER F 210 6.32 -93.43 1.79
N ASN F 211 7.28 -92.50 1.74
CA ASN F 211 8.65 -92.73 2.20
C ASN F 211 9.26 -93.94 1.50
N THR F 212 9.29 -93.88 0.17
CA THR F 212 9.80 -94.96 -0.66
C THR F 212 10.51 -94.37 -1.87
N LYS F 213 11.72 -94.84 -2.14
CA LYS F 213 12.53 -94.39 -3.28
C LYS F 213 13.16 -95.62 -3.90
N VAL F 214 12.48 -96.18 -4.90
CA VAL F 214 12.93 -97.37 -5.60
C VAL F 214 13.60 -96.95 -6.89
N ASP F 215 14.91 -97.16 -6.98
CA ASP F 215 15.68 -96.86 -8.18
C ASP F 215 16.06 -98.17 -8.85
N LYS F 216 15.57 -98.38 -10.07
CA LYS F 216 15.84 -99.60 -10.81
C LYS F 216 15.85 -99.29 -12.29
N ARG F 217 16.47 -100.17 -13.06
CA ARG F 217 16.58 -99.99 -14.51
C ARG F 217 16.05 -101.22 -15.25
N VAL F 218 16.11 -101.19 -16.58
CA VAL F 218 15.65 -102.29 -17.41
C VAL F 218 16.62 -102.49 -18.57
N GLU F 219 16.46 -103.62 -19.25
CA GLU F 219 17.29 -103.99 -20.39
C GLU F 219 16.43 -104.11 -21.63
N PRO F 220 17.01 -103.89 -22.82
CA PRO F 220 16.23 -104.03 -24.05
C PRO F 220 15.71 -105.45 -24.22
N LYS F 221 14.41 -105.57 -24.46
CA LYS F 221 13.74 -106.84 -24.61
C LYS F 221 13.55 -107.15 -26.09
N SER F 222 12.84 -108.25 -26.38
CA SER F 222 12.58 -108.66 -27.75
C SER F 222 11.13 -109.11 -27.84
N CYS F 223 10.32 -108.37 -28.59
CA CYS F 223 8.91 -108.69 -28.76
C CYS F 223 8.74 -109.86 -29.72
N ALA G 3 -16.33 -58.70 -3.82
CA ALA G 3 -15.04 -59.22 -4.26
C ALA G 3 -14.57 -58.51 -5.52
N LEU G 4 -13.80 -59.22 -6.35
CA LEU G 4 -13.27 -58.68 -7.59
C LEU G 4 -13.51 -59.67 -8.72
N THR G 5 -14.12 -59.20 -9.80
CA THR G 5 -14.41 -60.04 -10.96
C THR G 5 -13.41 -59.76 -12.07
N GLN G 6 -13.00 -60.81 -12.77
CA GLN G 6 -12.04 -60.72 -13.85
C GLN G 6 -12.57 -61.45 -15.08
N PRO G 7 -12.15 -61.03 -16.28
CA PRO G 7 -12.59 -61.73 -17.48
C PRO G 7 -12.09 -63.17 -17.50
N ALA G 8 -12.95 -64.07 -17.96
CA ALA G 8 -12.60 -65.49 -17.99
C ALA G 8 -11.57 -65.78 -19.06
N SER G 9 -11.89 -65.49 -20.32
CA SER G 9 -11.01 -65.74 -21.44
C SER G 9 -10.68 -64.44 -22.15
N VAL G 10 -9.40 -64.20 -22.40
CA VAL G 10 -8.91 -63.01 -23.09
C VAL G 10 -7.96 -63.46 -24.20
N SER G 11 -8.21 -62.98 -25.41
CA SER G 11 -7.40 -63.32 -26.57
C SER G 11 -6.56 -62.13 -27.00
N GLY G 12 -5.40 -62.40 -27.58
CA GLY G 12 -4.51 -61.35 -28.04
C GLY G 12 -3.55 -61.79 -29.12
N SER G 13 -3.47 -61.01 -30.19
CA SER G 13 -2.57 -61.33 -31.28
C SER G 13 -1.13 -60.99 -30.90
N PRO G 14 -0.16 -61.78 -31.35
CA PRO G 14 1.25 -61.48 -31.05
C PRO G 14 1.68 -60.15 -31.64
N GLY G 15 2.04 -59.21 -30.76
CA GLY G 15 2.46 -57.88 -31.15
C GLY G 15 1.52 -56.79 -30.70
N LEU G 16 0.23 -57.09 -30.53
CA LEU G 16 -0.74 -56.11 -30.09
C LEU G 16 -0.72 -56.02 -28.56
N SER G 17 -1.69 -55.30 -28.00
CA SER G 17 -1.79 -55.11 -26.56
C SER G 17 -3.22 -55.35 -26.11
N ILE G 18 -3.38 -56.03 -24.97
CA ILE G 18 -4.69 -56.33 -24.41
C ILE G 18 -4.74 -55.79 -22.99
N THR G 19 -5.96 -55.58 -22.50
CA THR G 19 -6.19 -55.02 -21.19
C THR G 19 -7.10 -55.95 -20.38
N ILE G 20 -6.91 -55.93 -19.06
CA ILE G 20 -7.72 -56.71 -18.15
C ILE G 20 -8.64 -55.76 -17.38
N SER G 21 -9.69 -56.31 -16.79
CA SER G 21 -10.66 -55.51 -16.03
C SER G 21 -10.82 -56.09 -14.64
N CYS G 22 -10.54 -55.28 -13.63
CA CYS G 22 -10.72 -55.64 -12.22
C CYS G 22 -11.83 -54.73 -11.69
N THR G 23 -13.08 -55.16 -11.87
CA THR G 23 -14.24 -54.31 -11.59
C THR G 23 -14.45 -54.15 -10.08
N ALA G 24 -15.51 -53.42 -9.73
CA ALA G 24 -15.81 -53.16 -8.34
C ALA G 24 -16.51 -54.35 -7.69
N THR G 25 -17.70 -54.69 -8.20
CA THR G 25 -18.50 -55.83 -7.72
C THR G 25 -18.77 -55.69 -6.22
N SER G 26 -19.50 -54.63 -5.89
CA SER G 26 -19.79 -54.23 -4.51
C SER G 26 -18.47 -53.98 -3.75
N SER G 27 -17.79 -52.93 -4.20
CA SER G 27 -16.42 -52.63 -3.77
C SER G 27 -16.44 -52.06 -2.35
N ASP G 28 -16.30 -52.96 -1.38
CA ASP G 28 -16.02 -52.57 0.00
C ASP G 28 -14.56 -52.19 0.21
N VAL G 29 -13.77 -52.17 -0.88
CA VAL G 29 -12.36 -51.81 -0.79
C VAL G 29 -12.16 -50.33 -0.49
N GLY G 30 -13.21 -49.53 -0.58
CA GLY G 30 -13.13 -48.12 -0.27
C GLY G 30 -12.55 -47.33 -1.42
N ALA G 31 -11.42 -46.66 -1.17
CA ALA G 31 -10.78 -45.83 -2.18
C ALA G 31 -10.03 -46.63 -3.23
N TYR G 32 -9.79 -47.92 -2.99
CA TYR G 32 -9.06 -48.78 -3.92
C TYR G 32 -7.67 -48.20 -4.20
N ASN G 33 -6.90 -48.02 -3.13
CA ASN G 33 -5.58 -47.38 -3.25
C ASN G 33 -4.57 -48.33 -3.90
N TYR G 34 -4.33 -49.49 -3.27
CA TYR G 34 -3.32 -50.42 -3.73
C TYR G 34 -3.98 -51.60 -4.47
N VAL G 35 -3.36 -52.02 -5.57
CA VAL G 35 -3.82 -53.16 -6.34
C VAL G 35 -2.59 -53.84 -6.95
N SER G 36 -2.42 -55.12 -6.68
CA SER G 36 -1.29 -55.89 -7.17
C SER G 36 -1.74 -56.97 -8.12
N TRP G 37 -1.01 -57.14 -9.21
CA TRP G 37 -1.29 -58.16 -10.22
C TRP G 37 -0.22 -59.25 -10.16
N TYR G 38 -0.65 -60.49 -10.27
CA TYR G 38 0.23 -61.65 -10.20
C TYR G 38 0.18 -62.42 -11.51
N GLN G 39 1.14 -63.32 -11.69
CA GLN G 39 1.22 -64.17 -12.87
C GLN G 39 1.56 -65.58 -12.42
N GLN G 40 0.72 -66.54 -12.78
CA GLN G 40 0.88 -67.94 -12.38
C GLN G 40 0.81 -68.83 -13.62
N HIS G 41 1.97 -69.30 -14.06
CA HIS G 41 2.01 -70.25 -15.16
C HIS G 41 1.56 -71.63 -14.68
N PRO G 42 0.99 -72.44 -15.58
CA PRO G 42 0.57 -73.80 -15.17
C PRO G 42 1.73 -74.66 -14.72
N GLY G 43 1.76 -75.02 -13.44
CA GLY G 43 2.82 -75.83 -12.88
C GLY G 43 3.84 -75.08 -12.06
N GLN G 44 3.67 -73.77 -11.87
CA GLN G 44 4.62 -72.98 -11.08
C GLN G 44 3.89 -72.18 -10.01
N ALA G 45 4.62 -71.30 -9.31
CA ALA G 45 4.05 -70.47 -8.26
C ALA G 45 3.79 -69.06 -8.78
N PRO G 46 2.73 -68.41 -8.28
CA PRO G 46 2.44 -67.03 -8.74
C PRO G 46 3.51 -66.06 -8.28
N LYS G 47 4.03 -65.29 -9.23
CA LYS G 47 5.04 -64.26 -8.95
C LYS G 47 4.44 -62.89 -9.22
N LEU G 48 4.83 -61.91 -8.40
CA LEU G 48 4.32 -60.56 -8.54
C LEU G 48 4.90 -59.90 -9.79
N MET G 49 4.01 -59.33 -10.61
CA MET G 49 4.41 -58.61 -11.81
C MET G 49 4.35 -57.09 -11.64
N ILE G 50 3.28 -56.57 -11.06
CA ILE G 50 3.14 -55.13 -10.86
C ILE G 50 2.31 -54.85 -9.62
N TYR G 51 2.90 -54.15 -8.66
CA TYR G 51 2.19 -53.65 -7.49
C TYR G 51 2.24 -52.13 -7.49
N ASP G 52 1.19 -51.50 -6.95
CA ASP G 52 1.09 -50.05 -6.90
C ASP G 52 1.22 -49.47 -8.32
N VAL G 53 0.19 -49.79 -9.12
CA VAL G 53 0.20 -49.67 -10.59
C VAL G 53 0.86 -48.39 -11.08
N SER G 54 0.85 -47.34 -10.26
CA SER G 54 1.63 -46.13 -10.55
C SER G 54 3.14 -46.41 -10.59
N LYS G 55 3.58 -47.53 -10.05
CA LYS G 55 4.98 -47.94 -10.09
C LYS G 55 5.06 -49.41 -10.48
N ARG G 56 6.28 -49.89 -10.68
CA ARG G 56 6.54 -51.28 -11.04
C ARG G 56 7.71 -51.81 -10.22
N PRO G 57 7.67 -53.07 -9.85
CA PRO G 57 8.78 -53.66 -9.08
C PRO G 57 10.01 -53.89 -9.93
N SER G 58 11.10 -54.20 -9.25
CA SER G 58 12.36 -54.49 -9.94
C SER G 58 12.32 -55.88 -10.55
N GLY G 59 12.98 -56.02 -11.70
CA GLY G 59 13.02 -57.28 -12.42
C GLY G 59 11.92 -57.49 -13.43
N VAL G 60 11.03 -56.52 -13.60
CA VAL G 60 9.92 -56.61 -14.54
C VAL G 60 10.15 -55.60 -15.66
N SER G 61 10.03 -56.05 -16.90
CA SER G 61 10.24 -55.19 -18.05
C SER G 61 9.12 -54.15 -18.16
N ASN G 62 9.31 -53.20 -19.07
CA ASN G 62 8.33 -52.15 -19.30
C ASN G 62 7.09 -52.64 -20.03
N ARG G 63 7.04 -53.92 -20.42
CA ARG G 63 5.86 -54.44 -21.11
C ARG G 63 4.64 -54.45 -20.21
N PHE G 64 4.85 -54.64 -18.90
CA PHE G 64 3.76 -54.69 -17.95
C PHE G 64 3.52 -53.31 -17.36
N SER G 65 2.28 -52.83 -17.42
CA SER G 65 1.90 -51.55 -16.87
C SER G 65 0.43 -51.59 -16.49
N GLY G 66 0.05 -50.71 -15.57
CA GLY G 66 -1.32 -50.69 -15.08
C GLY G 66 -1.71 -49.31 -14.59
N SER G 67 -3.02 -49.14 -14.39
CA SER G 67 -3.57 -47.89 -13.90
C SER G 67 -4.98 -48.17 -13.38
N LYS G 68 -5.62 -47.12 -12.87
CA LYS G 68 -6.98 -47.23 -12.35
C LYS G 68 -7.65 -45.88 -12.56
N SER G 69 -8.47 -45.78 -13.61
CA SER G 69 -9.11 -44.53 -13.98
C SER G 69 -10.03 -44.02 -12.88
N ALA G 70 -11.09 -44.77 -12.58
CA ALA G 70 -12.03 -44.39 -11.53
C ALA G 70 -12.12 -45.43 -10.43
N ASN G 71 -12.58 -46.65 -10.73
CA ASN G 71 -12.65 -47.69 -9.72
C ASN G 71 -12.22 -49.07 -10.24
N THR G 72 -11.77 -49.16 -11.50
CA THR G 72 -11.39 -50.43 -12.10
C THR G 72 -9.91 -50.41 -12.44
N ALA G 73 -9.17 -51.41 -11.95
CA ALA G 73 -7.75 -51.54 -12.27
C ALA G 73 -7.58 -52.34 -13.55
N SER G 74 -6.74 -51.84 -14.44
CA SER G 74 -6.50 -52.47 -15.73
C SER G 74 -5.02 -52.80 -15.87
N LEU G 75 -4.73 -53.92 -16.52
CA LEU G 75 -3.37 -54.37 -16.76
C LEU G 75 -3.09 -54.28 -18.25
N THR G 76 -2.25 -53.32 -18.65
CA THR G 76 -1.89 -53.12 -20.05
C THR G 76 -0.60 -53.87 -20.34
N ILE G 77 -0.69 -54.92 -21.13
CA ILE G 77 0.45 -55.76 -21.50
C ILE G 77 0.68 -55.58 -23.00
N SER G 78 1.75 -54.87 -23.36
CA SER G 78 2.11 -54.64 -24.74
C SER G 78 3.21 -55.59 -25.18
N GLY G 79 3.21 -55.92 -26.47
CA GLY G 79 4.21 -56.82 -27.01
C GLY G 79 4.05 -58.24 -26.53
N LEU G 80 2.95 -58.89 -26.93
CA LEU G 80 2.68 -60.25 -26.50
C LEU G 80 3.64 -61.22 -27.17
N GLN G 81 4.02 -62.26 -26.41
CA GLN G 81 4.92 -63.30 -26.90
C GLN G 81 4.32 -64.66 -26.56
N ALA G 82 5.04 -65.72 -26.95
CA ALA G 82 4.58 -67.08 -26.69
C ALA G 82 4.65 -67.41 -25.20
N GLU G 83 5.63 -66.86 -24.49
CA GLU G 83 5.79 -67.12 -23.06
C GLU G 83 5.05 -66.10 -22.20
N ASP G 84 3.76 -65.92 -22.49
CA ASP G 84 2.94 -64.98 -21.74
C ASP G 84 1.56 -65.52 -21.40
N GLU G 85 1.22 -66.74 -21.81
CA GLU G 85 -0.09 -67.32 -21.55
C GLU G 85 -0.11 -67.84 -20.12
N ALA G 86 -0.58 -67.00 -19.20
CA ALA G 86 -0.66 -67.35 -17.79
C ALA G 86 -1.85 -66.65 -17.16
N ASP G 87 -2.25 -67.13 -16.00
CA ASP G 87 -3.40 -66.57 -15.30
C ASP G 87 -2.98 -65.38 -14.45
N TYR G 88 -3.74 -64.29 -14.55
CA TYR G 88 -3.48 -63.08 -13.79
C TYR G 88 -4.56 -62.86 -12.73
N TYR G 89 -4.16 -62.26 -11.62
CA TYR G 89 -5.05 -62.04 -10.49
C TYR G 89 -4.81 -60.66 -9.91
N CYS G 90 -5.88 -59.88 -9.77
CA CYS G 90 -5.80 -58.58 -9.12
C CYS G 90 -6.22 -58.73 -7.66
N SER G 91 -5.44 -58.16 -6.76
CA SER G 91 -5.66 -58.30 -5.32
C SER G 91 -5.58 -56.95 -4.65
N SER G 92 -6.48 -56.70 -3.70
CA SER G 92 -6.49 -55.47 -2.94
C SER G 92 -6.72 -55.73 -1.46
N TYR G 93 -6.87 -54.69 -0.67
CA TYR G 93 -7.11 -54.80 0.76
C TYR G 93 -8.53 -54.37 1.07
N THR G 94 -9.38 -55.32 1.49
CA THR G 94 -10.75 -55.01 1.85
C THR G 94 -10.80 -54.51 3.29
N THR G 95 -12.03 -54.39 3.82
CA THR G 95 -12.20 -53.88 5.17
C THR G 95 -11.84 -54.91 6.24
N THR G 96 -11.89 -56.21 5.90
CA THR G 96 -11.61 -57.24 6.89
C THR G 96 -10.79 -58.40 6.33
N SER G 97 -10.34 -58.35 5.08
CA SER G 97 -9.59 -59.46 4.50
C SER G 97 -8.78 -58.91 3.32
N VAL G 98 -8.14 -59.82 2.59
CA VAL G 98 -7.35 -59.49 1.41
C VAL G 98 -7.89 -60.33 0.26
N VAL G 99 -8.75 -59.75 -0.56
CA VAL G 99 -9.36 -60.47 -1.66
C VAL G 99 -8.35 -60.63 -2.79
N PHE G 100 -8.45 -61.73 -3.52
CA PHE G 100 -7.56 -62.02 -4.64
C PHE G 100 -8.29 -62.03 -5.97
N GLY G 101 -9.61 -61.81 -5.98
CA GLY G 101 -10.35 -61.77 -7.22
C GLY G 101 -10.42 -63.12 -7.93
N GLY G 102 -10.87 -63.05 -9.18
CA GLY G 102 -11.00 -64.21 -10.04
C GLY G 102 -9.76 -64.46 -10.87
N GLY G 103 -9.97 -65.22 -11.95
CA GLY G 103 -8.87 -65.56 -12.84
C GLY G 103 -8.97 -64.92 -14.21
N THR G 104 -7.88 -64.90 -14.96
CA THR G 104 -7.87 -64.35 -16.31
C THR G 104 -6.88 -65.15 -17.14
N LYS G 105 -7.42 -66.00 -18.02
CA LYS G 105 -6.59 -66.84 -18.89
C LYS G 105 -6.33 -66.12 -20.20
N LEU G 106 -5.06 -66.03 -20.59
CA LEU G 106 -4.65 -65.38 -21.84
C LEU G 106 -4.31 -66.46 -22.86
N THR G 107 -4.97 -66.39 -24.02
CA THR G 107 -4.76 -67.33 -25.11
C THR G 107 -4.20 -66.55 -26.30
N VAL G 108 -2.91 -66.71 -26.56
CA VAL G 108 -2.24 -66.01 -27.65
C VAL G 108 -2.30 -66.92 -28.87
N LEU G 109 -3.13 -66.57 -29.85
CA LEU G 109 -3.27 -67.35 -31.06
C LEU G 109 -2.17 -66.96 -32.05
N GLY G 110 -2.22 -67.52 -33.25
CA GLY G 110 -1.23 -67.21 -34.27
C GLY G 110 -0.01 -68.10 -34.23
N GLN G 111 -0.23 -69.41 -34.09
CA GLN G 111 0.85 -70.38 -34.10
C GLN G 111 0.50 -71.54 -35.02
N PRO G 112 1.49 -72.10 -35.71
CA PRO G 112 1.20 -73.23 -36.62
C PRO G 112 0.73 -74.45 -35.84
N LYS G 113 -0.27 -75.13 -36.41
CA LYS G 113 -0.81 -76.34 -35.80
C LYS G 113 0.20 -77.48 -35.83
N ALA G 114 0.65 -77.92 -34.66
CA ALA G 114 1.63 -78.99 -34.59
C ALA G 114 0.95 -80.36 -34.65
N ALA G 115 1.74 -81.38 -34.99
CA ALA G 115 1.27 -82.74 -35.10
C ALA G 115 1.76 -83.57 -33.93
N PRO G 116 0.92 -84.45 -33.36
CA PRO G 116 1.35 -85.25 -32.21
C PRO G 116 2.05 -86.52 -32.67
N SER G 117 3.21 -86.79 -32.05
CA SER G 117 4.00 -87.98 -32.37
C SER G 117 3.55 -89.14 -31.49
N VAL G 118 3.34 -90.29 -32.11
CA VAL G 118 2.89 -91.49 -31.41
C VAL G 118 4.12 -92.26 -30.93
N THR G 119 4.09 -92.67 -29.67
CA THR G 119 5.18 -93.45 -29.06
C THR G 119 4.55 -94.56 -28.23
N LEU G 120 4.53 -95.78 -28.78
CA LEU G 120 3.97 -96.94 -28.09
C LEU G 120 5.12 -97.72 -27.47
N PHE G 121 5.39 -97.44 -26.21
CA PHE G 121 6.50 -98.09 -25.51
C PHE G 121 6.12 -99.53 -25.16
N PRO G 122 6.87 -100.53 -25.63
CA PRO G 122 6.53 -101.91 -25.30
C PRO G 122 6.75 -102.17 -23.82
N PRO G 123 5.87 -102.94 -23.18
CA PRO G 123 6.06 -103.22 -21.75
C PRO G 123 7.19 -104.21 -21.53
N SER G 124 8.00 -103.92 -20.51
CA SER G 124 9.12 -104.78 -20.18
C SER G 124 8.62 -106.11 -19.62
N SER G 125 9.50 -107.11 -19.67
CA SER G 125 9.15 -108.45 -19.19
C SER G 125 9.33 -108.56 -17.69
N GLU G 126 8.74 -107.63 -16.95
CA GLU G 126 8.77 -107.64 -15.49
C GLU G 126 7.37 -107.53 -14.87
N GLU G 127 6.47 -106.78 -15.51
CA GLU G 127 5.10 -106.65 -15.02
C GLU G 127 4.17 -107.69 -15.63
N LEU G 128 4.53 -108.28 -16.77
CA LEU G 128 3.70 -109.31 -17.37
C LEU G 128 3.68 -110.57 -16.53
N GLN G 129 4.79 -110.88 -15.85
CA GLN G 129 4.81 -112.04 -14.96
C GLN G 129 3.96 -111.81 -13.71
N ALA G 130 3.68 -110.57 -13.36
CA ALA G 130 2.84 -110.23 -12.23
C ALA G 130 1.44 -109.80 -12.65
N ASN G 131 1.08 -109.98 -13.93
CA ASN G 131 -0.25 -109.68 -14.46
C ASN G 131 -0.61 -108.20 -14.27
N LYS G 132 0.23 -107.34 -14.88
CA LYS G 132 0.04 -105.90 -14.80
C LYS G 132 0.30 -105.26 -16.16
N ALA G 133 -0.35 -105.79 -17.20
CA ALA G 133 -0.23 -105.23 -18.54
C ALA G 133 -0.77 -103.80 -18.58
N THR G 134 0.11 -102.83 -18.74
CA THR G 134 -0.22 -101.41 -18.69
C THR G 134 0.44 -100.66 -19.83
N LEU G 135 0.28 -101.17 -21.06
CA LEU G 135 0.85 -100.54 -22.24
C LEU G 135 0.46 -99.07 -22.33
N VAL G 136 1.39 -98.25 -22.81
CA VAL G 136 1.24 -96.80 -22.84
C VAL G 136 1.51 -96.30 -24.25
N CYS G 137 0.67 -95.37 -24.71
CA CYS G 137 0.86 -94.73 -26.01
C CYS G 137 0.99 -93.22 -25.82
N LEU G 138 1.85 -92.80 -24.89
CA LEU G 138 2.03 -91.39 -24.57
C LEU G 138 2.35 -90.57 -25.82
N ILE G 139 1.49 -89.58 -26.10
CA ILE G 139 1.68 -88.64 -27.19
C ILE G 139 1.67 -87.23 -26.61
N SER G 140 2.32 -86.32 -27.33
CA SER G 140 2.44 -84.93 -26.88
C SER G 140 2.79 -84.06 -28.09
N ASP G 141 3.16 -82.81 -27.82
CA ASP G 141 3.62 -81.86 -28.83
C ASP G 141 2.54 -81.61 -29.90
N PHE G 142 1.43 -81.04 -29.45
CA PHE G 142 0.37 -80.60 -30.36
C PHE G 142 -0.24 -79.31 -29.83
N TYR G 143 -0.51 -78.38 -30.74
CA TYR G 143 -0.97 -77.04 -30.40
C TYR G 143 -2.45 -76.97 -30.04
N PRO G 144 -3.38 -77.57 -30.83
CA PRO G 144 -4.81 -77.42 -30.50
C PRO G 144 -5.17 -77.91 -29.10
N GLY G 145 -4.84 -79.16 -28.79
CA GLY G 145 -5.13 -79.72 -27.48
C GLY G 145 -6.30 -80.67 -27.42
N ALA G 146 -6.92 -80.99 -28.56
CA ALA G 146 -8.05 -81.90 -28.62
C ALA G 146 -7.63 -83.16 -29.38
N VAL G 147 -7.39 -84.25 -28.65
CA VAL G 147 -6.98 -85.51 -29.23
C VAL G 147 -7.89 -86.61 -28.74
N THR G 148 -7.93 -87.71 -29.48
CA THR G 148 -8.76 -88.87 -29.12
C THR G 148 -8.03 -90.12 -29.60
N VAL G 149 -7.45 -90.86 -28.65
CA VAL G 149 -6.72 -92.07 -28.99
C VAL G 149 -7.70 -93.18 -29.32
N ALA G 150 -7.28 -94.09 -30.20
CA ALA G 150 -8.12 -95.17 -30.73
C ALA G 150 -7.47 -96.52 -30.49
N TRP G 151 -7.05 -96.76 -29.24
CA TRP G 151 -6.47 -98.05 -28.84
C TRP G 151 -7.35 -99.20 -29.29
N LYS G 152 -6.82 -100.05 -30.17
CA LYS G 152 -7.55 -101.20 -30.66
C LYS G 152 -6.56 -102.22 -31.22
N ALA G 153 -6.80 -103.49 -30.90
CA ALA G 153 -6.03 -104.59 -31.48
C ALA G 153 -6.79 -105.22 -32.64
N ASP G 154 -6.97 -104.40 -33.69
CA ASP G 154 -7.79 -104.77 -34.85
C ASP G 154 -9.21 -105.13 -34.42
N SER G 155 -9.82 -104.24 -33.66
CA SER G 155 -11.17 -104.45 -33.13
C SER G 155 -11.79 -103.08 -32.87
N SER G 156 -12.88 -103.07 -32.11
CA SER G 156 -13.56 -101.83 -31.77
C SER G 156 -12.64 -100.93 -30.96
N PRO G 157 -12.39 -99.70 -31.41
CA PRO G 157 -11.46 -98.81 -30.68
C PRO G 157 -12.10 -98.31 -29.40
N VAL G 158 -11.39 -98.51 -28.29
CA VAL G 158 -11.82 -98.05 -26.97
C VAL G 158 -10.65 -97.36 -26.29
N LYS G 159 -10.98 -96.53 -25.30
CA LYS G 159 -9.97 -95.80 -24.53
C LYS G 159 -9.90 -96.26 -23.09
N ALA G 160 -11.01 -96.20 -22.35
CA ALA G 160 -11.10 -96.72 -20.98
C ALA G 160 -10.03 -96.11 -20.07
N GLY G 161 -10.11 -94.79 -19.90
CA GLY G 161 -9.24 -94.07 -18.99
C GLY G 161 -8.22 -93.17 -19.65
N VAL G 162 -8.17 -93.13 -20.98
CA VAL G 162 -7.20 -92.27 -21.65
C VAL G 162 -7.54 -90.80 -21.45
N GLU G 163 -8.82 -90.47 -21.35
CA GLU G 163 -9.27 -89.09 -21.16
C GLU G 163 -8.75 -88.54 -19.83
N THR G 164 -7.90 -87.52 -19.89
CA THR G 164 -7.29 -86.95 -18.69
C THR G 164 -7.35 -85.42 -18.61
N THR G 165 -7.49 -84.72 -19.74
CA THR G 165 -7.58 -83.27 -19.78
C THR G 165 -6.37 -82.62 -19.11
N THR G 166 -5.19 -82.87 -19.68
CA THR G 166 -3.95 -82.30 -19.18
C THR G 166 -3.47 -81.22 -20.14
N PRO G 167 -3.49 -79.94 -19.75
CA PRO G 167 -2.98 -78.89 -20.65
C PRO G 167 -1.48 -78.99 -20.86
N SER G 168 -0.72 -79.07 -19.78
CA SER G 168 0.73 -79.25 -19.82
C SER G 168 1.40 -78.17 -20.66
N LYS G 169 1.26 -76.92 -20.23
CA LYS G 169 1.86 -75.78 -20.90
C LYS G 169 3.35 -75.70 -20.54
N GLN G 170 4.13 -76.53 -21.21
CA GLN G 170 5.57 -76.58 -20.97
C GLN G 170 6.27 -75.45 -21.73
N SER G 171 7.60 -75.55 -21.85
CA SER G 171 8.37 -74.44 -22.42
C SER G 171 8.00 -74.18 -23.88
N ASN G 172 7.75 -75.23 -24.65
CA ASN G 172 7.39 -75.07 -26.06
C ASN G 172 5.96 -74.58 -26.24
N ASN G 173 5.18 -74.45 -25.16
CA ASN G 173 3.80 -73.97 -25.20
C ASN G 173 2.92 -74.85 -26.08
N LYS G 174 3.15 -76.16 -26.04
CA LYS G 174 2.36 -77.13 -26.81
C LYS G 174 1.62 -78.03 -25.84
N TYR G 175 0.34 -78.24 -26.10
CA TYR G 175 -0.49 -79.08 -25.23
C TYR G 175 -0.06 -80.54 -25.37
N ALA G 176 0.14 -81.21 -24.23
CA ALA G 176 0.52 -82.61 -24.21
C ALA G 176 -0.70 -83.46 -23.87
N ALA G 177 -0.51 -84.78 -23.92
CA ALA G 177 -1.57 -85.74 -23.63
C ALA G 177 -1.02 -86.82 -22.71
N SER G 178 -1.87 -87.78 -22.37
CA SER G 178 -1.48 -88.88 -21.49
C SER G 178 -2.37 -90.07 -21.81
N SER G 179 -1.77 -91.12 -22.39
CA SER G 179 -2.49 -92.33 -22.77
C SER G 179 -2.21 -93.43 -21.76
N TYR G 180 -3.28 -94.05 -21.25
CA TYR G 180 -3.16 -95.16 -20.31
C TYR G 180 -4.18 -96.22 -20.69
N LEU G 181 -3.73 -97.45 -20.88
CA LEU G 181 -4.57 -98.53 -21.34
C LEU G 181 -5.02 -99.41 -20.18
N SER G 182 -6.21 -99.99 -20.31
CA SER G 182 -6.77 -100.91 -19.34
C SER G 182 -6.61 -102.36 -19.80
N LEU G 183 -5.48 -102.68 -20.43
CA LEU G 183 -5.23 -104.00 -20.98
C LEU G 183 -5.43 -105.08 -19.92
N THR G 184 -6.30 -106.04 -20.21
CA THR G 184 -6.55 -107.14 -19.29
C THR G 184 -5.32 -108.03 -19.21
N PRO G 185 -4.82 -108.35 -18.01
CA PRO G 185 -3.62 -109.19 -17.91
C PRO G 185 -3.78 -110.58 -18.51
N GLU G 186 -5.01 -111.10 -18.59
CA GLU G 186 -5.23 -112.41 -19.19
C GLU G 186 -5.43 -112.34 -20.69
N GLN G 187 -5.91 -111.21 -21.22
CA GLN G 187 -6.13 -111.06 -22.65
C GLN G 187 -4.90 -110.54 -23.38
N TRP G 188 -3.75 -110.46 -22.71
CA TRP G 188 -2.55 -109.97 -23.39
C TRP G 188 -2.03 -110.96 -24.43
N LYS G 189 -2.30 -112.26 -24.22
CA LYS G 189 -1.84 -113.26 -25.19
C LYS G 189 -2.67 -113.21 -26.47
N SER G 190 -3.96 -112.90 -26.35
CA SER G 190 -4.83 -112.84 -27.53
C SER G 190 -4.50 -111.63 -28.39
N HIS G 191 -4.14 -110.51 -27.76
CA HIS G 191 -3.82 -109.30 -28.49
C HIS G 191 -2.48 -109.48 -29.22
N ARG G 192 -2.50 -109.33 -30.55
CA ARG G 192 -1.28 -109.50 -31.34
C ARG G 192 -0.25 -108.44 -30.97
N SER G 193 -0.57 -107.17 -31.22
CA SER G 193 0.32 -106.07 -30.89
C SER G 193 -0.38 -104.87 -30.27
N TYR G 194 -1.71 -104.77 -30.37
CA TYR G 194 -2.47 -103.65 -29.81
C TYR G 194 -1.99 -102.31 -30.37
N SER G 195 -2.17 -102.15 -31.68
CA SER G 195 -1.76 -100.92 -32.35
C SER G 195 -2.45 -99.70 -31.75
N CYS G 196 -1.81 -98.55 -31.89
CA CYS G 196 -2.29 -97.31 -31.32
C CYS G 196 -2.47 -96.28 -32.43
N GLN G 197 -3.64 -95.65 -32.47
CA GLN G 197 -3.95 -94.62 -33.45
C GLN G 197 -4.53 -93.41 -32.73
N VAL G 198 -3.97 -92.24 -33.00
CA VAL G 198 -4.40 -91.00 -32.36
C VAL G 198 -4.97 -90.07 -33.42
N THR G 199 -6.14 -89.50 -33.12
CA THR G 199 -6.80 -88.54 -33.99
C THR G 199 -6.60 -87.13 -33.44
N HIS G 200 -6.26 -86.20 -34.32
CA HIS G 200 -5.98 -84.83 -33.95
C HIS G 200 -7.04 -83.90 -34.52
N GLU G 201 -7.05 -82.66 -34.03
CA GLU G 201 -7.99 -81.65 -34.50
C GLU G 201 -7.64 -81.21 -35.91
N GLY G 202 -8.66 -81.04 -36.74
CA GLY G 202 -8.45 -80.69 -38.14
C GLY G 202 -8.01 -81.88 -38.97
N SER G 203 -6.79 -82.38 -38.70
CA SER G 203 -6.28 -83.58 -39.38
C SER G 203 -6.73 -84.79 -38.59
N THR G 204 -7.99 -85.18 -38.80
CA THR G 204 -8.56 -86.31 -38.08
C THR G 204 -7.91 -87.62 -38.48
N VAL G 205 -7.37 -87.70 -39.69
CA VAL G 205 -6.71 -88.92 -40.16
C VAL G 205 -5.37 -89.10 -39.46
#